data_6DCF
#
_entry.id   6DCF
#
_cell.length_a   129.250
_cell.length_b   160.909
_cell.length_c   136.864
_cell.angle_alpha   90.00
_cell.angle_beta   110.75
_cell.angle_gamma   90.00
#
_symmetry.space_group_name_H-M   'P 1 21 1'
#
loop_
_entity.id
_entity.type
_entity.pdbx_description
1 polymer 'RNA polymerase-binding protein RbpA'
2 polymer 'DNA-directed RNA polymerase subunit alpha'
3 polymer 'DNA-directed RNA polymerase subunit beta'
4 polymer "DNA-directed RNA polymerase subunit beta'"
5 polymer 'DNA-directed RNA polymerase subunit omega'
6 polymer 'RNA polymerase sigma factor SigA'
7 polymer 'DNA (31-MER)'
8 polymer 'DNA (26-MER)'
9 non-polymer 'Kanglemycin A'
10 non-polymer 'SULFATE ION'
11 non-polymer 'ZINC ION'
12 non-polymer 'MAGNESIUM ION'
13 non-polymer 'GLUTAMIC ACID'
14 non-polymer 1,2-ETHANEDIOL
15 water water
#
loop_
_entity_poly.entity_id
_entity_poly.type
_entity_poly.pdbx_seq_one_letter_code
_entity_poly.pdbx_strand_id
1 'polypeptide(L)'
;MADRVLRGSRLGAVSYETDRNHDLAPRQVARYRTDNGEEFDVPFADDAEIPGTWLCRNGLEGTLIEGDVPEPKKVKPPRT
HWDMLLERRSVEELEELLKERLDLIKAKRRGTGS
;
J
2 'polypeptide(L)'
;MLISQRPTLSEETVAENRSRFVIEPLEPGFGYTLGNSLRRTLLSSIPGAAVTSIRIDGVLHEFTTVPGVKEDVTDIILNL
KGLVVSSDDDEPVTMYLRKQGPGVVTAGDIVPPAGVTVHNPDMHIATLNDKGKLEVELVVERGRGYVPAVQNKASGAEIG
RIPVDSIYSPVLKVTYKVEATRVEQRTDFDKLIIDVETKNSISPRDALASAGGTLVELFGLARELNADSEHIEIGPSPAE
ADHIASFALPIDDLDLTVRSYNCLKREGVHTVGELVARTESDLLDIRNFGQKSIDEVKIKLHQLGLSLKDSPATFDPSEV
AGYDAATGTWTSDAGYDLDDNQDYAETEQL
;
A,B
3 'polypeptide(L)'
;MLEGCILAVSSQSKSNAITNNSVPGAPNRVSFAKLREPLEVPGLLDVQTDSFEWLVGSDRWRQAAIDRGEENPVGGLEEV
LAELSPIEDFSGSMSLSFSDPRFDEVKASVDECKDKDMTYAAPLFVTAEFINNNTGEIKSQTVFMGDFPMMTEKGTFIIN
GTERVVVSQLVRSPGVYFDETIDKSTEKTLHSVKVIPGRGAWLEFDVDKRDTVGVRIDRKRRQPVTVLLKALGWTNEQIV
ERFGFSEIMMGTLEKDTTSGTDEALLDIYRKLRPGEPPTKESAQTLLENLFFKEKRYDLARVGRYKVNKKLGLNAGKPIT
SSTLTEEDVVATIEYLVRLHEGQTSMTVPGGVEVPVEVDDIDHFGNRRLRTVGELIQNQIRVGLSRMERVVRERMTTQDV
EAITPQTLINIRPVVAAIKEFFGTSQLSQFMDQNNPLSGLTHKRRLLALGPGGLSRERAGLEVRDVHPSHYGRMCPIETP
EGPNIGLIGSLSVYARVNPFGFIETPYRKVENGVVTDQIDYLTADEEDRHVVAQANSPTDENGRFTEDRVMVRKKGGEVE
FVSADQVDYMDVSPRQMVSVATAMIPFLEHDDANRALMGANMQRQAVPLVRSEAPLVGTGMELRAAIDAGDVVVADKTGV
IEEVSADYITVMADDGTRQSYRLRKFARSNHGTCANQRPIVDAGQRVEAGQVIADGPCTQNGEMALGKNLLVAIMPWEGH
NYEDAIILSNRLVEEDVLTSIHIEEHEIDARDTKLGAEEITRDIPNVSDEVLADLDERGIVRIGAEVRDGDILVGKVTPK
GETELTPEERLLRAIFGEKAREVRDTSLKVPHGESGKVIGIRVFSREDDDELPAGVNELVRVYVAQKRKISDGDKLAGRH
GNKGVIGKILPVEDMPFLPDGTPVDIILNTHGVPRRMNIGQILETHLGWVAKAGWNIDVAAGVPDWASKLPEELYSAPAD
STVATPVFDGAQEGELAGLLGSTLPNRDGEVMVDADGKSTLFDGRSGEPFPYPVTVGYMYILKLHHLVDDKIHARSTGPY
SMITQQPLGGKAQFGGQRFGEMECWAMQAYGAAYTLQELLTIKSDDTVGRVKVYEAIVKGENIPEPGIPESFKVLLKELQ
SLCLNVEVLSSDGAAIEMRDGDDEDLERAAANLGINLSRNESASVEDLA
;
C
4 'polypeptide(L)'
;MLDVNFFDELRIGLATADDIRNWSYGEVKKPETINYRTLKPEKDGLFCEKIFGPTRDWECYCGKYKRVRFKGIICERCGV
EVTRAKVRRERMGHIELAAPVTHIWYFKGVPSRLGYLLDLAPKDLEKIIYFAAYVITSVDDEMRHNELSTLEAEMAVEKK
AVEDQRDADLEARAQKLEADLAELEAEGAKSDVRRKVRDSGEREMRQLRDRAQRELDRLDEIWNTFTKLAPKQLIVDEVL
YRELQDRYGEYFTGAMGAESIKKLIENFDIDAEAESLREVIRSGKGQKKLRALKRLKVVAAFQQSGNSPMGMVLDAVPVI
PPELRPMVQLDGGRFATSDLNDLYRRVINRNNRLKRLIDLGAPEIIVNNEKRMLQESVDALFDNGRRGRPVTGPGNRPLK
SLSDLLKGKQGRFRQNLLGKRVDYSGRSVIVVGPQLKLHQCGLPKLMALELFKPFVMKRLVDLNHAQNIKSAKRMVERQR
PQVWDVLEEVIAEHPVLLNRAPTLHRLGIQAFEPQLVEGKAIQLHPLVCEAFNADFDGDQMAVHLPLSAEAQAEARILML
SSNNILSPASGKPLAMPRLDMVTGLYYLTTLVEGATGEYQAATKDAPEQGVYSSPAEAIMAMDRGALSVRAKIKVRLTEL
RPPTDLEAQLFENGWKPGDAWTAETTLGRVMFNELLPKSYPFVNEQMHKKVQARIINDLAERFPMIVVAQTVDKLKDAGF
YWATRSGVTVSMADVLVPPQKQEILERHEAEADAIERKYQRGALNHTERNESLVKIWQDATEEVGKALEEFYPADNPIIT
IVKSGATGNLTQTRTLAGMKGLVTNPKGEFIPRPIKSSFREGLTVLEYFINTHGARKGLADTALRTADSGYLTRRLVDVS
QDVIVREHDCETERGINVTLAERGPDGTLIRDAHVETSAFARTLATDAVDANGNVIIERGHDLGDPAIDALLAAGITTVK
VRSVLTCTSATGVCAMCYGRSMATGKLVDIGEAVGIVAAQSIGEPGTQLTMRTFHQGGVTGGADIVGGLPRVQELFEARV
PRNKAPIADVAGRVRLEESDKFFKITIVPDDGGEEVVYDKLSKRQRLRVITHEDGTEGVLSDGDHVEVGDQLMEGAADPH
EVLRVQGPREVQIHLVKEVQEVYRAQGVSIHDKHIEVIVRQMLRRVTIIDSGSTEFLPGSLTERAEFEAENRRVVAEGGE
PAAGRPVLMGITKASLATDSWLSAASFQETTRVLTDAAINCRSDKLNGLKENVIIGKLIPAGTGISRYRNIQVQPTEEAR
AAAYTIPSYEDQYYSPDFGQATGAAVPLDDYGYSDYR
;
D
5 'polypeptide(L)'
;MSTPHADAQLNAADDLGIDSSAASAYDTPLGITNPPIDELLSRASSKYALVIYAAKRARQINDYYNQLGDGILEYVGPLV
EPGLQEKPLSIALREIHGDLLEHTEGE
;
E
6 'polypeptide(L)'
;MAATKASPATEEPVKRTATKTPAKKAPAKRAAKSAAAKAGGKAPAKKAPAKRAAKGTAAKPEDGVTDDLEVTDDLEAEPG
EDLDVEDTDLELDDLDSDDDTAVEDEEEEADAATPAVATAKAADDDIDEPSEKDKASGDFVWDEEESEALRQARKDAELT
ASADSVRAYLKQIGKVALLNAEEEVELAKRIEAGLYATQKLAELAEKGEKLPVQQRRDMQWICRDGDRAKNHLLEANLRL
VVSLAKRYTGRGMAFLDLIQEGNLGLIRAVEKFDYTKGYKFSTYATWWIRQAITRAMADQARTIRIPVHMVEVINKLGRI
QRELLQDLGREPTPEELAKEMDITPEKVLEIQQYAREPISLDQTIGDEGDSQLGDFIEDSEAVVAVDAVSFTLLQDQLQS
VLETLSEREAGVVRLRFGLTDGQPRTLDEIGQVYGVTRERIRQIESKTMSKLRHPSRSQVLRDYLD
;
F
7 'polydeoxyribonucleotide'
;(DG)(DC)(DT)(DT)(DG)(DA)(DC)(DA)(DA)(DA)(DA)(DG)(DT)(DG)(DT)(DT)(DA)(DA)(DA)(DT)
(DT)(DG)(DT)(DG)(DC)(DT)(DA)(DT)(DA)(DC)(DT)
;
O
8 'polydeoxyribonucleotide'
;(DA)(DG)(DC)(DA)(DC)(DA)(DA)(DT)(DT)(DT)(DA)(DA)(DC)(DA)(DC)(DT)(DT)(DT)(DT)(DG)
(DT)(DC)(DA)(DA)(DG)(DC)
;
P
#
loop_
_chem_comp.id
_chem_comp.type
_chem_comp.name
_chem_comp.formula
DA DNA linking 2'-DEOXYADENOSINE-5'-MONOPHOSPHATE 'C10 H14 N5 O6 P'
DC DNA linking 2'-DEOXYCYTIDINE-5'-MONOPHOSPHATE 'C9 H14 N3 O7 P'
DG DNA linking 2'-DEOXYGUANOSINE-5'-MONOPHOSPHATE 'C10 H14 N5 O7 P'
DT DNA linking THYMIDINE-5'-MONOPHOSPHATE 'C10 H15 N2 O8 P'
EDO non-polymer 1,2-ETHANEDIOL 'C2 H6 O2'
KNG non-polymer 'Kanglemycin A' 'C50 H67 N O19'
MG non-polymer 'MAGNESIUM ION' 'Mg 2'
SO4 non-polymer 'SULFATE ION' 'O4 S -2'
ZN non-polymer 'ZINC ION' 'Zn 2'
#
# COMPACT_ATOMS: atom_id res chain seq x y z
N ALA A 25 2.39 4.27 -56.26
CA ALA A 25 3.14 5.50 -56.47
C ALA A 25 4.28 5.72 -55.46
N PRO A 26 4.03 5.43 -54.17
CA PRO A 26 4.82 6.09 -53.11
C PRO A 26 6.29 5.71 -53.10
N ARG A 27 7.06 6.21 -54.06
CA ARG A 27 8.52 6.18 -53.96
C ARG A 27 9.11 7.31 -54.78
N GLN A 28 9.90 8.16 -54.14
CA GLN A 28 10.72 9.17 -54.80
C GLN A 28 11.83 9.57 -53.84
N VAL A 29 13.06 9.59 -54.33
CA VAL A 29 14.23 9.81 -53.50
C VAL A 29 14.99 11.02 -54.01
N ALA A 30 15.44 11.88 -53.08
CA ALA A 30 16.25 13.03 -53.39
C ALA A 30 17.34 13.16 -52.34
N ARG A 31 18.47 13.73 -52.75
CA ARG A 31 19.62 13.91 -51.87
C ARG A 31 19.94 15.39 -51.73
N TYR A 32 20.31 15.78 -50.52
CA TYR A 32 20.71 17.16 -50.22
C TYR A 32 22.12 17.18 -49.66
N ARG A 33 22.84 18.27 -49.93
CA ARG A 33 24.21 18.44 -49.49
C ARG A 33 24.29 19.67 -48.59
N THR A 34 24.93 19.51 -47.43
CA THR A 34 25.08 20.60 -46.49
C THR A 34 26.39 21.34 -46.73
N ASP A 35 26.64 22.37 -45.92
CA ASP A 35 27.84 23.19 -46.11
C ASP A 35 29.10 22.47 -45.63
N ASN A 36 28.97 21.56 -44.67
CA ASN A 36 30.11 20.84 -44.14
C ASN A 36 30.46 19.58 -44.92
N GLY A 37 29.71 19.26 -45.97
CA GLY A 37 30.04 18.16 -46.85
C GLY A 37 29.23 16.90 -46.66
N GLU A 38 28.34 16.86 -45.68
CA GLU A 38 27.56 15.65 -45.43
C GLU A 38 26.42 15.53 -46.44
N GLU A 39 25.98 14.29 -46.67
CA GLU A 39 24.92 13.98 -47.62
C GLU A 39 23.73 13.38 -46.90
N PHE A 40 22.53 13.73 -47.35
CA PHE A 40 21.31 13.26 -46.72
C PHE A 40 20.29 12.85 -47.79
N ASP A 41 19.59 11.76 -47.53
CA ASP A 41 18.60 11.20 -48.45
C ASP A 41 17.22 11.33 -47.83
N VAL A 42 16.31 11.98 -48.54
CA VAL A 42 14.94 12.21 -48.09
C VAL A 42 13.99 11.61 -49.12
N PRO A 43 13.39 10.45 -48.83
CA PRO A 43 12.37 9.89 -49.72
C PRO A 43 11.01 10.50 -49.43
N PHE A 44 10.30 10.91 -50.48
CA PHE A 44 9.01 11.54 -50.30
C PHE A 44 8.39 11.87 -51.65
N ALA A 45 7.07 12.07 -51.62
CA ALA A 45 6.32 12.73 -52.69
C ALA A 45 6.61 12.12 -54.07
N ASP A 46 6.17 10.87 -54.21
CA ASP A 46 6.30 10.19 -55.51
C ASP A 46 5.50 10.92 -56.59
N ASP A 47 4.34 11.45 -56.23
CA ASP A 47 3.43 12.05 -57.21
C ASP A 47 3.47 13.57 -57.23
N ALA A 48 4.28 14.20 -56.38
CA ALA A 48 4.25 15.66 -56.28
C ALA A 48 5.63 16.29 -56.39
N GLU A 49 5.72 17.58 -56.10
CA GLU A 49 6.92 18.36 -56.35
C GLU A 49 7.99 18.07 -55.28
N ILE A 50 9.18 18.60 -55.51
CA ILE A 50 10.32 18.44 -54.60
C ILE A 50 10.90 19.80 -54.27
N PRO A 51 11.20 20.08 -53.01
CA PRO A 51 11.83 21.36 -52.66
C PRO A 51 13.30 21.39 -53.07
N GLY A 52 13.84 22.60 -53.13
CA GLY A 52 15.24 22.79 -53.48
C GLY A 52 16.15 22.90 -52.28
N THR A 53 15.60 23.33 -51.15
CA THR A 53 16.33 23.43 -49.89
C THR A 53 15.59 22.66 -48.82
N TRP A 54 16.34 22.01 -47.94
CA TRP A 54 15.73 21.13 -46.94
C TRP A 54 16.52 21.21 -45.64
N LEU A 55 15.82 21.38 -44.52
CA LEU A 55 16.44 21.34 -43.21
C LEU A 55 16.68 19.88 -42.84
N CYS A 56 17.95 19.53 -42.64
CA CYS A 56 18.35 18.13 -42.52
C CYS A 56 18.64 17.77 -41.06
N ARG A 57 19.07 16.52 -40.85
CA ARG A 57 19.41 16.05 -39.52
C ARG A 57 20.57 16.84 -38.92
N ASN A 58 21.47 17.34 -39.76
CA ASN A 58 22.64 18.06 -39.28
C ASN A 58 22.31 19.40 -38.66
N GLY A 59 21.08 19.87 -38.78
CA GLY A 59 20.74 21.21 -38.36
C GLY A 59 21.14 22.29 -39.34
N LEU A 60 21.61 21.92 -40.53
CA LEU A 60 22.03 22.85 -41.55
C LEU A 60 21.13 22.72 -42.77
N GLU A 61 21.09 23.77 -43.57
CA GLU A 61 20.28 23.77 -44.78
C GLU A 61 20.92 22.88 -45.86
N GLY A 62 20.09 22.12 -46.55
CA GLY A 62 20.54 21.26 -47.62
C GLY A 62 20.27 21.86 -48.99
N THR A 63 20.94 21.29 -49.99
CA THR A 63 20.79 21.74 -51.37
C THR A 63 20.72 20.53 -52.29
N LEU A 64 19.66 20.46 -53.10
CA LEU A 64 19.47 19.31 -53.99
C LEU A 64 20.53 19.32 -55.09
N ILE A 65 21.05 18.13 -55.40
CA ILE A 65 22.12 18.02 -56.39
C ILE A 65 21.56 18.07 -57.81
N GLU A 66 20.44 17.41 -58.05
CA GLU A 66 19.78 17.41 -59.36
C GLU A 66 18.50 18.21 -59.29
N GLY A 67 18.01 18.65 -60.45
CA GLY A 67 16.78 19.40 -60.37
C GLY A 67 17.04 20.76 -59.76
N ASP A 68 17.51 21.72 -60.57
CA ASP A 68 18.34 22.86 -60.16
C ASP A 68 17.75 23.69 -59.02
N VAL A 69 18.26 24.91 -58.89
CA VAL A 69 18.03 25.86 -57.79
C VAL A 69 16.56 26.17 -57.47
N PRO A 70 15.57 25.85 -58.33
CA PRO A 70 14.57 26.87 -58.68
C PRO A 70 13.79 27.38 -57.48
N GLU A 71 14.45 28.27 -56.75
CA GLU A 71 13.89 29.07 -55.67
C GLU A 71 14.81 30.27 -55.41
N PRO A 72 14.25 31.48 -55.32
CA PRO A 72 15.09 32.64 -54.98
C PRO A 72 15.17 32.83 -53.48
N LYS A 73 15.85 33.89 -53.04
CA LYS A 73 15.88 34.25 -51.63
C LYS A 73 15.72 35.76 -51.51
N LYS A 74 15.02 36.19 -50.46
CA LYS A 74 14.83 37.63 -50.24
C LYS A 74 16.15 38.30 -49.84
N VAL A 75 16.84 37.74 -48.85
CA VAL A 75 18.18 38.18 -48.47
C VAL A 75 18.17 39.65 -48.03
N LYS A 76 17.40 39.93 -46.99
CA LYS A 76 17.43 41.25 -46.38
C LYS A 76 18.74 41.44 -45.63
N PRO A 77 19.38 42.60 -45.76
CA PRO A 77 20.66 42.83 -45.07
C PRO A 77 20.42 43.02 -43.58
N PRO A 78 21.10 42.25 -42.74
CA PRO A 78 20.99 42.47 -41.29
C PRO A 78 21.46 43.87 -40.92
N ARG A 79 20.61 44.58 -40.16
CA ARG A 79 20.94 45.93 -39.75
C ARG A 79 22.19 45.93 -38.87
N THR A 80 23.20 46.68 -39.29
CA THR A 80 24.52 46.66 -38.68
C THR A 80 24.79 47.95 -37.91
N HIS A 81 25.98 48.03 -37.33
CA HIS A 81 26.38 49.21 -36.58
C HIS A 81 26.57 50.42 -37.49
N TRP A 82 26.96 50.18 -38.74
CA TRP A 82 27.12 51.29 -39.68
C TRP A 82 25.78 51.92 -40.05
N ASP A 83 24.71 51.12 -40.10
CA ASP A 83 23.41 51.65 -40.44
C ASP A 83 22.89 52.61 -39.36
N MET A 84 23.21 52.31 -38.10
CA MET A 84 22.72 53.15 -37.00
C MET A 84 23.53 54.43 -36.86
N LEU A 85 24.79 54.42 -37.26
CA LEU A 85 25.59 55.64 -37.24
C LEU A 85 25.27 56.55 -38.42
N LEU A 86 25.16 55.98 -39.62
CA LEU A 86 24.94 56.78 -40.81
C LEU A 86 23.60 57.51 -40.77
N GLU A 87 22.62 57.00 -40.03
CA GLU A 87 21.29 57.60 -39.98
C GLU A 87 21.19 58.73 -38.95
N ARG A 88 22.29 59.06 -38.26
CA ARG A 88 22.33 60.24 -37.40
C ARG A 88 23.37 61.24 -37.86
N ARG A 89 24.59 60.79 -38.15
CA ARG A 89 25.64 61.64 -38.69
C ARG A 89 25.55 61.67 -40.20
N SER A 90 25.66 62.87 -40.77
CA SER A 90 25.81 62.96 -42.21
C SER A 90 27.26 62.67 -42.60
N VAL A 91 27.45 62.25 -43.86
CA VAL A 91 28.78 61.87 -44.32
C VAL A 91 29.76 63.04 -44.20
N GLU A 92 29.26 64.27 -44.13
CA GLU A 92 30.15 65.41 -43.92
C GLU A 92 30.58 65.53 -42.48
N GLU A 93 29.67 65.26 -41.53
CA GLU A 93 30.03 65.30 -40.12
C GLU A 93 31.01 64.19 -39.76
N LEU A 94 30.92 63.04 -40.41
CA LEU A 94 31.88 61.97 -40.19
C LEU A 94 33.24 62.32 -40.78
N GLU A 95 33.25 62.89 -41.99
CA GLU A 95 34.50 63.27 -42.62
C GLU A 95 35.26 64.30 -41.80
N GLU A 96 34.53 65.21 -41.16
CA GLU A 96 35.19 66.22 -40.33
C GLU A 96 35.73 65.60 -39.04
N LEU A 97 35.01 64.61 -38.49
CA LEU A 97 35.52 63.91 -37.32
C LEU A 97 36.75 63.09 -37.67
N LEU A 98 36.73 62.41 -38.82
CA LEU A 98 37.90 61.64 -39.24
C LEU A 98 39.12 62.52 -39.42
N LYS A 99 38.93 63.76 -39.89
CA LYS A 99 40.04 64.69 -40.00
C LYS A 99 40.54 65.11 -38.63
N GLU A 100 39.64 65.28 -37.66
CA GLU A 100 40.06 65.62 -36.31
C GLU A 100 40.92 64.51 -35.72
N ARG A 101 40.59 63.25 -36.02
CA ARG A 101 41.40 62.14 -35.52
C ARG A 101 42.72 62.05 -36.28
N LEU A 102 42.66 62.04 -37.61
CA LEU A 102 43.87 61.89 -38.41
C LEU A 102 44.88 63.00 -38.10
N ASP A 103 44.41 64.23 -37.95
CA ASP A 103 45.31 65.32 -37.58
C ASP A 103 45.85 65.15 -36.17
N LEU A 104 45.14 64.41 -35.30
CA LEU A 104 45.61 64.22 -33.94
C LEU A 104 46.78 63.24 -33.88
N ILE A 105 46.71 62.17 -34.68
CA ILE A 105 47.82 61.22 -34.73
C ILE A 105 49.03 61.84 -35.44
N LYS A 106 48.79 62.76 -36.38
CA LYS A 106 49.90 63.49 -36.98
C LYS A 106 50.63 64.34 -35.96
N ALA A 107 49.91 64.87 -34.97
CA ALA A 107 50.56 65.65 -33.92
C ALA A 107 51.45 64.79 -33.05
N LYS A 108 51.13 63.50 -32.91
CA LYS A 108 51.98 62.60 -32.13
C LYS A 108 53.35 62.43 -32.79
N ARG A 109 53.38 62.40 -34.12
CA ARG A 109 54.63 62.27 -34.86
C ARG A 109 55.46 63.55 -34.74
N LEU B 2 -38.15 -52.84 25.80
CA LEU B 2 -38.80 -51.71 25.16
C LEU B 2 -40.13 -51.37 25.83
N ILE B 3 -40.18 -50.24 26.53
CA ILE B 3 -41.42 -49.74 27.11
C ILE B 3 -42.11 -48.89 26.05
N SER B 4 -43.21 -49.40 25.51
CA SER B 4 -43.85 -48.84 24.32
C SER B 4 -45.08 -48.04 24.71
N GLN B 5 -44.99 -46.72 24.61
CA GLN B 5 -46.14 -45.83 24.67
C GLN B 5 -45.90 -44.67 23.73
N ARG B 6 -46.77 -44.53 22.73
CA ARG B 6 -46.54 -43.58 21.66
C ARG B 6 -46.47 -42.15 22.22
N PRO B 7 -45.62 -41.30 21.63
CA PRO B 7 -45.55 -39.91 22.09
C PRO B 7 -46.87 -39.19 21.87
N THR B 8 -47.23 -38.34 22.83
CA THR B 8 -48.49 -37.61 22.81
C THR B 8 -48.21 -36.11 22.90
N LEU B 9 -48.58 -35.39 21.86
CA LEU B 9 -48.45 -33.94 21.83
C LEU B 9 -49.74 -33.31 22.31
N SER B 10 -49.68 -32.54 23.39
CA SER B 10 -50.83 -31.87 23.97
C SER B 10 -50.57 -30.37 24.03
N GLU B 11 -51.57 -29.58 23.67
CA GLU B 11 -51.42 -28.14 23.63
C GLU B 11 -51.43 -27.56 25.05
N GLU B 12 -51.24 -26.25 25.12
CA GLU B 12 -51.32 -25.50 26.36
C GLU B 12 -51.63 -24.05 26.01
N THR B 13 -51.64 -23.19 27.03
CA THR B 13 -51.82 -21.75 26.83
C THR B 13 -51.18 -21.01 27.99
N VAL B 14 -50.40 -19.98 27.67
CA VAL B 14 -49.81 -19.09 28.65
C VAL B 14 -50.32 -17.69 28.36
N ALA B 15 -50.08 -17.23 27.14
CA ALA B 15 -50.69 -16.04 26.59
C ALA B 15 -51.45 -16.42 25.32
N GLU B 16 -51.94 -15.42 24.60
CA GLU B 16 -52.57 -15.72 23.32
C GLU B 16 -51.52 -15.86 22.22
N ASN B 17 -50.63 -14.88 22.09
CA ASN B 17 -49.60 -14.93 21.06
C ASN B 17 -48.61 -16.08 21.28
N ARG B 18 -48.54 -16.63 22.49
CA ARG B 18 -47.66 -17.75 22.75
C ARG B 18 -48.37 -18.78 23.62
N SER B 19 -48.14 -20.05 23.31
CA SER B 19 -48.72 -21.16 24.07
C SER B 19 -47.74 -22.32 24.04
N ARG B 20 -47.62 -23.02 25.16
CA ARG B 20 -46.65 -24.09 25.28
C ARG B 20 -47.17 -25.38 24.63
N PHE B 21 -46.24 -26.30 24.39
CA PHE B 21 -46.54 -27.61 23.85
C PHE B 21 -45.65 -28.63 24.56
N VAL B 22 -46.23 -29.79 24.89
CA VAL B 22 -45.52 -30.83 25.62
C VAL B 22 -45.71 -32.16 24.90
N ILE B 23 -44.60 -32.81 24.57
CA ILE B 23 -44.59 -34.12 23.93
C ILE B 23 -43.88 -35.09 24.86
N GLU B 24 -44.54 -36.21 25.17
CA GLU B 24 -44.01 -37.18 26.10
C GLU B 24 -44.64 -38.53 25.83
N PRO B 25 -43.90 -39.63 26.02
CA PRO B 25 -42.47 -39.67 26.31
C PRO B 25 -41.65 -40.19 25.13
N LEU B 26 -40.33 -40.29 25.28
CA LEU B 26 -39.49 -40.91 24.27
C LEU B 26 -38.11 -41.15 24.88
N GLU B 27 -37.17 -41.62 24.05
CA GLU B 27 -35.88 -42.07 24.52
C GLU B 27 -35.04 -40.91 25.03
N PRO B 28 -34.03 -41.21 25.86
CA PRO B 28 -33.12 -40.16 26.33
C PRO B 28 -32.30 -39.58 25.19
N GLY B 29 -31.81 -38.36 25.41
CA GLY B 29 -31.04 -37.65 24.41
C GLY B 29 -31.85 -37.11 23.25
N PHE B 30 -33.14 -37.39 23.18
CA PHE B 30 -33.99 -36.91 22.11
C PHE B 30 -34.60 -35.54 22.38
N GLY B 31 -34.59 -35.09 23.64
CA GLY B 31 -35.24 -33.82 23.96
C GLY B 31 -34.55 -32.63 23.33
N TYR B 32 -33.23 -32.53 23.52
CA TYR B 32 -32.51 -31.36 23.03
C TYR B 32 -32.41 -31.35 21.51
N THR B 33 -32.20 -32.52 20.89
CA THR B 33 -32.02 -32.57 19.45
C THR B 33 -33.32 -32.36 18.69
N LEU B 34 -34.45 -32.80 19.25
CA LEU B 34 -35.74 -32.66 18.58
C LEU B 34 -36.37 -31.29 18.82
N GLY B 35 -36.30 -30.77 20.05
CA GLY B 35 -36.87 -29.47 20.33
C GLY B 35 -36.19 -28.35 19.57
N ASN B 36 -34.87 -28.46 19.36
CA ASN B 36 -34.17 -27.43 18.60
C ASN B 36 -34.45 -27.54 17.11
N SER B 37 -34.62 -28.76 16.60
CA SER B 37 -34.90 -28.92 15.17
C SER B 37 -36.21 -28.25 14.78
N LEU B 38 -37.18 -28.21 15.70
CA LEU B 38 -38.40 -27.46 15.44
C LEU B 38 -38.17 -25.95 15.56
N ARG B 39 -37.35 -25.54 16.53
CA ARG B 39 -37.04 -24.13 16.69
C ARG B 39 -36.36 -23.56 15.45
N ARG B 40 -35.39 -24.29 14.91
CA ARG B 40 -34.75 -23.85 13.68
C ARG B 40 -35.74 -23.74 12.54
N THR B 41 -36.75 -24.60 12.51
CA THR B 41 -37.76 -24.54 11.45
C THR B 41 -38.78 -23.45 11.72
N LEU B 42 -39.17 -23.27 12.98
CA LEU B 42 -40.10 -22.19 13.33
C LEU B 42 -39.53 -20.83 12.98
N LEU B 43 -38.27 -20.58 13.39
CA LEU B 43 -37.70 -19.26 13.24
C LEU B 43 -37.47 -18.86 11.78
N SER B 44 -37.48 -19.81 10.85
CA SER B 44 -37.11 -19.51 9.47
C SER B 44 -38.21 -19.76 8.47
N SER B 45 -38.80 -20.95 8.44
CA SER B 45 -39.55 -21.42 7.28
C SER B 45 -41.06 -21.27 7.42
N ILE B 46 -41.55 -20.61 8.46
CA ILE B 46 -42.99 -20.43 8.61
C ILE B 46 -43.47 -19.48 7.50
N PRO B 47 -44.36 -19.92 6.61
CA PRO B 47 -44.85 -19.03 5.56
C PRO B 47 -45.56 -17.83 6.17
N GLY B 48 -45.11 -16.63 5.80
CA GLY B 48 -45.61 -15.40 6.37
C GLY B 48 -46.18 -14.45 5.33
N ALA B 49 -46.58 -13.27 5.82
CA ALA B 49 -47.09 -12.19 5.00
C ALA B 49 -46.37 -10.91 5.38
N ALA B 50 -45.83 -10.20 4.40
CA ALA B 50 -45.07 -9.00 4.65
C ALA B 50 -45.28 -8.03 3.48
N VAL B 51 -44.70 -6.84 3.61
CA VAL B 51 -44.82 -5.77 2.62
C VAL B 51 -43.56 -5.75 1.77
N THR B 52 -43.73 -5.77 0.45
CA THR B 52 -42.61 -5.82 -0.48
C THR B 52 -42.10 -4.43 -0.84
N SER B 53 -42.95 -3.60 -1.44
CA SER B 53 -42.58 -2.25 -1.84
C SER B 53 -43.71 -1.30 -1.52
N ILE B 54 -43.35 -0.03 -1.33
CA ILE B 54 -44.32 1.02 -1.04
C ILE B 54 -44.05 2.19 -1.99
N ARG B 55 -45.06 3.05 -2.12
CA ARG B 55 -45.00 4.19 -3.02
C ARG B 55 -45.74 5.37 -2.40
N ILE B 56 -45.07 6.52 -2.35
CA ILE B 56 -45.64 7.75 -1.84
C ILE B 56 -45.66 8.76 -2.97
N ASP B 57 -46.76 9.52 -3.07
CA ASP B 57 -46.94 10.40 -4.21
C ASP B 57 -45.95 11.57 -4.18
N GLY B 58 -45.74 12.17 -3.02
CA GLY B 58 -44.92 13.36 -2.93
C GLY B 58 -43.44 13.12 -3.06
N VAL B 59 -42.97 11.91 -2.76
CA VAL B 59 -41.55 11.59 -2.72
C VAL B 59 -41.22 10.70 -3.90
N LEU B 60 -40.03 10.90 -4.47
CA LEU B 60 -39.53 10.05 -5.54
C LEU B 60 -38.55 9.00 -5.05
N HIS B 61 -38.05 9.11 -3.82
CA HIS B 61 -37.11 8.13 -3.29
C HIS B 61 -37.12 8.20 -1.76
N GLU B 62 -36.33 7.34 -1.15
CA GLU B 62 -36.36 7.14 0.30
C GLU B 62 -35.67 8.27 1.05
N PHE B 63 -34.86 9.09 0.38
CA PHE B 63 -33.95 10.01 1.04
C PHE B 63 -34.47 11.45 1.10
N THR B 64 -35.77 11.66 0.92
CA THR B 64 -36.34 12.98 1.00
C THR B 64 -37.27 13.07 2.22
N THR B 65 -37.93 14.23 2.35
CA THR B 65 -38.86 14.47 3.44
C THR B 65 -40.21 14.90 2.88
N VAL B 66 -41.27 14.52 3.60
CA VAL B 66 -42.63 14.93 3.26
C VAL B 66 -42.93 16.23 3.99
N PRO B 67 -43.43 17.26 3.30
CA PRO B 67 -43.72 18.52 3.99
C PRO B 67 -44.80 18.34 5.05
N GLY B 68 -44.54 18.86 6.24
CA GLY B 68 -45.47 18.83 7.34
C GLY B 68 -45.27 17.68 8.31
N VAL B 69 -44.80 16.53 7.82
CA VAL B 69 -44.61 15.39 8.69
C VAL B 69 -43.32 15.57 9.51
N LYS B 70 -43.29 14.92 10.67
CA LYS B 70 -42.14 15.02 11.57
C LYS B 70 -41.04 14.03 11.21
N GLU B 71 -41.39 12.80 10.83
CA GLU B 71 -40.41 11.79 10.46
C GLU B 71 -40.06 11.91 8.99
N ASP B 72 -38.76 11.85 8.68
CA ASP B 72 -38.33 11.78 7.29
C ASP B 72 -38.73 10.44 6.69
N VAL B 73 -38.66 10.36 5.35
CA VAL B 73 -39.10 9.16 4.67
C VAL B 73 -38.27 7.96 5.11
N THR B 74 -36.95 8.13 5.24
CA THR B 74 -36.10 7.04 5.66
C THR B 74 -36.41 6.58 7.07
N ASP B 75 -36.99 7.45 7.90
CA ASP B 75 -37.40 7.07 9.25
C ASP B 75 -38.80 6.46 9.29
N ILE B 76 -39.64 6.78 8.31
CA ILE B 76 -40.96 6.16 8.22
C ILE B 76 -40.85 4.73 7.73
N ILE B 77 -39.91 4.47 6.81
CA ILE B 77 -39.70 3.10 6.34
C ILE B 77 -39.29 2.20 7.49
N LEU B 78 -38.41 2.70 8.37
CA LEU B 78 -38.01 1.91 9.53
C LEU B 78 -39.17 1.71 10.50
N ASN B 79 -40.09 2.68 10.57
CA ASN B 79 -41.27 2.50 11.41
C ASN B 79 -42.27 1.54 10.78
N LEU B 80 -42.29 1.46 9.45
CA LEU B 80 -43.14 0.49 8.76
C LEU B 80 -42.57 -0.91 8.76
N LYS B 81 -41.29 -1.08 9.11
CA LYS B 81 -40.72 -2.42 9.21
C LYS B 81 -41.34 -3.23 10.34
N GLY B 82 -41.89 -2.56 11.36
CA GLY B 82 -42.54 -3.23 12.47
C GLY B 82 -43.98 -3.61 12.24
N LEU B 83 -44.46 -3.54 11.01
CA LEU B 83 -45.84 -3.92 10.69
C LEU B 83 -45.96 -5.43 10.64
N VAL B 84 -46.88 -5.97 11.44
CA VAL B 84 -47.24 -7.38 11.38
C VAL B 84 -48.54 -7.49 10.60
N VAL B 85 -48.57 -8.40 9.62
CA VAL B 85 -49.71 -8.51 8.71
C VAL B 85 -49.88 -9.96 8.31
N SER B 86 -51.12 -10.34 8.02
CA SER B 86 -51.45 -11.67 7.53
C SER B 86 -52.29 -11.54 6.27
N SER B 87 -52.08 -12.44 5.32
CA SER B 87 -52.76 -12.38 4.04
C SER B 87 -52.65 -13.74 3.35
N ASP B 88 -53.74 -14.16 2.70
CA ASP B 88 -53.65 -15.34 1.84
C ASP B 88 -53.06 -14.94 0.48
N ASP B 89 -53.84 -14.17 -0.28
CA ASP B 89 -53.43 -13.24 -1.33
C ASP B 89 -52.83 -13.82 -2.60
N ASP B 90 -52.28 -15.04 -2.57
CA ASP B 90 -51.98 -15.81 -3.77
C ASP B 90 -51.39 -14.96 -4.90
N GLU B 91 -51.05 -13.70 -4.62
CA GLU B 91 -50.88 -12.67 -5.66
C GLU B 91 -50.44 -11.36 -5.03
N PRO B 92 -49.76 -10.49 -5.78
CA PRO B 92 -49.45 -9.16 -5.24
C PRO B 92 -50.67 -8.28 -5.23
N VAL B 93 -50.96 -7.68 -4.06
CA VAL B 93 -52.05 -6.74 -3.90
C VAL B 93 -51.53 -5.53 -3.15
N THR B 94 -52.18 -4.39 -3.34
CA THR B 94 -51.73 -3.12 -2.80
C THR B 94 -52.74 -2.60 -1.78
N MET B 95 -52.22 -2.11 -0.65
CA MET B 95 -53.01 -1.43 0.35
C MET B 95 -52.95 0.08 0.10
N TYR B 96 -53.65 0.86 0.92
CA TYR B 96 -53.67 2.30 0.78
C TYR B 96 -53.71 2.95 2.15
N LEU B 97 -53.06 4.10 2.26
CA LEU B 97 -53.04 4.90 3.48
C LEU B 97 -53.11 6.38 3.10
N ARG B 98 -54.19 7.03 3.49
CA ARG B 98 -54.40 8.44 3.21
C ARG B 98 -54.84 9.14 4.49
N LYS B 99 -54.04 10.10 4.95
CA LYS B 99 -54.35 10.84 6.17
C LYS B 99 -54.08 12.32 5.92
N GLN B 100 -54.82 13.17 6.64
CA GLN B 100 -54.78 14.61 6.40
C GLN B 100 -54.93 15.35 7.73
N GLY B 101 -54.24 16.49 7.82
CA GLY B 101 -54.39 17.37 8.96
C GLY B 101 -53.59 16.93 10.17
N PRO B 102 -53.68 17.71 11.24
CA PRO B 102 -52.97 17.34 12.48
C PRO B 102 -53.55 16.07 13.10
N GLY B 103 -52.65 15.29 13.68
CA GLY B 103 -53.02 14.02 14.27
C GLY B 103 -51.83 13.08 14.27
N VAL B 104 -52.13 11.79 14.39
CA VAL B 104 -51.11 10.75 14.41
C VAL B 104 -51.56 9.64 13.46
N VAL B 105 -50.71 9.33 12.49
CA VAL B 105 -50.98 8.25 11.55
C VAL B 105 -50.51 6.93 12.17
N THR B 106 -51.44 6.00 12.34
CA THR B 106 -51.14 4.68 12.89
C THR B 106 -51.42 3.62 11.84
N ALA B 107 -51.18 2.37 12.22
CA ALA B 107 -51.46 1.25 11.31
C ALA B 107 -52.95 1.01 11.11
N GLY B 108 -53.79 1.49 12.02
CA GLY B 108 -55.22 1.35 11.85
C GLY B 108 -55.79 2.21 10.74
N ASP B 109 -55.10 3.29 10.36
CA ASP B 109 -55.55 4.15 9.28
C ASP B 109 -55.38 3.50 7.91
N ILE B 110 -54.62 2.41 7.82
CA ILE B 110 -54.43 1.72 6.56
C ILE B 110 -55.67 0.90 6.24
N VAL B 111 -56.08 0.91 4.98
CA VAL B 111 -57.26 0.16 4.52
C VAL B 111 -56.76 -1.14 3.89
N PRO B 112 -56.96 -2.29 4.54
CA PRO B 112 -56.56 -3.56 3.93
C PRO B 112 -57.55 -3.99 2.86
N PRO B 113 -57.08 -4.37 1.69
CA PRO B 113 -57.99 -4.89 0.66
C PRO B 113 -58.60 -6.23 1.08
N ALA B 114 -59.45 -6.79 0.22
CA ALA B 114 -60.10 -8.06 0.53
C ALA B 114 -59.07 -9.18 0.56
N GLY B 115 -58.99 -9.88 1.70
CA GLY B 115 -58.10 -11.01 1.87
C GLY B 115 -56.94 -10.76 2.80
N VAL B 116 -56.64 -9.51 3.12
CA VAL B 116 -55.53 -9.17 4.00
C VAL B 116 -56.08 -8.40 5.19
N THR B 117 -55.28 -8.35 6.26
CA THR B 117 -55.71 -7.71 7.50
C THR B 117 -54.48 -7.26 8.27
N VAL B 118 -54.62 -6.13 8.96
CA VAL B 118 -53.56 -5.57 9.79
C VAL B 118 -53.80 -6.00 11.23
N HIS B 119 -52.75 -6.50 11.88
CA HIS B 119 -52.87 -7.09 13.20
C HIS B 119 -52.40 -6.17 14.33
N ASN B 120 -51.90 -4.98 14.02
CA ASN B 120 -51.44 -4.03 15.03
C ASN B 120 -51.86 -2.62 14.63
N PRO B 121 -53.16 -2.33 14.69
CA PRO B 121 -53.63 -0.97 14.35
C PRO B 121 -53.10 0.10 15.30
N ASP B 122 -52.55 -0.28 16.45
CA ASP B 122 -52.09 0.67 17.44
C ASP B 122 -50.67 1.16 17.18
N MET B 123 -49.96 0.59 16.21
CA MET B 123 -48.57 0.95 15.98
C MET B 123 -48.47 2.35 15.39
N HIS B 124 -47.52 3.13 15.89
CA HIS B 124 -47.29 4.48 15.40
C HIS B 124 -46.49 4.45 14.11
N ILE B 125 -46.86 5.32 13.17
CA ILE B 125 -46.18 5.39 11.89
C ILE B 125 -45.54 6.76 11.73
N ALA B 126 -46.34 7.82 11.75
CA ALA B 126 -45.84 9.16 11.54
C ALA B 126 -46.79 10.17 12.18
N THR B 127 -46.24 11.30 12.59
CA THR B 127 -47.00 12.38 13.19
C THR B 127 -47.17 13.49 12.17
N LEU B 128 -48.42 13.84 11.88
CA LEU B 128 -48.74 14.90 10.92
C LEU B 128 -49.26 16.13 11.65
N ASN B 129 -49.02 17.29 11.06
CA ASN B 129 -49.44 18.57 11.60
C ASN B 129 -50.40 19.24 10.62
N ASP B 130 -50.73 20.51 10.90
CA ASP B 130 -51.74 21.21 10.11
C ASP B 130 -51.46 21.12 8.61
N LYS B 131 -50.19 21.27 8.21
CA LYS B 131 -49.82 21.23 6.80
C LYS B 131 -49.49 19.83 6.32
N GLY B 132 -49.46 18.84 7.22
CA GLY B 132 -49.02 17.50 6.84
C GLY B 132 -50.09 16.75 6.07
N LYS B 133 -49.72 16.23 4.90
CA LYS B 133 -50.58 15.38 4.09
C LYS B 133 -49.76 14.17 3.65
N LEU B 134 -50.22 12.98 4.02
CA LEU B 134 -49.50 11.75 3.73
C LEU B 134 -50.44 10.75 3.08
N GLU B 135 -50.15 10.39 1.82
CA GLU B 135 -50.84 9.31 1.14
C GLU B 135 -49.78 8.34 0.63
N VAL B 136 -49.95 7.06 0.94
CA VAL B 136 -48.99 6.04 0.57
C VAL B 136 -49.72 4.81 0.04
N GLU B 137 -48.95 3.94 -0.62
CA GLU B 137 -49.47 2.71 -1.20
C GLU B 137 -48.49 1.59 -0.90
N LEU B 138 -48.96 0.54 -0.25
CA LEU B 138 -48.12 -0.56 0.21
C LEU B 138 -48.52 -1.84 -0.51
N VAL B 139 -47.54 -2.45 -1.18
CA VAL B 139 -47.76 -3.72 -1.87
C VAL B 139 -47.37 -4.85 -0.93
N VAL B 140 -48.35 -5.69 -0.59
CA VAL B 140 -48.14 -6.87 0.24
C VAL B 140 -48.00 -8.09 -0.66
N GLU B 141 -47.10 -9.00 -0.30
CA GLU B 141 -46.80 -10.16 -1.11
C GLU B 141 -46.51 -11.34 -0.21
N ARG B 142 -46.59 -12.54 -0.78
CA ARG B 142 -46.32 -13.76 -0.05
C ARG B 142 -44.82 -14.01 0.07
N GLY B 143 -44.45 -14.95 0.92
CA GLY B 143 -43.07 -15.33 1.09
C GLY B 143 -42.82 -15.90 2.49
N ARG B 144 -41.55 -16.12 2.78
CA ARG B 144 -41.12 -16.65 4.06
C ARG B 144 -39.71 -16.17 4.36
N GLY B 145 -39.31 -16.30 5.63
CA GLY B 145 -37.97 -15.91 6.01
C GLY B 145 -37.75 -14.42 5.87
N TYR B 146 -36.52 -14.05 5.48
CA TYR B 146 -36.15 -12.66 5.30
C TYR B 146 -35.53 -12.49 3.91
N VAL B 147 -36.19 -11.74 3.05
CA VAL B 147 -35.68 -11.37 1.73
C VAL B 147 -35.32 -9.90 1.77
N PRO B 148 -34.14 -9.50 1.30
CA PRO B 148 -33.79 -8.07 1.28
C PRO B 148 -34.67 -7.33 0.29
N ALA B 149 -34.46 -6.01 0.18
CA ALA B 149 -35.21 -5.23 -0.79
C ALA B 149 -34.96 -5.75 -2.19
N VAL B 150 -36.05 -6.06 -2.91
CA VAL B 150 -35.97 -6.52 -4.29
C VAL B 150 -35.84 -5.29 -5.19
N GLN B 151 -34.64 -5.04 -5.67
CA GLN B 151 -34.36 -3.82 -6.42
C GLN B 151 -35.18 -3.77 -7.69
N ASN B 152 -35.64 -2.56 -8.04
CA ASN B 152 -36.40 -2.38 -9.27
C ASN B 152 -35.53 -2.54 -10.51
N LYS B 153 -34.21 -2.48 -10.37
CA LYS B 153 -33.34 -2.76 -11.51
C LYS B 153 -33.43 -4.22 -11.93
N ALA B 154 -33.74 -5.11 -10.99
CA ALA B 154 -33.93 -6.52 -11.32
C ALA B 154 -35.30 -6.75 -11.94
N SER B 155 -36.36 -6.26 -11.30
CA SER B 155 -37.72 -6.34 -11.81
C SER B 155 -38.22 -4.92 -12.03
N GLY B 156 -38.39 -4.52 -13.29
CA GLY B 156 -38.74 -3.15 -13.63
C GLY B 156 -40.01 -2.67 -12.98
N ALA B 157 -39.86 -1.80 -11.98
CA ALA B 157 -40.95 -1.27 -11.17
C ALA B 157 -40.74 0.24 -11.02
N GLU B 158 -40.69 0.95 -12.16
CA GLU B 158 -39.92 2.16 -12.39
C GLU B 158 -40.07 3.24 -11.32
N ILE B 159 -39.34 4.35 -11.50
CA ILE B 159 -38.84 5.24 -10.44
C ILE B 159 -39.80 5.33 -9.25
N GLY B 160 -41.10 5.39 -9.50
CA GLY B 160 -42.08 5.50 -8.44
C GLY B 160 -41.84 4.64 -7.20
N ARG B 161 -41.80 3.31 -7.37
CA ARG B 161 -41.74 2.42 -6.21
C ARG B 161 -40.35 2.41 -5.58
N ILE B 162 -40.31 2.35 -4.26
CA ILE B 162 -39.09 2.19 -3.48
C ILE B 162 -39.17 0.84 -2.77
N PRO B 163 -38.35 -0.14 -3.15
CA PRO B 163 -38.41 -1.44 -2.49
C PRO B 163 -37.96 -1.36 -1.03
N VAL B 164 -38.53 -2.25 -0.22
CA VAL B 164 -38.23 -2.32 1.21
C VAL B 164 -37.91 -3.76 1.58
N ASP B 165 -37.01 -3.92 2.55
CA ASP B 165 -36.68 -5.24 3.06
C ASP B 165 -37.93 -5.90 3.65
N SER B 166 -38.23 -7.10 3.18
CA SER B 166 -39.42 -7.84 3.60
C SER B 166 -39.04 -8.91 4.61
N ILE B 167 -39.80 -9.01 5.70
CA ILE B 167 -39.58 -10.01 6.74
C ILE B 167 -40.87 -10.78 6.92
N TYR B 168 -40.90 -12.02 6.44
CA TYR B 168 -42.02 -12.93 6.66
C TYR B 168 -41.61 -13.88 7.78
N SER B 169 -41.98 -13.53 9.01
CA SER B 169 -41.64 -14.35 10.18
C SER B 169 -42.74 -14.20 11.23
N PRO B 170 -43.82 -14.98 11.11
CA PRO B 170 -44.88 -14.92 12.13
C PRO B 170 -44.38 -15.25 13.53
N VAL B 171 -43.27 -15.96 13.66
CA VAL B 171 -42.74 -16.34 14.96
C VAL B 171 -42.00 -15.15 15.58
N LEU B 172 -42.02 -15.10 16.91
CA LEU B 172 -41.36 -14.03 17.66
C LEU B 172 -40.19 -14.52 18.50
N LYS B 173 -40.41 -15.52 19.35
CA LYS B 173 -39.35 -16.05 20.19
C LYS B 173 -39.72 -17.48 20.60
N VAL B 174 -38.80 -18.41 20.36
CA VAL B 174 -39.00 -19.82 20.65
C VAL B 174 -37.87 -20.31 21.54
N THR B 175 -38.22 -21.08 22.56
CA THR B 175 -37.25 -21.70 23.46
C THR B 175 -37.78 -23.07 23.85
N TYR B 176 -37.07 -23.73 24.77
CA TYR B 176 -37.48 -25.04 25.24
C TYR B 176 -36.61 -25.44 26.42
N LYS B 177 -37.08 -26.43 27.17
CA LYS B 177 -36.35 -26.99 28.29
C LYS B 177 -36.84 -28.41 28.52
N VAL B 178 -35.90 -29.32 28.80
CA VAL B 178 -36.22 -30.74 28.96
C VAL B 178 -36.10 -31.11 30.43
N GLU B 179 -36.97 -32.04 30.85
CA GLU B 179 -36.92 -32.62 32.18
C GLU B 179 -36.98 -34.13 32.04
N ALA B 180 -35.86 -34.80 32.29
CA ALA B 180 -35.77 -36.26 32.19
C ALA B 180 -36.05 -36.85 33.56
N THR B 181 -37.29 -37.27 33.78
CA THR B 181 -37.69 -37.82 35.06
C THR B 181 -37.43 -39.32 35.11
N ARG B 182 -37.29 -39.84 36.33
CA ARG B 182 -37.10 -41.26 36.58
C ARG B 182 -35.88 -41.81 35.82
N VAL B 183 -34.72 -41.20 36.12
CA VAL B 183 -33.46 -41.70 35.58
C VAL B 183 -32.97 -42.91 36.35
N GLU B 184 -33.72 -43.33 37.35
CA GLU B 184 -33.32 -44.45 38.18
C GLU B 184 -33.53 -45.77 37.43
N GLN B 185 -33.28 -46.87 38.14
CA GLN B 185 -33.33 -48.20 37.53
C GLN B 185 -34.73 -48.66 37.18
N ARG B 186 -35.76 -47.92 37.57
CA ARG B 186 -37.14 -48.34 37.26
C ARG B 186 -37.39 -48.27 35.76
N THR B 187 -37.05 -47.16 35.13
CA THR B 187 -37.25 -46.98 33.69
C THR B 187 -36.36 -45.83 33.22
N ASP B 188 -36.50 -45.47 31.95
CA ASP B 188 -35.74 -44.37 31.36
C ASP B 188 -36.59 -43.72 30.27
N PHE B 189 -36.74 -42.40 30.36
CA PHE B 189 -37.48 -41.65 29.34
C PHE B 189 -37.30 -40.16 29.61
N ASP B 190 -37.59 -39.37 28.58
CA ASP B 190 -37.49 -37.92 28.66
C ASP B 190 -38.80 -37.28 28.22
N LYS B 191 -39.02 -36.05 28.68
CA LYS B 191 -40.19 -35.28 28.29
C LYS B 191 -39.81 -33.81 28.28
N LEU B 192 -40.20 -33.10 27.21
CA LEU B 192 -39.81 -31.71 27.03
C LEU B 192 -41.04 -30.85 26.76
N ILE B 193 -40.88 -29.54 26.93
CA ILE B 193 -41.93 -28.57 26.69
C ILE B 193 -41.38 -27.43 25.85
N ILE B 194 -42.06 -27.13 24.74
CA ILE B 194 -41.67 -26.06 23.84
C ILE B 194 -42.47 -24.81 24.16
N ASP B 195 -41.83 -23.66 24.09
CA ASP B 195 -42.50 -22.37 24.27
C ASP B 195 -42.47 -21.63 22.94
N VAL B 196 -43.61 -21.59 22.26
CA VAL B 196 -43.73 -21.02 20.92
C VAL B 196 -44.49 -19.71 21.01
N GLU B 197 -43.90 -18.64 20.47
CA GLU B 197 -44.51 -17.32 20.46
C GLU B 197 -44.62 -16.81 19.03
N THR B 198 -45.69 -16.06 18.77
CA THR B 198 -45.97 -15.54 17.43
C THR B 198 -46.17 -14.04 17.49
N LYS B 199 -46.21 -13.42 16.30
CA LYS B 199 -46.41 -11.99 16.14
C LYS B 199 -47.88 -11.60 16.09
N ASN B 200 -48.79 -12.53 16.40
CA ASN B 200 -50.24 -12.38 16.26
C ASN B 200 -50.69 -12.59 14.81
N SER B 201 -49.77 -12.83 13.87
CA SER B 201 -50.17 -13.16 12.51
C SER B 201 -50.94 -14.47 12.48
N ILE B 202 -50.43 -15.49 13.18
CA ILE B 202 -51.12 -16.76 13.36
C ILE B 202 -50.92 -17.21 14.79
N SER B 203 -51.73 -18.17 15.21
CA SER B 203 -51.66 -18.66 16.58
C SER B 203 -50.48 -19.60 16.75
N PRO B 204 -49.96 -19.73 17.97
CA PRO B 204 -48.84 -20.67 18.19
C PRO B 204 -49.17 -22.09 17.75
N ARG B 205 -50.37 -22.58 18.05
CA ARG B 205 -50.79 -23.89 17.58
C ARG B 205 -50.71 -24.11 16.07
N ASP B 206 -51.16 -23.12 15.28
CA ASP B 206 -51.06 -23.22 13.83
C ASP B 206 -49.64 -23.03 13.27
N ALA B 207 -48.77 -22.44 14.10
CA ALA B 207 -47.39 -22.19 13.67
C ALA B 207 -46.68 -23.53 13.82
N LEU B 208 -46.84 -24.20 14.95
CA LEU B 208 -46.20 -25.50 15.14
C LEU B 208 -46.67 -26.51 14.10
N ALA B 209 -47.93 -26.42 13.68
CA ALA B 209 -48.44 -27.34 12.66
C ALA B 209 -47.72 -27.14 11.34
N SER B 210 -47.50 -25.88 10.94
CA SER B 210 -46.77 -25.62 9.70
C SER B 210 -45.32 -26.07 9.80
N ALA B 211 -44.72 -25.98 10.99
CA ALA B 211 -43.37 -26.50 11.17
C ALA B 211 -43.36 -28.02 11.20
N GLY B 212 -44.42 -28.64 11.71
CA GLY B 212 -44.50 -30.09 11.69
C GLY B 212 -44.70 -30.64 10.30
N GLY B 213 -45.62 -30.06 9.54
CA GLY B 213 -45.82 -30.49 8.16
C GLY B 213 -44.61 -30.26 7.29
N THR B 214 -43.80 -29.25 7.62
CA THR B 214 -42.58 -28.99 6.86
C THR B 214 -41.56 -30.10 7.09
N LEU B 215 -41.42 -30.57 8.33
CA LEU B 215 -40.47 -31.64 8.63
C LEU B 215 -40.99 -32.99 8.17
N VAL B 216 -42.29 -33.25 8.33
CA VAL B 216 -42.86 -34.52 7.91
C VAL B 216 -42.57 -34.76 6.43
N GLU B 217 -42.88 -33.76 5.59
CA GLU B 217 -42.61 -33.87 4.17
C GLU B 217 -41.12 -33.78 3.84
N LEU B 218 -40.27 -33.43 4.81
CA LEU B 218 -38.85 -33.24 4.54
C LEU B 218 -38.09 -34.55 4.58
N PHE B 219 -38.17 -35.28 5.69
CA PHE B 219 -37.47 -36.55 5.80
C PHE B 219 -38.01 -37.55 4.79
N GLY B 220 -37.12 -38.07 3.95
CA GLY B 220 -37.52 -39.03 2.93
C GLY B 220 -36.50 -40.15 2.73
N LEU C 2 -45.58 -24.27 0.33
CA LEU C 2 -44.70 -23.64 -0.64
C LEU C 2 -43.95 -24.69 -1.46
N ILE C 3 -43.14 -24.24 -2.41
CA ILE C 3 -42.39 -25.11 -3.30
C ILE C 3 -40.90 -24.91 -3.05
N SER C 4 -40.14 -25.99 -3.17
CA SER C 4 -38.70 -25.94 -2.95
C SER C 4 -38.00 -26.76 -4.02
N GLN C 5 -36.75 -26.41 -4.30
CA GLN C 5 -35.95 -27.17 -5.24
C GLN C 5 -35.70 -28.57 -4.70
N ARG C 6 -35.69 -29.56 -5.59
CA ARG C 6 -35.65 -30.95 -5.17
C ARG C 6 -34.26 -31.31 -4.64
N PRO C 7 -34.17 -31.94 -3.47
CA PRO C 7 -32.88 -32.50 -3.03
C PRO C 7 -32.65 -33.88 -3.58
N THR C 8 -31.49 -34.48 -3.27
CA THR C 8 -31.15 -35.83 -3.72
C THR C 8 -30.63 -36.64 -2.55
N LEU C 9 -31.10 -37.87 -2.43
CA LEU C 9 -30.63 -38.81 -1.42
C LEU C 9 -29.80 -39.88 -2.11
N SER C 10 -28.49 -39.82 -1.94
CA SER C 10 -27.55 -40.75 -2.56
C SER C 10 -26.86 -41.57 -1.48
N GLU C 11 -26.27 -42.69 -1.90
CA GLU C 11 -25.59 -43.60 -1.00
C GLU C 11 -24.30 -44.09 -1.63
N GLU C 12 -23.21 -44.02 -0.88
CA GLU C 12 -21.91 -44.53 -1.30
C GLU C 12 -21.46 -45.56 -0.28
N THR C 13 -21.31 -46.81 -0.72
CA THR C 13 -21.00 -47.93 0.15
C THR C 13 -19.48 -48.11 0.23
N VAL C 14 -18.91 -47.90 1.41
CA VAL C 14 -17.49 -48.12 1.61
C VAL C 14 -17.20 -49.59 1.84
N ALA C 15 -17.97 -50.24 2.71
CA ALA C 15 -17.82 -51.65 3.00
C ALA C 15 -19.20 -52.25 3.20
N GLU C 16 -19.23 -53.56 3.48
CA GLU C 16 -20.51 -54.26 3.59
C GLU C 16 -21.35 -53.71 4.74
N ASN C 17 -20.71 -53.40 5.87
CA ASN C 17 -21.41 -52.88 7.04
C ASN C 17 -21.28 -51.37 7.20
N ARG C 18 -20.58 -50.69 6.29
CA ARG C 18 -20.29 -49.27 6.44
C ARG C 18 -20.65 -48.54 5.15
N SER C 19 -21.41 -47.46 5.28
CA SER C 19 -21.82 -46.65 4.14
C SER C 19 -22.08 -45.22 4.61
N ARG C 20 -21.99 -44.28 3.66
CA ARG C 20 -22.22 -42.87 3.93
C ARG C 20 -23.27 -42.34 2.96
N PHE C 21 -24.12 -41.44 3.45
CA PHE C 21 -25.21 -40.87 2.67
C PHE C 21 -25.03 -39.37 2.53
N VAL C 22 -25.57 -38.83 1.45
CA VAL C 22 -25.53 -37.39 1.18
C VAL C 22 -26.94 -36.92 0.81
N ILE C 23 -27.24 -35.67 1.18
CA ILE C 23 -28.50 -35.03 0.84
C ILE C 23 -28.15 -33.68 0.22
N GLU C 24 -28.47 -33.52 -1.06
CA GLU C 24 -28.03 -32.35 -1.81
C GLU C 24 -29.09 -31.93 -2.82
N PRO C 25 -29.48 -30.65 -2.84
CA PRO C 25 -29.03 -29.67 -1.85
C PRO C 25 -30.07 -29.44 -0.75
N LEU C 26 -29.73 -28.60 0.22
CA LEU C 26 -30.65 -28.23 1.30
C LEU C 26 -30.61 -26.72 1.49
N GLU C 27 -31.79 -26.12 1.60
CA GLU C 27 -31.87 -24.69 1.87
C GLU C 27 -31.25 -24.39 3.24
N PRO C 28 -30.70 -23.19 3.43
CA PRO C 28 -30.07 -22.86 4.71
C PRO C 28 -31.06 -22.26 5.70
N GLY C 29 -30.94 -22.69 6.96
CA GLY C 29 -30.02 -23.76 7.31
C GLY C 29 -30.76 -25.04 7.66
N PHE C 30 -30.74 -26.01 6.74
CA PHE C 30 -31.41 -27.28 6.95
C PHE C 30 -30.46 -28.43 7.24
N GLY C 31 -29.15 -28.22 7.10
CA GLY C 31 -28.20 -29.29 7.38
C GLY C 31 -28.12 -29.61 8.86
N TYR C 32 -27.98 -28.57 9.69
CA TYR C 32 -27.85 -28.78 11.14
C TYR C 32 -29.18 -29.05 11.82
N THR C 33 -30.31 -28.71 11.20
CA THR C 33 -31.61 -28.98 11.81
C THR C 33 -31.83 -30.48 11.97
N LEU C 34 -31.89 -31.20 10.85
CA LEU C 34 -32.18 -32.63 10.86
C LEU C 34 -30.93 -33.49 10.99
N GLY C 35 -29.76 -32.94 10.70
CA GLY C 35 -28.54 -33.72 10.84
C GLY C 35 -28.35 -34.28 12.24
N ASN C 36 -28.40 -33.40 13.23
CA ASN C 36 -28.23 -33.85 14.62
C ASN C 36 -29.40 -34.72 15.06
N SER C 37 -30.60 -34.49 14.51
CA SER C 37 -31.74 -35.33 14.81
C SER C 37 -31.65 -36.68 14.13
N LEU C 38 -31.07 -36.74 12.93
CA LEU C 38 -30.87 -38.04 12.27
C LEU C 38 -29.92 -38.92 13.08
N ARG C 39 -28.76 -38.37 13.46
CA ARG C 39 -27.80 -39.16 14.22
C ARG C 39 -28.41 -39.66 15.52
N ARG C 40 -29.18 -38.82 16.21
CA ARG C 40 -29.81 -39.25 17.45
C ARG C 40 -30.94 -40.25 17.18
N THR C 41 -31.58 -40.16 16.02
CA THR C 41 -32.65 -41.10 15.70
C THR C 41 -32.09 -42.44 15.22
N LEU C 42 -31.02 -42.42 14.43
CA LEU C 42 -30.36 -43.66 14.03
C LEU C 42 -29.82 -44.40 15.25
N LEU C 43 -29.29 -43.66 16.23
CA LEU C 43 -28.56 -44.29 17.32
C LEU C 43 -29.49 -44.92 18.35
N SER C 44 -30.47 -44.16 18.85
CA SER C 44 -31.24 -44.57 20.01
C SER C 44 -32.69 -44.93 19.71
N SER C 45 -33.11 -44.94 18.45
CA SER C 45 -34.52 -45.13 18.12
C SER C 45 -34.81 -46.42 17.36
N ILE C 46 -33.81 -47.21 17.03
CA ILE C 46 -33.99 -48.44 16.24
C ILE C 46 -34.05 -49.63 17.19
N PRO C 47 -35.07 -50.49 17.08
CA PRO C 47 -35.17 -51.64 17.99
C PRO C 47 -34.18 -52.73 17.65
N GLY C 48 -33.76 -53.46 18.69
CA GLY C 48 -32.83 -54.55 18.52
C GLY C 48 -32.63 -55.30 19.82
N ALA C 49 -32.24 -56.56 19.69
CA ALA C 49 -32.00 -57.43 20.83
C ALA C 49 -30.51 -57.48 21.14
N ALA C 50 -30.18 -57.55 22.44
CA ALA C 50 -28.80 -57.58 22.88
C ALA C 50 -28.71 -58.32 24.21
N VAL C 51 -27.50 -58.44 24.73
CA VAL C 51 -27.23 -59.16 25.96
C VAL C 51 -27.47 -58.23 27.15
N THR C 52 -28.19 -58.73 28.16
CA THR C 52 -28.44 -57.99 29.39
C THR C 52 -27.56 -58.46 30.54
N SER C 53 -27.56 -59.77 30.83
CA SER C 53 -26.77 -60.32 31.92
C SER C 53 -26.45 -61.76 31.59
N ILE C 54 -25.23 -62.18 31.94
CA ILE C 54 -24.76 -63.53 31.66
C ILE C 54 -24.27 -64.18 32.94
N ARG C 55 -24.12 -65.50 32.90
CA ARG C 55 -23.64 -66.25 34.05
C ARG C 55 -22.97 -67.53 33.56
N ILE C 56 -21.86 -67.89 34.21
CA ILE C 56 -21.07 -69.05 33.81
C ILE C 56 -20.85 -69.93 35.04
N ASP C 57 -20.08 -71.01 34.85
CA ASP C 57 -19.81 -71.96 35.91
C ASP C 57 -18.59 -71.53 36.72
N GLY C 58 -18.76 -71.47 38.04
CA GLY C 58 -17.66 -71.13 38.93
C GLY C 58 -17.25 -69.67 38.85
N VAL C 59 -18.20 -68.76 39.07
CA VAL C 59 -17.98 -67.33 38.91
C VAL C 59 -18.32 -66.56 40.18
N LEU C 60 -19.49 -66.82 40.76
CA LEU C 60 -20.06 -65.94 41.78
C LEU C 60 -19.03 -65.56 42.85
N HIS C 61 -18.27 -66.54 43.35
CA HIS C 61 -17.32 -66.26 44.41
C HIS C 61 -16.16 -65.41 43.90
N GLU C 62 -15.59 -65.78 42.75
CA GLU C 62 -14.44 -65.09 42.22
C GLU C 62 -14.87 -63.83 41.44
N PHE C 63 -13.91 -62.97 41.17
CA PHE C 63 -14.15 -61.72 40.47
C PHE C 63 -13.40 -61.59 39.16
N THR C 64 -12.08 -61.79 39.16
CA THR C 64 -11.24 -61.47 38.01
C THR C 64 -10.88 -62.69 37.17
N THR C 65 -10.25 -63.68 37.78
CA THR C 65 -9.71 -64.82 37.05
C THR C 65 -10.77 -65.88 36.83
N VAL C 66 -10.63 -66.61 35.71
CA VAL C 66 -11.49 -67.72 35.37
C VAL C 66 -10.62 -68.96 35.18
N PRO C 67 -10.48 -69.79 36.20
CA PRO C 67 -9.77 -71.07 36.01
C PRO C 67 -10.48 -71.92 34.97
N GLY C 68 -9.71 -72.38 33.98
CA GLY C 68 -10.25 -73.12 32.87
C GLY C 68 -10.37 -72.33 31.58
N VAL C 69 -9.81 -71.13 31.51
CA VAL C 69 -9.84 -70.32 30.30
C VAL C 69 -8.69 -69.33 30.35
N LYS C 70 -8.18 -68.99 29.17
CA LYS C 70 -7.07 -68.03 29.09
C LYS C 70 -7.54 -66.59 29.25
N GLU C 71 -8.77 -66.29 28.85
CA GLU C 71 -9.31 -64.95 28.99
C GLU C 71 -9.86 -64.75 30.39
N ASP C 72 -9.64 -63.55 30.94
CA ASP C 72 -10.17 -63.19 32.25
C ASP C 72 -11.67 -62.91 32.15
N VAL C 73 -12.26 -62.53 33.28
CA VAL C 73 -13.68 -62.19 33.30
C VAL C 73 -13.95 -60.97 32.44
N THR C 74 -13.17 -59.90 32.62
CA THR C 74 -13.41 -58.66 31.89
C THR C 74 -13.30 -58.88 30.39
N ASP C 75 -12.21 -59.53 29.94
CA ASP C 75 -12.01 -59.72 28.51
C ASP C 75 -13.09 -60.61 27.90
N ILE C 76 -13.64 -61.53 28.69
CA ILE C 76 -14.72 -62.38 28.18
C ILE C 76 -16.01 -61.60 28.01
N ILE C 77 -16.24 -60.58 28.85
CA ILE C 77 -17.44 -59.77 28.71
C ILE C 77 -17.39 -58.95 27.42
N LEU C 78 -16.23 -58.37 27.11
CA LEU C 78 -16.12 -57.53 25.93
C LEU C 78 -16.39 -58.31 24.65
N ASN C 79 -16.06 -59.60 24.63
CA ASN C 79 -16.33 -60.42 23.45
C ASN C 79 -17.83 -60.61 23.26
N LEU C 80 -18.53 -61.02 24.31
CA LEU C 80 -19.97 -61.25 24.21
C LEU C 80 -20.76 -59.95 24.03
N LYS C 81 -20.13 -58.80 24.30
CA LYS C 81 -20.78 -57.53 23.95
C LYS C 81 -20.89 -57.37 22.45
N GLY C 82 -19.91 -57.89 21.70
CA GLY C 82 -19.95 -57.87 20.25
C GLY C 82 -20.86 -58.91 19.63
N LEU C 83 -21.49 -59.75 20.44
CA LEU C 83 -22.41 -60.75 19.92
C LEU C 83 -23.69 -60.08 19.43
N VAL C 84 -24.01 -60.27 18.15
CA VAL C 84 -25.23 -59.71 17.55
C VAL C 84 -26.29 -60.80 17.53
N VAL C 85 -27.48 -60.48 18.01
CA VAL C 85 -28.58 -61.43 18.12
C VAL C 85 -29.88 -60.72 17.77
N SER C 86 -30.67 -61.32 16.89
CA SER C 86 -31.97 -60.80 16.49
C SER C 86 -33.05 -61.65 17.13
N SER C 87 -33.73 -61.09 18.13
CA SER C 87 -34.80 -61.78 18.84
C SER C 87 -36.11 -61.03 18.64
N ASP C 88 -37.17 -61.76 18.31
CA ASP C 88 -38.51 -61.22 18.26
C ASP C 88 -39.31 -61.52 19.52
N ASP C 89 -38.69 -62.20 20.49
CA ASP C 89 -39.38 -62.49 21.75
C ASP C 89 -39.66 -61.20 22.53
N ASP C 90 -38.71 -60.27 22.51
CA ASP C 90 -38.88 -58.96 23.16
C ASP C 90 -38.82 -59.07 24.67
N GLU C 91 -38.74 -60.29 25.19
CA GLU C 91 -38.58 -60.53 26.61
C GLU C 91 -37.24 -61.22 26.88
N PRO C 92 -36.73 -61.09 28.11
CA PRO C 92 -35.46 -61.74 28.43
C PRO C 92 -35.54 -63.25 28.27
N VAL C 93 -34.75 -63.78 27.34
CA VAL C 93 -34.64 -65.20 27.10
C VAL C 93 -33.21 -65.63 27.43
N THR C 94 -33.08 -66.79 28.06
CA THR C 94 -31.78 -67.28 28.54
C THR C 94 -31.27 -68.34 27.57
N MET C 95 -30.29 -67.97 26.76
CA MET C 95 -29.60 -68.93 25.91
C MET C 95 -28.50 -69.62 26.72
N TYR C 96 -28.14 -70.83 26.29
CA TYR C 96 -27.14 -71.64 26.96
C TYR C 96 -25.99 -71.94 26.02
N LEU C 97 -24.77 -71.89 26.56
CA LEU C 97 -23.56 -72.20 25.80
C LEU C 97 -22.61 -72.96 26.71
N ARG C 98 -22.35 -74.22 26.38
CA ARG C 98 -21.49 -75.08 27.20
C ARG C 98 -20.60 -75.90 26.27
N LYS C 99 -19.29 -75.72 26.41
CA LYS C 99 -18.31 -76.43 25.61
C LYS C 99 -17.17 -76.88 26.51
N GLN C 100 -16.81 -78.16 26.41
CA GLN C 100 -15.73 -78.73 27.22
C GLN C 100 -14.55 -79.08 26.33
N GLY C 101 -13.47 -79.51 26.97
CA GLY C 101 -12.26 -79.89 26.28
C GLY C 101 -11.54 -78.69 25.68
N PRO C 102 -10.28 -78.91 25.27
CA PRO C 102 -9.53 -77.81 24.66
C PRO C 102 -10.10 -77.44 23.30
N GLY C 103 -10.22 -76.13 23.07
CA GLY C 103 -10.75 -75.65 21.81
C GLY C 103 -11.04 -74.16 21.87
N VAL C 104 -11.87 -73.71 20.94
CA VAL C 104 -12.26 -72.31 20.82
C VAL C 104 -13.77 -72.23 20.73
N VAL C 105 -14.37 -71.36 21.55
CA VAL C 105 -15.81 -71.15 21.58
C VAL C 105 -16.12 -69.99 20.63
N THR C 106 -16.85 -70.30 19.55
CA THR C 106 -17.07 -69.36 18.45
C THR C 106 -18.50 -68.83 18.41
N ALA C 107 -19.30 -69.11 19.44
CA ALA C 107 -20.72 -68.77 19.47
C ALA C 107 -21.52 -69.62 18.50
N GLY C 108 -20.87 -70.48 17.71
CA GLY C 108 -21.57 -71.55 17.03
C GLY C 108 -21.90 -72.71 17.92
N ASP C 109 -21.32 -72.74 19.12
CA ASP C 109 -21.59 -73.77 20.11
C ASP C 109 -22.75 -73.42 21.03
N ILE C 110 -23.16 -72.15 21.06
CA ILE C 110 -24.30 -71.73 21.84
C ILE C 110 -25.58 -72.17 21.13
N VAL C 111 -26.48 -72.81 21.88
CA VAL C 111 -27.72 -73.32 21.33
C VAL C 111 -28.75 -72.20 21.39
N PRO C 112 -29.17 -71.63 20.26
CA PRO C 112 -30.13 -70.52 20.29
C PRO C 112 -31.55 -71.03 20.40
N PRO C 113 -32.34 -70.48 21.31
CA PRO C 113 -33.78 -70.80 21.33
C PRO C 113 -34.44 -70.31 20.05
N ALA C 114 -35.46 -71.05 19.62
CA ALA C 114 -36.19 -70.67 18.42
C ALA C 114 -36.78 -69.28 18.57
N GLY C 115 -36.54 -68.43 17.57
CA GLY C 115 -36.93 -67.04 17.60
C GLY C 115 -35.76 -66.09 17.71
N VAL C 116 -34.60 -66.57 18.16
CA VAL C 116 -33.38 -65.78 18.21
C VAL C 116 -32.32 -66.47 17.35
N THR C 117 -31.29 -65.72 16.99
CA THR C 117 -30.24 -66.24 16.14
C THR C 117 -28.91 -65.62 16.54
N VAL C 118 -27.84 -66.11 15.94
CA VAL C 118 -26.49 -65.59 16.11
C VAL C 118 -25.95 -65.30 14.72
N HIS C 119 -25.79 -64.02 14.39
CA HIS C 119 -25.46 -63.61 13.03
C HIS C 119 -23.98 -63.75 12.72
N ASN C 120 -23.11 -63.78 13.73
CA ASN C 120 -21.67 -63.92 13.55
C ASN C 120 -21.20 -65.20 14.23
N PRO C 121 -21.48 -66.37 13.63
CA PRO C 121 -21.03 -67.63 14.23
C PRO C 121 -19.52 -67.79 14.26
N ASP C 122 -18.77 -66.90 13.61
CA ASP C 122 -17.32 -66.94 13.59
C ASP C 122 -16.68 -66.06 14.65
N MET C 123 -17.49 -65.36 15.45
CA MET C 123 -16.93 -64.49 16.47
C MET C 123 -16.26 -65.30 17.56
N HIS C 124 -15.11 -64.82 18.04
CA HIS C 124 -14.32 -65.52 19.03
C HIS C 124 -14.78 -65.09 20.43
N ILE C 125 -15.42 -66.02 21.14
CA ILE C 125 -15.84 -65.73 22.52
C ILE C 125 -14.69 -65.96 23.49
N ALA C 126 -14.05 -67.11 23.41
CA ALA C 126 -12.95 -67.44 24.32
C ALA C 126 -12.23 -68.67 23.81
N THR C 127 -11.03 -68.88 24.33
CA THR C 127 -10.23 -70.07 24.05
C THR C 127 -10.23 -70.96 25.27
N LEU C 128 -10.57 -72.23 25.07
CA LEU C 128 -10.75 -73.16 26.19
C LEU C 128 -9.42 -73.69 26.68
N ASN C 129 -9.26 -73.74 28.00
CA ASN C 129 -8.07 -74.32 28.60
C ASN C 129 -8.04 -75.82 28.38
N ASP C 130 -6.86 -76.41 28.53
CA ASP C 130 -6.72 -77.85 28.38
C ASP C 130 -7.51 -78.58 29.46
N LYS C 131 -8.34 -79.54 29.04
CA LYS C 131 -9.16 -80.32 29.95
C LYS C 131 -10.10 -79.43 30.76
N GLY C 132 -10.56 -78.32 30.16
CA GLY C 132 -11.45 -77.40 30.81
C GLY C 132 -12.86 -77.48 30.25
N LYS C 133 -13.78 -76.83 30.96
CA LYS C 133 -15.18 -76.80 30.57
C LYS C 133 -15.80 -75.50 31.05
N LEU C 134 -16.69 -74.94 30.24
CA LEU C 134 -17.37 -73.70 30.57
C LEU C 134 -18.80 -73.76 30.05
N GLU C 135 -19.75 -73.40 30.91
CA GLU C 135 -21.16 -73.37 30.57
C GLU C 135 -21.72 -72.02 30.99
N VAL C 136 -22.12 -71.20 30.01
CA VAL C 136 -22.57 -69.84 30.24
C VAL C 136 -24.04 -69.74 29.88
N GLU C 137 -24.83 -69.15 30.79
CA GLU C 137 -26.21 -68.80 30.54
C GLU C 137 -26.32 -67.27 30.49
N LEU C 138 -26.85 -66.74 29.39
CA LEU C 138 -26.89 -65.30 29.16
C LEU C 138 -28.31 -64.85 28.89
N VAL C 139 -28.66 -63.68 29.42
CA VAL C 139 -29.98 -63.09 29.23
C VAL C 139 -29.92 -62.14 28.03
N VAL C 140 -30.90 -62.28 27.13
CA VAL C 140 -30.99 -61.47 25.93
C VAL C 140 -32.42 -60.96 25.79
N GLU C 141 -32.56 -59.64 25.72
CA GLU C 141 -33.87 -59.01 25.56
C GLU C 141 -33.73 -57.83 24.62
N ARG C 142 -34.81 -57.53 23.90
CA ARG C 142 -34.81 -56.40 22.98
C ARG C 142 -34.76 -55.10 23.76
N GLY C 143 -34.45 -54.02 23.05
CA GLY C 143 -34.35 -52.72 23.68
C GLY C 143 -34.12 -51.63 22.66
N ARG C 144 -33.64 -50.49 23.15
CA ARG C 144 -33.43 -49.32 22.31
C ARG C 144 -32.15 -48.61 22.74
N GLY C 145 -31.32 -48.27 21.77
CA GLY C 145 -30.16 -47.43 22.06
C GLY C 145 -29.08 -48.17 22.84
N TYR C 146 -28.53 -47.51 23.84
CA TYR C 146 -27.44 -48.05 24.66
C TYR C 146 -27.75 -47.75 26.11
N VAL C 147 -28.00 -48.79 26.90
CA VAL C 147 -28.32 -48.66 28.32
C VAL C 147 -27.12 -49.16 29.12
N PRO C 148 -26.65 -48.41 30.11
CA PRO C 148 -25.53 -48.88 30.93
C PRO C 148 -25.95 -50.03 31.84
N ALA C 149 -24.94 -50.65 32.46
CA ALA C 149 -25.19 -51.78 33.33
C ALA C 149 -26.04 -51.35 34.53
N VAL C 150 -26.92 -52.24 34.97
CA VAL C 150 -27.80 -51.98 36.10
C VAL C 150 -27.15 -52.53 37.36
N GLN C 151 -26.88 -51.64 38.31
CA GLN C 151 -26.25 -52.03 39.57
C GLN C 151 -26.50 -50.98 40.65
N ARG C 161 -24.35 -63.41 38.91
CA ARG C 161 -24.92 -62.42 37.99
C ARG C 161 -23.82 -61.58 37.34
N ILE C 162 -24.11 -61.06 36.15
CA ILE C 162 -23.16 -60.24 35.41
C ILE C 162 -23.90 -59.07 34.78
N PRO C 163 -24.10 -57.98 35.53
CA PRO C 163 -24.64 -56.76 34.93
C PRO C 163 -23.63 -56.16 33.96
N VAL C 164 -24.02 -56.01 32.70
CA VAL C 164 -23.14 -55.55 31.64
C VAL C 164 -23.84 -54.42 30.88
N ASP C 165 -23.10 -53.83 29.94
CA ASP C 165 -23.60 -52.73 29.12
C ASP C 165 -24.27 -53.31 27.88
N SER C 166 -25.55 -53.00 27.69
CA SER C 166 -26.33 -53.56 26.61
C SER C 166 -26.33 -52.59 25.42
N ILE C 167 -25.91 -53.08 24.26
CA ILE C 167 -25.90 -52.29 23.03
C ILE C 167 -27.10 -52.77 22.22
N TYR C 168 -28.23 -52.09 22.38
CA TYR C 168 -29.48 -52.54 21.76
C TYR C 168 -29.54 -52.19 20.28
N SER C 169 -29.10 -50.99 19.90
CA SER C 169 -29.25 -50.55 18.52
C SER C 169 -28.28 -51.30 17.61
N PRO C 170 -28.71 -51.67 16.40
CA PRO C 170 -27.76 -52.28 15.45
C PRO C 170 -26.71 -51.33 14.96
N VAL C 171 -27.00 -50.02 14.89
CA VAL C 171 -26.00 -49.05 14.46
C VAL C 171 -24.94 -48.93 15.54
N LEU C 172 -23.68 -48.74 15.10
CA LEU C 172 -22.54 -48.70 16.01
C LEU C 172 -21.89 -47.33 16.06
N LYS C 173 -21.55 -46.75 14.91
CA LYS C 173 -20.90 -45.44 14.85
C LYS C 173 -21.59 -44.59 13.79
N VAL C 174 -22.07 -43.42 14.19
CA VAL C 174 -22.75 -42.50 13.29
C VAL C 174 -22.18 -41.11 13.48
N THR C 175 -21.69 -40.51 12.40
CA THR C 175 -21.17 -39.14 12.41
C THR C 175 -21.70 -38.40 11.19
N TYR C 176 -21.72 -37.07 11.27
CA TYR C 176 -22.30 -36.26 10.22
C TYR C 176 -21.57 -34.94 10.11
N LYS C 177 -21.65 -34.34 8.92
CA LYS C 177 -21.13 -33.00 8.68
C LYS C 177 -21.87 -32.42 7.48
N VAL C 178 -21.70 -31.11 7.27
CA VAL C 178 -22.39 -30.39 6.22
C VAL C 178 -21.38 -29.58 5.41
N GLU C 179 -21.66 -29.44 4.11
CA GLU C 179 -20.82 -28.68 3.19
C GLU C 179 -21.70 -27.75 2.37
N ALA C 180 -21.03 -26.93 1.55
CA ALA C 180 -21.70 -25.92 0.73
C ALA C 180 -21.46 -26.23 -0.74
N THR C 181 -22.52 -26.22 -1.53
CA THR C 181 -22.47 -26.48 -2.95
C THR C 181 -23.58 -25.69 -3.63
N ARG C 182 -23.91 -26.06 -4.88
CA ARG C 182 -25.03 -25.47 -5.62
C ARG C 182 -24.84 -23.96 -5.78
N VAL C 183 -23.83 -23.63 -6.59
CA VAL C 183 -23.38 -22.25 -6.77
C VAL C 183 -24.48 -21.33 -7.32
N GLU C 184 -25.49 -21.90 -7.99
CA GLU C 184 -26.18 -21.22 -9.10
C GLU C 184 -26.26 -19.70 -8.96
N GLN C 185 -26.85 -19.22 -7.88
CA GLN C 185 -26.81 -17.80 -7.54
C GLN C 185 -26.55 -17.56 -6.07
N ARG C 186 -26.64 -18.59 -5.25
CA ARG C 186 -26.38 -18.50 -3.80
C ARG C 186 -25.58 -19.73 -3.44
N THR C 187 -24.31 -19.54 -3.11
CA THR C 187 -23.37 -20.64 -2.92
C THR C 187 -23.38 -21.22 -1.52
N ASP C 188 -24.28 -20.76 -0.65
CA ASP C 188 -24.32 -21.21 0.74
C ASP C 188 -25.32 -22.34 0.97
N PHE C 189 -25.81 -22.98 -0.10
CA PHE C 189 -26.72 -24.11 0.08
C PHE C 189 -26.03 -25.24 0.81
N ASP C 190 -26.77 -25.90 1.70
CA ASP C 190 -26.20 -26.94 2.55
C ASP C 190 -26.21 -28.29 1.86
N LYS C 191 -25.14 -29.06 2.08
CA LYS C 191 -25.07 -30.46 1.66
C LYS C 191 -24.77 -31.29 2.90
N LEU C 192 -25.72 -32.14 3.28
CA LEU C 192 -25.61 -32.92 4.50
C LEU C 192 -24.91 -34.24 4.22
N ILE C 193 -23.86 -34.52 5.00
CA ILE C 193 -23.14 -35.79 4.95
C ILE C 193 -23.41 -36.52 6.25
N ILE C 194 -23.57 -37.84 6.16
CA ILE C 194 -23.79 -38.67 7.35
C ILE C 194 -23.14 -40.02 7.11
N ASP C 195 -22.37 -40.50 8.09
CA ASP C 195 -21.62 -41.74 8.00
C ASP C 195 -22.07 -42.65 9.13
N VAL C 196 -22.60 -43.82 8.78
CA VAL C 196 -23.14 -44.78 9.74
C VAL C 196 -22.48 -46.13 9.54
N GLU C 197 -21.95 -46.69 10.62
CA GLU C 197 -21.43 -48.05 10.64
C GLU C 197 -22.40 -48.93 11.41
N THR C 198 -22.86 -50.01 10.77
CA THR C 198 -23.90 -50.85 11.31
C THR C 198 -23.39 -52.28 11.48
N LYS C 199 -24.02 -53.01 12.41
CA LYS C 199 -23.75 -54.43 12.53
C LYS C 199 -24.54 -55.21 11.48
N ASN C 200 -24.09 -56.43 11.20
CA ASN C 200 -24.63 -57.22 10.10
C ASN C 200 -26.07 -57.65 10.31
N SER C 201 -26.69 -57.34 11.46
CA SER C 201 -28.07 -57.76 11.67
C SER C 201 -29.01 -57.10 10.67
N ILE C 202 -28.73 -55.86 10.28
CA ILE C 202 -29.52 -55.13 9.31
C ILE C 202 -28.59 -54.28 8.45
N SER C 203 -29.09 -53.93 7.26
CA SER C 203 -28.29 -53.15 6.32
C SER C 203 -28.40 -51.65 6.64
N PRO C 204 -27.34 -50.89 6.36
CA PRO C 204 -27.40 -49.44 6.63
C PRO C 204 -28.52 -48.74 5.88
N ARG C 205 -28.79 -49.14 4.63
CA ARG C 205 -29.85 -48.48 3.87
C ARG C 205 -31.20 -48.70 4.51
N ASP C 206 -31.45 -49.90 5.04
CA ASP C 206 -32.67 -50.14 5.82
C ASP C 206 -32.57 -49.53 7.21
N ALA C 207 -31.36 -49.32 7.72
CA ALA C 207 -31.20 -48.66 9.02
C ALA C 207 -31.61 -47.20 8.94
N LEU C 208 -31.22 -46.50 7.87
CA LEU C 208 -31.62 -45.11 7.70
C LEU C 208 -33.12 -44.98 7.54
N ALA C 209 -33.75 -45.89 6.81
CA ALA C 209 -35.19 -45.81 6.58
C ALA C 209 -35.95 -45.91 7.90
N SER C 210 -35.46 -46.72 8.83
CA SER C 210 -36.13 -46.85 10.12
C SER C 210 -36.05 -45.54 10.92
N ALA C 211 -34.91 -44.84 10.82
CA ALA C 211 -34.80 -43.55 11.50
C ALA C 211 -35.67 -42.50 10.84
N GLY C 212 -35.68 -42.47 9.50
CA GLY C 212 -36.56 -41.54 8.81
C GLY C 212 -38.03 -41.84 9.04
N GLY C 213 -38.39 -43.13 9.07
CA GLY C 213 -39.76 -43.49 9.34
C GLY C 213 -40.19 -43.15 10.76
N THR C 214 -39.25 -43.18 11.71
CA THR C 214 -39.58 -42.83 13.08
C THR C 214 -39.69 -41.31 13.27
N LEU C 215 -39.01 -40.53 12.44
CA LEU C 215 -39.06 -39.08 12.57
C LEU C 215 -40.32 -38.50 11.94
N VAL C 216 -40.73 -39.02 10.77
CA VAL C 216 -41.93 -38.51 10.12
C VAL C 216 -43.16 -38.80 10.97
N GLU C 217 -43.19 -39.96 11.63
CA GLU C 217 -44.30 -40.26 12.53
C GLU C 217 -44.21 -39.43 13.80
N LEU C 218 -42.99 -39.19 14.29
CA LEU C 218 -42.81 -38.35 15.47
C LEU C 218 -43.22 -36.91 15.17
N PHE C 219 -42.71 -36.36 14.07
CA PHE C 219 -43.08 -35.01 13.64
C PHE C 219 -44.50 -34.92 13.13
N GLY C 220 -45.16 -36.06 12.86
CA GLY C 220 -46.56 -36.02 12.47
C GLY C 220 -47.48 -35.55 13.58
N LEU C 221 -47.03 -35.60 14.83
CA LEU C 221 -47.84 -35.11 15.94
C LEU C 221 -48.10 -33.61 15.81
N ALA C 222 -47.10 -32.87 15.33
CA ALA C 222 -47.30 -31.45 15.08
C ALA C 222 -48.10 -31.20 13.81
N ARG C 223 -47.93 -32.05 12.79
CA ARG C 223 -48.66 -31.89 11.54
C ARG C 223 -50.16 -32.06 11.76
N GLU C 224 -50.55 -33.01 12.61
CA GLU C 224 -51.97 -33.28 12.83
C GLU C 224 -52.68 -32.20 13.63
N LEU C 225 -51.94 -31.27 14.24
CA LEU C 225 -52.58 -30.16 14.95
C LEU C 225 -53.50 -29.39 14.00
N ASN C 226 -52.93 -28.79 12.96
CA ASN C 226 -53.71 -28.16 11.88
C ASN C 226 -53.06 -28.59 10.57
N ALA C 227 -53.58 -29.66 9.99
CA ALA C 227 -53.02 -30.19 8.74
C ALA C 227 -52.99 -29.12 7.66
N ASP C 228 -53.95 -28.20 7.65
CA ASP C 228 -54.05 -27.21 6.58
C ASP C 228 -53.16 -25.99 6.79
N SER C 229 -52.48 -25.90 7.94
CA SER C 229 -51.45 -24.88 8.10
C SER C 229 -50.45 -25.00 6.96
N GLU C 230 -50.20 -23.89 6.26
CA GLU C 230 -49.36 -23.91 5.07
C GLU C 230 -47.93 -24.28 5.45
N HIS C 231 -47.42 -25.36 4.85
CA HIS C 231 -46.05 -25.79 5.03
C HIS C 231 -45.38 -25.90 3.66
N ILE C 232 -44.12 -26.32 3.67
CA ILE C 232 -43.31 -26.42 2.46
C ILE C 232 -43.39 -27.85 1.93
N GLU C 233 -43.37 -27.99 0.61
CA GLU C 233 -43.43 -29.29 -0.03
C GLU C 233 -42.56 -29.29 -1.27
N ILE C 234 -41.75 -30.34 -1.42
CA ILE C 234 -40.90 -30.47 -2.60
C ILE C 234 -41.69 -31.04 -3.78
N GLY C 235 -42.50 -32.06 -3.53
CA GLY C 235 -43.33 -32.66 -4.57
C GLY C 235 -42.48 -33.12 -5.75
N VAL D 23 -27.67 20.87 32.29
CA VAL D 23 -28.45 20.94 31.06
C VAL D 23 -29.93 20.70 31.35
N PRO D 24 -30.78 21.58 30.82
CA PRO D 24 -32.22 21.48 31.12
C PRO D 24 -32.85 20.20 30.59
N GLY D 25 -32.56 19.87 29.33
CA GLY D 25 -33.16 18.71 28.71
C GLY D 25 -32.29 17.46 28.77
N ALA D 26 -31.35 17.44 29.70
CA ALA D 26 -30.43 16.31 29.79
C ALA D 26 -31.16 15.06 30.29
N PRO D 27 -30.92 13.90 29.68
CA PRO D 27 -31.54 12.67 30.18
C PRO D 27 -30.95 12.25 31.51
N ASN D 28 -31.66 11.35 32.19
CA ASN D 28 -31.26 10.87 33.51
C ASN D 28 -30.28 9.72 33.34
N ARG D 29 -29.04 9.92 33.78
CA ARG D 29 -27.99 8.91 33.71
C ARG D 29 -27.33 8.81 35.07
N VAL D 30 -27.48 7.66 35.72
CA VAL D 30 -26.97 7.49 37.08
C VAL D 30 -25.46 7.46 37.06
N SER D 31 -24.84 8.27 37.91
CA SER D 31 -23.39 8.39 37.99
C SER D 31 -22.87 7.64 39.20
N PHE D 32 -21.92 6.74 38.98
CA PHE D 32 -21.28 6.00 40.06
C PHE D 32 -20.28 6.83 40.85
N ALA D 33 -19.95 8.04 40.37
CA ALA D 33 -18.98 8.87 41.07
C ALA D 33 -19.58 9.41 42.36
N LYS D 34 -18.92 9.13 43.48
CA LYS D 34 -19.33 9.71 44.75
C LYS D 34 -18.85 11.14 44.94
N LEU D 35 -17.95 11.61 44.07
CA LEU D 35 -17.39 12.95 44.20
C LEU D 35 -18.26 13.96 43.44
N ARG D 36 -17.80 15.21 43.43
CA ARG D 36 -18.49 16.31 42.78
C ARG D 36 -17.51 17.09 41.92
N GLU D 37 -17.93 17.43 40.70
CA GLU D 37 -17.15 18.34 39.86
C GLU D 37 -17.82 19.70 39.85
N PRO D 38 -17.28 20.68 40.58
CA PRO D 38 -17.95 22.00 40.61
C PRO D 38 -17.81 22.76 39.30
N LEU D 39 -16.64 22.73 38.68
CA LEU D 39 -16.37 23.52 37.48
C LEU D 39 -16.82 22.72 36.26
N GLU D 40 -17.84 23.24 35.57
CA GLU D 40 -18.28 22.63 34.33
C GLU D 40 -17.20 22.76 33.27
N VAL D 41 -17.18 21.82 32.33
CA VAL D 41 -16.19 21.88 31.26
C VAL D 41 -16.39 23.15 30.46
N PRO D 42 -15.36 23.97 30.24
CA PRO D 42 -15.52 25.13 29.37
C PRO D 42 -15.84 24.69 27.95
N GLY D 43 -16.34 25.64 27.16
CA GLY D 43 -16.61 25.35 25.76
C GLY D 43 -15.37 24.82 25.07
N LEU D 44 -15.37 23.53 24.74
CA LEU D 44 -14.21 22.93 24.10
C LEU D 44 -13.90 23.58 22.76
N LEU D 45 -14.90 24.18 22.12
CA LEU D 45 -14.71 24.91 20.86
C LEU D 45 -14.13 26.30 21.07
N ASP D 46 -13.97 26.74 22.32
CA ASP D 46 -13.42 28.07 22.57
C ASP D 46 -11.97 28.19 22.15
N VAL D 47 -11.28 27.07 21.92
CA VAL D 47 -9.88 27.14 21.48
C VAL D 47 -9.79 27.82 20.12
N GLN D 48 -10.78 27.58 19.26
CA GLN D 48 -10.80 28.20 17.93
C GLN D 48 -11.47 29.56 17.94
N THR D 49 -12.56 29.72 18.70
CA THR D 49 -13.34 30.96 18.63
C THR D 49 -12.62 32.10 19.34
N ASP D 50 -12.08 31.86 20.53
CA ASP D 50 -11.44 32.93 21.28
C ASP D 50 -10.26 33.53 20.52
N SER D 51 -9.57 32.72 19.71
CA SER D 51 -8.43 33.24 18.97
C SER D 51 -8.88 34.11 17.80
N PHE D 52 -9.85 33.63 17.02
CA PHE D 52 -10.32 34.41 15.87
C PHE D 52 -11.08 35.65 16.32
N GLU D 53 -11.77 35.59 17.45
CA GLU D 53 -12.39 36.80 18.00
C GLU D 53 -11.34 37.78 18.50
N TRP D 54 -10.23 37.27 19.04
CA TRP D 54 -9.11 38.15 19.38
C TRP D 54 -8.46 38.72 18.13
N LEU D 55 -8.36 37.92 17.07
CA LEU D 55 -7.74 38.37 15.83
C LEU D 55 -8.53 39.54 15.23
N VAL D 56 -9.78 39.30 14.86
CA VAL D 56 -10.59 40.33 14.23
C VAL D 56 -10.88 41.49 15.19
N GLY D 57 -10.77 41.25 16.50
CA GLY D 57 -11.11 42.27 17.47
C GLY D 57 -12.61 42.43 17.65
N SER D 58 -13.30 41.31 17.81
CA SER D 58 -14.75 41.34 17.94
C SER D 58 -15.15 42.08 19.21
N ASP D 59 -16.38 42.62 19.20
CA ASP D 59 -16.89 43.30 20.37
C ASP D 59 -17.19 42.34 21.52
N ARG D 60 -17.32 41.04 21.23
CA ARG D 60 -17.46 40.07 22.31
C ARG D 60 -16.14 39.87 23.03
N TRP D 61 -15.03 39.81 22.29
CA TRP D 61 -13.72 39.83 22.92
C TRP D 61 -13.44 41.17 23.58
N ARG D 62 -14.07 42.24 23.07
CA ARG D 62 -14.00 43.53 23.74
C ARG D 62 -14.76 43.56 25.05
N GLN D 63 -15.60 42.55 25.31
CA GLN D 63 -16.23 42.38 26.60
C GLN D 63 -15.31 41.74 27.63
N ALA D 64 -14.12 41.30 27.21
CA ALA D 64 -13.12 40.84 28.16
C ALA D 64 -12.59 41.97 29.02
N ALA D 65 -12.79 43.21 28.60
CA ALA D 65 -12.45 44.38 29.39
C ALA D 65 -13.56 44.77 30.37
N ILE D 66 -14.69 44.07 30.35
CA ILE D 66 -15.73 44.31 31.33
C ILE D 66 -15.30 43.79 32.70
N ASP D 67 -14.85 42.54 32.76
CA ASP D 67 -14.11 42.04 33.92
C ASP D 67 -12.62 42.25 33.70
N ARG D 68 -12.27 43.52 33.52
CA ARG D 68 -11.07 43.90 32.77
C ARG D 68 -9.79 43.31 33.35
N GLY D 69 -8.76 43.33 32.50
CA GLY D 69 -7.38 43.10 32.89
C GLY D 69 -6.58 44.34 32.51
N GLU D 70 -5.63 44.18 31.60
CA GLU D 70 -5.02 45.35 30.98
C GLU D 70 -6.09 46.16 30.26
N GLU D 71 -6.17 47.45 30.58
CA GLU D 71 -7.32 48.26 30.18
C GLU D 71 -7.48 48.41 28.68
N ASN D 72 -6.46 48.10 27.88
CA ASN D 72 -6.51 48.38 26.46
C ASN D 72 -6.82 47.11 25.67
N PRO D 73 -7.94 47.05 24.94
CA PRO D 73 -8.25 45.93 24.04
C PRO D 73 -7.70 46.10 22.62
N VAL D 74 -6.39 45.94 22.48
CA VAL D 74 -5.73 46.11 21.19
C VAL D 74 -6.01 44.88 20.32
N GLY D 75 -6.44 45.13 19.08
CA GLY D 75 -6.73 44.04 18.18
C GLY D 75 -5.49 43.49 17.49
N GLY D 76 -5.60 42.24 17.03
CA GLY D 76 -4.48 41.62 16.35
C GLY D 76 -4.05 42.36 15.10
N LEU D 77 -5.02 42.67 14.23
CA LEU D 77 -4.71 43.46 13.04
C LEU D 77 -4.22 44.86 13.43
N GLU D 78 -4.85 45.47 14.44
CA GLU D 78 -4.41 46.78 14.90
C GLU D 78 -2.98 46.70 15.45
N GLU D 79 -2.68 45.66 16.22
CA GLU D 79 -1.33 45.50 16.75
C GLU D 79 -0.31 45.33 15.64
N VAL D 80 -0.65 44.56 14.60
CA VAL D 80 0.24 44.40 13.46
C VAL D 80 0.33 45.70 12.67
N LEU D 81 -0.80 46.39 12.50
CA LEU D 81 -0.79 47.65 11.75
C LEU D 81 -0.12 48.78 12.54
N ALA D 82 -0.25 48.75 13.87
CA ALA D 82 0.34 49.81 14.69
C ALA D 82 1.85 49.68 14.79
N GLU D 83 2.37 48.46 14.90
CA GLU D 83 3.81 48.28 15.02
C GLU D 83 4.53 48.66 13.72
N LEU D 84 3.89 48.44 12.57
CA LEU D 84 4.48 48.85 11.31
C LEU D 84 4.25 50.33 11.02
N SER D 85 3.18 50.90 11.56
CA SER D 85 2.85 52.29 11.30
C SER D 85 3.70 53.22 12.16
N PRO D 86 4.28 54.28 11.58
CA PRO D 86 4.26 54.48 10.13
C PRO D 86 5.50 53.90 9.46
N ILE D 87 5.39 53.59 8.17
CA ILE D 87 6.54 53.18 7.37
C ILE D 87 7.20 54.45 6.82
N GLU D 88 8.42 54.72 7.28
CA GLU D 88 9.10 55.98 7.00
C GLU D 88 10.17 55.76 5.93
N ASP D 89 9.97 56.38 4.77
CA ASP D 89 10.99 56.34 3.72
C ASP D 89 12.24 57.08 4.20
N PHE D 90 13.40 56.54 3.82
CA PHE D 90 14.66 57.09 4.33
C PHE D 90 14.90 58.51 3.83
N SER D 91 14.61 58.78 2.55
CA SER D 91 14.89 60.09 1.99
C SER D 91 13.98 61.15 2.60
N GLY D 92 12.67 60.99 2.46
CA GLY D 92 11.71 61.94 2.98
C GLY D 92 10.64 61.21 3.77
N SER D 93 10.05 61.89 4.74
CA SER D 93 9.04 61.28 5.58
C SER D 93 7.74 61.04 4.81
N MET D 94 7.13 59.89 5.06
CA MET D 94 5.86 59.52 4.47
C MET D 94 4.92 59.05 5.56
N SER D 95 3.72 59.62 5.60
CA SER D 95 2.71 59.27 6.61
C SER D 95 1.83 58.17 6.03
N LEU D 96 2.18 56.93 6.35
CA LEU D 96 1.42 55.76 5.91
C LEU D 96 0.73 55.06 7.06
N SER D 97 0.68 55.68 8.25
CA SER D 97 0.14 55.03 9.44
C SER D 97 -1.26 54.51 9.19
N PHE D 98 -1.48 53.24 9.51
CA PHE D 98 -2.78 52.59 9.37
C PHE D 98 -3.42 52.39 10.74
N SER D 99 -4.73 52.59 10.81
CA SER D 99 -5.45 52.39 12.06
C SER D 99 -6.93 52.19 11.77
N ASP D 100 -7.62 51.58 12.72
CA ASP D 100 -9.07 51.34 12.65
C ASP D 100 -9.45 50.65 11.35
N PRO D 101 -9.13 49.36 11.19
CA PRO D 101 -9.55 48.65 9.98
C PRO D 101 -11.05 48.41 9.99
N ARG D 102 -11.63 48.36 8.79
CA ARG D 102 -13.07 48.24 8.61
C ARG D 102 -13.42 46.85 8.09
N PHE D 103 -14.60 46.38 8.49
CA PHE D 103 -15.15 45.12 8.05
C PHE D 103 -16.49 45.35 7.37
N ASP D 104 -16.87 44.44 6.48
CA ASP D 104 -18.19 44.42 5.89
C ASP D 104 -18.87 43.10 6.24
N GLU D 105 -20.20 43.13 6.29
CA GLU D 105 -20.94 41.90 6.58
C GLU D 105 -20.56 40.81 5.59
N VAL D 106 -20.55 39.57 6.07
CA VAL D 106 -20.09 38.45 5.26
C VAL D 106 -20.89 38.41 3.96
N LYS D 107 -20.18 38.20 2.85
CA LYS D 107 -20.81 38.19 1.53
C LYS D 107 -22.00 37.24 1.48
N ALA D 108 -21.76 35.97 1.74
CA ALA D 108 -22.79 34.95 1.62
C ALA D 108 -22.73 34.01 2.82
N SER D 109 -23.81 33.24 2.99
CA SER D 109 -23.89 32.30 4.08
C SER D 109 -23.04 31.05 3.79
N VAL D 110 -22.76 30.29 4.85
CA VAL D 110 -21.93 29.10 4.70
C VAL D 110 -22.57 28.11 3.74
N ASP D 111 -23.90 28.02 3.73
CA ASP D 111 -24.56 27.14 2.77
C ASP D 111 -24.36 27.62 1.34
N GLU D 112 -24.43 28.93 1.11
CA GLU D 112 -24.17 29.46 -0.22
C GLU D 112 -22.71 29.27 -0.63
N CYS D 113 -21.78 29.49 0.30
CA CYS D 113 -20.37 29.33 -0.02
C CYS D 113 -20.01 27.87 -0.29
N LYS D 114 -20.60 26.94 0.47
CA LYS D 114 -20.35 25.53 0.20
C LYS D 114 -21.07 25.06 -1.06
N ASP D 115 -22.23 25.63 -1.36
CA ASP D 115 -22.96 25.23 -2.56
C ASP D 115 -22.32 25.80 -3.81
N LYS D 116 -21.96 27.08 -3.78
CA LYS D 116 -21.39 27.78 -4.93
C LYS D 116 -19.88 27.63 -5.01
N ASP D 117 -19.26 26.87 -4.11
CA ASP D 117 -17.83 26.57 -4.10
C ASP D 117 -16.97 27.80 -3.80
N MET D 118 -17.56 28.93 -3.43
CA MET D 118 -16.77 30.10 -3.06
C MET D 118 -16.33 29.99 -1.60
N THR D 119 -15.57 30.98 -1.15
CA THR D 119 -15.01 31.00 0.19
C THR D 119 -15.80 31.93 1.10
N TYR D 120 -15.99 31.49 2.35
CA TYR D 120 -16.67 32.30 3.36
C TYR D 120 -15.70 33.36 3.85
N ALA D 121 -15.97 34.62 3.50
CA ALA D 121 -15.04 35.70 3.81
C ALA D 121 -15.80 37.01 3.95
N ALA D 122 -15.22 37.92 4.74
CA ALA D 122 -15.72 39.28 4.88
C ALA D 122 -14.68 40.25 4.34
N PRO D 123 -14.99 41.03 3.29
CA PRO D 123 -13.97 41.92 2.72
C PRO D 123 -13.53 42.97 3.72
N LEU D 124 -12.22 43.15 3.83
CA LEU D 124 -11.62 44.07 4.78
C LEU D 124 -10.79 45.11 4.03
N PHE D 125 -11.03 46.39 4.31
CA PHE D 125 -10.27 47.49 3.73
C PHE D 125 -9.74 48.37 4.85
N VAL D 126 -8.44 48.68 4.80
CA VAL D 126 -7.85 49.56 5.78
C VAL D 126 -8.35 50.99 5.55
N THR D 127 -8.69 51.67 6.64
CA THR D 127 -9.29 53.00 6.58
C THR D 127 -8.26 54.12 6.58
N ALA D 128 -6.97 53.81 6.46
CA ALA D 128 -5.94 54.83 6.46
C ALA D 128 -5.03 54.68 5.25
N ILE D 138 1.30 60.87 2.46
CA ILE D 138 0.40 61.70 3.25
C ILE D 138 -0.77 62.20 2.43
N LYS D 139 -1.72 61.31 2.13
CA LYS D 139 -2.86 61.67 1.29
C LYS D 139 -4.19 61.30 1.95
N SER D 140 -4.19 60.22 2.73
CA SER D 140 -5.41 59.74 3.39
C SER D 140 -6.47 59.31 2.39
N GLN D 141 -6.13 58.29 1.61
CA GLN D 141 -7.07 57.62 0.71
C GLN D 141 -7.26 56.19 1.22
N THR D 142 -8.46 55.89 1.72
CA THR D 142 -8.74 54.57 2.27
C THR D 142 -8.59 53.51 1.19
N VAL D 143 -7.90 52.42 1.53
CA VAL D 143 -7.53 51.40 0.58
C VAL D 143 -8.18 50.07 0.91
N PHE D 144 -8.59 49.34 -0.12
CA PHE D 144 -9.10 47.99 0.00
C PHE D 144 -7.95 46.99 -0.01
N MET D 145 -8.13 45.89 0.71
CA MET D 145 -7.09 44.88 0.86
C MET D 145 -7.46 43.55 0.21
N GLY D 146 -8.61 42.99 0.55
CA GLY D 146 -9.03 41.74 -0.05
C GLY D 146 -10.04 41.03 0.82
N ASP D 147 -10.55 39.92 0.27
CA ASP D 147 -11.53 39.10 0.98
C ASP D 147 -10.86 38.42 2.16
N PHE D 148 -11.34 38.71 3.37
CA PHE D 148 -10.76 38.16 4.58
C PHE D 148 -11.60 37.00 5.07
N PRO D 149 -11.09 35.78 5.06
CA PRO D 149 -11.91 34.63 5.49
C PRO D 149 -12.37 34.77 6.93
N MET D 150 -13.51 34.15 7.23
CA MET D 150 -14.13 34.23 8.54
C MET D 150 -14.37 32.83 9.09
N MET D 151 -14.40 32.72 10.41
CA MET D 151 -14.65 31.46 11.10
C MET D 151 -16.12 31.37 11.49
N THR D 152 -16.69 30.18 11.33
CA THR D 152 -18.10 29.97 11.60
C THR D 152 -18.32 29.73 13.09
N GLU D 153 -19.56 29.39 13.47
CA GLU D 153 -19.85 29.08 14.86
C GLU D 153 -19.25 27.74 15.28
N LYS D 154 -19.12 26.81 14.34
CA LYS D 154 -18.47 25.53 14.64
C LYS D 154 -16.96 25.66 14.74
N GLY D 155 -16.40 26.85 14.52
CA GLY D 155 -14.97 27.02 14.56
C GLY D 155 -14.24 26.57 13.31
N THR D 156 -14.92 26.60 12.16
CA THR D 156 -14.35 26.12 10.91
C THR D 156 -14.33 27.24 9.87
N PHE D 157 -13.50 27.06 8.86
CA PHE D 157 -13.40 27.99 7.73
C PHE D 157 -13.88 27.30 6.47
N ILE D 158 -14.65 28.03 5.66
CA ILE D 158 -15.01 27.59 4.32
C ILE D 158 -14.06 28.26 3.35
N ILE D 159 -13.14 27.48 2.78
CA ILE D 159 -12.16 27.97 1.83
C ILE D 159 -12.40 27.24 0.52
N ASN D 160 -12.94 27.95 -0.47
CA ASN D 160 -13.26 27.36 -1.77
C ASN D 160 -14.30 26.25 -1.61
N GLY D 161 -15.34 26.53 -0.82
CA GLY D 161 -16.44 25.61 -0.64
C GLY D 161 -16.16 24.40 0.22
N THR D 162 -14.96 24.27 0.78
CA THR D 162 -14.59 23.14 1.61
C THR D 162 -14.42 23.60 3.05
N GLU D 163 -15.00 22.85 3.98
CA GLU D 163 -14.94 23.18 5.40
C GLU D 163 -13.57 22.78 5.96
N ARG D 164 -12.80 23.75 6.43
CA ARG D 164 -11.45 23.53 6.90
C ARG D 164 -11.31 23.89 8.37
N VAL D 165 -10.33 23.27 9.02
CA VAL D 165 -10.01 23.55 10.42
C VAL D 165 -8.52 23.84 10.51
N VAL D 166 -8.17 24.93 11.19
CA VAL D 166 -6.78 25.31 11.38
C VAL D 166 -6.30 24.74 12.71
N VAL D 167 -5.38 23.77 12.64
CA VAL D 167 -4.84 23.18 13.87
C VAL D 167 -3.98 24.21 14.58
N SER D 168 -3.71 23.96 15.85
CA SER D 168 -2.82 24.80 16.64
C SER D 168 -1.43 24.19 16.66
N GLN D 169 -0.40 25.04 16.58
CA GLN D 169 0.99 24.60 16.53
C GLN D 169 1.66 24.88 17.86
N LEU D 170 2.57 23.99 18.25
CA LEU D 170 3.28 24.09 19.52
C LEU D 170 4.78 24.19 19.24
N VAL D 171 5.33 25.39 19.43
CA VAL D 171 6.77 25.60 19.34
C VAL D 171 7.27 26.08 20.69
N ARG D 172 8.58 26.33 20.80
CA ARG D 172 9.14 26.81 22.05
C ARG D 172 9.18 28.34 22.07
N PHE D 364 9.78 21.17 26.96
CA PHE D 364 8.70 20.68 27.80
C PHE D 364 8.08 21.83 28.60
N GLY D 365 8.93 22.65 29.20
CA GLY D 365 8.44 23.76 30.00
C GLY D 365 7.89 24.90 29.16
N ASN D 366 8.41 25.08 27.94
CA ASN D 366 7.99 26.16 27.06
C ASN D 366 6.89 25.66 26.13
N ARG D 367 5.69 26.19 26.29
CA ARG D 367 4.54 25.82 25.46
C ARG D 367 4.06 27.09 24.76
N ARG D 368 4.41 27.24 23.48
CA ARG D 368 3.97 28.41 22.73
C ARG D 368 2.50 28.31 22.39
N LEU D 369 2.07 27.17 21.87
CA LEU D 369 0.67 26.92 21.53
C LEU D 369 0.14 28.01 20.60
N ARG D 370 0.70 28.07 19.39
CA ARG D 370 0.21 29.05 18.42
C ARG D 370 -1.27 28.82 18.16
N THR D 371 -2.11 29.76 18.56
CA THR D 371 -3.53 29.63 18.32
C THR D 371 -3.88 30.17 16.94
N VAL D 372 -5.02 29.70 16.42
CA VAL D 372 -5.35 29.93 15.01
C VAL D 372 -5.21 31.41 14.66
N GLY D 373 -5.87 32.28 15.42
CA GLY D 373 -5.81 33.70 15.11
C GLY D 373 -4.40 34.26 15.19
N GLU D 374 -3.61 33.79 16.17
CA GLU D 374 -2.25 34.31 16.32
C GLU D 374 -1.36 33.84 15.18
N LEU D 375 -1.50 32.58 14.76
CA LEU D 375 -0.73 32.11 13.61
C LEU D 375 -1.28 32.63 12.29
N ILE D 376 -2.55 33.06 12.28
CA ILE D 376 -3.06 33.78 11.12
C ILE D 376 -2.40 35.15 11.01
N GLN D 377 -2.27 35.86 12.13
CA GLN D 377 -1.68 37.19 12.11
C GLN D 377 -0.24 37.15 11.62
N ASN D 378 0.51 36.11 12.00
CA ASN D 378 1.91 36.02 11.59
C ASN D 378 2.05 35.94 10.07
N GLN D 379 1.09 35.32 9.40
CA GLN D 379 1.13 35.26 7.94
C GLN D 379 0.74 36.60 7.32
N ILE D 380 -0.06 37.40 8.02
CA ILE D 380 -0.40 38.73 7.52
C ILE D 380 0.81 39.67 7.60
N ARG D 381 1.69 39.45 8.58
CA ARG D 381 2.90 40.25 8.68
C ARG D 381 3.72 40.17 7.40
N VAL D 382 3.94 38.96 6.89
CA VAL D 382 4.75 38.80 5.69
C VAL D 382 4.06 39.46 4.49
N GLY D 383 2.74 39.33 4.40
CA GLY D 383 2.02 39.97 3.30
C GLY D 383 2.06 41.48 3.36
N LEU D 384 2.04 42.05 4.57
CA LEU D 384 2.10 43.50 4.69
C LEU D 384 3.53 44.01 4.54
N SER D 385 4.51 43.30 5.11
CA SER D 385 5.89 43.75 5.03
C SER D 385 6.39 43.73 3.59
N ARG D 386 6.15 42.64 2.88
CA ARG D 386 6.54 42.57 1.48
C ARG D 386 5.75 43.54 0.61
N MET D 387 4.57 43.98 1.08
CA MET D 387 3.85 45.04 0.38
C MET D 387 4.48 46.41 0.64
N GLU D 388 4.99 46.63 1.86
CA GLU D 388 5.63 47.90 2.17
C GLU D 388 6.97 48.05 1.46
N ARG D 389 7.63 46.94 1.14
CA ARG D 389 8.89 47.02 0.39
C ARG D 389 8.66 47.62 -0.99
N VAL D 390 7.48 47.42 -1.57
CA VAL D 390 7.19 48.00 -2.88
C VAL D 390 6.86 49.49 -2.75
N VAL D 391 6.21 49.90 -1.66
CA VAL D 391 5.87 51.31 -1.48
C VAL D 391 7.12 52.16 -1.30
N ARG D 392 8.23 51.56 -0.88
CA ARG D 392 9.49 52.30 -0.77
C ARG D 392 10.11 52.55 -2.15
N GLU D 393 10.16 51.51 -2.99
CA GLU D 393 10.87 51.60 -4.26
C GLU D 393 10.07 52.37 -5.30
N ARG D 394 8.82 51.98 -5.54
CA ARG D 394 8.02 52.52 -6.63
C ARG D 394 7.55 53.95 -6.37
N MET D 395 7.69 54.48 -5.16
CA MET D 395 7.34 55.87 -4.90
C MET D 395 8.46 56.81 -5.31
N THR D 396 9.68 56.32 -5.49
CA THR D 396 10.81 57.17 -5.80
C THR D 396 10.88 57.53 -7.29
N THR D 397 10.61 56.56 -8.15
CA THR D 397 10.76 56.80 -9.59
C THR D 397 9.82 57.90 -10.06
N GLN D 398 8.55 57.84 -9.63
CA GLN D 398 7.58 58.85 -10.03
C GLN D 398 7.72 60.09 -9.16
N ASP D 399 7.56 61.26 -9.79
CA ASP D 399 7.66 62.52 -9.07
C ASP D 399 6.55 62.64 -8.04
N VAL D 400 6.76 63.56 -7.09
CA VAL D 400 5.83 63.73 -5.97
C VAL D 400 4.55 64.40 -6.44
N GLU D 401 3.51 64.35 -5.61
CA GLU D 401 2.22 64.96 -5.88
C GLU D 401 1.43 64.15 -6.91
N ALA D 402 2.08 63.16 -7.50
CA ALA D 402 1.40 62.10 -8.23
C ALA D 402 1.33 60.82 -7.42
N ILE D 403 1.74 60.88 -6.15
CA ILE D 403 1.86 59.71 -5.30
C ILE D 403 0.81 59.79 -4.19
N THR D 404 0.16 58.67 -3.93
CA THR D 404 -0.72 58.49 -2.80
C THR D 404 -0.57 57.05 -2.32
N PRO D 405 -0.78 56.80 -1.03
CA PRO D 405 -0.69 55.42 -0.52
C PRO D 405 -1.55 54.46 -1.33
N GLN D 406 -2.58 54.99 -1.98
CA GLN D 406 -3.50 54.14 -2.73
C GLN D 406 -2.87 53.65 -4.03
N THR D 407 -2.48 54.58 -4.91
CA THR D 407 -2.03 54.19 -6.25
C THR D 407 -0.80 53.30 -6.19
N LEU D 408 0.11 53.55 -5.25
CA LEU D 408 1.36 52.80 -5.22
C LEU D 408 1.20 51.43 -4.59
N ILE D 409 0.39 51.33 -3.53
CA ILE D 409 0.21 50.05 -2.84
C ILE D 409 -0.53 49.08 -3.76
N ASN D 410 0.14 48.01 -4.15
CA ASN D 410 -0.50 46.87 -4.79
C ASN D 410 -0.73 45.81 -3.74
N ILE D 411 -2.01 45.52 -3.46
CA ILE D 411 -2.37 44.64 -2.35
C ILE D 411 -2.18 43.17 -2.67
N ARG D 412 -1.67 42.84 -3.86
CA ARG D 412 -1.48 41.44 -4.24
C ARG D 412 -0.70 40.63 -3.22
N PRO D 413 0.46 41.08 -2.73
CA PRO D 413 1.18 40.28 -1.72
C PRO D 413 0.39 40.06 -0.45
N VAL D 414 -0.50 40.97 -0.10
CA VAL D 414 -1.31 40.80 1.10
C VAL D 414 -2.39 39.76 0.86
N VAL D 415 -3.13 39.89 -0.23
CA VAL D 415 -4.20 38.94 -0.53
C VAL D 415 -3.62 37.59 -0.96
N ALA D 416 -2.40 37.59 -1.50
CA ALA D 416 -1.79 36.33 -1.89
C ALA D 416 -1.34 35.53 -0.67
N ALA D 417 -0.87 36.21 0.38
CA ALA D 417 -0.41 35.52 1.58
C ALA D 417 -1.54 34.74 2.22
N ILE D 418 -2.69 35.39 2.43
CA ILE D 418 -3.83 34.69 3.02
C ILE D 418 -4.38 33.65 2.07
N LYS D 419 -4.39 33.95 0.77
CA LYS D 419 -4.80 32.94 -0.20
C LYS D 419 -3.79 31.79 -0.26
N GLU D 420 -2.51 32.10 -0.08
CA GLU D 420 -1.48 31.07 -0.06
C GLU D 420 -1.42 30.30 1.25
N PHE D 421 -2.01 30.83 2.32
CA PHE D 421 -1.95 30.16 3.61
C PHE D 421 -2.92 28.98 3.68
N PHE D 422 -4.22 29.25 3.57
CA PHE D 422 -5.20 28.18 3.69
C PHE D 422 -5.00 27.11 2.64
N GLY D 423 -4.49 27.48 1.47
CA GLY D 423 -4.34 26.54 0.37
C GLY D 423 -3.10 25.67 0.45
N THR D 424 -1.99 26.24 0.94
CA THR D 424 -0.72 25.54 0.94
C THR D 424 -0.19 25.17 2.32
N SER D 425 -0.72 25.78 3.39
CA SER D 425 -0.18 25.52 4.72
C SER D 425 -0.52 24.12 5.19
N GLN D 426 0.45 23.49 5.87
CA GLN D 426 0.19 22.19 6.49
C GLN D 426 -0.77 22.30 7.67
N LEU D 427 -0.79 23.46 8.34
CA LEU D 427 -1.68 23.65 9.47
C LEU D 427 -3.14 23.77 9.04
N SER D 428 -3.40 24.38 7.89
CA SER D 428 -4.75 24.44 7.33
C SER D 428 -5.11 23.05 6.79
N GLN D 429 -6.03 22.36 7.45
CA GLN D 429 -6.32 20.97 7.16
C GLN D 429 -7.76 20.79 6.71
N PHE D 430 -7.95 19.89 5.75
CA PHE D 430 -9.28 19.43 5.37
C PHE D 430 -9.96 18.80 6.58
N MET D 431 -11.09 19.37 6.99
CA MET D 431 -11.75 18.90 8.19
C MET D 431 -12.18 17.45 8.05
N ASP D 432 -11.92 16.66 9.08
CA ASP D 432 -12.30 15.25 9.13
C ASP D 432 -13.57 15.13 9.97
N GLN D 433 -14.69 14.80 9.32
CA GLN D 433 -15.96 14.60 10.02
C GLN D 433 -16.73 13.48 9.35
N ASN D 434 -16.55 12.26 9.88
CA ASN D 434 -17.51 11.18 9.71
C ASN D 434 -18.38 11.00 10.93
N ASN D 435 -18.06 11.68 12.03
CA ASN D 435 -18.87 11.73 13.23
C ASN D 435 -18.57 13.03 13.95
N PRO D 436 -19.52 13.53 14.75
CA PRO D 436 -19.27 14.80 15.45
C PRO D 436 -18.01 14.80 16.30
N LEU D 437 -17.62 13.65 16.85
CA LEU D 437 -16.44 13.60 17.71
C LEU D 437 -15.16 13.78 16.91
N SER D 438 -15.10 13.19 15.71
CA SER D 438 -13.90 13.31 14.89
C SER D 438 -13.61 14.78 14.55
N GLY D 439 -14.64 15.52 14.14
CA GLY D 439 -14.45 16.94 13.88
C GLY D 439 -14.14 17.73 15.13
N LEU D 440 -14.71 17.33 16.27
CA LEU D 440 -14.41 18.00 17.53
C LEU D 440 -12.98 17.76 17.96
N THR D 441 -12.45 16.56 17.70
CA THR D 441 -11.07 16.24 18.05
C THR D 441 -10.08 16.60 16.95
N HIS D 442 -10.54 16.80 15.71
CA HIS D 442 -9.68 17.43 14.72
C HIS D 442 -9.35 18.86 15.14
N LYS D 443 -10.38 19.61 15.53
CA LYS D 443 -10.14 20.79 16.34
C LYS D 443 -9.59 20.37 17.69
N ARG D 444 -8.89 21.29 18.34
CA ARG D 444 -8.24 21.02 19.62
C ARG D 444 -7.00 20.14 19.44
N ARG D 445 -6.78 19.62 18.23
CA ARG D 445 -5.55 18.91 17.95
C ARG D 445 -4.42 19.91 17.78
N LEU D 446 -3.20 19.45 18.04
CA LEU D 446 -2.06 20.35 17.99
C LEU D 446 -0.82 19.61 17.51
N LEU D 447 0.00 20.31 16.73
CA LEU D 447 1.25 19.77 16.23
C LEU D 447 2.37 20.14 17.20
N ALA D 448 3.08 19.12 17.70
CA ALA D 448 4.09 19.32 18.72
C ALA D 448 5.49 19.50 18.16
N LEU D 449 5.66 19.50 16.84
CA LEU D 449 6.97 19.67 16.25
C LEU D 449 7.49 21.09 16.49
N GLY D 450 8.70 21.19 17.02
CA GLY D 450 9.30 22.49 17.30
C GLY D 450 10.70 22.63 16.73
N VAL D 466 7.19 13.01 26.44
CA VAL D 466 6.53 12.96 27.74
C VAL D 466 7.28 13.80 28.76
N HIS D 467 6.55 14.41 29.68
CA HIS D 467 7.15 15.25 30.72
C HIS D 467 6.10 15.59 31.78
N PRO D 468 6.51 16.19 32.90
CA PRO D 468 5.51 16.61 33.89
C PRO D 468 4.62 17.73 33.40
N SER D 469 5.14 18.62 32.55
CA SER D 469 4.32 19.71 32.02
C SER D 469 3.26 19.20 31.05
N HIS D 470 3.54 18.08 30.37
CA HIS D 470 2.56 17.50 29.47
C HIS D 470 1.34 16.96 30.23
N TYR D 471 1.51 16.63 31.51
CA TYR D 471 0.38 16.25 32.34
C TYR D 471 -0.53 17.44 32.57
N GLY D 472 -1.80 17.31 32.19
CA GLY D 472 -2.77 18.36 32.41
C GLY D 472 -2.81 19.45 31.36
N ARG D 473 -1.94 19.40 30.36
CA ARG D 473 -1.95 20.39 29.28
C ARG D 473 -2.28 19.75 27.93
N MET D 474 -1.51 18.76 27.50
CA MET D 474 -1.74 18.10 26.21
C MET D 474 -1.41 16.62 26.38
N CYS D 475 -2.42 15.78 26.22
CA CYS D 475 -2.26 14.36 26.51
C CYS D 475 -1.54 13.65 25.37
N PRO D 476 -0.41 12.99 25.62
CA PRO D 476 0.13 12.04 24.64
C PRO D 476 -0.71 10.79 24.48
N ILE D 477 -1.84 10.70 25.20
CA ILE D 477 -2.67 9.50 25.15
C ILE D 477 -3.39 9.37 23.81
N GLU D 478 -3.73 10.49 23.16
CA GLU D 478 -4.45 10.44 21.90
C GLU D 478 -3.54 10.69 20.70
N THR D 479 -2.24 10.52 20.86
CA THR D 479 -1.34 10.59 19.73
C THR D 479 -1.63 9.43 18.77
N PRO D 480 -1.50 9.66 17.47
CA PRO D 480 -1.79 8.59 16.51
C PRO D 480 -0.86 7.39 16.70
N GLU D 481 -1.35 6.24 16.26
CA GLU D 481 -0.60 4.99 16.37
C GLU D 481 0.45 4.84 15.28
N GLY D 482 0.54 5.78 14.35
CA GLY D 482 1.50 5.71 13.27
C GLY D 482 2.86 6.24 13.66
N PRO D 483 3.71 6.49 12.65
CA PRO D 483 5.06 6.99 12.94
C PRO D 483 5.10 8.41 13.48
N ASN D 484 4.01 9.17 13.37
CA ASN D 484 3.96 10.54 13.87
C ASN D 484 3.67 10.63 15.36
N ILE D 485 3.76 9.51 16.10
CA ILE D 485 3.49 9.54 17.52
C ILE D 485 4.48 10.46 18.22
N GLY D 486 3.96 11.35 19.08
CA GLY D 486 4.75 12.31 19.80
C GLY D 486 4.68 13.71 19.21
N LEU D 487 4.50 13.83 17.89
CA LEU D 487 4.37 15.12 17.24
C LEU D 487 2.94 15.63 17.20
N ILE D 488 1.96 14.79 17.49
CA ILE D 488 0.55 15.13 17.34
C ILE D 488 -0.19 14.72 18.60
N GLY D 489 -0.93 15.67 19.18
CA GLY D 489 -1.71 15.39 20.37
C GLY D 489 -2.92 16.30 20.42
N SER D 490 -3.91 15.87 21.19
CA SER D 490 -5.15 16.62 21.37
C SER D 490 -5.12 17.36 22.70
N LEU D 491 -5.82 18.49 22.74
CA LEU D 491 -5.86 19.31 23.96
C LEU D 491 -6.65 18.60 25.05
N SER D 492 -6.25 18.85 26.29
CA SER D 492 -6.95 18.26 27.43
C SER D 492 -8.35 18.86 27.56
N VAL D 493 -9.18 18.22 28.37
CA VAL D 493 -10.59 18.60 28.47
C VAL D 493 -10.72 20.01 29.04
N TYR D 494 -10.06 20.27 30.17
CA TYR D 494 -10.22 21.52 30.89
C TYR D 494 -9.12 22.53 30.59
N ALA D 495 -8.26 22.25 29.63
CA ALA D 495 -7.15 23.15 29.33
C ALA D 495 -7.66 24.49 28.81
N ARG D 496 -7.10 25.57 29.34
CA ARG D 496 -7.39 26.92 28.87
C ARG D 496 -6.10 27.56 28.37
N VAL D 497 -6.23 28.43 27.37
CA VAL D 497 -5.09 29.06 26.72
C VAL D 497 -4.97 30.50 27.20
N ASN D 498 -3.77 30.86 27.67
CA ASN D 498 -3.52 32.23 28.06
C ASN D 498 -3.29 33.11 26.83
N PRO D 499 -3.57 34.40 26.93
CA PRO D 499 -3.45 35.27 25.74
C PRO D 499 -2.08 35.24 25.10
N PHE D 500 -1.01 35.01 25.87
CA PHE D 500 0.34 34.96 25.33
C PHE D 500 0.70 33.62 24.70
N GLY D 501 -0.18 32.62 24.82
CA GLY D 501 0.06 31.31 24.27
C GLY D 501 0.29 30.21 25.29
N PHE D 502 0.54 30.58 26.55
CA PHE D 502 0.76 29.57 27.58
C PHE D 502 -0.51 28.78 27.85
N ILE D 503 -0.33 27.48 28.11
CA ILE D 503 -1.45 26.60 28.41
C ILE D 503 -1.71 26.62 29.91
N GLU D 504 -2.90 27.07 30.30
CA GLU D 504 -3.27 27.23 31.70
C GLU D 504 -4.16 26.08 32.13
N THR D 505 -3.71 25.32 33.12
CA THR D 505 -4.51 24.23 33.69
C THR D 505 -5.33 24.76 34.87
N PRO D 506 -6.61 24.44 34.96
CA PRO D 506 -7.39 24.87 36.12
C PRO D 506 -7.15 23.97 37.32
N TYR D 507 -7.25 24.56 38.50
CA TYR D 507 -7.06 23.82 39.74
C TYR D 507 -7.51 24.69 40.90
N ARG D 508 -7.54 24.08 42.09
CA ARG D 508 -8.01 24.72 43.30
C ARG D 508 -6.87 24.71 44.32
N LYS D 509 -6.43 25.90 44.73
CA LYS D 509 -5.30 26.00 45.66
C LYS D 509 -5.62 25.27 46.96
N VAL D 510 -4.61 24.56 47.47
CA VAL D 510 -4.77 23.80 48.72
C VAL D 510 -4.09 24.51 49.88
N VAL D 515 -8.19 22.87 50.84
CA VAL D 515 -8.78 22.86 49.51
C VAL D 515 -9.66 24.09 49.29
N THR D 516 -9.06 25.16 48.78
CA THR D 516 -9.80 26.39 48.54
C THR D 516 -10.80 26.18 47.40
N ASP D 517 -11.91 26.91 47.49
CA ASP D 517 -12.97 26.79 46.49
C ASP D 517 -12.68 27.56 45.21
N GLN D 518 -11.78 28.54 45.26
CA GLN D 518 -11.45 29.32 44.09
C GLN D 518 -10.62 28.50 43.11
N ILE D 519 -10.79 28.80 41.82
CA ILE D 519 -10.07 28.14 40.75
C ILE D 519 -9.17 29.14 40.05
N ASP D 520 -7.87 28.86 40.03
CA ASP D 520 -6.88 29.72 39.40
C ASP D 520 -6.16 28.97 38.28
N TYR D 521 -5.54 29.74 37.39
CA TYR D 521 -4.84 29.17 36.24
C TYR D 521 -3.48 28.63 36.68
N LEU D 522 -3.27 27.34 36.47
CA LEU D 522 -1.99 26.71 36.77
C LEU D 522 -1.12 26.66 35.52
N THR D 523 0.16 26.93 35.68
CA THR D 523 1.12 26.93 34.58
C THR D 523 2.53 26.82 35.17
N ALA D 524 3.53 27.04 34.33
CA ALA D 524 4.90 27.06 34.82
C ALA D 524 5.09 28.14 35.89
N ASP D 525 4.36 29.24 35.79
CA ASP D 525 4.39 30.24 36.85
C ASP D 525 3.81 29.68 38.14
N GLU D 526 2.73 28.89 38.03
CA GLU D 526 2.19 28.18 39.17
C GLU D 526 2.99 26.94 39.54
N GLU D 527 3.90 26.51 38.67
CA GLU D 527 4.80 25.41 38.99
C GLU D 527 5.91 25.84 39.94
N ASP D 528 6.22 27.13 40.01
CA ASP D 528 7.20 27.61 40.98
C ASP D 528 6.73 27.31 42.39
N ARG D 529 5.55 27.82 42.77
CA ARG D 529 4.92 27.52 44.05
C ARG D 529 3.85 26.47 43.79
N HIS D 530 4.19 25.21 44.02
CA HIS D 530 3.30 24.08 43.76
C HIS D 530 2.99 23.39 45.09
N VAL D 531 1.73 23.47 45.51
CA VAL D 531 1.30 22.86 46.75
C VAL D 531 0.58 21.55 46.49
N MET D 570 -3.82 21.50 45.16
CA MET D 570 -4.81 20.48 44.82
C MET D 570 -5.28 20.63 43.38
N ASP D 571 -5.39 19.50 42.68
CA ASP D 571 -5.85 19.53 41.30
C ASP D 571 -7.33 19.88 41.23
N VAL D 572 -7.75 20.34 40.05
CA VAL D 572 -9.14 20.74 39.87
C VAL D 572 -10.07 19.54 39.87
N SER D 573 -9.73 18.49 39.12
CA SER D 573 -10.58 17.32 39.01
C SER D 573 -9.82 16.17 38.37
N PRO D 574 -10.37 14.97 38.37
CA PRO D 574 -9.76 13.87 37.62
C PRO D 574 -9.83 14.13 36.12
N ARG D 575 -9.20 13.25 35.35
CA ARG D 575 -9.17 13.31 33.89
C ARG D 575 -8.65 14.65 33.37
N GLN D 576 -7.89 15.39 34.20
CA GLN D 576 -7.25 16.62 33.71
C GLN D 576 -6.35 16.31 32.52
N MET D 577 -5.55 15.25 32.62
CA MET D 577 -4.66 14.84 31.53
C MET D 577 -5.37 14.01 30.47
N VAL D 578 -6.68 13.84 30.56
CA VAL D 578 -7.44 13.02 29.64
C VAL D 578 -8.24 13.94 28.71
N SER D 579 -8.21 13.63 27.42
CA SER D 579 -8.93 14.43 26.43
C SER D 579 -10.38 13.95 26.32
N VAL D 580 -11.12 14.55 25.40
CA VAL D 580 -12.53 14.20 25.23
C VAL D 580 -12.68 12.78 24.70
N ALA D 581 -11.94 12.45 23.63
CA ALA D 581 -12.04 11.13 23.05
C ALA D 581 -11.67 10.05 24.06
N THR D 582 -10.65 10.31 24.88
CA THR D 582 -10.21 9.34 25.87
C THR D 582 -11.13 9.30 27.09
N ALA D 583 -11.74 10.42 27.44
CA ALA D 583 -12.63 10.48 28.60
C ALA D 583 -13.96 9.80 28.37
N MET D 584 -14.26 9.38 27.14
CA MET D 584 -15.51 8.71 26.82
C MET D 584 -15.40 7.20 26.85
N ILE D 585 -14.25 6.67 27.28
CA ILE D 585 -14.02 5.23 27.36
C ILE D 585 -14.34 4.79 28.80
N PRO D 586 -15.38 4.00 29.02
CA PRO D 586 -15.66 3.53 30.38
C PRO D 586 -14.60 2.56 30.85
N PHE D 587 -14.31 2.62 32.15
CA PHE D 587 -13.25 1.81 32.75
C PHE D 587 -11.91 2.09 32.08
N LEU D 588 -11.60 3.37 31.91
CA LEU D 588 -10.35 3.76 31.26
C LEU D 588 -9.14 3.36 32.10
N GLU D 589 -9.27 3.38 33.43
CA GLU D 589 -8.13 3.09 34.29
C GLU D 589 -7.66 1.64 34.19
N HIS D 590 -8.52 0.73 33.72
CA HIS D 590 -8.14 -0.68 33.68
C HIS D 590 -7.36 -1.04 32.43
N ASP D 591 -7.71 -0.44 31.29
CA ASP D 591 -7.04 -0.78 30.05
C ASP D 591 -5.64 -0.16 29.99
N ASP D 592 -4.81 -0.73 29.14
CA ASP D 592 -3.45 -0.22 28.96
C ASP D 592 -3.47 1.06 28.14
N ALA D 593 -2.41 1.85 28.28
CA ALA D 593 -2.32 3.11 27.55
C ALA D 593 -2.39 2.89 26.05
N ASN D 594 -1.82 1.78 25.55
CA ASN D 594 -1.95 1.46 24.13
C ASN D 594 -3.40 1.23 23.75
N ARG D 595 -4.07 0.31 24.44
CA ARG D 595 -5.47 0.06 24.16
C ARG D 595 -6.33 1.30 24.42
N ALA D 596 -5.95 2.11 25.40
CA ALA D 596 -6.67 3.37 25.61
C ALA D 596 -6.44 4.33 24.45
N LEU D 597 -5.22 4.34 23.91
CA LEU D 597 -4.92 5.18 22.75
C LEU D 597 -5.71 4.71 21.53
N MET D 598 -5.64 3.41 21.23
CA MET D 598 -6.37 2.88 20.08
C MET D 598 -7.86 3.14 20.21
N GLY D 599 -8.40 3.06 21.43
CA GLY D 599 -9.83 3.31 21.62
C GLY D 599 -10.23 4.71 21.19
N ALA D 600 -9.37 5.69 21.43
CA ALA D 600 -9.67 7.06 21.00
C ALA D 600 -9.74 7.14 19.48
N ASN D 601 -8.76 6.56 18.79
CA ASN D 601 -8.77 6.57 17.34
C ASN D 601 -9.93 5.77 16.77
N MET D 602 -10.34 4.69 17.46
CA MET D 602 -11.47 3.91 16.98
C MET D 602 -12.77 4.70 17.06
N GLN D 603 -12.89 5.61 18.03
CA GLN D 603 -14.13 6.35 18.19
C GLN D 603 -14.31 7.39 17.08
N ARG D 604 -13.23 8.08 16.70
CA ARG D 604 -13.29 9.04 15.62
C ARG D 604 -13.32 8.39 14.25
N GLN D 605 -13.35 7.06 14.17
CA GLN D 605 -13.51 6.36 12.91
C GLN D 605 -14.93 5.82 12.70
N ALA D 606 -15.80 5.96 13.69
CA ALA D 606 -17.15 5.42 13.57
C ALA D 606 -17.93 6.14 12.48
N VAL D 607 -18.94 5.45 11.95
CA VAL D 607 -19.80 6.01 10.91
C VAL D 607 -21.19 6.20 11.49
N PRO D 608 -21.95 7.20 11.05
CA PRO D 608 -23.29 7.42 11.60
C PRO D 608 -24.25 6.36 11.11
N LEU D 609 -24.93 5.71 12.05
CA LEU D 609 -25.94 4.72 11.73
C LEU D 609 -27.31 5.37 11.59
N VAL D 610 -28.19 4.72 10.83
CA VAL D 610 -29.52 5.28 10.58
C VAL D 610 -30.31 5.37 11.89
N ARG D 611 -30.10 4.43 12.80
CA ARG D 611 -30.89 4.39 14.02
C ARG D 611 -30.33 5.30 15.10
N SER D 612 -29.01 5.27 15.30
CA SER D 612 -28.33 6.13 16.27
C SER D 612 -28.87 5.87 17.70
N GLU D 613 -28.61 4.66 18.16
CA GLU D 613 -28.98 4.26 19.51
C GLU D 613 -27.87 4.65 20.49
N ALA D 614 -28.26 5.22 21.63
CA ALA D 614 -27.30 5.74 22.59
C ALA D 614 -26.60 4.61 23.34
N PRO D 615 -25.42 4.88 23.89
CA PRO D 615 -24.71 3.84 24.64
C PRO D 615 -25.39 3.51 25.95
N LEU D 616 -25.43 2.21 26.28
CA LEU D 616 -26.10 1.76 27.48
C LEU D 616 -25.25 2.03 28.72
N VAL D 617 -23.94 1.83 28.62
CA VAL D 617 -23.01 2.13 29.70
C VAL D 617 -21.95 3.10 29.16
N GLY D 618 -21.66 4.13 29.93
CA GLY D 618 -20.67 5.10 29.49
C GLY D 618 -20.30 6.06 30.59
N THR D 619 -19.55 7.08 30.20
CA THR D 619 -19.12 8.14 31.10
C THR D 619 -20.16 9.26 31.10
N GLY D 620 -19.79 10.41 31.66
CA GLY D 620 -20.63 11.58 31.61
C GLY D 620 -20.32 12.55 30.49
N MET D 621 -19.35 12.23 29.63
CA MET D 621 -18.92 13.15 28.58
C MET D 621 -19.79 13.08 27.33
N GLU D 622 -20.64 12.06 27.19
CA GLU D 622 -21.45 11.94 25.98
C GLU D 622 -22.32 13.17 25.77
N LEU D 623 -22.98 13.63 26.84
CA LEU D 623 -23.85 14.79 26.73
C LEU D 623 -23.07 16.06 26.41
N ARG D 624 -22.02 16.33 27.20
CA ARG D 624 -21.28 17.58 27.06
C ARG D 624 -20.55 17.67 25.73
N ALA D 625 -20.02 16.56 25.23
CA ALA D 625 -19.29 16.58 23.97
C ALA D 625 -20.21 16.66 22.75
N ALA D 626 -21.45 16.21 22.87
CA ALA D 626 -22.36 16.23 21.71
C ALA D 626 -22.80 17.64 21.38
N ILE D 627 -23.30 18.37 22.38
CA ILE D 627 -23.85 19.70 22.12
C ILE D 627 -22.76 20.65 21.63
N ASP D 628 -21.56 20.55 22.20
CA ASP D 628 -20.47 21.44 21.83
C ASP D 628 -19.82 21.06 20.51
N ALA D 629 -20.11 19.89 19.96
CA ALA D 629 -19.54 19.50 18.68
C ALA D 629 -20.03 20.41 17.56
N GLY D 630 -21.26 20.91 17.66
CA GLY D 630 -21.82 21.80 16.67
C GLY D 630 -22.77 21.15 15.70
N ASP D 631 -22.82 19.81 15.66
CA ASP D 631 -23.71 19.09 14.76
C ASP D 631 -25.07 18.78 15.40
N VAL D 632 -25.34 19.32 16.58
CA VAL D 632 -26.62 19.12 17.26
C VAL D 632 -27.35 20.45 17.33
N VAL D 633 -28.68 20.37 17.30
CA VAL D 633 -29.53 21.56 17.31
C VAL D 633 -29.81 21.96 18.75
N VAL D 634 -29.33 23.13 19.15
CA VAL D 634 -29.46 23.63 20.52
C VAL D 634 -30.40 24.83 20.52
N ALA D 635 -31.21 24.93 21.57
CA ALA D 635 -32.14 26.04 21.70
C ALA D 635 -31.41 27.28 22.25
N ASP D 636 -31.65 28.43 21.61
CA ASP D 636 -30.97 29.65 22.03
C ASP D 636 -31.68 30.33 23.20
N LYS D 637 -33.01 30.39 23.17
CA LYS D 637 -33.78 31.07 24.19
C LYS D 637 -34.93 30.18 24.64
N THR D 638 -35.28 30.31 25.93
CA THR D 638 -36.37 29.54 26.49
C THR D 638 -37.69 29.90 25.80
N GLY D 639 -38.52 28.90 25.57
CA GLY D 639 -39.81 29.15 24.94
C GLY D 639 -40.58 27.87 24.73
N VAL D 640 -41.50 27.91 23.77
CA VAL D 640 -42.34 26.78 23.41
C VAL D 640 -42.32 26.62 21.90
N ILE D 641 -42.35 25.38 21.44
CA ILE D 641 -42.29 25.10 20.01
C ILE D 641 -43.61 25.48 19.35
N GLU D 642 -43.53 26.23 18.26
CA GLU D 642 -44.72 26.57 17.47
C GLU D 642 -45.03 25.49 16.44
N GLU D 643 -44.04 25.05 15.69
CA GLU D 643 -44.21 24.00 14.70
C GLU D 643 -43.03 23.04 14.75
N VAL D 644 -43.30 21.78 14.40
CA VAL D 644 -42.28 20.74 14.34
C VAL D 644 -42.48 19.97 13.05
N SER D 645 -41.47 20.01 12.17
CA SER D 645 -41.52 19.31 10.89
C SER D 645 -40.15 18.73 10.59
N ALA D 646 -40.10 17.80 9.64
CA ALA D 646 -38.83 17.23 9.23
C ALA D 646 -37.92 18.27 8.60
N ASP D 647 -38.48 19.39 8.14
CA ASP D 647 -37.71 20.43 7.46
C ASP D 647 -37.14 21.44 8.45
N TYR D 648 -37.95 21.94 9.38
CA TYR D 648 -37.50 22.95 10.32
C TYR D 648 -38.32 22.86 11.60
N ILE D 649 -37.86 23.57 12.62
CA ILE D 649 -38.51 23.64 13.92
C ILE D 649 -38.56 25.11 14.35
N THR D 650 -39.74 25.58 14.73
CA THR D 650 -39.93 26.94 15.18
C THR D 650 -40.24 26.97 16.67
N VAL D 651 -39.61 27.90 17.38
CA VAL D 651 -39.79 28.05 18.82
C VAL D 651 -40.40 29.42 19.10
N MET D 652 -41.50 29.43 19.86
CA MET D 652 -42.16 30.66 20.27
C MET D 652 -41.64 31.03 21.66
N ALA D 653 -40.81 32.07 21.73
CA ALA D 653 -40.20 32.47 22.99
C ALA D 653 -41.19 33.29 23.83
N ASP D 654 -41.04 33.19 25.15
CA ASP D 654 -41.82 34.02 26.04
C ASP D 654 -41.54 35.50 25.80
N ASP D 655 -40.32 35.82 25.38
CA ASP D 655 -39.99 37.20 25.02
C ASP D 655 -40.81 37.71 23.84
N GLY D 656 -41.36 36.80 23.04
CA GLY D 656 -42.12 37.17 21.86
C GLY D 656 -41.37 36.99 20.55
N THR D 657 -40.05 36.93 20.60
CA THR D 657 -39.27 36.72 19.38
C THR D 657 -39.50 35.32 18.82
N ARG D 658 -39.13 35.15 17.55
CA ARG D 658 -39.41 33.93 16.81
C ARG D 658 -38.11 33.41 16.23
N GLN D 659 -37.65 32.25 16.70
CA GLN D 659 -36.47 31.59 16.18
C GLN D 659 -36.85 30.31 15.44
N SER D 660 -36.12 30.02 14.38
CA SER D 660 -36.36 28.82 13.58
C SER D 660 -35.02 28.20 13.22
N TYR D 661 -35.02 26.87 13.06
CA TYR D 661 -33.81 26.11 12.79
C TYR D 661 -34.07 25.16 11.64
N ARG D 662 -33.37 25.37 10.53
CA ARG D 662 -33.44 24.44 9.41
C ARG D 662 -32.51 23.26 9.67
N LEU D 663 -33.03 22.06 9.48
CA LEU D 663 -32.32 20.84 9.84
C LEU D 663 -31.59 20.27 8.63
N ARG D 664 -30.31 19.96 8.81
CA ARG D 664 -29.57 19.23 7.78
C ARG D 664 -30.18 17.86 7.58
N LYS D 665 -30.62 17.59 6.36
CA LYS D 665 -31.30 16.34 6.03
C LYS D 665 -30.49 15.59 4.96
N PHE D 666 -29.85 14.50 5.37
CA PHE D 666 -29.09 13.66 4.46
C PHE D 666 -28.01 14.46 3.72
N ALA D 667 -27.33 15.33 4.47
CA ALA D 667 -26.26 16.13 3.91
C ALA D 667 -24.97 15.33 3.84
N ARG D 668 -24.33 15.33 2.68
CA ARG D 668 -23.08 14.58 2.51
C ARG D 668 -21.95 15.26 3.27
N SER D 669 -21.32 14.52 4.18
CA SER D 669 -20.21 15.06 4.94
C SER D 669 -18.96 15.15 4.06
N ASN D 670 -17.85 15.55 4.69
CA ASN D 670 -16.59 15.68 3.95
C ASN D 670 -16.11 14.34 3.43
N HIS D 671 -16.24 13.29 4.23
CA HIS D 671 -15.78 11.97 3.87
C HIS D 671 -16.90 11.06 3.36
N GLY D 672 -18.08 11.60 3.12
CA GLY D 672 -19.17 10.85 2.52
C GLY D 672 -20.15 10.22 3.46
N THR D 673 -20.12 10.56 4.75
CA THR D 673 -21.07 10.03 5.72
C THR D 673 -22.30 10.92 5.77
N CYS D 674 -23.48 10.30 5.75
CA CYS D 674 -24.73 11.06 5.75
C CYS D 674 -24.91 11.79 7.07
N ALA D 675 -25.08 13.10 7.01
CA ALA D 675 -25.34 13.93 8.17
C ALA D 675 -26.83 14.26 8.18
N ASN D 676 -27.57 13.64 9.09
CA ASN D 676 -29.03 13.77 9.14
C ASN D 676 -29.43 14.16 10.56
N GLN D 677 -30.36 15.10 10.66
CA GLN D 677 -30.83 15.62 11.95
C GLN D 677 -32.29 15.22 12.16
N ARG D 678 -32.58 14.67 13.34
CA ARG D 678 -33.91 14.21 13.70
C ARG D 678 -34.48 15.08 14.80
N PRO D 679 -35.68 15.64 14.61
CA PRO D 679 -36.30 16.42 15.69
C PRO D 679 -36.76 15.52 16.83
N ILE D 680 -36.38 15.90 18.05
CA ILE D 680 -36.66 15.10 19.24
C ILE D 680 -37.78 15.67 20.08
N VAL D 681 -38.41 16.76 19.64
CA VAL D 681 -39.43 17.45 20.44
C VAL D 681 -40.72 17.52 19.63
N ASP D 682 -41.80 17.83 20.33
CA ASP D 682 -43.12 17.99 19.74
C ASP D 682 -43.63 19.41 19.96
N ALA D 683 -44.75 19.72 19.32
CA ALA D 683 -45.25 21.09 19.29
C ALA D 683 -45.58 21.60 20.69
N GLY D 684 -46.30 20.79 21.47
CA GLY D 684 -46.74 21.24 22.78
C GLY D 684 -45.64 21.36 23.83
N GLN D 685 -44.43 20.92 23.51
CA GLN D 685 -43.37 20.90 24.51
C GLN D 685 -42.88 22.32 24.80
N ARG D 686 -42.40 22.52 26.03
CA ARG D 686 -41.80 23.77 26.46
C ARG D 686 -40.33 23.52 26.74
N VAL D 687 -39.46 24.20 25.98
CA VAL D 687 -38.03 23.95 26.01
C VAL D 687 -37.33 25.12 26.69
N GLU D 688 -36.33 24.80 27.49
CA GLU D 688 -35.49 25.80 28.14
C GLU D 688 -34.27 26.10 27.28
N ALA D 689 -33.63 27.23 27.57
CA ALA D 689 -32.47 27.64 26.79
C ALA D 689 -31.33 26.63 26.94
N GLY D 690 -30.61 26.40 25.85
CA GLY D 690 -29.53 25.44 25.83
C GLY D 690 -29.95 24.00 25.64
N GLN D 691 -31.25 23.73 25.56
CA GLN D 691 -31.74 22.37 25.44
C GLN D 691 -31.56 21.87 24.00
N VAL D 692 -31.50 20.55 23.86
CA VAL D 692 -31.34 19.91 22.56
C VAL D 692 -32.70 19.84 21.88
N ILE D 693 -32.80 20.45 20.69
CA ILE D 693 -34.04 20.44 19.94
C ILE D 693 -34.11 19.24 19.00
N ALA D 694 -32.98 18.88 18.38
CA ALA D 694 -32.93 17.78 17.44
C ALA D 694 -31.59 17.07 17.57
N ASP D 695 -31.60 15.77 17.29
CA ASP D 695 -30.40 14.96 17.36
C ASP D 695 -29.56 15.12 16.10
N GLY D 696 -28.25 15.08 16.27
CA GLY D 696 -27.34 15.07 15.15
C GLY D 696 -27.26 13.70 14.51
N PRO D 697 -26.25 13.49 13.67
CA PRO D 697 -26.09 12.18 13.02
C PRO D 697 -25.78 11.06 14.00
N CYS D 698 -24.79 11.28 14.88
CA CYS D 698 -24.33 10.26 15.81
C CYS D 698 -24.76 10.54 17.24
N THR D 699 -25.83 11.32 17.45
CA THR D 699 -26.32 11.63 18.77
C THR D 699 -27.74 11.11 18.95
N GLN D 700 -28.08 10.77 20.18
CA GLN D 700 -29.45 10.38 20.54
C GLN D 700 -29.83 11.08 21.83
N ASN D 701 -30.88 11.90 21.78
CA ASN D 701 -31.37 12.64 22.94
C ASN D 701 -30.29 13.53 23.55
N GLY D 702 -29.36 14.00 22.73
CA GLY D 702 -28.39 14.98 23.16
C GLY D 702 -27.06 14.43 23.62
N GLU D 703 -26.72 13.20 23.28
CA GLU D 703 -25.46 12.60 23.69
C GLU D 703 -24.92 11.72 22.58
N MET D 704 -23.60 11.67 22.47
CA MET D 704 -22.94 10.97 21.39
C MET D 704 -23.28 9.49 21.40
N ALA D 705 -23.74 8.99 20.26
CA ALA D 705 -24.04 7.56 20.06
C ALA D 705 -23.28 7.11 18.82
N LEU D 706 -22.07 6.59 19.01
CA LEU D 706 -21.22 6.16 17.92
C LEU D 706 -21.44 4.71 17.52
N GLY D 707 -22.28 3.99 18.24
CA GLY D 707 -22.54 2.61 17.92
C GLY D 707 -23.84 2.14 18.51
N LYS D 708 -23.96 0.82 18.67
CA LYS D 708 -25.16 0.18 19.18
C LYS D 708 -24.81 -0.70 20.37
N ASN D 709 -25.84 -1.10 21.11
CA ASN D 709 -25.72 -2.05 22.20
C ASN D 709 -26.14 -3.42 21.70
N LEU D 710 -25.25 -4.41 21.84
CA LEU D 710 -25.50 -5.74 21.31
C LEU D 710 -25.23 -6.79 22.38
N LEU D 711 -25.96 -7.90 22.29
CA LEU D 711 -25.75 -9.03 23.17
C LEU D 711 -24.53 -9.82 22.72
N VAL D 712 -23.60 -10.05 23.62
CA VAL D 712 -22.30 -10.63 23.28
C VAL D 712 -22.14 -11.96 24.00
N ALA D 713 -21.39 -12.86 23.36
CA ALA D 713 -20.97 -14.13 23.96
C ALA D 713 -19.48 -14.28 23.74
N ILE D 714 -18.75 -14.61 24.82
CA ILE D 714 -17.30 -14.62 24.78
C ILE D 714 -16.73 -16.02 24.54
N MET D 715 -17.57 -16.98 24.22
CA MET D 715 -17.11 -18.32 23.89
C MET D 715 -16.55 -18.36 22.47
N PRO D 716 -15.44 -19.07 22.24
CA PRO D 716 -14.99 -19.32 20.87
C PRO D 716 -15.93 -20.30 20.18
N TRP D 717 -16.38 -19.92 18.98
CA TRP D 717 -17.46 -20.64 18.28
C TRP D 717 -16.93 -21.23 16.98
N GLU D 718 -16.46 -22.49 17.06
CA GLU D 718 -16.14 -23.30 15.88
C GLU D 718 -15.25 -22.55 14.89
N GLY D 719 -14.30 -21.78 15.41
CA GLY D 719 -13.25 -21.20 14.59
C GLY D 719 -13.66 -20.10 13.65
N HIS D 720 -14.93 -19.68 13.65
CA HIS D 720 -15.34 -18.57 12.80
C HIS D 720 -14.96 -17.21 13.39
N ASN D 721 -14.71 -17.14 14.69
CA ASN D 721 -14.17 -15.95 15.34
C ASN D 721 -12.68 -16.08 15.60
N TYR D 722 -11.95 -16.74 14.69
CA TYR D 722 -10.56 -17.09 14.94
C TYR D 722 -9.64 -15.87 14.85
N GLU D 723 -8.99 -15.57 15.96
CA GLU D 723 -7.86 -14.64 16.11
C GLU D 723 -8.16 -13.15 16.10
N ASP D 724 -9.15 -12.71 15.34
CA ASP D 724 -9.69 -11.36 15.48
C ASP D 724 -11.12 -11.31 14.98
N ALA D 725 -11.49 -12.31 14.20
CA ALA D 725 -12.76 -12.28 13.48
C ALA D 725 -13.92 -12.26 14.47
N ILE D 726 -15.04 -11.70 14.03
CA ILE D 726 -16.25 -11.62 14.84
C ILE D 726 -17.41 -12.20 14.05
N ILE D 727 -18.26 -12.95 14.72
CA ILE D 727 -19.45 -13.54 14.13
C ILE D 727 -20.66 -12.73 14.56
N LEU D 728 -21.57 -12.48 13.63
CA LEU D 728 -22.74 -11.66 13.88
C LEU D 728 -24.01 -12.45 13.58
N SER D 729 -25.09 -12.04 14.23
CA SER D 729 -26.40 -12.60 13.93
C SER D 729 -26.98 -11.94 12.69
N ASN D 730 -27.70 -12.72 11.89
CA ASN D 730 -28.39 -12.16 10.74
C ASN D 730 -29.44 -11.13 11.14
N ARG D 731 -29.78 -11.07 12.43
CA ARG D 731 -30.74 -10.06 12.91
C ARG D 731 -30.24 -8.65 12.62
N LEU D 732 -28.93 -8.43 12.74
CA LEU D 732 -28.38 -7.10 12.50
C LEU D 732 -28.56 -6.67 11.06
N VAL D 733 -28.55 -7.61 10.12
CA VAL D 733 -28.81 -7.29 8.72
C VAL D 733 -30.30 -7.06 8.50
N GLU D 734 -31.15 -7.83 9.18
CA GLU D 734 -32.59 -7.73 8.95
C GLU D 734 -33.16 -6.44 9.54
N GLU D 735 -32.66 -6.01 10.69
CA GLU D 735 -33.23 -4.89 11.41
C GLU D 735 -32.48 -3.58 11.19
N ASP D 736 -31.45 -3.58 10.34
CA ASP D 736 -30.74 -2.34 9.96
C ASP D 736 -30.20 -1.61 11.18
N VAL D 737 -29.67 -2.36 12.14
CA VAL D 737 -29.11 -1.75 13.34
C VAL D 737 -27.72 -1.19 13.05
N LEU D 738 -26.91 -1.90 12.28
CA LEU D 738 -25.58 -1.44 11.89
C LEU D 738 -25.56 -0.85 10.48
N THR D 739 -26.73 -0.68 9.86
CA THR D 739 -26.78 -0.09 8.53
C THR D 739 -26.51 1.41 8.59
N SER D 740 -25.74 1.90 7.63
CA SER D 740 -25.36 3.30 7.55
C SER D 740 -25.52 3.80 6.13
N ILE D 741 -25.86 5.08 6.00
CA ILE D 741 -26.03 5.71 4.69
C ILE D 741 -24.73 6.36 4.29
N HIS D 742 -24.33 6.18 3.04
CA HIS D 742 -23.11 6.76 2.50
C HIS D 742 -23.42 7.44 1.18
N ILE D 743 -22.93 8.67 1.04
CA ILE D 743 -23.21 9.52 -0.12
C ILE D 743 -21.90 9.90 -0.78
N GLU D 744 -21.89 9.91 -2.10
CA GLU D 744 -20.70 10.26 -2.87
C GLU D 744 -21.08 11.21 -4.00
N GLU D 745 -20.22 12.19 -4.24
CA GLU D 745 -20.47 13.24 -5.22
C GLU D 745 -19.67 12.97 -6.49
N HIS D 746 -20.32 13.16 -7.63
CA HIS D 746 -19.69 13.04 -8.93
C HIS D 746 -19.90 14.34 -9.71
N GLU D 747 -18.89 14.73 -10.47
CA GLU D 747 -18.92 16.00 -11.19
C GLU D 747 -18.38 15.80 -12.60
N ILE D 748 -18.87 16.63 -13.52
CA ILE D 748 -18.41 16.64 -14.90
C ILE D 748 -18.61 18.04 -15.45
N ASP D 749 -17.73 18.43 -16.36
CA ASP D 749 -17.77 19.79 -16.90
C ASP D 749 -17.81 19.76 -18.43
N ALA D 750 -17.88 20.96 -18.98
CA ALA D 750 -18.20 21.23 -20.38
C ALA D 750 -17.08 22.06 -21.00
N ARG D 751 -17.39 22.78 -22.08
CA ARG D 751 -16.47 23.26 -23.12
C ARG D 751 -15.26 24.03 -22.59
N ASP D 752 -14.50 24.61 -23.53
CA ASP D 752 -13.09 24.93 -23.36
C ASP D 752 -12.22 23.69 -23.40
N THR D 753 -12.20 23.02 -24.56
CA THR D 753 -11.44 21.80 -24.82
C THR D 753 -10.36 22.07 -25.88
N LYS D 754 -9.73 20.99 -26.35
CA LYS D 754 -8.55 21.11 -27.19
C LYS D 754 -8.90 21.58 -28.59
N LEU D 755 -9.71 20.80 -29.31
CA LEU D 755 -10.06 21.09 -30.70
C LEU D 755 -11.38 21.82 -30.83
N GLY D 756 -11.87 22.44 -29.76
CA GLY D 756 -13.14 23.14 -29.78
C GLY D 756 -13.97 22.81 -28.56
N ALA D 757 -15.09 23.52 -28.45
CA ALA D 757 -15.97 23.41 -27.30
C ALA D 757 -16.97 22.29 -27.51
N GLU D 758 -17.00 21.35 -26.57
CA GLU D 758 -17.96 20.24 -26.61
C GLU D 758 -19.23 20.59 -25.85
N GLU D 759 -20.29 19.84 -26.14
CA GLU D 759 -21.60 20.06 -25.56
C GLU D 759 -22.08 18.81 -24.83
N ILE D 760 -22.78 19.01 -23.72
CA ILE D 760 -23.36 17.92 -22.95
C ILE D 760 -24.77 17.66 -23.45
N THR D 761 -25.00 16.45 -23.97
CA THR D 761 -26.27 16.12 -24.61
C THR D 761 -26.69 14.72 -24.22
N ARG D 762 -28.00 14.47 -24.32
CA ARG D 762 -28.51 13.13 -24.10
C ARG D 762 -28.06 12.17 -25.21
N ASP D 763 -27.96 12.67 -26.44
CA ASP D 763 -27.60 11.83 -27.56
C ASP D 763 -26.21 11.25 -27.39
N ILE D 764 -26.13 9.92 -27.45
CA ILE D 764 -24.87 9.19 -27.47
C ILE D 764 -24.58 8.67 -28.87
N PRO D 765 -23.31 8.49 -29.23
CA PRO D 765 -22.99 8.17 -30.63
C PRO D 765 -23.73 6.96 -31.17
N ASN D 766 -23.57 5.81 -30.51
CA ASN D 766 -24.26 4.59 -30.92
C ASN D 766 -24.48 3.74 -29.67
N VAL D 767 -25.72 3.72 -29.18
CA VAL D 767 -26.10 2.97 -28.00
C VAL D 767 -27.56 2.53 -28.16
N SER D 768 -27.97 1.57 -27.33
CA SER D 768 -29.35 1.10 -27.35
C SER D 768 -30.24 2.07 -26.59
N ASP D 769 -31.49 2.17 -27.04
CA ASP D 769 -32.44 3.10 -26.41
C ASP D 769 -32.65 2.76 -24.94
N GLU D 770 -32.45 1.49 -24.56
CA GLU D 770 -32.65 1.08 -23.19
C GLU D 770 -31.51 1.51 -22.27
N VAL D 771 -30.34 1.85 -22.84
CA VAL D 771 -29.21 2.24 -22.00
C VAL D 771 -29.41 3.65 -21.46
N LEU D 772 -29.95 4.55 -22.29
CA LEU D 772 -30.23 5.92 -21.87
C LEU D 772 -31.65 6.07 -21.33
N ALA D 773 -32.35 4.97 -21.08
CA ALA D 773 -33.74 5.05 -20.65
C ALA D 773 -33.90 5.87 -19.38
N ASP D 774 -32.93 5.77 -18.47
CA ASP D 774 -32.99 6.53 -17.22
C ASP D 774 -32.46 7.95 -17.35
N LEU D 775 -32.02 8.36 -18.52
CA LEU D 775 -31.52 9.72 -18.74
C LEU D 775 -32.65 10.63 -19.20
N ASP D 776 -32.59 11.89 -18.75
CA ASP D 776 -33.65 12.85 -18.99
C ASP D 776 -33.43 13.58 -20.32
N GLU D 777 -34.19 14.65 -20.54
CA GLU D 777 -34.09 15.39 -21.80
C GLU D 777 -32.71 16.01 -21.98
N ARG D 778 -32.12 16.54 -20.90
CA ARG D 778 -30.79 17.10 -21.00
C ARG D 778 -29.72 16.02 -21.16
N GLY D 779 -29.96 14.84 -20.61
CA GLY D 779 -28.97 13.79 -20.57
C GLY D 779 -28.39 13.51 -19.20
N ILE D 780 -28.96 14.08 -18.15
CA ILE D 780 -28.51 13.82 -16.78
C ILE D 780 -29.40 12.75 -16.18
N VAL D 781 -28.82 11.95 -15.29
CA VAL D 781 -29.57 10.88 -14.65
C VAL D 781 -30.69 11.48 -13.83
N ARG D 782 -31.91 10.97 -14.03
CA ARG D 782 -33.07 11.51 -13.33
C ARG D 782 -33.03 11.13 -11.86
N ILE D 783 -33.47 12.05 -11.00
CA ILE D 783 -33.40 11.82 -9.57
C ILE D 783 -34.33 10.68 -9.18
N GLY D 784 -33.96 9.97 -8.11
CA GLY D 784 -34.70 8.81 -7.67
C GLY D 784 -34.41 7.54 -8.45
N ALA D 785 -33.69 7.64 -9.56
CA ALA D 785 -33.39 6.46 -10.37
C ALA D 785 -32.22 5.67 -9.77
N GLU D 786 -32.25 4.36 -9.99
CA GLU D 786 -31.20 3.47 -9.51
C GLU D 786 -30.13 3.31 -10.59
N VAL D 787 -28.87 3.28 -10.16
CA VAL D 787 -27.74 3.17 -11.07
C VAL D 787 -26.83 2.05 -10.57
N ARG D 788 -26.48 1.14 -11.47
CA ARG D 788 -25.52 0.08 -11.21
C ARG D 788 -24.22 0.38 -11.95
N ASP D 789 -23.24 -0.51 -11.79
CA ASP D 789 -21.92 -0.28 -12.37
C ASP D 789 -22.01 -0.07 -13.87
N GLY D 790 -21.43 1.03 -14.34
CA GLY D 790 -21.34 1.32 -15.76
C GLY D 790 -22.44 2.21 -16.31
N ASP D 791 -23.50 2.45 -15.55
CA ASP D 791 -24.60 3.28 -16.04
C ASP D 791 -24.18 4.73 -16.20
N ILE D 792 -24.76 5.40 -17.18
CA ILE D 792 -24.42 6.79 -17.48
C ILE D 792 -25.13 7.70 -16.49
N LEU D 793 -24.38 8.65 -15.93
CA LEU D 793 -24.97 9.69 -15.07
C LEU D 793 -25.27 10.94 -15.89
N VAL D 794 -24.26 11.50 -16.54
CA VAL D 794 -24.39 12.70 -17.35
C VAL D 794 -23.94 12.35 -18.77
N GLY D 795 -24.82 12.56 -19.74
CA GLY D 795 -24.46 12.36 -21.13
C GLY D 795 -23.73 13.57 -21.68
N LYS D 796 -22.70 13.31 -22.48
CA LYS D 796 -21.85 14.37 -23.00
C LYS D 796 -21.13 13.87 -24.25
N VAL D 797 -20.91 14.79 -25.18
CA VAL D 797 -20.20 14.50 -26.42
C VAL D 797 -19.00 15.42 -26.53
N THR D 798 -18.05 15.03 -27.38
CA THR D 798 -16.85 15.81 -27.59
C THR D 798 -16.72 16.19 -29.06
N PRO D 799 -15.85 17.14 -29.39
CA PRO D 799 -15.54 17.40 -30.81
C PRO D 799 -14.78 16.21 -31.38
N LYS D 800 -15.02 15.95 -32.66
CA LYS D 800 -14.42 14.78 -33.28
C LYS D 800 -13.07 15.09 -33.90
N GLY D 801 -12.24 14.06 -33.98
CA GLY D 801 -11.23 14.03 -35.01
C GLY D 801 -11.84 13.86 -36.39
N GLU D 802 -12.97 13.13 -36.49
CA GLU D 802 -13.64 12.90 -37.76
C GLU D 802 -12.68 12.33 -38.80
N THR D 803 -11.66 11.62 -38.33
CA THR D 803 -10.62 11.08 -39.20
C THR D 803 -10.17 9.71 -38.72
N THR D 806 -12.63 4.78 -39.18
CA THR D 806 -11.92 3.74 -39.90
C THR D 806 -12.71 3.28 -41.13
N PRO D 807 -11.99 2.81 -42.16
CA PRO D 807 -12.68 2.36 -43.37
C PRO D 807 -13.67 1.24 -43.12
N GLU D 808 -13.31 0.25 -42.28
CA GLU D 808 -14.22 -0.85 -42.01
C GLU D 808 -15.46 -0.39 -41.26
N GLU D 809 -15.35 0.66 -40.46
CA GLU D 809 -16.51 1.17 -39.74
C GLU D 809 -17.43 2.01 -40.62
N ARG D 810 -16.85 2.76 -41.58
CA ARG D 810 -17.68 3.55 -42.47
C ARG D 810 -18.56 2.69 -43.35
N LEU D 811 -18.08 1.52 -43.77
CA LEU D 811 -18.88 0.65 -44.63
C LEU D 811 -20.16 0.21 -43.92
N LEU D 812 -20.03 -0.37 -42.72
CA LEU D 812 -21.21 -0.70 -41.94
C LEU D 812 -22.06 0.54 -41.68
N ARG D 813 -21.42 1.69 -41.48
CA ARG D 813 -22.17 2.93 -41.28
C ARG D 813 -23.00 3.26 -42.51
N ALA D 814 -22.40 3.16 -43.69
CA ALA D 814 -23.12 3.48 -44.92
C ALA D 814 -24.14 2.40 -45.27
N ILE D 815 -23.85 1.14 -44.94
CA ILE D 815 -24.75 0.06 -45.29
C ILE D 815 -26.07 0.20 -44.54
N PHE D 816 -26.02 0.28 -43.21
CA PHE D 816 -27.20 0.38 -42.37
C PHE D 816 -27.71 1.81 -42.21
N GLY D 817 -26.97 2.80 -42.71
CA GLY D 817 -27.42 4.18 -42.72
C GLY D 817 -26.87 5.05 -41.62
N GLU D 818 -26.23 4.46 -40.61
CA GLU D 818 -25.58 5.28 -39.60
C GLU D 818 -24.51 6.14 -40.25
N LYS D 819 -24.20 7.25 -39.61
CA LYS D 819 -23.26 8.20 -40.20
C LYS D 819 -22.10 8.44 -39.26
N ALA D 820 -21.00 8.92 -39.84
CA ALA D 820 -19.87 9.34 -39.04
C ALA D 820 -20.18 10.68 -38.38
N ARG D 821 -21.28 10.70 -37.62
CA ARG D 821 -21.61 11.76 -36.67
C ARG D 821 -20.53 11.72 -35.61
N GLU D 822 -19.93 12.88 -35.34
CA GLU D 822 -18.47 12.96 -35.27
C GLU D 822 -17.87 11.63 -34.77
N VAL D 823 -18.14 11.19 -33.54
CA VAL D 823 -18.01 11.94 -32.29
C VAL D 823 -17.31 10.97 -31.36
N ARG D 824 -16.70 11.50 -30.29
CA ARG D 824 -16.14 10.64 -29.25
C ARG D 824 -17.02 10.70 -28.03
N ASP D 825 -17.45 9.52 -27.55
CA ASP D 825 -18.37 9.44 -26.42
C ASP D 825 -17.59 9.74 -25.13
N THR D 826 -18.02 10.78 -24.43
CA THR D 826 -17.45 11.17 -23.15
C THR D 826 -18.60 11.37 -22.17
N SER D 827 -18.90 10.34 -21.39
CA SER D 827 -20.01 10.36 -20.45
C SER D 827 -19.51 10.04 -19.05
N LEU D 828 -20.14 10.68 -18.07
CA LEU D 828 -19.84 10.42 -16.66
C LEU D 828 -20.64 9.19 -16.24
N LYS D 829 -19.99 8.04 -16.23
CA LYS D 829 -20.60 6.81 -15.75
C LYS D 829 -20.29 6.62 -14.27
N VAL D 830 -20.99 5.67 -13.66
CA VAL D 830 -20.75 5.36 -12.25
C VAL D 830 -19.48 4.53 -12.16
N PRO D 831 -18.67 4.68 -11.12
CA PRO D 831 -17.43 3.92 -11.06
C PRO D 831 -17.72 2.45 -10.82
N HIS D 832 -16.83 1.61 -11.36
CA HIS D 832 -16.95 0.18 -11.18
C HIS D 832 -17.01 -0.18 -9.70
N GLY D 833 -17.98 -1.01 -9.33
CA GLY D 833 -18.08 -1.49 -7.98
C GLY D 833 -18.91 -0.66 -7.03
N GLU D 834 -19.73 0.26 -7.53
CA GLU D 834 -20.58 1.06 -6.66
C GLU D 834 -21.97 1.18 -7.27
N SER D 835 -22.97 1.32 -6.40
CA SER D 835 -24.36 1.42 -6.83
C SER D 835 -25.15 2.19 -5.78
N GLY D 836 -26.29 2.70 -6.19
CA GLY D 836 -27.14 3.43 -5.28
C GLY D 836 -28.25 4.16 -6.04
N LYS D 837 -28.90 5.07 -5.33
CA LYS D 837 -29.96 5.90 -5.89
C LYS D 837 -29.51 7.36 -5.93
N VAL D 838 -30.08 8.10 -6.88
CA VAL D 838 -29.71 9.50 -7.10
C VAL D 838 -30.62 10.37 -6.26
N ILE D 839 -30.03 11.07 -5.29
CA ILE D 839 -30.79 11.92 -4.38
C ILE D 839 -31.02 13.32 -4.95
N GLY D 840 -29.99 13.91 -5.57
CA GLY D 840 -30.13 15.26 -6.10
C GLY D 840 -29.11 15.56 -7.16
N ILE D 841 -29.42 16.57 -7.96
CA ILE D 841 -28.54 17.05 -9.03
C ILE D 841 -28.46 18.56 -8.94
N ARG D 842 -27.25 19.10 -9.04
CA ARG D 842 -27.02 20.55 -9.13
C ARG D 842 -26.35 20.83 -10.46
N VAL D 843 -26.98 21.67 -11.28
CA VAL D 843 -26.50 21.99 -12.62
C VAL D 843 -26.18 23.47 -12.68
N PHE D 844 -25.01 23.80 -13.23
CA PHE D 844 -24.58 25.17 -13.45
C PHE D 844 -24.37 25.34 -14.95
N SER D 845 -25.23 26.14 -15.58
CA SER D 845 -25.21 26.32 -17.02
C SER D 845 -24.55 27.64 -17.40
N ARG D 846 -24.35 27.82 -18.71
CA ARG D 846 -23.79 29.06 -19.24
C ARG D 846 -24.86 30.08 -19.57
N GLU D 847 -26.05 29.64 -19.98
CA GLU D 847 -27.15 30.56 -20.26
C GLU D 847 -27.37 31.49 -19.08
N ASP D 848 -27.68 30.92 -17.92
CA ASP D 848 -27.67 31.71 -16.69
C ASP D 848 -26.27 32.24 -16.42
N ASP D 849 -26.20 33.45 -15.87
CA ASP D 849 -24.98 34.25 -15.75
C ASP D 849 -23.93 33.65 -14.81
N ASP D 850 -24.09 32.44 -14.29
CA ASP D 850 -23.42 32.02 -13.06
C ASP D 850 -21.90 32.16 -13.17
N GLU D 851 -21.26 31.99 -12.00
CA GLU D 851 -19.81 32.01 -11.88
C GLU D 851 -19.26 30.62 -12.18
N LEU D 852 -18.29 30.55 -13.08
CA LEU D 852 -17.66 29.28 -13.44
C LEU D 852 -16.27 29.60 -14.00
N PRO D 853 -15.41 28.58 -14.13
CA PRO D 853 -14.10 28.81 -14.72
C PRO D 853 -14.20 29.26 -16.18
N ALA D 854 -13.10 29.83 -16.66
CA ALA D 854 -13.08 30.38 -18.02
C ALA D 854 -13.23 29.28 -19.05
N GLY D 855 -14.19 29.45 -19.96
CA GLY D 855 -14.42 28.54 -21.04
C GLY D 855 -15.37 27.40 -20.75
N VAL D 856 -15.48 27.00 -19.49
CA VAL D 856 -16.36 25.90 -19.11
C VAL D 856 -17.80 26.41 -19.14
N ASN D 857 -18.62 25.81 -20.02
CA ASN D 857 -19.98 26.30 -20.22
C ASN D 857 -20.94 25.75 -19.16
N GLU D 858 -20.88 24.45 -18.90
CA GLU D 858 -21.85 23.80 -18.03
C GLU D 858 -21.14 22.94 -16.99
N LEU D 859 -21.65 22.97 -15.76
CA LEU D 859 -21.13 22.19 -14.66
C LEU D 859 -22.31 21.57 -13.92
N VAL D 860 -22.30 20.24 -13.78
CA VAL D 860 -23.38 19.50 -13.14
C VAL D 860 -22.79 18.49 -12.17
N ARG D 861 -23.28 18.50 -10.93
CA ARG D 861 -22.82 17.57 -9.90
C ARG D 861 -23.98 16.67 -9.51
N VAL D 862 -23.72 15.36 -9.48
CA VAL D 862 -24.73 14.36 -9.14
C VAL D 862 -24.35 13.73 -7.81
N TYR D 863 -25.32 13.62 -6.91
CA TYR D 863 -25.13 13.02 -5.60
C TYR D 863 -25.88 11.69 -5.54
N VAL D 864 -25.16 10.62 -5.24
CA VAL D 864 -25.71 9.27 -5.16
C VAL D 864 -25.54 8.77 -3.73
N ALA D 865 -26.62 8.22 -3.17
CA ALA D 865 -26.63 7.72 -1.81
C ALA D 865 -26.72 6.20 -1.80
N GLN D 866 -26.14 5.59 -0.77
CA GLN D 866 -26.13 4.15 -0.61
C GLN D 866 -26.55 3.80 0.81
N LYS D 867 -27.49 2.86 0.94
CA LYS D 867 -27.86 2.29 2.22
C LYS D 867 -27.06 1.00 2.39
N ARG D 868 -26.04 1.04 3.24
CA ARG D 868 -25.06 -0.03 3.35
C ARG D 868 -25.44 -0.94 4.52
N LYS D 869 -25.87 -2.16 4.21
CA LYS D 869 -26.06 -3.18 5.23
C LYS D 869 -24.71 -3.61 5.79
N ILE D 870 -24.70 -4.04 7.05
CA ILE D 870 -23.49 -4.61 7.63
C ILE D 870 -23.19 -5.92 6.92
N SER D 871 -21.93 -6.12 6.55
CA SER D 871 -21.55 -7.29 5.76
C SER D 871 -20.24 -7.86 6.30
N ASP D 872 -20.05 -9.15 6.06
CA ASP D 872 -18.81 -9.81 6.45
C ASP D 872 -17.62 -9.14 5.76
N GLY D 873 -16.58 -8.83 6.54
CA GLY D 873 -15.44 -8.09 6.08
C GLY D 873 -15.40 -6.67 6.60
N ASP D 874 -16.54 -6.10 6.98
CA ASP D 874 -16.55 -4.78 7.60
C ASP D 874 -15.83 -4.82 8.94
N LYS D 875 -15.16 -3.73 9.26
CA LYS D 875 -14.36 -3.63 10.47
C LYS D 875 -15.20 -3.04 11.60
N LEU D 876 -15.36 -3.80 12.68
CA LEU D 876 -16.04 -3.35 13.88
C LEU D 876 -15.03 -3.20 15.01
N ALA D 877 -15.38 -2.38 15.99
CA ALA D 877 -14.50 -2.14 17.13
C ALA D 877 -15.30 -1.60 18.29
N GLY D 878 -14.72 -1.71 19.48
CA GLY D 878 -15.28 -1.15 20.68
C GLY D 878 -14.51 0.07 21.15
N ARG D 879 -14.89 0.55 22.33
CA ARG D 879 -14.26 1.74 22.90
C ARG D 879 -12.92 1.47 23.56
N HIS D 880 -12.54 0.21 23.73
CA HIS D 880 -11.33 -0.17 24.44
C HIS D 880 -10.15 -0.44 23.53
N GLY D 881 -10.30 -0.23 22.22
CA GLY D 881 -9.26 -0.45 21.26
C GLY D 881 -9.34 -1.78 20.53
N ASN D 882 -10.14 -2.71 21.03
CA ASN D 882 -10.33 -3.98 20.33
C ASN D 882 -10.97 -3.75 18.97
N LYS D 883 -10.53 -4.51 17.97
CA LYS D 883 -11.04 -4.39 16.62
C LYS D 883 -10.88 -5.71 15.89
N GLY D 884 -11.70 -5.89 14.86
CA GLY D 884 -11.65 -7.11 14.06
C GLY D 884 -12.71 -7.15 12.99
N VAL D 885 -12.44 -7.87 11.91
CA VAL D 885 -13.36 -7.98 10.79
C VAL D 885 -14.52 -8.90 11.18
N ILE D 886 -15.56 -8.90 10.36
CA ILE D 886 -16.72 -9.77 10.58
C ILE D 886 -16.44 -11.09 9.87
N GLY D 887 -16.18 -12.14 10.65
CA GLY D 887 -15.85 -13.42 10.05
C GLY D 887 -17.02 -14.03 9.32
N LYS D 888 -18.17 -14.12 9.98
CA LYS D 888 -19.34 -14.76 9.39
C LYS D 888 -20.60 -14.14 9.97
N ILE D 889 -21.67 -14.18 9.18
CA ILE D 889 -23.00 -13.74 9.60
C ILE D 889 -23.89 -14.96 9.67
N LEU D 890 -24.18 -15.41 10.89
CA LEU D 890 -24.97 -16.61 11.10
C LEU D 890 -26.46 -16.28 11.06
N PRO D 891 -27.28 -17.09 10.40
CA PRO D 891 -28.73 -16.91 10.50
C PRO D 891 -29.17 -16.97 11.96
N VAL D 892 -30.25 -16.26 12.26
CA VAL D 892 -30.69 -16.13 13.65
C VAL D 892 -31.02 -17.47 14.26
N GLU D 893 -31.33 -18.49 13.45
CA GLU D 893 -31.76 -19.76 13.99
C GLU D 893 -30.62 -20.47 14.72
N ASP D 894 -29.43 -20.49 14.12
CA ASP D 894 -28.29 -21.22 14.68
C ASP D 894 -27.32 -20.22 15.31
N MET D 895 -27.52 -19.96 16.59
CA MET D 895 -26.70 -19.05 17.37
C MET D 895 -26.77 -19.49 18.82
N PRO D 896 -25.69 -19.33 19.59
CA PRO D 896 -25.79 -19.58 21.04
C PRO D 896 -26.83 -18.66 21.65
N PHE D 897 -27.88 -19.27 22.19
CA PHE D 897 -29.03 -18.52 22.69
C PHE D 897 -29.34 -18.92 24.12
N LEU D 898 -29.74 -17.93 24.93
CA LEU D 898 -30.09 -18.14 26.31
C LEU D 898 -31.32 -19.04 26.42
N PRO D 899 -31.61 -19.55 27.62
CA PRO D 899 -32.84 -20.34 27.79
C PRO D 899 -34.12 -19.59 27.42
N ASP D 900 -34.07 -18.25 27.34
CA ASP D 900 -35.23 -17.50 26.87
C ASP D 900 -35.55 -17.78 25.42
N GLY D 901 -34.61 -18.37 24.68
CA GLY D 901 -34.69 -18.37 23.23
C GLY D 901 -34.14 -17.11 22.61
N THR D 902 -33.53 -16.23 23.40
CA THR D 902 -33.00 -14.97 22.90
C THR D 902 -31.60 -15.19 22.36
N PRO D 903 -31.38 -15.13 21.05
CA PRO D 903 -30.04 -15.35 20.51
C PRO D 903 -29.10 -14.20 20.86
N VAL D 904 -27.81 -14.50 20.86
CA VAL D 904 -26.80 -13.47 21.05
C VAL D 904 -26.51 -12.81 19.71
N ASP D 905 -26.19 -11.51 19.76
CA ASP D 905 -25.97 -10.76 18.52
C ASP D 905 -24.58 -11.02 17.96
N ILE D 906 -23.54 -10.91 18.80
CA ILE D 906 -22.18 -11.14 18.37
C ILE D 906 -21.54 -12.17 19.30
N ILE D 907 -20.48 -12.79 18.80
CA ILE D 907 -19.72 -13.79 19.55
C ILE D 907 -18.26 -13.40 19.49
N LEU D 908 -17.69 -13.03 20.64
CA LEU D 908 -16.28 -12.67 20.72
C LEU D 908 -15.45 -13.87 21.15
N ASN D 909 -14.14 -13.66 21.28
CA ASN D 909 -13.21 -14.72 21.62
C ASN D 909 -12.34 -14.26 22.79
N THR D 910 -11.85 -15.22 23.56
CA THR D 910 -11.17 -14.95 24.82
C THR D 910 -9.65 -14.81 24.66
N HIS D 911 -9.06 -15.50 23.68
CA HIS D 911 -7.62 -15.71 23.66
C HIS D 911 -6.80 -14.42 23.63
N GLY D 912 -7.43 -13.27 23.37
CA GLY D 912 -6.68 -12.03 23.37
C GLY D 912 -6.21 -11.61 24.74
N VAL D 913 -6.91 -12.04 25.80
CA VAL D 913 -6.63 -11.53 27.13
C VAL D 913 -5.24 -11.89 27.63
N PRO D 914 -4.81 -13.15 27.63
CA PRO D 914 -3.54 -13.45 28.30
C PRO D 914 -2.32 -13.08 27.47
N ARG D 915 -2.38 -11.95 26.76
CA ARG D 915 -1.18 -11.21 26.43
C ARG D 915 -1.39 -9.70 26.58
N ARG D 916 -2.58 -9.22 26.19
CA ARG D 916 -2.88 -7.79 26.16
C ARG D 916 -3.76 -7.35 27.31
N MET D 917 -4.64 -8.23 27.77
CA MET D 917 -5.37 -8.17 29.03
C MET D 917 -6.55 -7.21 29.11
N ASN D 918 -6.56 -6.13 28.33
CA ASN D 918 -7.76 -5.35 28.00
C ASN D 918 -8.91 -5.58 28.99
N ILE D 919 -8.68 -5.37 30.28
CA ILE D 919 -9.67 -5.79 31.27
C ILE D 919 -10.97 -5.01 31.12
N GLY D 920 -10.86 -3.72 30.79
CA GLY D 920 -12.06 -2.89 30.69
C GLY D 920 -13.11 -3.45 29.75
N GLN D 921 -12.68 -4.17 28.71
CA GLN D 921 -13.64 -4.76 27.78
C GLN D 921 -14.59 -5.72 28.50
N ILE D 922 -14.09 -6.44 29.49
CA ILE D 922 -14.94 -7.38 30.22
C ILE D 922 -15.82 -6.65 31.21
N LEU D 923 -15.35 -5.53 31.77
CA LEU D 923 -16.10 -4.84 32.81
C LEU D 923 -17.41 -4.27 32.24
N GLU D 924 -17.31 -3.50 31.16
CA GLU D 924 -18.53 -2.94 30.57
C GLU D 924 -19.44 -4.03 30.01
N THR D 925 -18.90 -5.21 29.70
CA THR D 925 -19.74 -6.30 29.23
C THR D 925 -20.70 -6.75 30.33
N HIS D 926 -20.22 -6.83 31.57
CA HIS D 926 -21.10 -7.19 32.67
C HIS D 926 -22.02 -6.05 33.06
N LEU D 927 -21.48 -4.82 33.12
CA LEU D 927 -22.32 -3.67 33.41
C LEU D 927 -23.36 -3.46 32.30
N GLY D 928 -23.04 -3.88 31.08
CA GLY D 928 -24.02 -3.79 30.01
C GLY D 928 -25.23 -4.69 30.26
N TRP D 929 -25.00 -5.86 30.86
CA TRP D 929 -26.12 -6.71 31.23
C TRP D 929 -26.81 -6.23 32.49
N VAL D 930 -26.04 -5.67 33.43
CA VAL D 930 -26.64 -5.11 34.63
C VAL D 930 -27.60 -3.98 34.28
N ALA D 931 -27.21 -3.13 33.32
CA ALA D 931 -28.05 -2.00 32.94
C ALA D 931 -29.25 -2.44 32.12
N LYS D 932 -29.11 -3.51 31.33
CA LYS D 932 -30.22 -3.94 30.47
C LYS D 932 -31.35 -4.57 31.27
N ALA D 933 -31.01 -5.36 32.29
CA ALA D 933 -32.00 -6.10 33.07
C ALA D 933 -32.35 -5.41 34.39
N GLY D 934 -31.71 -4.29 34.71
CA GLY D 934 -31.97 -3.64 35.97
C GLY D 934 -31.45 -4.45 37.14
N TRP D 935 -31.83 -4.02 38.34
CA TRP D 935 -31.37 -4.68 39.55
C TRP D 935 -32.09 -4.10 40.76
N ASN D 936 -32.07 -4.87 41.85
CA ASN D 936 -32.54 -4.39 43.15
C ASN D 936 -31.72 -5.10 44.22
N ILE D 937 -30.96 -4.31 44.99
CA ILE D 937 -30.04 -4.90 45.95
C ILE D 937 -30.76 -5.72 47.02
N ASP D 938 -32.06 -5.51 47.19
CA ASP D 938 -32.85 -6.24 48.17
C ASP D 938 -32.24 -6.12 49.56
N VAL D 939 -32.12 -4.87 50.01
CA VAL D 939 -31.48 -4.61 51.30
C VAL D 939 -32.32 -5.20 52.42
N ALA D 940 -31.69 -6.01 53.27
CA ALA D 940 -32.31 -6.59 54.44
C ALA D 940 -31.36 -6.41 55.61
N ALA D 941 -31.83 -5.72 56.65
CA ALA D 941 -31.00 -5.39 57.81
C ALA D 941 -29.78 -4.57 57.38
N GLY D 942 -30.06 -3.49 56.66
CA GLY D 942 -29.01 -2.61 56.16
C GLY D 942 -28.64 -2.92 54.72
N VAL D 943 -27.52 -2.34 54.32
CA VAL D 943 -27.00 -2.52 52.96
C VAL D 943 -25.70 -3.32 53.03
N PRO D 944 -25.39 -4.14 52.03
CA PRO D 944 -24.14 -4.90 52.05
C PRO D 944 -22.93 -3.99 52.12
N ASP D 945 -21.78 -4.60 52.44
CA ASP D 945 -20.57 -3.82 52.65
C ASP D 945 -20.03 -3.23 51.35
N TRP D 946 -20.32 -3.86 50.21
CA TRP D 946 -19.88 -3.30 48.94
C TRP D 946 -20.63 -2.02 48.58
N ALA D 947 -21.78 -1.80 49.18
CA ALA D 947 -22.55 -0.57 48.99
C ALA D 947 -22.20 0.50 50.02
N SER D 948 -21.09 0.34 50.74
CA SER D 948 -20.73 1.30 51.78
C SER D 948 -20.47 2.68 51.18
N LYS D 949 -19.64 2.74 50.13
CA LYS D 949 -19.27 3.99 49.50
C LYS D 949 -20.28 4.45 48.45
N LEU D 950 -21.44 3.80 48.38
CA LEU D 950 -22.42 4.07 47.34
C LEU D 950 -23.47 5.06 47.82
N PRO D 951 -24.12 5.78 46.90
CA PRO D 951 -25.30 6.57 47.28
C PRO D 951 -26.56 5.73 47.28
N GLU D 952 -27.69 6.29 47.72
CA GLU D 952 -28.94 5.55 47.81
C GLU D 952 -29.70 5.47 46.49
N GLU D 953 -29.52 6.44 45.60
CA GLU D 953 -30.26 6.44 44.34
C GLU D 953 -29.83 5.30 43.43
N LEU D 954 -28.62 4.76 43.60
CA LEU D 954 -28.14 3.72 42.71
C LEU D 954 -28.91 2.41 42.84
N TYR D 955 -29.62 2.21 43.95
CA TYR D 955 -30.35 0.97 44.14
C TYR D 955 -31.62 0.95 43.30
N SER D 956 -32.12 -0.26 43.06
CA SER D 956 -33.47 -0.48 42.55
C SER D 956 -33.74 0.32 41.27
N ALA D 957 -33.00 -0.04 40.20
CA ALA D 957 -33.24 0.59 38.92
C ALA D 957 -33.98 -0.36 37.98
N PRO D 958 -34.85 0.16 37.13
CA PRO D 958 -35.59 -0.70 36.20
C PRO D 958 -34.71 -1.12 35.02
N ALA D 959 -35.31 -1.85 34.09
CA ALA D 959 -34.59 -2.36 32.95
C ALA D 959 -34.28 -1.25 31.94
N ASP D 960 -33.25 -1.47 31.13
CA ASP D 960 -32.88 -0.56 30.05
C ASP D 960 -32.56 0.83 30.60
N SER D 961 -31.68 0.88 31.60
CA SER D 961 -31.30 2.11 32.27
C SER D 961 -29.85 2.45 31.95
N THR D 962 -29.64 3.66 31.44
CA THR D 962 -28.28 4.10 31.13
C THR D 962 -27.50 4.35 32.41
N VAL D 963 -26.18 4.22 32.32
CA VAL D 963 -25.30 4.31 33.48
C VAL D 963 -24.08 5.14 33.13
N ALA D 964 -23.64 5.97 34.06
CA ALA D 964 -22.47 6.83 33.89
C ALA D 964 -21.41 6.44 34.91
N THR D 965 -20.24 6.05 34.42
CA THR D 965 -19.09 5.76 35.28
C THR D 965 -17.94 6.66 34.88
N PRO D 966 -17.69 7.76 35.59
CA PRO D 966 -16.54 8.61 35.26
C PRO D 966 -15.25 7.80 35.22
N VAL D 967 -14.22 8.34 34.57
CA VAL D 967 -13.01 7.57 34.31
C VAL D 967 -12.37 7.10 35.61
N PHE D 968 -11.94 8.05 36.45
CA PHE D 968 -11.21 7.72 37.67
C PHE D 968 -12.07 7.71 38.92
N ASP D 969 -13.24 8.34 38.89
CA ASP D 969 -14.16 8.34 40.03
C ASP D 969 -15.32 7.37 39.85
N GLY D 970 -15.23 6.49 38.85
CA GLY D 970 -16.35 5.62 38.50
C GLY D 970 -16.48 4.40 39.39
N ALA D 971 -17.09 3.35 38.83
CA ALA D 971 -17.41 2.16 39.58
C ALA D 971 -16.14 1.39 39.96
N GLN D 972 -16.30 0.44 40.88
CA GLN D 972 -15.22 -0.40 41.36
C GLN D 972 -15.69 -1.85 41.38
N GLU D 973 -14.74 -2.77 41.53
CA GLU D 973 -15.02 -4.19 41.32
C GLU D 973 -16.04 -4.70 42.33
N GLY D 974 -15.98 -4.23 43.58
CA GLY D 974 -16.89 -4.74 44.60
C GLY D 974 -18.34 -4.47 44.25
N GLU D 975 -18.64 -3.22 43.87
CA GLU D 975 -20.01 -2.86 43.56
C GLU D 975 -20.53 -3.63 42.34
N LEU D 976 -19.64 -3.99 41.42
CA LEU D 976 -20.06 -4.73 40.22
C LEU D 976 -20.69 -6.07 40.60
N ALA D 977 -19.93 -6.92 41.30
CA ALA D 977 -20.44 -8.23 41.68
C ALA D 977 -21.73 -8.11 42.49
N GLY D 978 -21.83 -7.09 43.33
CA GLY D 978 -23.08 -6.86 44.04
C GLY D 978 -24.25 -6.65 43.10
N LEU D 979 -24.03 -5.93 42.01
CA LEU D 979 -25.05 -5.79 40.99
C LEU D 979 -25.23 -7.07 40.20
N LEU D 980 -24.15 -7.83 39.99
CA LEU D 980 -24.27 -9.11 39.32
C LEU D 980 -25.17 -10.07 40.09
N GLY D 981 -25.18 -9.96 41.42
CA GLY D 981 -26.06 -10.79 42.23
C GLY D 981 -27.52 -10.40 42.13
N SER D 982 -27.80 -9.14 41.81
CA SER D 982 -29.17 -8.64 41.70
C SER D 982 -29.51 -8.51 40.22
N THR D 983 -30.45 -9.32 39.75
CA THR D 983 -30.89 -9.28 38.36
C THR D 983 -32.40 -9.49 38.31
N LEU D 984 -33.11 -8.49 37.82
CA LEU D 984 -34.55 -8.62 37.61
C LEU D 984 -34.79 -9.71 36.56
N PRO D 985 -35.50 -10.79 36.90
CA PRO D 985 -35.76 -11.84 35.91
C PRO D 985 -36.59 -11.31 34.76
N ASN D 986 -36.78 -12.18 33.77
CA ASN D 986 -37.50 -11.83 32.55
C ASN D 986 -38.99 -12.17 32.72
N ARG D 987 -39.73 -12.16 31.61
CA ARG D 987 -41.17 -12.41 31.62
C ARG D 987 -41.55 -13.57 32.54
N ASP D 988 -40.99 -14.75 32.29
CA ASP D 988 -41.40 -15.96 33.00
C ASP D 988 -40.79 -16.07 34.38
N GLY D 989 -39.91 -15.15 34.77
CA GLY D 989 -39.31 -15.17 36.09
C GLY D 989 -37.98 -15.88 36.20
N GLU D 990 -37.51 -16.50 35.12
CA GLU D 990 -36.23 -17.19 35.15
C GLU D 990 -35.09 -16.19 35.09
N VAL D 991 -33.99 -16.54 35.76
CA VAL D 991 -32.78 -15.71 35.77
C VAL D 991 -31.83 -16.22 34.71
N MET D 992 -31.41 -15.33 33.81
CA MET D 992 -30.59 -15.70 32.66
C MET D 992 -29.09 -15.57 32.90
N VAL D 993 -28.68 -14.87 33.95
CA VAL D 993 -27.26 -14.64 34.22
C VAL D 993 -27.01 -14.77 35.71
N ASP D 994 -25.95 -15.50 36.05
CA ASP D 994 -25.59 -15.73 37.45
C ASP D 994 -24.72 -14.56 37.94
N ALA D 995 -24.18 -14.70 39.16
CA ALA D 995 -23.30 -13.68 39.70
C ALA D 995 -21.94 -13.66 39.03
N ASP D 996 -21.63 -14.68 38.21
CA ASP D 996 -20.38 -14.73 37.46
C ASP D 996 -20.51 -14.15 36.06
N GLY D 997 -21.69 -13.63 35.71
CA GLY D 997 -21.89 -13.11 34.37
C GLY D 997 -21.90 -14.16 33.28
N LYS D 998 -22.15 -15.41 33.64
CA LYS D 998 -22.14 -16.52 32.68
C LYS D 998 -23.52 -17.15 32.60
N SER D 999 -23.76 -17.85 31.49
CA SER D 999 -25.03 -18.51 31.26
C SER D 999 -24.80 -19.76 30.42
N THR D 1000 -25.73 -20.69 30.50
CA THR D 1000 -25.68 -21.94 29.74
C THR D 1000 -26.37 -21.70 28.40
N LEU D 1001 -25.58 -21.62 27.34
CA LEU D 1001 -26.10 -21.36 26.01
C LEU D 1001 -26.36 -22.66 25.26
N PHE D 1002 -27.40 -22.65 24.44
CA PHE D 1002 -27.76 -23.81 23.62
C PHE D 1002 -27.25 -23.61 22.20
N ASP D 1003 -26.50 -24.59 21.71
CA ASP D 1003 -26.01 -24.53 20.34
C ASP D 1003 -27.19 -24.58 19.37
N GLY D 1004 -27.36 -23.50 18.59
CA GLY D 1004 -28.46 -23.43 17.65
C GLY D 1004 -28.39 -24.43 16.51
N ARG D 1005 -27.25 -25.12 16.36
CA ARG D 1005 -27.09 -26.10 15.28
C ARG D 1005 -27.42 -27.51 15.76
N SER D 1006 -26.68 -28.00 16.77
CA SER D 1006 -26.91 -29.35 17.27
C SER D 1006 -28.10 -29.41 18.22
N GLY D 1007 -28.43 -28.30 18.88
CA GLY D 1007 -29.47 -28.26 19.88
C GLY D 1007 -28.99 -28.53 21.29
N GLU D 1008 -27.91 -29.28 21.44
CA GLU D 1008 -27.36 -29.56 22.75
C GLU D 1008 -26.91 -28.25 23.41
N PRO D 1009 -27.00 -28.15 24.73
CA PRO D 1009 -26.49 -26.97 25.43
C PRO D 1009 -24.97 -27.00 25.50
N PHE D 1010 -24.38 -25.81 25.53
CA PHE D 1010 -22.93 -25.71 25.63
C PHE D 1010 -22.48 -26.17 27.03
N PRO D 1011 -21.50 -27.07 27.12
CA PRO D 1011 -21.24 -27.74 28.40
C PRO D 1011 -20.91 -26.81 29.56
N TYR D 1012 -20.28 -25.67 29.30
CA TYR D 1012 -19.86 -24.74 30.34
C TYR D 1012 -20.62 -23.44 30.27
N PRO D 1013 -20.77 -22.74 31.40
CA PRO D 1013 -21.40 -21.40 31.38
C PRO D 1013 -20.51 -20.41 30.65
N VAL D 1014 -21.11 -19.65 29.75
CA VAL D 1014 -20.41 -18.69 28.90
C VAL D 1014 -20.78 -17.28 29.31
N THR D 1015 -19.79 -16.41 29.40
CA THR D 1015 -20.04 -15.02 29.75
C THR D 1015 -20.85 -14.34 28.64
N VAL D 1016 -21.98 -13.73 29.03
CA VAL D 1016 -22.80 -12.96 28.12
C VAL D 1016 -23.05 -11.59 28.71
N GLY D 1017 -23.37 -10.64 27.84
CA GLY D 1017 -23.61 -9.28 28.27
C GLY D 1017 -23.84 -8.38 27.10
N TYR D 1018 -23.84 -7.07 27.39
CA TYR D 1018 -24.07 -6.04 26.38
C TYR D 1018 -22.85 -5.14 26.31
N MET D 1019 -22.18 -5.13 25.15
CA MET D 1019 -21.03 -4.27 24.92
C MET D 1019 -21.34 -3.28 23.80
N TYR D 1020 -20.79 -2.08 23.93
CA TYR D 1020 -21.02 -1.01 22.96
C TYR D 1020 -19.94 -1.08 21.90
N ILE D 1021 -20.33 -1.42 20.67
CA ILE D 1021 -19.40 -1.58 19.56
C ILE D 1021 -19.70 -0.52 18.51
N LEU D 1022 -18.71 -0.29 17.64
CA LEU D 1022 -18.78 0.75 16.63
C LEU D 1022 -18.59 0.15 15.24
N LYS D 1023 -18.97 0.92 14.22
CA LYS D 1023 -18.77 0.55 12.83
C LYS D 1023 -17.72 1.50 12.24
N LEU D 1024 -16.55 0.95 11.95
CA LEU D 1024 -15.44 1.76 11.47
C LEU D 1024 -15.59 2.08 9.98
N HIS D 1025 -14.92 3.16 9.57
CA HIS D 1025 -15.09 3.67 8.21
C HIS D 1025 -14.60 2.68 7.16
N HIS D 1026 -13.66 1.80 7.51
CA HIS D 1026 -13.20 0.79 6.56
C HIS D 1026 -14.34 -0.18 6.25
N LEU D 1027 -14.72 -0.27 4.98
CA LEU D 1027 -15.84 -1.09 4.55
C LEU D 1027 -15.44 -1.93 3.35
N VAL D 1028 -16.13 -3.07 3.19
CA VAL D 1028 -15.79 -4.01 2.14
C VAL D 1028 -16.04 -3.39 0.76
N ASP D 1029 -17.17 -2.69 0.60
CA ASP D 1029 -17.51 -2.13 -0.70
C ASP D 1029 -16.41 -1.22 -1.23
N ASP D 1030 -15.72 -0.51 -0.34
CA ASP D 1030 -14.67 0.42 -0.75
C ASP D 1030 -13.32 -0.25 -0.95
N LYS D 1031 -13.06 -1.35 -0.23
CA LYS D 1031 -11.72 -1.94 -0.18
C LYS D 1031 -11.53 -3.11 -1.13
N ILE D 1032 -12.56 -3.53 -1.85
CA ILE D 1032 -12.43 -4.63 -2.80
C ILE D 1032 -12.07 -4.08 -4.17
N HIS D 1033 -11.09 -4.71 -4.82
CA HIS D 1033 -10.64 -4.29 -6.13
C HIS D 1033 -10.32 -5.52 -6.97
N ALA D 1034 -10.66 -5.46 -8.25
CA ALA D 1034 -10.36 -6.54 -9.18
C ALA D 1034 -10.17 -5.95 -10.57
N ARG D 1035 -9.19 -6.47 -11.29
CA ARG D 1035 -8.86 -5.96 -12.61
C ARG D 1035 -8.36 -7.08 -13.50
N SER D 1036 -8.96 -7.22 -14.68
CA SER D 1036 -8.44 -8.08 -15.74
C SER D 1036 -7.69 -7.27 -16.78
N THR D 1037 -8.35 -6.28 -17.38
CA THR D 1037 -7.72 -5.35 -18.30
C THR D 1037 -8.32 -3.97 -18.07
N GLY D 1038 -7.49 -2.95 -18.26
CA GLY D 1038 -7.91 -1.59 -18.05
C GLY D 1038 -6.98 -0.58 -18.70
N PRO D 1039 -7.12 0.69 -18.32
CA PRO D 1039 -6.26 1.72 -18.89
C PRO D 1039 -4.82 1.57 -18.42
N TYR D 1040 -3.92 2.22 -19.15
CA TYR D 1040 -2.49 2.20 -18.85
C TYR D 1040 -1.94 3.62 -18.88
N SER D 1041 -0.90 3.85 -18.09
CA SER D 1041 -0.29 5.17 -18.02
C SER D 1041 0.36 5.55 -19.36
N MET D 1042 0.60 6.85 -19.52
CA MET D 1042 1.15 7.35 -20.78
C MET D 1042 2.67 7.21 -20.83
N ILE D 1043 3.38 7.86 -19.90
CA ILE D 1043 4.84 7.82 -19.92
C ILE D 1043 5.32 6.38 -19.77
N THR D 1044 5.00 5.77 -18.63
CA THR D 1044 5.24 4.35 -18.42
C THR D 1044 3.99 3.57 -18.81
N GLN D 1045 4.18 2.51 -19.59
CA GLN D 1045 3.04 1.76 -20.11
C GLN D 1045 2.44 0.80 -19.08
N GLN D 1046 2.89 0.86 -17.83
CA GLN D 1046 2.31 0.03 -16.79
C GLN D 1046 0.86 0.42 -16.55
N PRO D 1047 0.06 -0.51 -16.02
CA PRO D 1047 -1.30 -0.15 -15.58
C PRO D 1047 -1.24 0.92 -14.50
N LEU D 1048 -2.39 1.52 -14.23
CA LEU D 1048 -2.47 2.62 -13.28
C LEU D 1048 -3.67 2.43 -12.37
N GLY D 1049 -3.40 2.36 -11.07
CA GLY D 1049 -4.44 2.31 -10.06
C GLY D 1049 -4.61 3.64 -9.38
N GLY D 1050 -5.78 3.81 -8.75
CA GLY D 1050 -6.11 5.06 -8.09
C GLY D 1050 -7.10 5.93 -8.83
N LYS D 1051 -7.65 5.46 -9.95
CA LYS D 1051 -8.68 6.18 -10.67
C LYS D 1051 -10.05 5.58 -10.33
N ALA D 1052 -11.08 6.03 -11.04
CA ALA D 1052 -12.44 5.59 -10.73
C ALA D 1052 -12.69 4.13 -11.06
N GLN D 1053 -11.81 3.47 -11.81
CA GLN D 1053 -12.09 2.11 -12.27
C GLN D 1053 -10.80 1.31 -12.43
N PHE D 1054 -10.88 0.03 -12.06
CA PHE D 1054 -9.93 -1.00 -12.49
C PHE D 1054 -8.49 -0.65 -12.12
N GLY D 1055 -8.24 -0.56 -10.82
CA GLY D 1055 -6.89 -0.33 -10.35
C GLY D 1055 -6.09 -1.63 -10.33
N GLY D 1056 -4.84 -1.54 -10.79
CA GLY D 1056 -3.96 -2.68 -10.83
C GLY D 1056 -3.12 -2.81 -9.56
N GLN D 1057 -2.80 -4.06 -9.22
CA GLN D 1057 -2.02 -4.34 -8.03
C GLN D 1057 -0.53 -4.24 -8.32
N ARG D 1058 0.23 -3.80 -7.31
CA ARG D 1058 1.65 -3.58 -7.44
C ARG D 1058 2.43 -4.82 -7.03
N PHE D 1059 3.37 -5.23 -7.88
CA PHE D 1059 4.25 -6.37 -7.62
C PHE D 1059 5.65 -5.82 -7.37
N GLY D 1060 6.01 -5.65 -6.09
CA GLY D 1060 7.27 -5.06 -5.73
C GLY D 1060 8.43 -6.04 -5.81
N GLU D 1061 9.62 -5.53 -5.49
CA GLU D 1061 10.81 -6.37 -5.51
C GLU D 1061 10.77 -7.39 -4.38
N MET D 1062 10.23 -7.01 -3.21
CA MET D 1062 10.06 -7.97 -2.14
C MET D 1062 9.23 -9.16 -2.61
N GLU D 1063 8.14 -8.89 -3.33
CA GLU D 1063 7.39 -9.97 -3.95
C GLU D 1063 8.22 -10.66 -5.04
N CYS D 1064 9.04 -9.89 -5.76
CA CYS D 1064 9.93 -10.50 -6.74
C CYS D 1064 10.98 -11.38 -6.08
N TRP D 1065 11.39 -11.04 -4.85
CA TRP D 1065 12.33 -11.89 -4.13
C TRP D 1065 11.68 -13.21 -3.75
N ALA D 1066 10.45 -13.18 -3.25
CA ALA D 1066 9.75 -14.41 -2.92
C ALA D 1066 9.54 -15.26 -4.18
N MET D 1067 9.18 -14.62 -5.29
CA MET D 1067 8.95 -15.36 -6.53
C MET D 1067 10.24 -16.02 -7.01
N GLN D 1068 11.39 -15.38 -6.78
CA GLN D 1068 12.66 -15.99 -7.16
C GLN D 1068 13.04 -17.11 -6.19
N ALA D 1069 12.72 -16.94 -4.91
CA ALA D 1069 13.04 -17.98 -3.93
C ALA D 1069 12.37 -19.30 -4.28
N TYR D 1070 11.13 -19.25 -4.76
CA TYR D 1070 10.46 -20.46 -5.22
C TYR D 1070 11.12 -21.05 -6.46
N GLY D 1071 11.91 -20.26 -7.19
CA GLY D 1071 12.50 -20.72 -8.43
C GLY D 1071 11.56 -20.71 -9.61
N ALA D 1072 10.44 -20.00 -9.51
CA ALA D 1072 9.46 -19.92 -10.61
C ALA D 1072 9.88 -18.80 -11.54
N ALA D 1073 10.57 -19.17 -12.62
CA ALA D 1073 11.08 -18.16 -13.56
C ALA D 1073 9.98 -17.62 -14.45
N TYR D 1074 9.09 -18.48 -14.94
CA TYR D 1074 8.06 -18.04 -15.88
C TYR D 1074 7.03 -17.14 -15.20
N THR D 1075 6.54 -17.55 -14.03
CA THR D 1075 5.57 -16.73 -13.31
C THR D 1075 6.10 -15.31 -13.09
N LEU D 1076 7.37 -15.19 -12.71
CA LEU D 1076 7.96 -13.87 -12.52
C LEU D 1076 8.05 -13.12 -13.84
N GLN D 1077 8.37 -13.82 -14.93
CA GLN D 1077 8.48 -13.17 -16.23
C GLN D 1077 7.13 -12.70 -16.74
N GLU D 1078 6.07 -13.49 -16.49
CA GLU D 1078 4.74 -13.11 -16.94
C GLU D 1078 4.27 -11.83 -16.26
N LEU D 1079 4.52 -11.71 -14.95
CA LEU D 1079 4.06 -10.55 -14.21
C LEU D 1079 4.74 -9.27 -14.69
N LEU D 1080 6.04 -9.34 -14.96
CA LEU D 1080 6.82 -8.14 -15.22
C LEU D 1080 6.88 -7.74 -16.70
N THR D 1081 6.45 -8.60 -17.62
CA THR D 1081 6.53 -8.28 -19.04
C THR D 1081 5.16 -8.19 -19.70
N ILE D 1082 4.37 -9.26 -19.70
CA ILE D 1082 3.11 -9.24 -20.45
C ILE D 1082 1.91 -8.82 -19.61
N LYS D 1083 1.99 -8.97 -18.27
CA LYS D 1083 0.94 -8.45 -17.42
C LYS D 1083 1.10 -6.97 -17.12
N SER D 1084 2.30 -6.42 -17.27
CA SER D 1084 2.53 -5.01 -16.92
C SER D 1084 2.96 -4.15 -18.09
N ASP D 1085 4.07 -4.48 -18.76
CA ASP D 1085 4.79 -3.48 -19.55
C ASP D 1085 4.96 -3.81 -21.03
N ASP D 1086 4.52 -4.98 -21.48
CA ASP D 1086 4.69 -5.36 -22.88
C ASP D 1086 3.63 -4.66 -23.72
N THR D 1087 4.06 -3.73 -24.59
CA THR D 1087 3.10 -3.00 -25.42
C THR D 1087 2.33 -3.94 -26.32
N VAL D 1088 3.03 -4.83 -27.03
CA VAL D 1088 2.38 -5.81 -27.89
C VAL D 1088 2.06 -7.11 -27.17
N GLY D 1089 2.53 -7.28 -25.94
CA GLY D 1089 2.30 -8.52 -25.22
C GLY D 1089 0.91 -8.64 -24.63
N ARG D 1090 0.50 -7.66 -23.82
CA ARG D 1090 -0.77 -7.76 -23.11
C ARG D 1090 -1.96 -7.73 -24.07
N VAL D 1091 -1.78 -7.29 -25.30
CA VAL D 1091 -2.87 -7.33 -26.27
C VAL D 1091 -2.96 -8.70 -26.92
N LYS D 1092 -1.81 -9.30 -27.25
CA LYS D 1092 -1.82 -10.63 -27.87
C LYS D 1092 -2.17 -11.72 -26.88
N VAL D 1093 -1.96 -11.50 -25.59
CA VAL D 1093 -2.38 -12.48 -24.59
C VAL D 1093 -3.90 -12.47 -24.43
N TYR D 1094 -4.47 -11.27 -24.30
CA TYR D 1094 -5.93 -11.15 -24.28
C TYR D 1094 -6.54 -11.73 -25.55
N GLU D 1095 -5.83 -11.64 -26.68
CA GLU D 1095 -6.30 -12.25 -27.92
C GLU D 1095 -6.21 -13.77 -27.85
N ALA D 1096 -5.07 -14.28 -27.40
CA ALA D 1096 -4.90 -15.73 -27.31
C ALA D 1096 -5.85 -16.34 -26.28
N ILE D 1097 -6.08 -15.64 -25.17
CA ILE D 1097 -6.99 -16.15 -24.15
C ILE D 1097 -8.42 -16.22 -24.69
N VAL D 1098 -8.82 -15.24 -25.49
CA VAL D 1098 -10.17 -15.23 -26.05
C VAL D 1098 -10.34 -16.36 -27.05
N LYS D 1099 -9.35 -16.53 -27.93
CA LYS D 1099 -9.41 -17.64 -28.88
C LYS D 1099 -9.18 -18.99 -28.21
N GLY D 1100 -8.57 -19.00 -27.02
CA GLY D 1100 -8.24 -20.23 -26.35
C GLY D 1100 -6.94 -20.87 -26.79
N GLU D 1101 -6.03 -20.10 -27.37
CA GLU D 1101 -4.76 -20.62 -27.85
C GLU D 1101 -3.71 -20.59 -26.74
N ASN D 1102 -2.50 -21.05 -27.05
CA ASN D 1102 -1.39 -20.93 -26.12
C ASN D 1102 -1.03 -19.47 -25.94
N ILE D 1103 -0.49 -19.15 -24.77
CA ILE D 1103 -0.10 -17.77 -24.48
C ILE D 1103 1.30 -17.53 -25.02
N PRO D 1104 1.53 -16.47 -25.79
CA PRO D 1104 2.81 -16.29 -26.48
C PRO D 1104 3.94 -15.95 -25.52
N GLU D 1105 5.16 -16.04 -26.05
CA GLU D 1105 6.33 -15.71 -25.26
C GLU D 1105 6.44 -14.20 -25.09
N PRO D 1106 6.76 -13.72 -23.89
CA PRO D 1106 6.81 -12.28 -23.65
C PRO D 1106 7.83 -11.59 -24.53
N GLY D 1107 7.70 -10.27 -24.61
CA GLY D 1107 8.61 -9.42 -25.35
C GLY D 1107 9.56 -8.66 -24.44
N ILE D 1108 9.91 -7.45 -24.86
CA ILE D 1108 10.80 -6.58 -24.09
C ILE D 1108 9.94 -5.59 -23.31
N PRO D 1109 10.04 -5.55 -21.98
CA PRO D 1109 9.22 -4.60 -21.22
C PRO D 1109 9.57 -3.16 -21.56
N GLU D 1110 8.53 -2.32 -21.61
CA GLU D 1110 8.75 -0.91 -21.93
C GLU D 1110 9.63 -0.22 -20.91
N SER D 1111 9.62 -0.71 -19.66
CA SER D 1111 10.46 -0.12 -18.63
C SER D 1111 11.93 -0.20 -19.00
N PHE D 1112 12.35 -1.29 -19.64
CA PHE D 1112 13.74 -1.45 -20.03
C PHE D 1112 14.08 -0.59 -21.25
N LYS D 1113 13.15 -0.48 -22.20
CA LYS D 1113 13.40 0.38 -23.35
C LYS D 1113 13.52 1.84 -22.93
N VAL D 1114 12.69 2.27 -21.99
CA VAL D 1114 12.83 3.61 -21.43
C VAL D 1114 14.17 3.75 -20.71
N LEU D 1115 14.66 2.67 -20.10
CA LEU D 1115 15.94 2.74 -19.41
C LEU D 1115 17.07 3.04 -20.37
N LEU D 1116 17.06 2.43 -21.55
CA LEU D 1116 18.14 2.66 -22.51
C LEU D 1116 18.15 4.10 -23.00
N LYS D 1117 16.97 4.67 -23.28
CA LYS D 1117 16.92 6.06 -23.73
C LYS D 1117 17.40 7.00 -22.64
N GLU D 1118 17.04 6.73 -21.39
CA GLU D 1118 17.53 7.55 -20.28
C GLU D 1118 19.05 7.50 -20.20
N LEU D 1119 19.65 6.37 -20.56
CA LEU D 1119 21.11 6.29 -20.58
C LEU D 1119 21.68 7.07 -21.75
N GLN D 1120 21.05 6.97 -22.93
CA GLN D 1120 21.55 7.69 -24.10
C GLN D 1120 21.46 9.20 -23.91
N SER D 1121 20.37 9.68 -23.30
CA SER D 1121 20.25 11.10 -23.01
C SER D 1121 21.29 11.58 -22.02
N LEU D 1122 21.86 10.67 -21.22
CA LEU D 1122 22.94 11.00 -20.29
C LEU D 1122 24.31 10.93 -20.95
N CYS D 1123 24.37 10.86 -22.28
CA CYS D 1123 25.63 10.76 -23.00
C CYS D 1123 26.38 9.47 -22.67
N LEU D 1124 25.64 8.40 -22.43
CA LEU D 1124 26.19 7.06 -22.26
C LEU D 1124 25.72 6.21 -23.44
N ASN D 1125 26.65 5.76 -24.27
CA ASN D 1125 26.33 4.97 -25.46
C ASN D 1125 26.19 3.51 -25.06
N VAL D 1126 24.94 3.05 -24.95
CA VAL D 1126 24.65 1.66 -24.62
C VAL D 1126 24.26 0.93 -25.88
N GLU D 1127 24.64 -0.35 -25.97
CA GLU D 1127 24.34 -1.18 -27.12
C GLU D 1127 24.04 -2.59 -26.65
N VAL D 1128 22.93 -3.15 -27.11
CA VAL D 1128 22.53 -4.51 -26.79
C VAL D 1128 23.03 -5.42 -27.91
N LEU D 1129 24.09 -6.18 -27.63
CA LEU D 1129 24.74 -7.03 -28.61
C LEU D 1129 24.29 -8.47 -28.42
N SER D 1130 23.91 -9.12 -29.52
CA SER D 1130 23.62 -10.54 -29.53
C SER D 1130 24.94 -11.31 -29.71
N SER D 1131 24.84 -12.61 -29.96
CA SER D 1131 26.04 -13.38 -30.25
C SER D 1131 26.66 -12.95 -31.58
N ASP D 1132 25.85 -12.53 -32.54
CA ASP D 1132 26.29 -12.04 -33.83
C ASP D 1132 25.42 -10.87 -34.22
N GLY D 1133 25.58 -10.36 -35.43
CA GLY D 1133 24.82 -9.20 -35.84
C GLY D 1133 24.99 -8.11 -34.80
N ALA D 1134 26.24 -7.64 -34.70
CA ALA D 1134 26.77 -6.85 -33.58
C ALA D 1134 25.68 -6.16 -32.76
N ALA D 1135 25.05 -5.11 -33.29
CA ALA D 1135 24.12 -4.29 -32.52
C ALA D 1135 22.72 -4.39 -33.09
N ILE D 1136 21.74 -4.50 -32.20
CA ILE D 1136 20.32 -4.56 -32.57
C ILE D 1136 19.62 -3.34 -31.99
N GLU D 1137 18.70 -2.77 -32.77
CA GLU D 1137 17.92 -1.62 -32.35
C GLU D 1137 16.49 -2.05 -32.09
N MET D 1138 15.94 -1.66 -30.94
CA MET D 1138 14.63 -2.12 -30.51
C MET D 1138 13.54 -1.70 -31.50
N ARG D 1139 13.32 -0.39 -31.63
CA ARG D 1139 12.31 0.14 -32.53
C ARG D 1139 10.95 -0.53 -32.27
N ASP E 3 13.97 -7.49 -31.56
CA ASP E 3 13.00 -7.94 -30.59
C ASP E 3 13.01 -9.46 -30.47
N VAL E 4 14.21 -10.03 -30.49
CA VAL E 4 14.36 -11.47 -30.33
C VAL E 4 14.24 -11.92 -28.88
N ASN E 5 14.21 -11.01 -27.92
CA ASN E 5 14.07 -11.28 -26.50
C ASN E 5 15.27 -12.02 -25.91
N PHE E 6 16.27 -12.36 -26.71
CA PHE E 6 17.45 -13.07 -26.24
C PHE E 6 18.68 -12.40 -26.83
N PHE E 7 19.45 -11.73 -25.97
CA PHE E 7 20.70 -11.11 -26.35
C PHE E 7 21.78 -11.55 -25.37
N ASP E 8 23.01 -11.72 -25.89
CA ASP E 8 24.09 -12.24 -25.06
C ASP E 8 24.67 -11.16 -24.15
N GLU E 9 25.04 -10.00 -24.72
CA GLU E 9 25.78 -8.99 -23.99
C GLU E 9 25.04 -7.66 -23.99
N LEU E 10 25.39 -6.84 -22.99
CA LEU E 10 24.92 -5.47 -22.88
C LEU E 10 26.12 -4.62 -22.47
N ARG E 11 26.54 -3.72 -23.34
CA ARG E 11 27.80 -3.00 -23.17
C ARG E 11 27.58 -1.51 -23.32
N ILE E 12 28.39 -0.73 -22.59
CA ILE E 12 28.29 0.73 -22.61
C ILE E 12 29.62 1.35 -23.01
N GLY E 13 29.65 2.69 -23.05
CA GLY E 13 30.85 3.43 -23.40
C GLY E 13 30.55 4.90 -23.54
N LEU E 14 31.59 5.74 -23.52
CA LEU E 14 31.39 7.17 -23.67
C LEU E 14 30.81 7.48 -25.05
N ALA E 15 29.76 8.32 -25.07
CA ALA E 15 29.10 8.69 -26.31
C ALA E 15 29.79 9.92 -26.89
N THR E 16 30.46 9.74 -28.03
CA THR E 16 31.13 10.85 -28.69
C THR E 16 30.09 11.79 -29.32
N ALA E 17 30.56 12.99 -29.69
CA ALA E 17 29.68 13.94 -30.35
C ALA E 17 29.15 13.38 -31.67
N ASP E 18 29.91 12.51 -32.32
CA ASP E 18 29.44 11.89 -33.56
C ASP E 18 28.36 10.84 -33.28
N ASP E 19 28.56 10.02 -32.25
CA ASP E 19 27.51 9.08 -31.85
C ASP E 19 26.22 9.82 -31.51
N ILE E 20 26.34 11.01 -30.92
CA ILE E 20 25.15 11.80 -30.59
C ILE E 20 24.51 12.34 -31.86
N ARG E 21 25.33 12.81 -32.80
CA ARG E 21 24.78 13.28 -34.07
C ARG E 21 24.15 12.14 -34.87
N ASN E 22 24.66 10.91 -34.71
CA ASN E 22 24.11 9.78 -35.45
C ASN E 22 22.74 9.39 -34.90
N TRP E 23 22.59 9.39 -33.57
CA TRP E 23 21.28 9.04 -32.99
C TRP E 23 20.21 10.03 -33.41
N SER E 24 20.53 11.32 -33.38
CA SER E 24 19.51 12.36 -33.54
C SER E 24 18.91 12.35 -34.94
N TYR E 25 17.60 12.62 -35.01
CA TYR E 25 16.89 12.80 -36.26
C TYR E 25 16.86 14.26 -36.69
N GLY E 26 17.60 15.12 -36.02
CA GLY E 26 17.60 16.53 -36.32
C GLY E 26 17.99 17.33 -35.11
N GLU E 27 18.37 18.58 -35.35
CA GLU E 27 18.79 19.51 -34.31
C GLU E 27 17.62 20.40 -33.94
N VAL E 28 17.25 20.41 -32.66
CA VAL E 28 16.23 21.32 -32.15
C VAL E 28 16.87 22.69 -31.97
N LYS E 29 16.36 23.68 -32.71
CA LYS E 29 16.98 25.00 -32.77
C LYS E 29 16.30 26.02 -31.88
N LYS E 30 15.08 25.78 -31.41
CA LYS E 30 14.33 26.79 -30.67
C LYS E 30 13.88 26.25 -29.33
N PRO E 31 13.85 27.11 -28.29
CA PRO E 31 13.30 26.73 -26.99
C PRO E 31 11.79 26.88 -26.90
N GLU E 32 11.10 26.39 -27.93
CA GLU E 32 9.64 26.46 -28.03
C GLU E 32 9.04 25.08 -27.85
N THR E 33 7.91 25.01 -27.15
CA THR E 33 7.23 23.75 -26.92
C THR E 33 6.02 23.57 -27.84
N ILE E 34 5.04 24.47 -27.75
CA ILE E 34 3.81 24.35 -28.54
C ILE E 34 3.20 25.73 -28.66
N ASN E 35 2.56 25.98 -29.81
CA ASN E 35 1.87 27.24 -30.02
C ASN E 35 0.83 27.45 -28.93
N TYR E 36 0.68 28.71 -28.49
CA TYR E 36 -0.25 29.02 -27.42
C TYR E 36 -1.70 29.04 -27.88
N ARG E 37 -1.95 29.19 -29.18
CA ARG E 37 -3.32 29.15 -29.71
C ARG E 37 -3.67 27.75 -30.20
N THR E 38 -2.94 27.25 -31.19
CA THR E 38 -3.23 25.95 -31.77
C THR E 38 -2.86 24.80 -30.84
N LEU E 39 -1.97 25.05 -29.87
CA LEU E 39 -1.49 24.01 -28.95
C LEU E 39 -0.85 22.86 -29.72
N LYS E 40 -0.21 23.16 -30.86
CA LYS E 40 0.44 22.16 -31.68
C LYS E 40 1.95 22.38 -31.67
N PRO E 41 2.72 21.33 -31.95
CA PRO E 41 4.19 21.45 -31.85
C PRO E 41 4.74 22.50 -32.80
N GLU E 42 5.60 23.37 -32.26
CA GLU E 42 6.24 24.41 -33.05
C GLU E 42 7.42 23.84 -33.82
N LYS E 43 7.60 24.32 -35.05
CA LYS E 43 8.66 23.81 -35.91
C LYS E 43 10.03 24.21 -35.38
N ASP E 44 11.00 23.33 -35.54
CA ASP E 44 12.40 23.53 -35.19
C ASP E 44 12.65 23.59 -33.68
N GLY E 45 11.60 23.51 -32.86
CA GLY E 45 11.75 23.50 -31.42
C GLY E 45 11.53 22.10 -30.84
N LEU E 46 11.36 22.07 -29.52
CA LEU E 46 11.00 20.83 -28.85
C LEU E 46 9.62 20.36 -29.34
N PHE E 47 9.43 19.05 -29.33
CA PHE E 47 8.21 18.39 -29.80
C PHE E 47 8.03 18.51 -31.31
N CYS E 48 8.98 19.09 -32.03
CA CYS E 48 8.83 19.28 -33.47
C CYS E 48 8.62 17.93 -34.16
N GLU E 49 7.51 17.84 -34.91
CA GLU E 49 7.20 16.59 -35.60
C GLU E 49 8.20 16.31 -36.72
N LYS E 50 8.81 17.35 -37.28
CA LYS E 50 9.76 17.15 -38.37
C LYS E 50 10.97 16.33 -37.95
N ILE E 51 11.23 16.24 -36.64
CA ILE E 51 12.40 15.51 -36.14
C ILE E 51 11.96 14.34 -35.27
N PHE E 52 11.18 14.62 -34.22
CA PHE E 52 10.85 13.57 -33.26
C PHE E 52 9.85 12.56 -33.85
N GLY E 53 8.71 13.05 -34.34
CA GLY E 53 7.72 12.18 -34.92
C GLY E 53 6.36 12.81 -35.02
N PRO E 54 5.49 12.22 -35.84
CA PRO E 54 4.14 12.77 -36.01
C PRO E 54 3.27 12.54 -34.78
N THR E 55 2.38 13.50 -34.52
CA THR E 55 1.50 13.39 -33.37
C THR E 55 0.44 12.33 -33.58
N ARG E 56 -0.11 12.24 -34.79
CA ARG E 56 -1.18 11.31 -35.13
C ARG E 56 -0.67 10.24 -36.08
N ASP E 57 -1.25 9.05 -35.98
CA ASP E 57 -0.75 7.89 -36.70
C ASP E 57 -0.94 8.07 -38.21
N TRP E 58 0.15 7.90 -38.97
CA TRP E 58 0.11 7.91 -40.43
C TRP E 58 -0.46 9.22 -40.99
N GLU E 59 -0.27 10.32 -40.27
CA GLU E 59 -0.75 11.62 -40.72
C GLU E 59 0.34 12.66 -40.49
N CYS E 60 0.60 13.48 -41.49
CA CYS E 60 1.63 14.51 -41.42
C CYS E 60 1.07 15.75 -40.73
N TYR E 61 1.84 16.84 -40.75
CA TYR E 61 1.45 18.05 -40.05
C TYR E 61 0.44 18.87 -40.87
N CYS E 62 0.75 19.13 -42.14
CA CYS E 62 -0.14 19.95 -42.96
C CYS E 62 -1.40 19.18 -43.34
N GLY E 63 -1.30 17.86 -43.51
CA GLY E 63 -2.45 17.04 -43.83
C GLY E 63 -2.54 16.55 -45.26
N LYS E 64 -1.51 16.78 -46.08
CA LYS E 64 -1.56 16.31 -47.46
C LYS E 64 -1.38 14.80 -47.57
N TYR E 65 -1.05 14.12 -46.48
CA TYR E 65 -0.90 12.66 -46.46
C TYR E 65 -1.56 12.15 -45.19
N LYS E 66 -2.72 11.49 -45.34
CA LYS E 66 -3.50 11.05 -44.20
C LYS E 66 -3.67 9.54 -44.13
N ARG E 67 -4.00 8.90 -45.25
CA ARG E 67 -4.28 7.47 -45.23
C ARG E 67 -2.99 6.67 -45.08
N VAL E 68 -3.15 5.40 -44.68
CA VAL E 68 -2.01 4.51 -44.50
C VAL E 68 -1.29 4.18 -45.81
N ARG E 69 -1.90 4.51 -46.95
CA ARG E 69 -1.27 4.22 -48.23
C ARG E 69 0.13 4.83 -48.30
N PHE E 70 0.29 6.06 -47.80
CA PHE E 70 1.57 6.72 -47.75
C PHE E 70 2.26 6.39 -46.43
N LYS E 71 3.28 5.55 -46.48
CA LYS E 71 4.09 5.26 -45.31
C LYS E 71 5.55 5.14 -45.74
N GLY E 72 6.45 5.39 -44.79
CA GLY E 72 7.86 5.44 -45.13
C GLY E 72 8.26 6.62 -45.98
N ILE E 73 7.36 7.57 -46.19
CA ILE E 73 7.65 8.77 -46.96
C ILE E 73 7.56 9.98 -46.02
N ILE E 74 8.08 11.10 -46.49
CA ILE E 74 8.07 12.34 -45.74
C ILE E 74 7.19 13.34 -46.48
N CYS E 75 6.78 14.38 -45.76
CA CYS E 75 5.96 15.44 -46.35
C CYS E 75 6.85 16.54 -46.90
N GLU E 76 6.56 16.96 -48.14
CA GLU E 76 7.38 18.00 -48.77
C GLU E 76 7.13 19.36 -48.14
N ARG E 77 5.92 19.61 -47.64
CA ARG E 77 5.58 20.94 -47.14
C ARG E 77 6.02 21.12 -45.69
N CYS E 78 5.77 20.13 -44.83
CA CYS E 78 6.06 20.24 -43.41
C CYS E 78 7.25 19.41 -42.95
N GLY E 79 7.65 18.40 -43.72
CA GLY E 79 8.83 17.63 -43.38
C GLY E 79 8.60 16.55 -42.34
N VAL E 80 7.38 16.04 -42.21
CA VAL E 80 7.05 15.02 -41.23
C VAL E 80 6.97 13.67 -41.94
N GLU E 81 7.77 12.72 -41.46
CA GLU E 81 7.68 11.35 -41.97
C GLU E 81 6.36 10.73 -41.53
N VAL E 82 5.66 10.11 -42.47
CA VAL E 82 4.37 9.49 -42.20
C VAL E 82 4.61 8.07 -41.69
N THR E 83 4.30 7.83 -40.42
CA THR E 83 4.46 6.52 -39.80
C THR E 83 3.64 6.52 -38.52
N ARG E 84 3.77 5.44 -37.75
CA ARG E 84 3.06 5.35 -36.48
C ARG E 84 3.55 6.45 -35.53
N ALA E 85 2.64 6.90 -34.66
CA ALA E 85 2.99 7.94 -33.71
C ALA E 85 3.88 7.44 -32.58
N LYS E 86 4.09 6.12 -32.47
CA LYS E 86 4.94 5.59 -31.43
C LYS E 86 6.39 6.04 -31.58
N VAL E 87 6.80 6.43 -32.79
CA VAL E 87 8.18 6.84 -33.01
C VAL E 87 8.54 8.09 -32.22
N ARG E 88 7.55 8.87 -31.80
CA ARG E 88 7.83 10.02 -30.93
C ARG E 88 8.52 9.58 -29.65
N ARG E 89 8.30 8.34 -29.21
CA ARG E 89 8.91 7.81 -28.01
C ARG E 89 10.27 7.18 -28.25
N GLU E 90 10.61 6.89 -29.52
CA GLU E 90 11.85 6.20 -29.85
C GLU E 90 12.90 7.09 -30.48
N ARG E 91 12.56 8.30 -30.92
CA ARG E 91 13.47 9.14 -31.67
C ARG E 91 14.01 10.28 -30.79
N MET E 92 15.31 10.53 -30.92
CA MET E 92 16.00 11.57 -30.18
C MET E 92 16.41 12.70 -31.09
N GLY E 93 16.62 13.88 -30.49
CA GLY E 93 17.23 15.00 -31.14
C GLY E 93 18.62 15.29 -30.58
N HIS E 94 19.14 16.45 -30.94
CA HIS E 94 20.44 16.87 -30.44
C HIS E 94 20.53 18.38 -30.50
N ILE E 95 21.54 18.92 -29.80
CA ILE E 95 21.76 20.36 -29.70
C ILE E 95 23.24 20.61 -29.98
N GLU E 96 23.54 21.28 -31.08
CA GLU E 96 24.91 21.63 -31.40
C GLU E 96 25.36 22.80 -30.53
N LEU E 97 26.44 22.60 -29.78
CA LEU E 97 26.93 23.60 -28.84
C LEU E 97 27.87 24.56 -29.53
N ALA E 98 27.69 25.85 -29.26
CA ALA E 98 28.60 26.87 -29.79
C ALA E 98 29.95 26.84 -29.09
N ALA E 99 30.03 26.22 -27.91
CA ALA E 99 31.27 26.10 -27.17
C ALA E 99 31.27 24.74 -26.46
N PRO E 100 32.42 24.07 -26.40
CA PRO E 100 32.47 22.77 -25.73
C PRO E 100 32.04 22.88 -24.26
N VAL E 101 31.61 21.75 -23.73
CA VAL E 101 31.08 21.66 -22.37
C VAL E 101 31.48 20.32 -21.77
N THR E 102 31.79 20.33 -20.47
CA THR E 102 32.20 19.11 -19.79
C THR E 102 30.99 18.33 -19.30
N HIS E 103 31.13 17.01 -19.28
CA HIS E 103 30.10 16.15 -18.69
C HIS E 103 30.30 16.14 -17.17
N ILE E 104 29.27 16.58 -16.44
CA ILE E 104 29.41 16.78 -15.00
C ILE E 104 29.75 15.49 -14.28
N TRP E 105 29.45 14.33 -14.88
CA TRP E 105 29.72 13.07 -14.20
C TRP E 105 31.21 12.80 -14.07
N TYR E 106 32.01 13.19 -15.05
CA TYR E 106 33.44 12.95 -15.02
C TYR E 106 34.23 14.08 -14.38
N PHE E 107 33.58 15.18 -14.02
CA PHE E 107 34.23 16.31 -13.36
C PHE E 107 33.97 16.31 -11.85
N LYS E 108 32.71 16.34 -11.45
CA LYS E 108 32.34 16.38 -10.04
C LYS E 108 32.24 15.00 -9.42
N GLY E 109 32.51 13.94 -10.17
CA GLY E 109 32.46 12.61 -9.61
C GLY E 109 33.48 12.42 -8.49
N VAL E 110 33.25 11.37 -7.71
CA VAL E 110 34.12 11.05 -6.59
C VAL E 110 34.58 9.60 -6.73
N PRO E 111 35.81 9.34 -7.21
CA PRO E 111 36.81 10.35 -7.55
C PRO E 111 36.54 11.08 -8.87
N SER E 112 37.20 12.22 -9.08
CA SER E 112 37.07 12.98 -10.31
C SER E 112 37.86 12.31 -11.41
N ARG E 113 37.17 11.93 -12.50
CA ARG E 113 37.83 11.19 -13.57
C ARG E 113 38.77 12.07 -14.37
N LEU E 114 38.34 13.29 -14.71
CA LEU E 114 39.25 14.21 -15.37
C LEU E 114 40.39 14.61 -14.46
N GLY E 115 40.09 14.82 -13.17
CA GLY E 115 41.15 15.18 -12.23
C GLY E 115 42.24 14.14 -12.15
N TYR E 116 41.86 12.86 -12.08
CA TYR E 116 42.84 11.79 -12.06
C TYR E 116 43.45 11.51 -13.42
N LEU E 117 42.83 12.01 -14.49
CA LEU E 117 43.34 11.73 -15.84
C LEU E 117 44.42 12.73 -16.24
N LEU E 118 44.22 14.01 -15.95
CA LEU E 118 45.20 15.05 -16.28
C LEU E 118 45.98 15.52 -15.06
N ASP E 119 45.76 14.93 -13.89
CA ASP E 119 46.41 15.35 -12.65
C ASP E 119 46.10 16.81 -12.33
N LEU E 120 44.80 17.09 -12.24
CA LEU E 120 44.29 18.40 -11.84
C LEU E 120 43.47 18.23 -10.57
N ALA E 121 43.88 18.91 -9.51
CA ALA E 121 43.13 18.83 -8.27
C ALA E 121 41.68 19.25 -8.49
N PRO E 122 40.72 18.62 -7.82
CA PRO E 122 39.32 18.97 -8.06
C PRO E 122 39.01 20.43 -7.82
N LYS E 123 39.74 21.09 -6.92
CA LYS E 123 39.54 22.52 -6.70
C LYS E 123 40.20 23.35 -7.79
N ASP E 124 41.25 22.82 -8.43
CA ASP E 124 41.84 23.51 -9.58
C ASP E 124 41.03 23.28 -10.84
N LEU E 125 40.52 22.06 -11.03
CA LEU E 125 39.74 21.76 -12.24
C LEU E 125 38.43 22.52 -12.25
N GLU E 126 37.83 22.76 -11.09
CA GLU E 126 36.59 23.53 -11.05
C GLU E 126 36.79 24.98 -11.48
N LYS E 127 37.99 25.52 -11.26
CA LYS E 127 38.28 26.89 -11.62
C LYS E 127 38.57 27.08 -13.11
N ILE E 128 38.75 25.98 -13.86
CA ILE E 128 39.04 26.08 -15.29
C ILE E 128 37.74 26.06 -16.08
N ILE E 129 36.98 24.97 -15.97
CA ILE E 129 35.78 24.81 -16.78
C ILE E 129 34.71 25.83 -16.43
N TYR E 130 34.77 26.43 -15.23
CA TYR E 130 33.85 27.47 -14.83
C TYR E 130 34.45 28.86 -15.00
N PHE E 131 35.58 28.98 -15.71
CA PHE E 131 36.13 30.26 -16.12
C PHE E 131 36.56 31.11 -14.93
N ALA E 132 37.22 30.47 -13.96
CA ALA E 132 37.78 31.17 -12.82
C ALA E 132 39.30 31.32 -12.89
N ALA E 133 39.93 30.79 -13.94
CA ALA E 133 41.37 30.85 -14.07
C ALA E 133 41.74 30.48 -15.50
N TYR E 134 42.94 30.89 -15.90
CA TYR E 134 43.51 30.54 -17.20
C TYR E 134 44.41 29.33 -17.07
N VAL E 135 44.48 28.54 -18.14
CA VAL E 135 45.34 27.36 -18.21
C VAL E 135 46.20 27.46 -19.46
N ILE E 136 47.49 27.18 -19.32
CA ILE E 136 48.41 27.22 -20.44
C ILE E 136 48.21 25.96 -21.28
N THR E 137 47.81 26.13 -22.53
CA THR E 137 47.60 25.00 -23.43
C THR E 137 48.87 24.60 -24.16
N SER E 138 49.65 25.56 -24.64
CA SER E 138 50.85 25.25 -25.41
C SER E 138 51.88 26.35 -25.19
N VAL E 139 53.15 25.97 -25.29
CA VAL E 139 54.28 26.90 -25.16
C VAL E 139 55.32 26.53 -26.21
N ASP E 140 55.99 27.56 -26.72
CA ASP E 140 57.02 27.40 -27.74
C ASP E 140 58.38 27.40 -27.05
N ASP E 141 59.07 26.25 -27.10
CA ASP E 141 60.33 26.11 -26.38
C ASP E 141 61.49 26.76 -27.12
N GLU E 142 61.56 26.59 -28.45
CA GLU E 142 62.69 27.11 -29.21
C GLU E 142 62.77 28.62 -29.11
N MET E 143 61.66 29.32 -29.35
CA MET E 143 61.69 30.78 -29.34
C MET E 143 62.01 31.31 -27.95
N ARG E 144 61.49 30.66 -26.90
CA ARG E 144 61.78 31.11 -25.55
C ARG E 144 63.26 30.96 -25.22
N HIS E 145 63.86 29.82 -25.61
CA HIS E 145 65.26 29.58 -25.31
C HIS E 145 66.17 30.47 -26.13
N ASN E 146 65.80 30.78 -27.38
CA ASN E 146 66.65 31.61 -28.24
C ASN E 146 66.58 33.07 -27.84
N GLU E 147 65.42 33.56 -27.44
CA GLU E 147 65.24 34.96 -27.07
C GLU E 147 65.37 35.21 -25.58
N LEU E 148 65.67 34.17 -24.78
CA LEU E 148 65.78 34.36 -23.34
C LEU E 148 66.81 35.42 -22.99
N SER E 149 67.87 35.55 -23.80
CA SER E 149 68.92 36.52 -23.50
C SER E 149 68.38 37.94 -23.54
N THR E 150 67.79 38.33 -24.67
CA THR E 150 67.32 39.71 -24.83
C THR E 150 66.19 40.02 -23.85
N LEU E 151 65.33 39.04 -23.58
CA LEU E 151 64.19 39.28 -22.70
C LEU E 151 64.64 39.51 -21.26
N GLU E 152 65.66 38.77 -20.81
CA GLU E 152 66.19 38.99 -19.48
C GLU E 152 66.81 40.38 -19.36
N ALA E 153 67.44 40.85 -20.44
CA ALA E 153 68.02 42.19 -20.43
C ALA E 153 66.94 43.25 -20.31
N GLU E 154 65.94 43.21 -21.21
CA GLU E 154 64.86 44.19 -21.14
C GLU E 154 64.11 44.12 -19.83
N MET E 155 63.98 42.92 -19.25
CA MET E 155 63.25 42.78 -18.00
C MET E 155 64.02 43.42 -16.85
N ALA E 156 65.33 43.16 -16.78
CA ALA E 156 66.15 43.77 -15.73
C ALA E 156 66.29 45.27 -15.93
N VAL E 157 66.22 45.74 -17.18
CA VAL E 157 66.29 47.18 -17.43
C VAL E 157 65.03 47.87 -16.94
N GLU E 158 63.87 47.32 -17.29
CA GLU E 158 62.62 47.87 -16.78
C GLU E 158 62.55 47.77 -15.26
N LYS E 159 62.99 46.64 -14.71
CA LYS E 159 63.03 46.50 -13.25
C LYS E 159 63.98 47.50 -12.62
N LYS E 160 65.09 47.81 -13.31
CA LYS E 160 66.03 48.80 -12.80
C LYS E 160 65.45 50.20 -12.93
N ALA E 161 64.73 50.48 -14.02
CA ALA E 161 64.11 51.78 -14.18
C ALA E 161 63.12 52.08 -13.06
N VAL E 162 62.47 51.05 -12.52
CA VAL E 162 61.59 51.25 -11.38
C VAL E 162 62.39 51.49 -10.11
N GLU E 163 63.48 50.72 -9.92
CA GLU E 163 64.35 50.95 -8.77
C GLU E 163 64.94 52.35 -8.79
N ASP E 164 65.35 52.83 -9.97
CA ASP E 164 65.87 54.19 -10.06
C ASP E 164 64.80 55.21 -9.75
N GLN E 165 63.56 54.95 -10.17
CA GLN E 165 62.46 55.87 -9.88
C GLN E 165 62.14 55.88 -8.39
N ARG E 166 62.09 54.71 -7.76
CA ARG E 166 61.84 54.65 -6.32
C ARG E 166 62.85 55.50 -5.55
N ASP E 167 64.14 55.28 -5.82
CA ASP E 167 65.17 56.04 -5.12
C ASP E 167 65.11 57.52 -5.46
N ALA E 168 64.69 57.86 -6.68
CA ALA E 168 64.61 59.26 -7.08
C ALA E 168 63.40 59.95 -6.48
N ASP E 169 62.25 59.28 -6.46
CA ASP E 169 61.04 59.89 -5.91
C ASP E 169 61.12 60.01 -4.40
N LEU E 170 61.77 59.08 -3.72
CA LEU E 170 61.84 59.12 -2.26
C LEU E 170 62.69 60.29 -1.78
N GLU E 171 63.90 60.44 -2.34
CA GLU E 171 64.79 61.49 -1.88
C GLU E 171 64.18 62.87 -2.12
N ALA E 172 63.52 63.06 -3.26
CA ALA E 172 62.90 64.36 -3.54
C ALA E 172 61.84 64.70 -2.50
N ARG E 173 61.02 63.72 -2.12
CA ARG E 173 59.98 63.97 -1.13
C ARG E 173 60.57 64.05 0.28
N ALA E 174 61.51 63.16 0.60
CA ALA E 174 62.17 63.23 1.90
C ALA E 174 62.96 64.52 2.05
N GLN E 175 63.48 65.07 0.95
CA GLN E 175 64.16 66.35 0.99
C GLN E 175 63.20 67.47 1.37
N LYS E 176 61.97 67.41 0.85
CA LYS E 176 61.01 68.47 1.12
C LYS E 176 60.57 68.49 2.58
N LEU E 177 60.61 67.35 3.25
CA LEU E 177 60.22 67.30 4.66
C LEU E 177 61.13 68.16 5.52
N GLU E 178 62.41 68.28 5.14
CA GLU E 178 63.34 69.09 5.93
C GLU E 178 63.02 70.57 5.81
N ALA E 179 62.43 71.00 4.70
CA ALA E 179 62.13 72.42 4.52
C ALA E 179 61.05 72.88 5.49
N ASP E 180 60.03 72.04 5.72
CA ASP E 180 58.96 72.40 6.65
C ASP E 180 59.49 72.53 8.08
N LEU E 181 60.43 71.67 8.47
CA LEU E 181 60.99 71.75 9.81
C LEU E 181 61.83 72.99 10.01
N ALA E 182 62.42 73.53 8.94
CA ALA E 182 63.19 74.76 9.07
C ALA E 182 62.30 75.91 9.54
N GLU E 183 61.06 75.96 9.05
CA GLU E 183 60.12 76.97 9.53
C GLU E 183 59.72 76.69 10.97
N LEU E 184 59.45 75.44 11.30
CA LEU E 184 58.96 75.10 12.64
C LEU E 184 59.99 75.38 13.72
N GLU E 185 61.27 75.48 13.38
CA GLU E 185 62.25 75.90 14.37
C GLU E 185 62.09 77.37 14.71
N ALA E 186 61.90 78.22 13.69
CA ALA E 186 61.69 79.64 13.93
C ALA E 186 60.25 79.95 14.31
N GLU E 187 59.29 79.30 13.66
CA GLU E 187 57.88 79.50 13.95
C GLU E 187 57.52 78.66 15.19
N GLY E 188 56.22 78.50 15.43
CA GLY E 188 55.76 77.77 16.60
C GLY E 188 56.51 76.48 16.83
N ALA E 189 57.25 76.41 17.94
CA ALA E 189 58.16 75.31 18.22
C ALA E 189 57.67 74.54 19.43
N LYS E 190 57.25 73.29 19.21
CA LYS E 190 56.89 72.39 20.29
C LYS E 190 57.43 71.00 19.95
N SER E 191 57.40 70.12 20.95
CA SER E 191 57.82 68.74 20.75
C SER E 191 56.74 67.89 20.07
N ASP E 192 55.48 68.32 20.13
CA ASP E 192 54.37 67.55 19.57
C ASP E 192 53.80 68.16 18.30
N VAL E 193 54.16 69.40 17.97
CA VAL E 193 53.62 70.03 16.77
C VAL E 193 54.29 69.49 15.52
N ARG E 194 55.62 69.30 15.57
CA ARG E 194 56.35 68.78 14.43
C ARG E 194 56.44 67.26 14.41
N ARG E 195 56.22 66.60 15.55
CA ARG E 195 56.29 65.14 15.59
C ARG E 195 55.17 64.52 14.78
N LYS E 196 54.01 65.16 14.71
CA LYS E 196 52.89 64.61 13.93
C LYS E 196 53.23 64.59 12.45
N VAL E 197 53.64 65.72 11.90
CA VAL E 197 54.01 65.76 10.48
C VAL E 197 55.26 64.93 10.24
N ARG E 198 56.14 64.83 11.24
CA ARG E 198 57.30 63.94 11.10
C ARG E 198 56.86 62.49 11.04
N ASP E 199 55.97 62.08 11.95
CA ASP E 199 55.40 60.74 11.87
C ASP E 199 54.50 60.59 10.65
N SER E 200 53.86 61.68 10.21
CA SER E 200 53.09 61.64 8.97
C SER E 200 54.01 61.48 7.77
N GLY E 201 55.12 62.22 7.75
CA GLY E 201 56.07 62.08 6.66
C GLY E 201 56.61 60.68 6.53
N GLU E 202 56.93 60.04 7.67
CA GLU E 202 57.37 58.66 7.63
C GLU E 202 56.28 57.75 7.10
N ARG E 203 55.03 57.98 7.52
CA ARG E 203 53.91 57.21 7.00
C ARG E 203 53.75 57.44 5.50
N GLU E 204 53.94 58.67 5.04
CA GLU E 204 53.84 58.96 3.62
C GLU E 204 54.94 58.27 2.83
N MET E 205 56.14 58.17 3.41
CA MET E 205 57.25 57.52 2.73
C MET E 205 57.11 56.01 2.72
N ARG E 206 56.62 55.43 3.83
CA ARG E 206 56.46 53.98 3.88
C ARG E 206 55.58 53.47 2.75
N GLN E 207 54.59 54.26 2.33
CA GLN E 207 53.77 53.85 1.19
C GLN E 207 54.55 53.90 -0.10
N LEU E 208 55.42 54.90 -0.25
CA LEU E 208 56.21 55.03 -1.47
C LEU E 208 57.13 53.82 -1.66
N ARG E 209 57.79 53.38 -0.59
CA ARG E 209 58.63 52.18 -0.68
C ARG E 209 57.80 50.97 -1.07
N ASP E 210 56.64 50.79 -0.43
CA ASP E 210 55.87 49.57 -0.63
C ASP E 210 55.20 49.56 -2.00
N ARG E 211 54.63 50.68 -2.44
CA ARG E 211 54.03 50.72 -3.77
C ARG E 211 55.08 50.48 -4.85
N ALA E 212 56.31 50.95 -4.64
CA ALA E 212 57.37 50.65 -5.59
C ALA E 212 57.85 49.21 -5.44
N GLN E 213 57.95 48.74 -4.19
CA GLN E 213 58.36 47.35 -3.97
C GLN E 213 57.33 46.37 -4.52
N ARG E 214 56.05 46.61 -4.23
CA ARG E 214 55.01 45.71 -4.72
C ARG E 214 55.00 45.63 -6.24
N GLU E 215 55.49 46.67 -6.92
CA GLU E 215 55.61 46.60 -8.37
C GLU E 215 56.79 45.72 -8.78
N LEU E 216 57.87 45.71 -7.99
CA LEU E 216 59.00 44.84 -8.30
C LEU E 216 58.62 43.37 -8.15
N ASP E 217 57.90 43.02 -7.08
CA ASP E 217 57.40 41.66 -6.95
C ASP E 217 56.47 41.31 -8.11
N ARG E 218 55.54 42.22 -8.42
CA ARG E 218 54.66 42.03 -9.56
C ARG E 218 55.46 41.80 -10.84
N LEU E 219 56.52 42.60 -11.04
CA LEU E 219 57.37 42.45 -12.22
C LEU E 219 58.27 41.21 -12.11
N ASP E 220 58.73 40.89 -10.90
CA ASP E 220 59.46 39.64 -10.71
C ASP E 220 58.58 38.44 -10.96
N GLU E 221 57.30 38.52 -10.56
CA GLU E 221 56.39 37.41 -10.74
C GLU E 221 56.15 37.12 -12.22
N ILE E 222 56.18 38.15 -13.06
CA ILE E 222 55.97 37.95 -14.49
C ILE E 222 57.14 37.20 -15.11
N TRP E 223 58.37 37.54 -14.70
CA TRP E 223 59.54 36.91 -15.31
C TRP E 223 59.71 35.47 -14.85
N ASN E 224 59.60 35.24 -13.54
CA ASN E 224 59.74 33.87 -13.04
C ASN E 224 58.64 32.95 -13.58
N THR E 225 57.44 33.49 -13.79
CA THR E 225 56.38 32.68 -14.36
C THR E 225 56.63 32.38 -15.83
N PHE E 226 57.18 33.36 -16.56
CA PHE E 226 57.50 33.14 -17.97
C PHE E 226 58.60 32.09 -18.12
N THR E 227 59.63 32.16 -17.28
CA THR E 227 60.74 31.22 -17.41
C THR E 227 60.30 29.79 -17.14
N LYS E 228 59.57 29.57 -16.05
CA LYS E 228 59.06 28.25 -15.71
C LYS E 228 57.70 27.96 -16.32
N LEU E 229 57.28 28.76 -17.30
CA LEU E 229 55.99 28.54 -17.94
C LEU E 229 56.01 27.23 -18.72
N ALA E 230 54.96 26.43 -18.56
CA ALA E 230 54.88 25.14 -19.22
C ALA E 230 53.41 24.76 -19.39
N PRO E 231 53.10 23.81 -20.26
CA PRO E 231 51.71 23.36 -20.42
C PRO E 231 51.15 22.83 -19.11
N LYS E 232 49.81 22.86 -19.02
CA LYS E 232 49.03 22.41 -17.88
C LYS E 232 49.14 23.34 -16.67
N GLN E 233 49.93 24.41 -16.75
CA GLN E 233 50.01 25.35 -15.64
C GLN E 233 48.76 26.22 -15.58
N LEU E 234 48.46 26.73 -14.39
CA LEU E 234 47.27 27.52 -14.13
C LEU E 234 47.66 28.92 -13.68
N ILE E 235 46.85 29.90 -14.09
CA ILE E 235 47.06 31.30 -13.73
C ILE E 235 45.71 31.87 -13.28
N VAL E 236 45.58 32.11 -11.97
CA VAL E 236 44.34 32.67 -11.44
C VAL E 236 44.39 34.19 -11.32
N ASP E 237 45.55 34.80 -11.56
CA ASP E 237 45.67 36.25 -11.41
C ASP E 237 44.87 36.97 -12.48
N GLU E 238 45.12 36.63 -13.75
CA GLU E 238 44.37 37.18 -14.88
C GLU E 238 44.75 38.62 -15.18
N VAL E 239 45.49 39.25 -14.27
CA VAL E 239 46.18 40.50 -14.58
C VAL E 239 47.64 40.23 -14.91
N LEU E 240 48.24 39.27 -14.19
CA LEU E 240 49.50 38.69 -14.62
C LEU E 240 49.37 38.04 -15.99
N TYR E 241 48.24 37.36 -16.23
CA TYR E 241 48.06 36.70 -17.52
C TYR E 241 47.98 37.71 -18.66
N ARG E 242 47.16 38.75 -18.49
CA ARG E 242 47.09 39.79 -19.51
C ARG E 242 48.45 40.42 -19.72
N GLU E 243 49.16 40.73 -18.63
CA GLU E 243 50.54 41.20 -18.74
C GLU E 243 51.41 40.13 -19.39
N LEU E 244 51.20 38.86 -19.04
CA LEU E 244 51.95 37.77 -19.64
C LEU E 244 51.68 37.62 -21.13
N GLN E 245 50.52 38.09 -21.60
CA GLN E 245 50.19 38.04 -23.02
C GLN E 245 50.49 39.34 -23.74
N ASP E 246 50.44 40.47 -23.03
CA ASP E 246 50.88 41.73 -23.64
C ASP E 246 52.30 41.62 -24.14
N ARG E 247 53.21 41.18 -23.28
CA ARG E 247 54.59 40.89 -23.65
C ARG E 247 54.82 39.38 -23.62
N TYR E 248 55.66 38.90 -24.53
CA TYR E 248 55.87 37.48 -24.74
C TYR E 248 54.57 36.76 -25.11
N GLY E 249 53.66 37.45 -25.78
CA GLY E 249 52.39 36.86 -26.14
C GLY E 249 52.48 35.82 -27.24
N GLU E 250 53.53 35.86 -28.04
CA GLU E 250 53.72 34.92 -29.15
C GLU E 250 54.45 33.65 -28.75
N TYR E 251 54.92 33.56 -27.51
CA TYR E 251 55.67 32.38 -27.07
C TYR E 251 54.78 31.27 -26.52
N PHE E 252 53.53 31.58 -26.18
CA PHE E 252 52.67 30.60 -25.52
C PHE E 252 51.22 30.86 -25.94
N THR E 253 50.33 30.00 -25.45
CA THR E 253 48.89 30.12 -25.70
C THR E 253 48.14 29.67 -24.46
N GLY E 254 46.93 30.19 -24.30
CA GLY E 254 46.12 29.85 -23.15
C GLY E 254 44.66 30.08 -23.43
N ALA E 255 43.81 29.35 -22.70
CA ALA E 255 42.36 29.47 -22.84
C ALA E 255 41.72 29.12 -21.51
N MET E 256 40.39 29.20 -21.46
CA MET E 256 39.61 28.87 -20.29
C MET E 256 38.50 27.91 -20.69
N GLY E 257 37.71 27.50 -19.70
CA GLY E 257 36.53 26.69 -19.96
C GLY E 257 36.85 25.31 -20.50
N ALA E 258 35.79 24.65 -20.95
CA ALA E 258 35.89 23.27 -21.43
C ALA E 258 36.69 23.17 -22.72
N GLU E 259 36.77 24.24 -23.51
CA GLU E 259 37.53 24.16 -24.75
C GLU E 259 39.03 24.05 -24.49
N SER E 260 39.51 24.64 -23.39
CA SER E 260 40.91 24.45 -23.02
C SER E 260 41.15 23.04 -22.51
N ILE E 261 40.23 22.51 -21.69
CA ILE E 261 40.32 21.12 -21.29
C ILE E 261 40.28 20.21 -22.50
N LYS E 262 39.45 20.55 -23.49
CA LYS E 262 39.41 19.79 -24.72
C LYS E 262 40.75 19.82 -25.46
N LYS E 263 41.51 20.90 -25.29
CA LYS E 263 42.77 21.04 -26.00
C LYS E 263 43.85 20.13 -25.41
N LEU E 264 43.90 20.02 -24.08
CA LEU E 264 44.90 19.17 -23.46
C LEU E 264 44.72 17.71 -23.86
N ILE E 265 43.48 17.26 -23.99
CA ILE E 265 43.24 15.88 -24.41
C ILE E 265 43.62 15.69 -25.87
N GLU E 266 43.51 16.74 -26.69
CA GLU E 266 43.87 16.61 -28.09
C GLU E 266 45.34 16.21 -28.26
N ASN E 267 46.24 16.95 -27.63
CA ASN E 267 47.66 16.60 -27.61
C ASN E 267 47.96 15.98 -26.25
N PHE E 268 47.79 14.66 -26.17
CA PHE E 268 47.99 13.90 -24.93
C PHE E 268 48.29 12.47 -25.33
N ASP E 269 49.31 11.89 -24.70
CA ASP E 269 49.77 10.54 -25.03
C ASP E 269 49.42 9.61 -23.86
N ILE E 270 48.46 8.73 -24.09
CA ILE E 270 48.02 7.81 -23.03
C ILE E 270 49.16 6.86 -22.66
N ASP E 271 49.82 6.30 -23.68
CA ASP E 271 50.89 5.34 -23.41
C ASP E 271 52.09 6.04 -22.76
N ALA E 272 52.43 7.24 -23.22
CA ALA E 272 53.55 7.96 -22.61
C ALA E 272 53.21 8.44 -21.21
N GLU E 273 51.95 8.75 -20.94
CA GLU E 273 51.51 9.05 -19.59
C GLU E 273 51.31 7.79 -18.76
N ALA E 274 51.20 6.63 -19.40
CA ALA E 274 51.10 5.37 -18.67
C ALA E 274 52.47 4.89 -18.21
N GLU E 275 53.47 4.95 -19.09
CA GLU E 275 54.82 4.53 -18.70
C GLU E 275 55.32 5.35 -17.52
N SER E 276 55.02 6.65 -17.50
CA SER E 276 55.38 7.46 -16.34
C SER E 276 54.66 6.98 -15.09
N LEU E 277 53.42 6.53 -15.23
CA LEU E 277 52.67 5.98 -14.12
C LEU E 277 53.01 4.53 -13.83
N ARG E 278 53.76 3.87 -14.72
CA ARG E 278 54.13 2.47 -14.48
C ARG E 278 55.24 2.33 -13.44
N GLU E 279 55.94 3.41 -13.12
CA GLU E 279 57.08 3.33 -12.21
C GLU E 279 56.60 3.14 -10.77
N VAL E 280 57.09 2.09 -10.12
CA VAL E 280 56.86 1.89 -8.69
C VAL E 280 58.08 2.25 -7.85
N ILE E 281 59.17 2.68 -8.49
CA ILE E 281 60.35 3.20 -7.81
C ILE E 281 60.06 4.64 -7.39
N ARG E 282 61.10 5.42 -7.08
CA ARG E 282 60.80 6.77 -6.63
C ARG E 282 59.99 6.68 -5.36
N SER E 283 60.66 6.45 -4.22
CA SER E 283 60.26 5.53 -3.16
C SER E 283 58.78 5.21 -3.08
N GLY E 284 57.93 6.22 -2.97
CA GLY E 284 56.49 5.95 -2.95
C GLY E 284 56.09 4.88 -1.98
N LYS E 285 56.62 4.93 -0.75
CA LYS E 285 56.14 4.07 0.32
C LYS E 285 54.82 4.54 0.89
N GLY E 286 54.51 5.83 0.77
CA GLY E 286 53.26 6.41 1.25
C GLY E 286 52.28 6.65 0.13
N GLN E 287 51.55 7.77 0.22
CA GLN E 287 50.50 8.10 -0.74
C GLN E 287 51.04 8.61 -2.07
N LYS E 288 52.34 8.89 -2.17
CA LYS E 288 52.88 9.40 -3.43
C LYS E 288 52.77 8.37 -4.54
N LYS E 289 53.02 7.09 -4.22
CA LYS E 289 52.90 6.05 -5.21
C LYS E 289 51.46 5.60 -5.41
N LEU E 290 50.68 5.56 -4.32
CA LEU E 290 49.29 5.15 -4.43
C LEU E 290 48.46 6.16 -5.20
N ARG E 291 48.82 7.44 -5.13
CA ARG E 291 48.18 8.44 -5.98
C ARG E 291 48.38 8.11 -7.45
N ALA E 292 49.62 7.78 -7.83
CA ALA E 292 49.88 7.36 -9.20
C ALA E 292 49.23 6.02 -9.51
N LEU E 293 49.10 5.15 -8.50
CA LEU E 293 48.44 3.86 -8.72
C LEU E 293 46.93 4.01 -8.78
N LYS E 294 46.35 4.81 -7.88
CA LYS E 294 44.91 5.00 -7.89
C LYS E 294 44.44 5.69 -9.16
N ARG E 295 45.16 6.73 -9.59
CA ARG E 295 44.80 7.42 -10.82
C ARG E 295 45.11 6.60 -12.06
N LEU E 296 46.03 5.63 -11.96
CA LEU E 296 46.36 4.81 -13.11
C LEU E 296 45.18 3.97 -13.56
N LYS E 297 44.25 3.67 -12.65
CA LYS E 297 43.06 2.92 -13.03
C LYS E 297 42.26 3.67 -14.08
N VAL E 298 42.20 5.01 -13.99
CA VAL E 298 41.51 5.79 -15.00
C VAL E 298 42.39 6.06 -16.21
N VAL E 299 43.71 6.00 -16.06
CA VAL E 299 44.61 6.22 -17.19
C VAL E 299 44.76 4.94 -18.00
N ALA E 300 44.90 3.79 -17.33
CA ALA E 300 45.01 2.53 -18.04
C ALA E 300 43.69 2.08 -18.65
N ALA E 301 42.56 2.59 -18.15
CA ALA E 301 41.26 2.19 -18.68
C ALA E 301 41.07 2.69 -20.11
N PHE E 302 41.58 3.89 -20.41
CA PHE E 302 41.47 4.40 -21.77
C PHE E 302 42.45 3.69 -22.71
N GLN E 303 43.62 3.29 -22.21
CA GLN E 303 44.63 2.69 -23.07
C GLN E 303 44.17 1.34 -23.59
N GLN E 304 43.59 0.51 -22.73
CA GLN E 304 43.23 -0.85 -23.13
C GLN E 304 42.20 -0.84 -24.26
N SER E 305 41.12 -0.09 -24.10
CA SER E 305 40.06 -0.04 -25.09
C SER E 305 40.39 0.98 -26.17
N GLY E 306 39.53 1.06 -27.17
CA GLY E 306 39.64 2.03 -28.24
C GLY E 306 38.85 3.30 -28.02
N ASN E 307 38.26 3.48 -26.85
CA ASN E 307 37.48 4.68 -26.59
C ASN E 307 38.38 5.90 -26.50
N SER E 308 37.91 7.02 -27.04
CA SER E 308 38.65 8.27 -26.97
C SER E 308 38.22 9.05 -25.73
N PRO E 309 39.16 9.56 -24.94
CA PRO E 309 38.79 10.39 -23.78
C PRO E 309 38.06 11.67 -24.17
N MET E 310 38.01 12.01 -25.46
CA MET E 310 37.30 13.20 -25.89
C MET E 310 35.82 13.13 -25.57
N GLY E 311 35.28 11.94 -25.30
CA GLY E 311 33.87 11.81 -24.99
C GLY E 311 33.45 12.55 -23.74
N MET E 312 34.40 12.95 -22.89
CA MET E 312 34.06 13.64 -21.66
C MET E 312 33.65 15.10 -21.91
N VAL E 313 34.07 15.69 -23.02
CA VAL E 313 33.67 17.03 -23.41
C VAL E 313 32.71 16.90 -24.59
N LEU E 314 31.47 17.36 -24.42
CA LEU E 314 30.44 17.23 -25.43
C LEU E 314 30.46 18.44 -26.36
N ASP E 315 30.50 18.19 -27.66
CA ASP E 315 30.22 19.22 -28.65
C ASP E 315 28.75 19.23 -29.06
N ALA E 316 28.02 18.16 -28.74
CA ALA E 316 26.59 18.06 -28.99
C ALA E 316 25.93 17.36 -27.82
N VAL E 317 24.71 17.76 -27.52
CA VAL E 317 23.93 17.22 -26.41
C VAL E 317 22.72 16.50 -26.98
N PRO E 318 22.49 15.23 -26.63
CA PRO E 318 21.31 14.53 -27.11
C PRO E 318 20.05 14.95 -26.38
N VAL E 319 18.92 14.88 -27.09
CA VAL E 319 17.62 15.29 -26.58
C VAL E 319 16.75 14.05 -26.44
N ILE E 320 16.23 13.82 -25.24
CA ILE E 320 15.38 12.67 -24.94
C ILE E 320 14.08 12.79 -25.72
N PRO E 321 13.49 11.68 -26.17
CA PRO E 321 12.27 11.77 -26.97
C PRO E 321 11.18 12.47 -26.20
N PRO E 322 10.23 13.12 -26.90
CA PRO E 322 9.20 13.90 -26.21
C PRO E 322 8.26 13.06 -25.37
N GLU E 323 7.89 11.86 -25.83
CA GLU E 323 6.96 11.04 -25.08
C GLU E 323 7.48 10.69 -23.69
N LEU E 324 8.80 10.69 -23.49
CA LEU E 324 9.36 10.46 -22.17
C LEU E 324 9.44 11.72 -21.34
N ARG E 325 9.31 12.89 -21.97
CA ARG E 325 9.22 14.18 -21.28
C ARG E 325 7.96 14.90 -21.77
N PRO E 326 6.79 14.33 -21.53
CA PRO E 326 5.58 14.79 -22.21
C PRO E 326 5.05 16.10 -21.64
N MET E 327 4.25 16.76 -22.48
CA MET E 327 3.49 17.94 -22.08
C MET E 327 2.06 17.72 -22.55
N VAL E 328 1.16 17.45 -21.61
CA VAL E 328 -0.22 17.08 -21.93
C VAL E 328 -1.17 17.91 -21.11
N GLN E 329 -2.39 18.08 -21.61
CA GLN E 329 -3.38 18.92 -20.95
C GLN E 329 -4.02 18.13 -19.81
N LEU E 330 -3.97 18.69 -18.60
CA LEU E 330 -4.45 18.02 -17.40
C LEU E 330 -5.98 18.09 -17.34
N ASP E 331 -6.53 17.55 -16.25
CA ASP E 331 -7.96 17.66 -16.02
C ASP E 331 -8.35 19.09 -15.65
N GLY E 332 -9.55 19.47 -16.04
CA GLY E 332 -10.02 20.82 -15.76
C GLY E 332 -9.34 21.91 -16.56
N GLY E 333 -8.70 21.56 -17.68
CA GLY E 333 -8.10 22.54 -18.56
C GLY E 333 -6.67 22.92 -18.25
N ARG E 334 -6.11 22.45 -17.13
CA ARG E 334 -4.75 22.81 -16.78
C ARG E 334 -3.74 22.06 -17.65
N PHE E 335 -2.53 22.60 -17.70
CA PHE E 335 -1.43 22.01 -18.46
C PHE E 335 -0.40 21.39 -17.53
N ALA E 336 0.25 20.34 -18.01
CA ALA E 336 1.28 19.63 -17.26
C ALA E 336 2.43 19.30 -18.19
N THR E 337 3.64 19.28 -17.63
CA THR E 337 4.83 19.01 -18.42
C THR E 337 5.96 18.56 -17.50
N SER E 338 6.91 17.84 -18.09
CA SER E 338 8.08 17.38 -17.36
C SER E 338 9.05 18.54 -17.15
N ASP E 339 9.96 18.35 -16.19
CA ASP E 339 10.97 19.37 -15.91
C ASP E 339 12.04 19.39 -16.99
N LEU E 340 12.27 18.26 -17.67
CA LEU E 340 13.29 18.22 -18.72
C LEU E 340 13.07 19.29 -19.77
N ASN E 341 11.81 19.61 -20.08
CA ASN E 341 11.54 20.63 -21.07
C ASN E 341 12.09 21.99 -20.65
N ASP E 342 11.93 22.34 -19.37
CA ASP E 342 12.50 23.58 -18.87
C ASP E 342 14.01 23.49 -18.75
N LEU E 343 14.54 22.32 -18.39
CA LEU E 343 15.99 22.16 -18.30
C LEU E 343 16.63 22.14 -19.69
N TYR E 344 15.99 21.49 -20.66
CA TYR E 344 16.45 21.61 -22.04
C TYR E 344 16.30 23.02 -22.55
N ARG E 345 15.20 23.69 -22.19
CA ARG E 345 15.00 25.08 -22.60
C ARG E 345 16.10 25.97 -22.03
N ARG E 346 16.55 25.68 -20.82
CA ARG E 346 17.63 26.45 -20.21
C ARG E 346 18.90 26.36 -21.05
N VAL E 347 19.19 25.19 -21.60
CA VAL E 347 20.42 24.99 -22.37
C VAL E 347 20.33 25.68 -23.71
N ILE E 348 19.27 25.38 -24.48
CA ILE E 348 19.17 25.91 -25.83
C ILE E 348 19.03 27.43 -25.83
N ASN E 349 18.49 28.00 -24.76
CA ASN E 349 18.38 29.45 -24.67
C ASN E 349 19.75 30.10 -24.59
N ARG E 350 20.63 29.58 -23.73
CA ARG E 350 21.95 30.16 -23.55
C ARG E 350 22.89 29.81 -24.71
N ASN E 351 22.77 28.61 -25.27
CA ASN E 351 23.57 28.27 -26.44
C ASN E 351 23.28 29.22 -27.59
N ASN E 352 22.01 29.57 -27.79
CA ASN E 352 21.65 30.49 -28.87
C ASN E 352 22.17 31.90 -28.58
N ARG E 353 21.98 32.39 -27.35
CA ARG E 353 22.47 33.72 -27.01
C ARG E 353 23.98 33.81 -27.15
N LEU E 354 24.69 32.70 -26.92
CA LEU E 354 26.13 32.68 -27.14
C LEU E 354 26.46 32.91 -28.61
N LYS E 355 25.68 32.29 -29.50
CA LYS E 355 25.87 32.53 -30.93
C LYS E 355 25.67 34.00 -31.26
N ARG E 356 24.68 34.65 -30.63
CA ARG E 356 24.46 36.07 -30.87
C ARG E 356 25.63 36.90 -30.37
N LEU E 357 26.21 36.53 -29.23
CA LEU E 357 27.33 37.28 -28.70
C LEU E 357 28.58 37.14 -29.57
N ILE E 358 28.85 35.93 -30.06
CA ILE E 358 30.01 35.71 -30.91
C ILE E 358 29.88 36.53 -32.19
N ASP E 359 28.72 36.47 -32.84
CA ASP E 359 28.51 37.23 -34.06
C ASP E 359 28.49 38.74 -33.81
N LEU E 360 28.20 39.17 -32.58
CA LEU E 360 28.18 40.58 -32.24
C LEU E 360 29.57 41.14 -31.96
N GLY E 361 30.59 40.28 -31.89
CA GLY E 361 31.90 40.74 -31.49
C GLY E 361 31.92 41.31 -30.08
N ALA E 362 31.20 40.67 -29.17
CA ALA E 362 31.11 41.17 -27.81
C ALA E 362 32.42 40.96 -27.07
N PRO E 363 32.66 41.75 -26.01
CA PRO E 363 33.88 41.56 -25.21
C PRO E 363 33.94 40.15 -24.63
N GLU E 364 35.14 39.75 -24.24
CA GLU E 364 35.34 38.39 -23.74
C GLU E 364 34.68 38.18 -22.37
N ILE E 365 34.51 39.25 -21.60
CA ILE E 365 33.87 39.11 -20.29
C ILE E 365 32.44 38.61 -20.46
N ILE E 366 31.69 39.23 -21.36
CA ILE E 366 30.32 38.80 -21.61
C ILE E 366 30.29 37.41 -22.24
N VAL E 367 31.17 37.17 -23.21
CA VAL E 367 31.17 35.88 -23.91
C VAL E 367 31.55 34.76 -22.95
N ASN E 368 32.65 34.93 -22.20
CA ASN E 368 33.06 33.88 -21.29
C ASN E 368 32.06 33.68 -20.16
N ASN E 369 31.36 34.74 -19.76
CA ASN E 369 30.30 34.59 -18.77
C ASN E 369 29.17 33.73 -19.32
N GLU E 370 28.80 33.92 -20.58
CA GLU E 370 27.76 33.12 -21.19
C GLU E 370 28.19 31.67 -21.35
N LYS E 371 29.48 31.44 -21.63
CA LYS E 371 29.97 30.07 -21.74
C LYS E 371 29.88 29.35 -20.40
N ARG E 372 30.14 30.06 -19.31
CA ARG E 372 29.97 29.46 -17.98
C ARG E 372 28.51 29.16 -17.70
N MET E 373 27.61 30.08 -18.06
CA MET E 373 26.19 29.81 -17.89
C MET E 373 25.75 28.64 -18.76
N LEU E 374 26.30 28.53 -19.97
CA LEU E 374 26.01 27.38 -20.80
C LEU E 374 26.52 26.10 -20.16
N GLN E 375 27.70 26.15 -19.54
CA GLN E 375 28.24 24.98 -18.86
C GLN E 375 27.33 24.54 -17.72
N GLU E 376 26.78 25.50 -16.98
CA GLU E 376 25.96 25.16 -15.82
C GLU E 376 24.58 24.63 -16.22
N SER E 377 24.06 25.05 -17.38
CA SER E 377 22.77 24.53 -17.83
C SER E 377 22.86 23.06 -18.20
N VAL E 378 23.95 22.65 -18.87
CA VAL E 378 24.12 21.25 -19.19
C VAL E 378 24.39 20.43 -17.92
N ASP E 379 25.09 21.02 -16.96
CA ASP E 379 25.28 20.35 -15.68
C ASP E 379 23.94 20.12 -14.99
N ALA E 380 23.09 21.15 -14.96
CA ALA E 380 21.77 20.99 -14.36
C ALA E 380 20.91 20.01 -15.15
N LEU E 381 21.09 19.97 -16.48
CA LEU E 381 20.31 19.05 -17.29
C LEU E 381 20.62 17.60 -16.94
N PHE E 382 21.91 17.26 -16.83
CA PHE E 382 22.30 15.89 -16.53
C PHE E 382 22.03 15.54 -15.08
N ASP E 383 22.69 16.24 -14.15
CA ASP E 383 22.52 16.01 -12.72
C ASP E 383 22.35 17.37 -12.04
N ASN E 384 21.11 17.74 -11.77
CA ASN E 384 20.80 19.03 -11.18
C ASN E 384 21.14 19.02 -9.69
N GLY E 385 21.75 20.12 -9.24
CA GLY E 385 22.10 20.29 -7.85
C GLY E 385 23.39 19.62 -7.41
N ARG E 386 24.03 18.84 -8.27
CA ARG E 386 25.28 18.20 -7.90
C ARG E 386 26.34 19.24 -7.54
N ARG E 387 26.33 20.38 -8.24
CA ARG E 387 27.19 21.51 -7.91
C ARG E 387 26.33 22.75 -7.76
N GLY E 388 26.51 23.46 -6.65
CA GLY E 388 25.73 24.66 -6.39
C GLY E 388 24.27 24.34 -6.10
N ARG E 389 23.51 25.39 -5.84
CA ARG E 389 22.08 25.23 -5.59
C ARG E 389 21.38 24.73 -6.85
N PRO E 390 20.44 23.80 -6.73
CA PRO E 390 19.75 23.28 -7.90
C PRO E 390 18.78 24.31 -8.48
N VAL E 391 18.42 24.10 -9.74
CA VAL E 391 17.42 24.93 -10.39
C VAL E 391 16.07 24.66 -9.75
N THR E 392 15.42 25.71 -9.25
CA THR E 392 14.15 25.59 -8.56
C THR E 392 13.03 26.21 -9.39
N GLY E 393 11.89 25.51 -9.45
CA GLY E 393 10.74 26.01 -10.15
C GLY E 393 9.77 26.72 -9.23
N PRO E 394 8.48 26.61 -9.52
CA PRO E 394 7.48 27.24 -8.64
C PRO E 394 7.44 26.54 -7.28
N GLY E 395 7.38 27.34 -6.23
CA GLY E 395 7.41 26.81 -4.88
C GLY E 395 8.78 26.39 -4.39
N ASN E 396 9.85 26.72 -5.11
CA ASN E 396 11.22 26.40 -4.71
C ASN E 396 11.41 24.90 -4.56
N ARG E 397 11.01 24.16 -5.59
CA ARG E 397 11.21 22.72 -5.65
C ARG E 397 12.27 22.39 -6.69
N PRO E 398 13.32 21.66 -6.34
CA PRO E 398 14.38 21.37 -7.32
C PRO E 398 13.83 20.59 -8.51
N LEU E 399 14.19 21.06 -9.71
CA LEU E 399 13.79 20.36 -10.92
C LEU E 399 14.46 18.98 -10.99
N LYS E 400 13.76 18.04 -11.61
CA LYS E 400 14.23 16.66 -11.70
C LYS E 400 15.03 16.49 -12.99
N SER E 401 16.34 16.27 -12.84
CA SER E 401 17.24 16.12 -13.98
C SER E 401 17.13 14.71 -14.54
N LEU E 402 18.04 14.38 -15.47
CA LEU E 402 18.06 13.02 -16.02
C LEU E 402 18.58 12.01 -15.02
N SER E 403 19.51 12.42 -14.14
CA SER E 403 20.03 11.51 -13.13
C SER E 403 18.96 11.12 -12.12
N ASP E 404 18.15 12.09 -11.69
CA ASP E 404 17.02 11.77 -10.82
C ASP E 404 16.08 10.79 -11.49
N LEU E 405 15.85 10.96 -12.80
CA LEU E 405 14.99 10.04 -13.54
C LEU E 405 15.58 8.64 -13.56
N LEU E 406 16.89 8.54 -13.80
CA LEU E 406 17.53 7.23 -13.94
C LEU E 406 17.61 6.51 -12.60
N LYS E 407 17.98 7.22 -11.54
CA LYS E 407 18.06 6.61 -10.22
C LYS E 407 16.68 6.24 -9.68
N GLY E 408 15.62 6.83 -10.21
CA GLY E 408 14.30 6.62 -9.66
C GLY E 408 14.04 7.40 -8.40
N LYS E 409 14.61 8.60 -8.27
CA LYS E 409 14.47 9.42 -7.08
C LYS E 409 13.19 10.26 -7.20
N GLN E 410 12.19 9.95 -6.39
CA GLN E 410 10.94 10.73 -6.41
C GLN E 410 10.98 11.84 -5.36
N GLY E 411 11.01 11.46 -4.08
CA GLY E 411 11.34 12.44 -3.05
C GLY E 411 12.78 12.33 -2.60
N ARG E 412 13.17 11.13 -2.17
CA ARG E 412 14.54 10.80 -1.82
C ARG E 412 15.06 9.61 -2.61
N PHE E 413 14.33 8.50 -2.60
CA PHE E 413 14.73 7.34 -3.38
C PHE E 413 13.61 6.30 -3.45
N ARG E 414 13.32 5.81 -4.66
CA ARG E 414 12.46 4.64 -4.85
C ARG E 414 13.21 3.76 -5.85
N GLN E 415 14.11 2.92 -5.33
CA GLN E 415 15.06 2.19 -6.17
C GLN E 415 14.38 0.91 -6.69
N ASN E 416 13.38 1.12 -7.53
CA ASN E 416 12.63 0.05 -8.19
C ASN E 416 11.99 -0.92 -7.21
N LEU E 417 11.93 -0.57 -5.92
CA LEU E 417 11.25 -1.43 -4.96
C LEU E 417 9.74 -1.37 -5.11
N LEU E 418 9.24 -0.49 -5.97
CA LEU E 418 7.83 -0.50 -6.34
C LEU E 418 7.54 -1.47 -7.49
N GLY E 419 8.57 -2.07 -8.08
CA GLY E 419 8.38 -2.97 -9.19
C GLY E 419 7.54 -2.37 -10.29
N LYS E 420 6.40 -2.98 -10.57
CA LYS E 420 5.47 -2.46 -11.56
C LYS E 420 4.12 -3.12 -11.36
N ARG E 421 3.05 -2.37 -11.64
CA ARG E 421 1.71 -2.89 -11.48
C ARG E 421 1.40 -3.91 -12.57
N VAL E 422 0.59 -4.90 -12.21
CA VAL E 422 0.31 -6.02 -13.09
C VAL E 422 -1.18 -6.11 -13.34
N ASP E 423 -1.54 -6.71 -14.47
CA ASP E 423 -2.93 -6.99 -14.80
C ASP E 423 -3.38 -8.28 -14.13
N TYR E 424 -4.66 -8.61 -14.30
CA TYR E 424 -5.25 -9.84 -13.77
C TYR E 424 -4.96 -9.99 -12.28
N SER E 425 -5.22 -8.91 -11.53
CA SER E 425 -4.92 -8.87 -10.11
C SER E 425 -6.05 -8.17 -9.38
N GLY E 426 -6.00 -8.26 -8.05
CA GLY E 426 -7.00 -7.64 -7.21
C GLY E 426 -6.68 -7.90 -5.76
N ARG E 427 -7.44 -7.25 -4.89
CA ARG E 427 -7.26 -7.42 -3.46
C ARG E 427 -8.58 -7.13 -2.75
N SER E 428 -8.66 -7.57 -1.50
CA SER E 428 -9.83 -7.34 -0.65
C SER E 428 -9.43 -7.62 0.79
N VAL E 429 -10.39 -7.45 1.69
CA VAL E 429 -10.15 -7.75 3.10
C VAL E 429 -10.36 -9.25 3.33
N ILE E 430 -9.57 -9.81 4.23
CA ILE E 430 -9.55 -11.24 4.47
C ILE E 430 -10.34 -11.57 5.74
N VAL E 431 -11.00 -12.72 5.72
CA VAL E 431 -11.73 -13.25 6.86
C VAL E 431 -11.35 -14.72 7.03
N VAL E 432 -11.71 -15.28 8.18
CA VAL E 432 -11.33 -16.65 8.49
C VAL E 432 -12.08 -17.63 7.60
N GLY E 433 -11.39 -18.68 7.18
CA GLY E 433 -11.96 -19.69 6.30
C GLY E 433 -11.96 -21.07 6.95
N PRO E 434 -12.39 -21.15 8.20
CA PRO E 434 -12.15 -22.38 8.99
C PRO E 434 -12.66 -23.65 8.33
N GLN E 435 -13.63 -23.57 7.41
CA GLN E 435 -14.15 -24.75 6.75
C GLN E 435 -13.40 -25.11 5.48
N LEU E 436 -12.37 -24.34 5.12
CA LEU E 436 -11.64 -24.59 3.89
C LEU E 436 -10.59 -25.68 4.08
N LYS E 437 -10.23 -26.31 2.97
CA LYS E 437 -9.06 -27.17 2.95
C LYS E 437 -7.80 -26.33 2.78
N LEU E 438 -6.66 -26.92 3.16
CA LEU E 438 -5.41 -26.16 3.15
C LEU E 438 -5.08 -25.65 1.75
N HIS E 439 -5.54 -26.34 0.71
CA HIS E 439 -5.24 -25.95 -0.66
C HIS E 439 -6.32 -25.07 -1.28
N GLN E 440 -7.29 -24.60 -0.47
CA GLN E 440 -8.40 -23.83 -0.97
C GLN E 440 -8.39 -22.43 -0.39
N CYS E 441 -9.09 -21.52 -1.07
CA CYS E 441 -9.23 -20.14 -0.62
C CYS E 441 -10.59 -19.62 -1.05
N GLY E 442 -11.23 -18.86 -0.17
CA GLY E 442 -12.50 -18.26 -0.49
C GLY E 442 -12.36 -17.03 -1.35
N LEU E 443 -12.97 -17.05 -2.54
CA LEU E 443 -12.82 -15.98 -3.51
C LEU E 443 -14.17 -15.30 -3.75
N PRO E 444 -14.30 -13.99 -3.53
CA PRO E 444 -15.55 -13.32 -3.86
C PRO E 444 -15.92 -13.52 -5.32
N LYS E 445 -17.21 -13.73 -5.57
CA LYS E 445 -17.67 -14.04 -6.92
C LYS E 445 -17.36 -12.88 -7.88
N LEU E 446 -17.59 -11.64 -7.44
CA LEU E 446 -17.31 -10.50 -8.30
C LEU E 446 -15.82 -10.39 -8.60
N MET E 447 -14.97 -10.57 -7.58
CA MET E 447 -13.53 -10.50 -7.80
C MET E 447 -13.07 -11.60 -8.77
N ALA E 448 -13.59 -12.81 -8.59
CA ALA E 448 -13.24 -13.90 -9.51
C ALA E 448 -13.85 -13.67 -10.89
N LEU E 449 -15.02 -13.02 -10.96
CA LEU E 449 -15.64 -12.75 -12.25
C LEU E 449 -14.79 -11.79 -13.07
N GLU E 450 -14.44 -10.63 -12.49
CA GLU E 450 -13.62 -9.67 -13.21
C GLU E 450 -12.23 -10.19 -13.47
N LEU E 451 -11.70 -11.03 -12.58
CA LEU E 451 -10.35 -11.57 -12.74
C LEU E 451 -10.28 -12.51 -13.93
N PHE E 452 -11.23 -13.45 -14.03
CA PHE E 452 -11.29 -14.40 -15.12
C PHE E 452 -12.11 -13.89 -16.30
N LYS E 453 -12.39 -12.59 -16.35
CA LYS E 453 -13.30 -12.05 -17.36
C LYS E 453 -12.98 -12.53 -18.78
N PRO E 454 -11.73 -12.53 -19.24
CA PRO E 454 -11.47 -13.04 -20.60
C PRO E 454 -11.78 -14.53 -20.75
N PHE E 455 -11.64 -15.32 -19.67
CA PHE E 455 -11.88 -16.75 -19.77
C PHE E 455 -13.36 -17.06 -19.90
N VAL E 456 -14.18 -16.48 -19.02
CA VAL E 456 -15.62 -16.75 -19.06
C VAL E 456 -16.22 -16.26 -20.37
N MET E 457 -15.72 -15.13 -20.90
CA MET E 457 -16.22 -14.63 -22.17
C MET E 457 -16.02 -15.65 -23.29
N LYS E 458 -14.91 -16.38 -23.26
CA LYS E 458 -14.64 -17.38 -24.28
C LYS E 458 -15.62 -18.54 -24.19
N ARG E 459 -15.69 -19.18 -23.02
CA ARG E 459 -16.61 -20.30 -22.86
C ARG E 459 -18.06 -19.88 -23.04
N LEU E 460 -18.38 -18.63 -22.69
CA LEU E 460 -19.73 -18.12 -22.96
C LEU E 460 -19.99 -18.02 -24.44
N VAL E 461 -18.97 -17.72 -25.24
CA VAL E 461 -19.13 -17.68 -26.69
C VAL E 461 -19.06 -19.08 -27.30
N ASP E 462 -18.31 -19.99 -26.67
CA ASP E 462 -18.31 -21.37 -27.13
C ASP E 462 -19.72 -21.94 -27.14
N LEU E 463 -20.48 -21.69 -26.07
CA LEU E 463 -21.90 -21.99 -26.07
C LEU E 463 -22.65 -20.85 -26.75
N ASN E 464 -23.95 -21.05 -26.96
CA ASN E 464 -24.75 -20.13 -27.75
C ASN E 464 -25.40 -19.02 -26.91
N HIS E 465 -24.97 -18.85 -25.66
CA HIS E 465 -25.55 -17.79 -24.84
C HIS E 465 -25.35 -16.42 -25.50
N ALA E 466 -24.14 -16.16 -25.99
CA ALA E 466 -23.82 -14.93 -26.69
C ALA E 466 -23.35 -15.25 -28.11
N GLN E 467 -23.86 -14.49 -29.08
CA GLN E 467 -23.51 -14.74 -30.47
C GLN E 467 -22.03 -14.52 -30.72
N ASN E 468 -21.51 -13.36 -30.34
CA ASN E 468 -20.12 -13.01 -30.59
C ASN E 468 -19.47 -12.52 -29.30
N ILE E 469 -18.16 -12.32 -29.37
CA ILE E 469 -17.39 -11.98 -28.18
C ILE E 469 -17.79 -10.60 -27.65
N LYS E 470 -18.13 -9.67 -28.55
CA LYS E 470 -18.54 -8.35 -28.10
C LYS E 470 -19.80 -8.41 -27.25
N SER E 471 -20.71 -9.33 -27.60
CA SER E 471 -21.94 -9.47 -26.83
C SER E 471 -21.68 -10.11 -25.48
N ALA E 472 -20.78 -11.08 -25.43
CA ALA E 472 -20.48 -11.75 -24.17
C ALA E 472 -19.86 -10.79 -23.16
N LYS E 473 -19.17 -9.75 -23.63
CA LYS E 473 -18.59 -8.79 -22.72
C LYS E 473 -19.65 -8.06 -21.92
N ARG E 474 -20.72 -7.61 -22.60
CA ARG E 474 -21.83 -6.98 -21.88
C ARG E 474 -22.56 -7.98 -21.01
N MET E 475 -22.56 -9.25 -21.39
CA MET E 475 -23.21 -10.27 -20.58
C MET E 475 -22.47 -10.51 -19.27
N VAL E 476 -21.14 -10.35 -19.28
CA VAL E 476 -20.37 -10.48 -18.05
C VAL E 476 -20.40 -9.19 -17.25
N GLU E 477 -20.30 -8.04 -17.93
CA GLU E 477 -20.24 -6.77 -17.22
C GLU E 477 -21.55 -6.47 -16.51
N ARG E 478 -22.68 -6.86 -17.10
CA ARG E 478 -23.98 -6.61 -16.48
C ARG E 478 -24.40 -7.73 -15.53
N GLN E 479 -23.54 -8.73 -15.32
CA GLN E 479 -23.78 -9.77 -14.33
C GLN E 479 -25.07 -10.54 -14.61
N ARG E 480 -25.26 -10.94 -15.86
CA ARG E 480 -26.39 -11.79 -16.20
C ARG E 480 -26.24 -13.13 -15.51
N PRO E 481 -27.28 -13.66 -14.86
CA PRO E 481 -27.13 -14.88 -14.06
C PRO E 481 -26.67 -16.10 -14.85
N GLN E 482 -26.61 -16.03 -16.18
CA GLN E 482 -26.20 -17.18 -16.96
C GLN E 482 -24.72 -17.51 -16.79
N VAL E 483 -23.92 -16.55 -16.33
CA VAL E 483 -22.47 -16.71 -16.33
C VAL E 483 -21.94 -17.42 -15.07
N TRP E 484 -22.70 -17.42 -13.97
CA TRP E 484 -22.18 -17.97 -12.73
C TRP E 484 -21.91 -19.46 -12.84
N ASP E 485 -22.77 -20.19 -13.55
CA ASP E 485 -22.51 -21.60 -13.82
C ASP E 485 -21.26 -21.77 -14.66
N VAL E 486 -20.99 -20.83 -15.57
CA VAL E 486 -19.80 -20.90 -16.40
C VAL E 486 -18.56 -20.53 -15.59
N LEU E 487 -18.71 -19.68 -14.57
CA LEU E 487 -17.56 -19.22 -13.81
C LEU E 487 -16.92 -20.37 -13.04
N GLU E 488 -17.73 -21.26 -12.46
CA GLU E 488 -17.18 -22.35 -11.68
C GLU E 488 -16.39 -23.34 -12.53
N GLU E 489 -16.63 -23.38 -13.83
CA GLU E 489 -15.87 -24.28 -14.70
C GLU E 489 -14.48 -23.74 -14.98
N VAL E 490 -14.37 -22.46 -15.37
CA VAL E 490 -13.07 -21.87 -15.61
C VAL E 490 -12.29 -21.69 -14.32
N ILE E 491 -12.97 -21.61 -13.18
CA ILE E 491 -12.26 -21.50 -11.91
C ILE E 491 -11.72 -22.85 -11.44
N ALA E 492 -12.42 -23.94 -11.77
CA ALA E 492 -12.02 -25.25 -11.27
C ALA E 492 -10.64 -25.62 -11.76
N GLU E 493 -9.78 -26.05 -10.83
CA GLU E 493 -8.42 -26.52 -11.14
C GLU E 493 -7.60 -25.44 -11.84
N HIS E 494 -7.89 -24.17 -11.56
CA HIS E 494 -7.10 -23.05 -12.08
C HIS E 494 -6.57 -22.28 -10.88
N PRO E 495 -5.28 -22.44 -10.53
CA PRO E 495 -4.79 -21.90 -9.26
C PRO E 495 -4.65 -20.38 -9.31
N VAL E 496 -4.66 -19.79 -8.12
CA VAL E 496 -4.42 -18.37 -7.95
C VAL E 496 -3.37 -18.18 -6.85
N LEU E 497 -2.68 -17.05 -6.91
CA LEU E 497 -1.63 -16.72 -5.96
C LEU E 497 -2.13 -15.68 -4.97
N LEU E 498 -1.90 -15.91 -3.69
CA LEU E 498 -2.25 -14.97 -2.63
C LEU E 498 -0.99 -14.40 -1.99
N ASN E 499 -1.02 -13.12 -1.68
CA ASN E 499 0.12 -12.44 -1.07
C ASN E 499 -0.38 -11.33 -0.15
N ARG E 500 0.28 -11.18 0.98
CA ARG E 500 -0.01 -10.11 1.93
C ARG E 500 1.26 -9.30 2.16
N ALA E 501 1.19 -8.00 1.90
CA ALA E 501 2.33 -7.14 2.14
C ALA E 501 2.45 -6.81 3.63
N PRO E 502 3.67 -6.72 4.15
CA PRO E 502 4.93 -6.88 3.41
C PRO E 502 5.30 -8.34 3.16
N THR E 503 6.01 -8.60 2.08
CA THR E 503 6.49 -9.93 1.74
C THR E 503 7.87 -10.11 2.37
N LEU E 504 7.97 -10.97 3.38
CA LEU E 504 9.20 -11.19 4.13
C LEU E 504 9.96 -12.42 3.63
N HIS E 505 9.32 -13.58 3.66
CA HIS E 505 9.90 -14.81 3.12
C HIS E 505 9.04 -15.30 1.95
N ARG E 506 9.47 -16.40 1.34
CA ARG E 506 8.79 -16.88 0.15
C ARG E 506 7.42 -17.46 0.47
N LEU E 507 7.22 -17.97 1.69
CA LEU E 507 5.89 -18.42 2.08
C LEU E 507 4.89 -17.27 2.20
N GLY E 508 5.33 -16.02 2.02
CA GLY E 508 4.41 -14.91 1.93
C GLY E 508 3.60 -14.88 0.65
N ILE E 509 3.90 -15.77 -0.30
CA ILE E 509 3.13 -15.93 -1.52
C ILE E 509 2.90 -17.42 -1.72
N GLN E 510 1.62 -17.82 -1.78
CA GLN E 510 1.26 -19.22 -1.94
C GLN E 510 0.14 -19.34 -2.95
N ALA E 511 -0.06 -20.55 -3.45
CA ALA E 511 -1.10 -20.86 -4.40
C ALA E 511 -2.23 -21.62 -3.72
N PHE E 512 -3.46 -21.36 -4.16
CA PHE E 512 -4.64 -22.00 -3.60
C PHE E 512 -5.56 -22.43 -4.74
N GLU E 513 -6.62 -23.14 -4.38
CA GLU E 513 -7.66 -23.50 -5.33
C GLU E 513 -8.85 -22.57 -5.09
N PRO E 514 -9.20 -21.70 -6.04
CA PRO E 514 -10.23 -20.69 -5.76
C PRO E 514 -11.60 -21.32 -5.60
N GLN E 515 -12.32 -20.91 -4.56
CA GLN E 515 -13.69 -21.30 -4.33
C GLN E 515 -14.58 -20.07 -4.39
N LEU E 516 -15.61 -20.12 -5.24
CA LEU E 516 -16.56 -19.02 -5.30
C LEU E 516 -17.30 -18.89 -3.97
N VAL E 517 -17.27 -17.69 -3.40
CA VAL E 517 -17.79 -17.44 -2.07
C VAL E 517 -18.67 -16.19 -2.10
N GLU E 518 -19.80 -16.26 -1.41
CA GLU E 518 -20.65 -15.09 -1.27
C GLU E 518 -19.99 -14.05 -0.37
N GLY E 519 -20.22 -12.78 -0.68
CA GLY E 519 -19.58 -11.68 0.02
C GLY E 519 -18.37 -11.16 -0.74
N LYS E 520 -17.88 -10.01 -0.27
CA LYS E 520 -16.78 -9.32 -0.91
C LYS E 520 -15.45 -9.53 -0.22
N ALA E 521 -15.43 -10.26 0.89
CA ALA E 521 -14.19 -10.53 1.63
C ALA E 521 -13.52 -11.78 1.10
N ILE E 522 -12.29 -11.99 1.55
CA ILE E 522 -11.49 -13.16 1.17
C ILE E 522 -11.42 -14.10 2.36
N GLN E 523 -11.74 -15.37 2.13
CA GLN E 523 -11.69 -16.39 3.17
C GLN E 523 -10.31 -17.06 3.12
N LEU E 524 -9.53 -16.86 4.17
CA LEU E 524 -8.18 -17.40 4.26
C LEU E 524 -8.15 -18.57 5.23
N HIS E 525 -7.40 -19.61 4.88
CA HIS E 525 -7.29 -20.78 5.74
C HIS E 525 -6.61 -20.39 7.05
N PRO E 526 -7.10 -20.87 8.19
CA PRO E 526 -6.55 -20.44 9.48
C PRO E 526 -5.14 -20.94 9.76
N LEU E 527 -4.62 -21.88 8.96
CA LEU E 527 -3.27 -22.39 9.17
C LEU E 527 -2.19 -21.55 8.49
N VAL E 528 -2.46 -21.01 7.30
CA VAL E 528 -1.49 -20.18 6.61
C VAL E 528 -1.34 -18.80 7.22
N CYS E 529 -2.08 -18.48 8.28
CA CYS E 529 -1.97 -17.13 8.86
C CYS E 529 -0.56 -16.86 9.37
N GLU E 530 0.08 -17.85 10.00
CA GLU E 530 1.42 -17.64 10.51
C GLU E 530 2.43 -17.42 9.39
N ALA E 531 2.24 -18.11 8.25
CA ALA E 531 3.14 -17.91 7.12
C ALA E 531 2.96 -16.54 6.49
N PHE E 532 1.71 -16.05 6.42
CA PHE E 532 1.44 -14.71 5.92
C PHE E 532 1.56 -13.65 7.02
N ASN E 533 1.70 -14.05 8.28
CA ASN E 533 1.67 -13.10 9.39
C ASN E 533 0.42 -12.23 9.32
N ALA E 534 -0.72 -12.87 9.02
CA ALA E 534 -1.96 -12.17 8.75
C ALA E 534 -2.88 -12.27 9.96
N ASP E 535 -2.96 -11.20 10.73
CA ASP E 535 -4.01 -11.06 11.72
C ASP E 535 -5.30 -10.59 11.04
N PHE E 536 -6.43 -11.00 11.61
CA PHE E 536 -7.72 -10.81 10.96
C PHE E 536 -8.38 -9.48 11.29
N ASP E 537 -7.61 -8.47 11.67
CA ASP E 537 -8.16 -7.14 11.97
C ASP E 537 -7.85 -6.23 10.79
N GLY E 538 -8.82 -6.07 9.91
CA GLY E 538 -8.72 -5.11 8.82
C GLY E 538 -7.59 -5.35 7.84
N ASP E 539 -7.02 -6.55 7.83
CA ASP E 539 -5.95 -6.84 6.89
C ASP E 539 -6.52 -7.12 5.50
N GLN E 540 -5.65 -6.96 4.49
CA GLN E 540 -6.01 -7.20 3.10
C GLN E 540 -4.94 -8.07 2.45
N MET E 541 -5.35 -8.83 1.45
CA MET E 541 -4.44 -9.68 0.68
C MET E 541 -4.72 -9.51 -0.80
N ALA E 542 -3.66 -9.64 -1.60
CA ALA E 542 -3.74 -9.47 -3.04
C ALA E 542 -3.80 -10.83 -3.73
N VAL E 543 -4.49 -10.87 -4.86
CA VAL E 543 -4.69 -12.08 -5.64
C VAL E 543 -4.14 -11.86 -7.04
N HIS E 544 -3.41 -12.84 -7.55
CA HIS E 544 -2.87 -12.81 -8.91
C HIS E 544 -3.23 -14.11 -9.62
N LEU E 545 -3.63 -13.99 -10.89
CA LEU E 545 -4.07 -15.14 -11.66
C LEU E 545 -2.99 -15.57 -12.62
N PRO E 546 -2.32 -16.70 -12.40
CA PRO E 546 -1.36 -17.19 -13.39
C PRO E 546 -2.06 -17.46 -14.72
N LEU E 547 -1.35 -17.20 -15.81
CA LEU E 547 -1.94 -17.30 -17.15
C LEU E 547 -1.36 -18.43 -17.97
N SER E 548 -0.04 -18.46 -18.17
CA SER E 548 0.54 -19.46 -19.05
C SER E 548 0.56 -20.84 -18.37
N ALA E 549 0.65 -21.88 -19.20
CA ALA E 549 0.73 -23.23 -18.66
C ALA E 549 1.95 -23.41 -17.77
N GLU E 550 3.06 -22.76 -18.11
CA GLU E 550 4.23 -22.79 -17.23
C GLU E 550 3.92 -22.10 -15.91
N ALA E 551 3.24 -20.96 -15.95
CA ALA E 551 2.92 -20.24 -14.72
C ALA E 551 1.96 -21.04 -13.84
N GLN E 552 0.99 -21.72 -14.45
CA GLN E 552 0.07 -22.54 -13.68
C GLN E 552 0.77 -23.76 -13.10
N ALA E 553 1.72 -24.32 -13.85
CA ALA E 553 2.48 -25.46 -13.33
C ALA E 553 3.34 -25.06 -12.14
N GLU E 554 4.00 -23.89 -12.22
CA GLU E 554 4.81 -23.44 -11.11
C GLU E 554 3.98 -23.15 -9.87
N ALA E 555 2.71 -22.80 -10.05
CA ALA E 555 1.85 -22.55 -8.89
C ALA E 555 1.34 -23.85 -8.27
N ARG E 556 1.06 -24.86 -9.08
CA ARG E 556 0.53 -26.12 -8.58
C ARG E 556 1.61 -27.01 -7.98
N ILE E 557 2.87 -26.83 -8.38
CA ILE E 557 3.98 -27.66 -7.95
C ILE E 557 4.88 -26.91 -6.95
N LEU E 558 5.39 -25.74 -7.34
CA LEU E 558 6.35 -25.04 -6.49
C LEU E 558 5.66 -24.28 -5.35
N MET E 559 4.59 -23.56 -5.65
CA MET E 559 4.00 -22.60 -4.73
C MET E 559 2.69 -23.09 -4.10
N LEU E 560 2.34 -24.36 -4.27
CA LEU E 560 1.08 -24.84 -3.71
C LEU E 560 1.10 -24.70 -2.19
N SER E 561 -0.09 -24.42 -1.64
CA SER E 561 -0.19 -24.15 -0.21
C SER E 561 0.13 -25.39 0.63
N SER E 562 -0.32 -26.55 0.17
CA SER E 562 -0.12 -27.77 0.96
C SER E 562 1.30 -28.31 0.85
N ASN E 563 2.00 -28.00 -0.25
CA ASN E 563 3.37 -28.46 -0.42
C ASN E 563 4.37 -27.66 0.42
N ASN E 564 4.02 -26.43 0.82
CA ASN E 564 4.86 -25.60 1.66
C ASN E 564 4.32 -25.64 3.08
N ILE E 565 4.94 -26.45 3.92
CA ILE E 565 4.61 -26.57 5.35
C ILE E 565 5.78 -26.18 6.24
N LEU E 566 6.94 -26.80 6.01
CA LEU E 566 8.10 -26.49 6.83
C LEU E 566 8.66 -25.12 6.50
N SER E 567 9.06 -24.39 7.54
CA SER E 567 9.68 -23.09 7.33
C SER E 567 11.03 -23.27 6.66
N PRO E 568 11.29 -22.61 5.53
CA PRO E 568 12.60 -22.77 4.89
C PRO E 568 13.65 -21.87 5.50
N ALA E 569 13.63 -21.73 6.82
CA ALA E 569 14.72 -21.15 7.59
C ALA E 569 15.26 -22.10 8.64
N SER E 570 14.38 -22.67 9.47
CA SER E 570 14.76 -23.63 10.50
C SER E 570 14.42 -25.06 10.14
N GLY E 571 13.39 -25.27 9.33
CA GLY E 571 12.91 -26.60 8.99
C GLY E 571 11.67 -27.02 9.77
N LYS E 572 11.25 -26.23 10.75
CA LYS E 572 10.07 -26.58 11.52
C LYS E 572 8.81 -26.35 10.70
N PRO E 573 7.74 -27.09 10.98
CA PRO E 573 6.48 -26.87 10.24
C PRO E 573 5.82 -25.58 10.67
N LEU E 574 5.34 -24.81 9.69
CA LEU E 574 4.64 -23.56 9.93
C LEU E 574 3.13 -23.72 9.96
N ALA E 575 2.59 -24.84 9.48
CA ALA E 575 1.16 -25.10 9.47
C ALA E 575 0.67 -25.76 10.75
N MET E 576 1.53 -25.88 11.75
CA MET E 576 1.15 -26.51 13.00
C MET E 576 -0.01 -25.74 13.66
N PRO E 577 -0.99 -26.43 14.23
CA PRO E 577 -2.14 -25.73 14.83
C PRO E 577 -1.71 -24.73 15.89
N ARG E 578 -2.54 -23.71 16.09
CA ARG E 578 -2.16 -22.65 17.02
C ARG E 578 -3.38 -21.89 17.55
N LEU E 579 -3.31 -21.55 18.83
CA LEU E 579 -4.12 -20.58 19.57
C LEU E 579 -5.54 -21.01 19.91
N ASP E 580 -6.13 -21.92 19.17
CA ASP E 580 -7.45 -22.42 19.52
C ASP E 580 -7.44 -23.93 19.34
N MET E 581 -6.81 -24.35 18.25
CA MET E 581 -6.63 -25.76 17.97
C MET E 581 -5.62 -26.38 18.93
N VAL E 582 -4.77 -25.55 19.54
CA VAL E 582 -3.92 -26.02 20.62
C VAL E 582 -4.73 -26.20 21.89
N THR E 583 -5.47 -25.16 22.29
CA THR E 583 -6.33 -25.28 23.47
C THR E 583 -7.44 -26.30 23.27
N GLY E 584 -7.96 -26.41 22.04
CA GLY E 584 -8.98 -27.40 21.78
C GLY E 584 -8.46 -28.82 21.88
N LEU E 585 -7.26 -29.07 21.35
CA LEU E 585 -6.67 -30.40 21.45
C LEU E 585 -6.11 -30.66 22.85
N TYR E 586 -5.67 -29.61 23.55
CA TYR E 586 -5.23 -29.79 24.93
C TYR E 586 -6.37 -30.28 25.82
N TYR E 587 -7.57 -29.73 25.61
CA TYR E 587 -8.71 -30.14 26.41
C TYR E 587 -9.18 -31.54 26.07
N LEU E 588 -9.05 -31.94 24.80
CA LEU E 588 -9.54 -33.25 24.37
C LEU E 588 -8.68 -34.37 24.94
N THR E 589 -7.36 -34.18 24.96
CA THR E 589 -6.43 -35.23 25.35
C THR E 589 -6.02 -35.18 26.82
N THR E 590 -6.44 -34.15 27.56
CA THR E 590 -6.09 -34.08 28.97
C THR E 590 -6.89 -35.12 29.76
N LEU E 591 -6.34 -35.52 30.90
CA LEU E 591 -6.90 -36.58 31.73
C LEU E 591 -7.26 -36.02 33.10
N VAL E 592 -8.48 -36.30 33.55
CA VAL E 592 -8.98 -35.84 34.83
C VAL E 592 -9.40 -37.06 35.65
N GLU E 593 -8.78 -37.23 36.81
CA GLU E 593 -9.15 -38.32 37.70
C GLU E 593 -10.47 -38.00 38.39
N GLY E 594 -11.21 -39.06 38.73
CA GLY E 594 -12.54 -38.89 39.29
C GLY E 594 -13.58 -38.47 38.28
N ALA E 595 -13.33 -38.70 36.99
CA ALA E 595 -14.28 -38.32 35.96
C ALA E 595 -15.53 -39.20 36.04
N THR E 596 -16.56 -38.79 35.30
CA THR E 596 -17.85 -39.46 35.39
C THR E 596 -17.76 -40.93 34.97
N GLY E 597 -17.03 -41.21 33.90
CA GLY E 597 -16.93 -42.58 33.41
C GLY E 597 -15.65 -43.28 33.84
N GLU E 598 -15.06 -42.80 34.94
CA GLU E 598 -13.75 -43.28 35.36
C GLU E 598 -13.72 -44.79 35.51
N TYR E 599 -12.60 -45.39 35.12
CA TYR E 599 -12.42 -46.83 35.27
C TYR E 599 -12.20 -47.19 36.74
N GLN E 600 -12.82 -48.29 37.16
CA GLN E 600 -12.67 -48.80 38.52
C GLN E 600 -12.29 -50.27 38.47
N ALA E 601 -11.22 -50.62 39.18
CA ALA E 601 -10.73 -51.98 39.17
C ALA E 601 -11.79 -52.93 39.73
N ALA E 602 -11.71 -54.19 39.32
CA ALA E 602 -12.67 -55.19 39.74
C ALA E 602 -12.51 -55.52 41.22
N THR E 603 -13.64 -55.69 41.90
CA THR E 603 -13.68 -56.10 43.29
C THR E 603 -14.43 -57.42 43.41
N LYS E 604 -14.50 -57.96 44.63
CA LYS E 604 -15.19 -59.23 44.85
C LYS E 604 -16.67 -59.15 44.50
N ASP E 605 -17.25 -57.95 44.50
CA ASP E 605 -18.68 -57.79 44.23
C ASP E 605 -18.96 -57.66 42.74
N ALA E 606 -18.23 -56.80 42.03
CA ALA E 606 -18.49 -56.50 40.64
C ALA E 606 -17.18 -56.47 39.87
N PRO E 607 -17.23 -56.69 38.56
CA PRO E 607 -16.00 -56.68 37.76
C PRO E 607 -15.56 -55.27 37.38
N GLU E 608 -14.52 -55.17 36.54
CA GLU E 608 -14.05 -53.87 36.08
C GLU E 608 -15.15 -53.16 35.29
N GLN E 609 -15.41 -51.90 35.65
CA GLN E 609 -16.48 -51.13 35.04
C GLN E 609 -15.99 -50.15 33.98
N GLY E 610 -14.68 -49.95 33.86
CA GLY E 610 -14.14 -48.97 32.94
C GLY E 610 -13.81 -49.48 31.55
N VAL E 611 -14.12 -50.74 31.26
CA VAL E 611 -13.78 -51.35 29.98
C VAL E 611 -14.95 -51.21 29.01
N TYR E 612 -14.63 -50.97 27.74
CA TYR E 612 -15.62 -50.89 26.69
C TYR E 612 -15.20 -51.77 25.53
N SER E 613 -16.20 -52.35 24.85
CA SER E 613 -15.92 -53.31 23.78
C SER E 613 -15.11 -52.69 22.65
N SER E 614 -15.41 -51.45 22.29
CA SER E 614 -14.79 -50.81 21.15
C SER E 614 -14.81 -49.31 21.38
N PRO E 615 -14.07 -48.55 20.56
CA PRO E 615 -14.18 -47.08 20.62
C PRO E 615 -15.56 -46.58 20.27
N ALA E 616 -16.36 -47.37 19.55
CA ALA E 616 -17.71 -46.93 19.20
C ALA E 616 -18.62 -46.95 20.43
N GLU E 617 -18.48 -47.96 21.29
CA GLU E 617 -19.29 -48.03 22.50
C GLU E 617 -19.02 -46.83 23.41
N ALA E 618 -17.74 -46.50 23.61
CA ALA E 618 -17.41 -45.35 24.44
C ALA E 618 -18.10 -44.09 23.95
N ILE E 619 -18.25 -43.93 22.63
CA ILE E 619 -18.99 -42.80 22.09
C ILE E 619 -20.44 -42.85 22.54
N MET E 620 -21.07 -44.03 22.43
CA MET E 620 -22.45 -44.17 22.89
C MET E 620 -22.54 -43.96 24.40
N ALA E 621 -21.48 -44.33 25.14
CA ALA E 621 -21.44 -44.03 26.57
C ALA E 621 -21.15 -42.56 26.83
N MET E 622 -20.36 -41.92 25.97
CA MET E 622 -20.12 -40.48 26.11
C MET E 622 -21.40 -39.68 25.87
N ASP E 623 -22.19 -40.07 24.87
CA ASP E 623 -23.43 -39.36 24.59
C ASP E 623 -24.37 -39.41 25.78
N ARG E 624 -24.50 -40.57 26.42
CA ARG E 624 -25.25 -40.65 27.66
C ARG E 624 -24.38 -40.10 28.80
N GLY E 625 -25.01 -39.95 29.97
CA GLY E 625 -24.33 -39.37 31.11
C GLY E 625 -23.39 -40.33 31.82
N ALA E 626 -22.97 -41.38 31.13
CA ALA E 626 -22.15 -42.42 31.75
C ALA E 626 -20.65 -42.17 31.62
N LEU E 627 -20.21 -41.48 30.56
CA LEU E 627 -18.80 -41.36 30.26
C LEU E 627 -18.41 -39.89 30.10
N SER E 628 -17.23 -39.54 30.61
CA SER E 628 -16.60 -38.26 30.33
C SER E 628 -15.44 -38.50 29.36
N VAL E 629 -15.32 -37.62 28.36
CA VAL E 629 -14.29 -37.79 27.35
C VAL E 629 -12.90 -37.75 27.95
N ARG E 630 -12.75 -37.13 29.12
CA ARG E 630 -11.46 -36.99 29.77
C ARG E 630 -11.22 -38.05 30.85
N ALA E 631 -12.00 -39.13 30.81
CA ALA E 631 -11.91 -40.17 31.83
C ALA E 631 -10.67 -41.04 31.60
N LYS E 632 -10.45 -41.98 32.51
CA LYS E 632 -9.30 -42.88 32.47
C LYS E 632 -9.66 -44.27 31.97
N ILE E 633 -10.74 -44.39 31.19
CA ILE E 633 -11.22 -45.71 30.80
C ILE E 633 -10.19 -46.45 29.95
N LYS E 634 -10.30 -47.77 29.94
CA LYS E 634 -9.48 -48.65 29.11
C LYS E 634 -10.40 -49.41 28.16
N VAL E 635 -10.08 -49.37 26.87
CA VAL E 635 -10.90 -49.98 25.84
C VAL E 635 -10.02 -50.79 24.91
N ARG E 636 -10.65 -51.43 23.92
CA ARG E 636 -9.98 -52.25 22.93
C ARG E 636 -10.01 -51.55 21.58
N LEU E 637 -8.86 -51.43 20.94
CA LEU E 637 -8.70 -50.73 19.67
C LEU E 637 -8.22 -51.71 18.62
N THR E 638 -8.87 -51.70 17.45
CA THR E 638 -8.52 -52.58 16.36
C THR E 638 -7.82 -51.84 15.22
N GLU E 639 -8.44 -50.79 14.68
CA GLU E 639 -7.87 -50.06 13.55
C GLU E 639 -6.77 -49.11 13.95
N LEU E 640 -6.48 -49.01 15.25
CA LEU E 640 -5.45 -48.11 15.77
C LEU E 640 -4.26 -48.92 16.24
N ARG E 641 -3.07 -48.51 15.82
CA ARG E 641 -1.87 -49.25 16.16
C ARG E 641 -1.32 -48.80 17.50
N PRO E 642 -0.58 -49.67 18.19
CA PRO E 642 -0.23 -49.42 19.59
C PRO E 642 1.12 -48.74 19.70
N PRO E 643 1.49 -48.32 20.91
CA PRO E 643 2.85 -47.77 21.12
C PRO E 643 3.91 -48.80 20.73
N THR E 644 5.02 -48.29 20.20
CA THR E 644 6.08 -49.19 19.76
C THR E 644 6.72 -49.92 20.94
N ASP E 645 6.74 -49.31 22.12
CA ASP E 645 7.29 -49.99 23.29
C ASP E 645 6.47 -51.21 23.67
N LEU E 646 5.13 -51.09 23.61
CA LEU E 646 4.26 -52.19 23.98
C LEU E 646 3.91 -53.11 22.81
N GLU E 647 4.17 -52.68 21.58
CA GLU E 647 3.83 -53.51 20.43
C GLU E 647 4.71 -54.76 20.36
N ALA E 648 6.00 -54.62 20.69
CA ALA E 648 6.89 -55.77 20.65
C ALA E 648 6.48 -56.83 21.67
N GLN E 649 6.08 -56.38 22.87
CA GLN E 649 5.65 -57.33 23.90
C GLN E 649 4.37 -58.03 23.50
N LEU E 650 3.42 -57.29 22.92
CA LEU E 650 2.10 -57.85 22.64
C LEU E 650 2.10 -58.75 21.43
N PHE E 651 2.70 -58.31 20.31
CA PHE E 651 2.66 -59.08 19.06
C PHE E 651 4.04 -59.60 18.66
N GLU E 652 4.98 -58.72 18.35
CA GLU E 652 6.32 -59.11 17.90
C GLU E 652 6.26 -59.94 16.62
N ASN E 653 5.06 -60.25 16.13
CA ASN E 653 4.87 -61.06 14.94
C ASN E 653 4.53 -60.23 13.71
N GLY E 654 4.40 -58.91 13.87
CA GLY E 654 4.04 -58.03 12.79
C GLY E 654 3.06 -56.97 13.25
N TRP E 655 2.67 -56.07 12.34
CA TRP E 655 1.67 -55.09 12.66
C TRP E 655 0.31 -55.76 12.82
N LYS E 656 -0.71 -54.95 13.11
CA LYS E 656 -2.06 -55.46 13.37
C LYS E 656 -3.08 -54.58 12.66
N PRO E 657 -3.29 -54.79 11.36
CA PRO E 657 -4.37 -54.07 10.68
C PRO E 657 -5.75 -54.43 11.23
N GLY E 658 -5.98 -55.69 11.55
CA GLY E 658 -7.27 -56.12 12.05
C GLY E 658 -7.22 -56.69 13.46
N ASP E 659 -6.01 -56.93 13.96
CA ASP E 659 -5.86 -57.47 15.30
C ASP E 659 -6.23 -56.41 16.35
N ALA E 660 -6.60 -56.89 17.53
CA ALA E 660 -7.08 -56.03 18.61
C ALA E 660 -6.11 -56.04 19.78
N TRP E 661 -6.24 -55.02 20.63
CA TRP E 661 -5.40 -54.86 21.81
C TRP E 661 -6.08 -53.87 22.74
N THR E 662 -5.65 -53.85 23.99
CA THR E 662 -6.29 -53.04 25.02
C THR E 662 -5.27 -52.11 25.67
N ALA E 663 -5.70 -50.86 25.89
CA ALA E 663 -4.87 -49.87 26.56
C ALA E 663 -5.78 -48.97 27.40
N GLU E 664 -5.17 -48.28 28.37
CA GLU E 664 -5.86 -47.36 29.25
C GLU E 664 -5.52 -45.94 28.83
N THR E 665 -6.50 -45.22 28.30
CA THR E 665 -6.32 -43.88 27.78
C THR E 665 -7.54 -43.06 28.16
N THR E 666 -7.67 -41.89 27.53
CA THR E 666 -8.92 -41.13 27.54
C THR E 666 -9.57 -41.25 26.18
N LEU E 667 -10.90 -41.21 26.17
CA LEU E 667 -11.62 -41.26 24.90
C LEU E 667 -11.12 -40.18 23.94
N GLY E 668 -10.80 -39.01 24.47
CA GLY E 668 -10.25 -37.96 23.62
C GLY E 668 -8.93 -38.35 22.99
N ARG E 669 -8.04 -38.96 23.77
CA ARG E 669 -6.78 -39.44 23.21
C ARG E 669 -7.01 -40.49 22.14
N VAL E 670 -8.09 -41.26 22.26
CA VAL E 670 -8.44 -42.20 21.20
C VAL E 670 -8.91 -41.45 19.96
N MET E 671 -9.85 -40.53 20.14
CA MET E 671 -10.32 -39.75 18.99
C MET E 671 -9.22 -38.89 18.41
N PHE E 672 -8.23 -38.51 19.22
CA PHE E 672 -7.12 -37.71 18.71
C PHE E 672 -6.22 -38.54 17.81
N ASN E 673 -5.91 -39.78 18.20
CA ASN E 673 -5.02 -40.61 17.40
C ASN E 673 -5.66 -41.08 16.11
N GLU E 674 -6.99 -41.00 15.99
CA GLU E 674 -7.63 -41.34 14.72
C GLU E 674 -7.36 -40.27 13.66
N LEU E 675 -7.10 -39.03 14.08
CA LEU E 675 -6.72 -37.99 13.13
C LEU E 675 -5.36 -38.26 12.53
N LEU E 676 -4.45 -38.86 13.30
CA LEU E 676 -3.13 -39.18 12.78
C LEU E 676 -3.20 -40.35 11.80
N PRO E 677 -2.15 -40.56 11.02
CA PRO E 677 -2.14 -41.68 10.08
C PRO E 677 -2.30 -43.01 10.81
N LYS E 678 -2.89 -43.98 10.12
CA LYS E 678 -3.10 -45.29 10.71
C LYS E 678 -1.77 -45.96 11.06
N SER E 679 -0.74 -45.74 10.24
CA SER E 679 0.55 -46.37 10.47
C SER E 679 1.30 -45.77 11.66
N TYR E 680 0.93 -44.56 12.09
CA TYR E 680 1.64 -43.92 13.19
C TYR E 680 1.24 -44.55 14.52
N PRO E 681 2.19 -44.80 15.41
CA PRO E 681 1.86 -45.46 16.68
C PRO E 681 1.09 -44.55 17.62
N PHE E 682 0.50 -45.18 18.63
CA PHE E 682 -0.27 -44.46 19.64
C PHE E 682 0.64 -43.55 20.46
N VAL E 683 0.05 -42.48 21.01
CA VAL E 683 0.78 -41.48 21.80
C VAL E 683 0.38 -41.52 23.26
N ASN E 684 -0.90 -41.25 23.55
CA ASN E 684 -1.44 -41.24 24.91
C ASN E 684 -0.71 -40.21 25.78
N GLU E 685 -0.90 -38.95 25.41
CA GLU E 685 -0.43 -37.82 26.19
C GLU E 685 -1.40 -36.67 26.01
N GLN E 686 -1.45 -35.79 27.01
CA GLN E 686 -2.16 -34.53 26.83
C GLN E 686 -1.31 -33.61 25.96
N MET E 687 -1.94 -33.00 24.96
CA MET E 687 -1.19 -32.34 23.89
C MET E 687 -0.78 -30.93 24.33
N HIS E 688 0.52 -30.75 24.57
CA HIS E 688 1.09 -29.44 24.78
C HIS E 688 1.34 -28.77 23.43
N LYS E 689 1.86 -27.55 23.45
CA LYS E 689 2.27 -26.92 22.19
C LYS E 689 3.59 -27.53 21.69
N LYS E 690 4.51 -27.82 22.61
CA LYS E 690 5.75 -28.47 22.22
C LYS E 690 5.51 -29.93 21.84
N VAL E 691 4.58 -30.60 22.50
CA VAL E 691 4.30 -32.00 22.18
C VAL E 691 3.73 -32.14 20.78
N GLN E 692 2.82 -31.24 20.40
CA GLN E 692 2.25 -31.28 19.05
C GLN E 692 3.33 -30.98 18.01
N ALA E 693 4.13 -29.94 18.24
CA ALA E 693 5.26 -29.68 17.36
C ALA E 693 6.18 -30.88 17.27
N ARG E 694 6.42 -31.55 18.40
CA ARG E 694 7.22 -32.76 18.40
C ARG E 694 6.59 -33.83 17.50
N ILE E 695 5.27 -33.90 17.47
CA ILE E 695 4.59 -34.93 16.68
C ILE E 695 4.61 -34.57 15.20
N ILE E 696 4.27 -33.32 14.87
CA ILE E 696 4.21 -32.93 13.47
C ILE E 696 5.58 -33.08 12.81
N ASN E 697 6.65 -32.81 13.54
CA ASN E 697 8.00 -32.99 12.98
C ASN E 697 8.20 -34.42 12.51
N ASP E 698 7.98 -35.40 13.39
CA ASP E 698 8.22 -36.78 13.03
C ASP E 698 7.25 -37.25 11.96
N LEU E 699 6.04 -36.68 11.92
CA LEU E 699 5.10 -37.03 10.86
C LEU E 699 5.61 -36.59 9.50
N ALA E 700 6.24 -35.41 9.43
CA ALA E 700 6.69 -34.88 8.15
C ALA E 700 7.77 -35.75 7.54
N GLU E 701 8.70 -36.27 8.36
CA GLU E 701 9.80 -37.07 7.84
C GLU E 701 9.29 -38.39 7.29
N ARG E 702 8.56 -39.15 8.11
CA ARG E 702 8.20 -40.52 7.80
C ARG E 702 7.03 -40.65 6.83
N PHE E 703 6.42 -39.55 6.42
CA PHE E 703 5.27 -39.59 5.53
C PHE E 703 5.37 -38.52 4.46
N PRO E 704 4.76 -38.73 3.30
CA PRO E 704 4.68 -37.66 2.31
C PRO E 704 3.84 -36.50 2.84
N MET E 705 4.11 -35.30 2.31
CA MET E 705 3.48 -34.10 2.84
C MET E 705 1.97 -34.09 2.63
N ILE E 706 1.45 -34.83 1.65
CA ILE E 706 0.00 -34.93 1.52
C ILE E 706 -0.58 -35.56 2.77
N VAL E 707 0.09 -36.58 3.32
CA VAL E 707 -0.36 -37.18 4.57
C VAL E 707 -0.23 -36.18 5.72
N VAL E 708 0.85 -35.39 5.71
CA VAL E 708 1.01 -34.37 6.75
C VAL E 708 0.05 -33.22 6.53
N ALA E 709 -0.26 -32.88 5.28
CA ALA E 709 -1.20 -31.80 5.01
C ALA E 709 -2.60 -32.17 5.51
N GLN E 710 -3.06 -33.37 5.18
CA GLN E 710 -4.39 -33.79 5.61
C GLN E 710 -4.43 -34.11 7.10
N THR E 711 -3.30 -34.49 7.69
CA THR E 711 -3.28 -34.74 9.13
C THR E 711 -3.46 -33.45 9.92
N VAL E 712 -2.72 -32.39 9.54
CA VAL E 712 -2.89 -31.11 10.20
C VAL E 712 -4.27 -30.55 9.92
N ASP E 713 -4.85 -30.85 8.76
CA ASP E 713 -6.21 -30.41 8.46
C ASP E 713 -7.21 -31.11 9.36
N LYS E 714 -6.96 -32.38 9.71
CA LYS E 714 -7.82 -33.08 10.65
C LYS E 714 -7.64 -32.53 12.07
N LEU E 715 -6.41 -32.15 12.42
CA LEU E 715 -6.16 -31.53 13.71
C LEU E 715 -6.84 -30.17 13.83
N LYS E 716 -7.11 -29.49 12.71
CA LYS E 716 -7.79 -28.20 12.76
C LYS E 716 -9.25 -28.37 13.15
N ASP E 717 -9.95 -29.31 12.50
CA ASP E 717 -11.36 -29.51 12.80
C ASP E 717 -11.56 -29.87 14.27
N ALA E 718 -10.79 -30.83 14.78
CA ALA E 718 -10.93 -31.23 16.17
C ALA E 718 -10.49 -30.11 17.11
N GLY E 719 -9.37 -29.45 16.80
CA GLY E 719 -8.91 -28.36 17.65
C GLY E 719 -9.93 -27.23 17.74
N PHE E 720 -10.54 -26.86 16.61
CA PHE E 720 -11.59 -25.86 16.63
C PHE E 720 -12.85 -26.39 17.28
N TYR E 721 -13.21 -27.64 16.97
CA TYR E 721 -14.45 -28.21 17.51
C TYR E 721 -14.44 -28.20 19.03
N TRP E 722 -13.35 -28.69 19.63
CA TRP E 722 -13.29 -28.81 21.08
C TRP E 722 -12.91 -27.51 21.77
N ALA E 723 -12.42 -26.52 21.02
CA ALA E 723 -12.19 -25.21 21.62
C ALA E 723 -13.50 -24.60 22.10
N THR E 724 -14.59 -24.83 21.35
CA THR E 724 -15.89 -24.32 21.77
C THR E 724 -16.41 -25.07 23.00
N ARG E 725 -16.36 -26.41 22.94
CA ARG E 725 -16.74 -27.23 24.09
C ARG E 725 -15.73 -27.15 25.22
N SER E 726 -14.59 -26.49 25.00
CA SER E 726 -13.56 -26.40 26.03
C SER E 726 -14.03 -25.66 27.26
N GLY E 727 -15.03 -24.79 27.12
CA GLY E 727 -15.47 -23.99 28.26
C GLY E 727 -14.52 -22.87 28.63
N VAL E 728 -13.78 -22.34 27.66
CA VAL E 728 -12.85 -21.25 27.91
C VAL E 728 -13.62 -19.93 27.77
N THR E 729 -13.75 -19.21 28.88
CA THR E 729 -14.43 -17.93 28.89
C THR E 729 -13.83 -17.06 29.99
N VAL E 730 -13.84 -15.75 29.76
CA VAL E 730 -13.25 -14.79 30.69
C VAL E 730 -14.38 -14.03 31.38
N SER E 731 -14.09 -13.58 32.60
CA SER E 731 -15.04 -12.83 33.40
C SER E 731 -14.27 -12.11 34.51
N MET E 732 -15.01 -11.47 35.42
CA MET E 732 -14.37 -10.78 36.54
C MET E 732 -13.55 -11.76 37.37
N ALA E 733 -14.15 -12.88 37.75
CA ALA E 733 -13.51 -13.82 38.67
C ALA E 733 -12.17 -14.30 38.12
N ASP E 734 -12.17 -14.79 36.87
CA ASP E 734 -10.95 -15.36 36.32
C ASP E 734 -9.81 -14.36 36.15
N VAL E 735 -10.04 -13.08 36.44
CA VAL E 735 -9.02 -12.05 36.18
C VAL E 735 -8.68 -11.29 37.45
N LEU E 736 -9.68 -10.69 38.08
CA LEU E 736 -9.47 -9.73 39.15
C LEU E 736 -8.48 -10.25 40.19
N VAL E 737 -7.56 -9.38 40.58
CA VAL E 737 -6.54 -9.72 41.56
C VAL E 737 -7.18 -9.91 42.93
N GLN E 740 -5.84 -9.81 48.08
CA GLN E 740 -4.67 -10.64 48.24
C GLN E 740 -3.39 -9.83 48.06
N LYS E 741 -3.07 -9.51 46.81
CA LYS E 741 -1.86 -8.74 46.53
C LYS E 741 -1.88 -7.39 47.23
N GLN E 742 -3.06 -6.85 47.51
CA GLN E 742 -3.16 -5.56 48.20
C GLN E 742 -2.54 -5.65 49.59
N GLU E 743 -3.01 -6.59 50.41
CA GLU E 743 -2.45 -6.75 51.74
C GLU E 743 -1.00 -7.21 51.69
N ILE E 744 -0.63 -7.99 50.69
CA ILE E 744 0.74 -8.48 50.58
C ILE E 744 1.72 -7.32 50.38
N LEU E 745 1.44 -6.48 49.38
CA LEU E 745 2.39 -5.40 49.06
C LEU E 745 2.31 -4.24 50.05
N GLU E 746 1.15 -4.01 50.66
CA GLU E 746 1.09 -2.98 51.70
C GLU E 746 2.01 -3.32 52.86
N ARG E 747 2.24 -4.62 53.10
CA ARG E 747 3.13 -5.05 54.17
C ARG E 747 4.59 -4.94 53.75
N HIS E 748 4.93 -5.47 52.57
CA HIS E 748 6.32 -5.44 52.12
C HIS E 748 6.83 -4.02 51.95
N GLU E 749 5.96 -3.08 51.55
CA GLU E 749 6.40 -1.71 51.32
C GLU E 749 6.89 -1.04 52.59
N ALA E 750 6.27 -1.36 53.73
CA ALA E 750 6.68 -0.75 54.99
C ALA E 750 8.10 -1.16 55.39
N GLU E 751 8.53 -2.36 54.99
CA GLU E 751 9.89 -2.78 55.30
C GLU E 751 10.91 -1.91 54.58
N ALA E 752 10.65 -1.56 53.32
CA ALA E 752 11.55 -0.68 52.59
C ALA E 752 11.53 0.73 53.17
N ASP E 753 10.38 1.16 53.72
CA ASP E 753 10.30 2.49 54.33
C ASP E 753 11.12 2.54 55.61
N ALA E 754 11.05 1.49 56.43
CA ALA E 754 11.85 1.45 57.67
C ALA E 754 13.33 1.33 57.38
N ILE E 755 13.71 0.84 56.20
CA ILE E 755 15.13 0.80 55.83
C ILE E 755 15.72 2.20 55.71
N GLU E 756 14.89 3.23 55.54
CA GLU E 756 15.39 4.59 55.54
C GLU E 756 15.71 5.08 56.94
N ARG E 757 15.02 4.55 57.96
CA ARG E 757 15.42 4.79 59.34
C ARG E 757 16.70 4.06 59.70
N LYS E 758 17.22 3.22 58.81
CA LYS E 758 18.50 2.54 58.98
C LYS E 758 19.56 3.07 58.03
N TYR E 759 19.21 3.28 56.76
CA TYR E 759 20.17 3.84 55.81
C TYR E 759 20.60 5.24 56.21
N GLN E 760 19.75 5.97 56.94
CA GLN E 760 20.11 7.30 57.40
C GLN E 760 21.34 7.24 58.29
N ARG E 761 21.28 6.46 59.37
CA ARG E 761 22.41 6.29 60.28
C ARG E 761 22.20 5.11 61.23
N GLY E 762 23.21 4.25 61.34
CA GLY E 762 23.20 3.19 62.33
C GLY E 762 23.20 1.78 61.78
N ALA E 763 22.43 1.53 60.72
CA ALA E 763 22.30 0.16 60.24
C ALA E 763 22.41 0.03 58.72
N LEU E 764 22.91 1.04 58.01
CA LEU E 764 22.98 0.99 56.56
C LEU E 764 23.83 -0.20 56.09
N ASN E 765 25.12 -0.16 56.41
CA ASN E 765 26.10 -1.17 55.99
C ASN E 765 26.40 -1.13 54.50
N HIS E 766 25.66 -0.36 53.71
CA HIS E 766 26.05 0.06 52.37
C HIS E 766 26.09 -1.10 51.38
N THR E 767 25.92 -2.33 51.85
CA THR E 767 25.79 -3.48 50.99
C THR E 767 24.72 -4.44 51.48
N GLU E 768 24.45 -4.44 52.78
CA GLU E 768 23.21 -5.03 53.27
C GLU E 768 22.03 -4.24 52.76
N ARG E 769 22.20 -2.94 52.54
CA ARG E 769 21.13 -2.12 51.99
C ARG E 769 20.67 -2.62 50.63
N ASN E 770 21.59 -2.65 49.65
CA ASN E 770 21.24 -3.14 48.33
C ASN E 770 20.84 -4.61 48.37
N GLU E 771 21.54 -5.41 49.17
CA GLU E 771 21.20 -6.82 49.29
C GLU E 771 19.84 -7.01 49.97
N SER E 772 19.55 -6.17 50.97
CA SER E 772 18.24 -6.25 51.63
C SER E 772 17.12 -5.92 50.65
N LEU E 773 17.30 -4.88 49.84
CA LEU E 773 16.26 -4.49 48.89
C LEU E 773 16.03 -5.58 47.84
N VAL E 774 17.11 -6.14 47.30
CA VAL E 774 16.96 -7.16 46.26
C VAL E 774 16.34 -8.43 46.83
N LYS E 775 16.74 -8.83 48.04
CA LYS E 775 16.18 -10.04 48.64
C LYS E 775 14.71 -9.85 49.00
N ILE E 776 14.36 -8.69 49.54
CA ILE E 776 12.97 -8.45 49.91
C ILE E 776 12.09 -8.33 48.68
N TRP E 777 12.60 -7.74 47.61
CA TRP E 777 11.81 -7.63 46.37
C TRP E 777 11.60 -9.01 45.74
N GLN E 778 12.64 -9.83 45.69
CA GLN E 778 12.50 -11.18 45.15
C GLN E 778 11.67 -12.05 46.07
N ASP E 779 11.74 -11.82 47.38
CA ASP E 779 10.90 -12.58 48.31
C ASP E 779 9.42 -12.26 48.09
N ALA E 780 9.11 -10.99 47.85
CA ALA E 780 7.73 -10.63 47.50
C ALA E 780 7.34 -11.22 46.15
N THR E 781 8.29 -11.28 45.21
CA THR E 781 8.01 -11.91 43.93
C THR E 781 7.77 -13.40 44.10
N GLU E 782 8.53 -14.05 44.99
CA GLU E 782 8.30 -15.46 45.26
C GLU E 782 6.93 -15.68 45.91
N GLU E 783 6.57 -14.82 46.86
CA GLU E 783 5.25 -14.91 47.47
C GLU E 783 4.15 -14.55 46.48
N VAL E 784 4.43 -13.64 45.55
CA VAL E 784 3.46 -13.34 44.51
C VAL E 784 3.28 -14.50 43.55
N GLY E 785 4.39 -15.19 43.21
CA GLY E 785 4.27 -16.37 42.37
C GLY E 785 3.45 -17.47 43.01
N LYS E 786 3.60 -17.64 44.33
CA LYS E 786 2.77 -18.61 45.04
C LYS E 786 1.32 -18.17 45.08
N ALA E 787 1.08 -16.88 45.32
CA ALA E 787 -0.29 -16.37 45.33
C ALA E 787 -0.92 -16.44 43.95
N LEU E 788 -0.12 -16.36 42.88
CA LEU E 788 -0.67 -16.49 41.54
C LEU E 788 -1.29 -17.86 41.32
N GLU E 789 -0.64 -18.91 41.80
CA GLU E 789 -1.15 -20.27 41.69
C GLU E 789 -1.95 -20.70 42.91
N GLU E 790 -2.12 -19.81 43.90
CA GLU E 790 -2.86 -20.15 45.10
C GLU E 790 -4.35 -19.81 45.00
N PHE E 791 -4.74 -18.96 44.05
CA PHE E 791 -6.11 -18.48 43.94
C PHE E 791 -6.89 -19.13 42.80
N TYR E 792 -6.28 -20.02 42.03
CA TYR E 792 -6.91 -20.55 40.83
C TYR E 792 -6.76 -22.07 40.76
N PRO E 793 -7.83 -22.81 40.48
CA PRO E 793 -7.67 -24.22 40.12
C PRO E 793 -6.99 -24.35 38.76
N ALA E 794 -6.28 -25.46 38.57
CA ALA E 794 -5.51 -25.65 37.35
C ALA E 794 -6.35 -25.58 36.08
N ASP E 795 -7.67 -25.66 36.20
CA ASP E 795 -8.56 -25.57 35.04
C ASP E 795 -8.97 -24.14 34.73
N ASN E 796 -8.33 -23.15 35.35
CA ASN E 796 -8.70 -21.76 35.11
C ASN E 796 -8.49 -21.42 33.64
N PRO E 797 -9.43 -20.69 33.02
CA PRO E 797 -9.32 -20.46 31.56
C PRO E 797 -8.00 -19.82 31.16
N ILE E 798 -7.61 -18.71 31.78
CA ILE E 798 -6.32 -18.09 31.47
C ILE E 798 -5.18 -19.07 31.74
N ILE E 799 -5.25 -19.75 32.89
CA ILE E 799 -4.21 -20.72 33.24
C ILE E 799 -4.18 -21.87 32.23
N THR E 800 -5.34 -22.40 31.88
CA THR E 800 -5.40 -23.48 30.89
C THR E 800 -4.75 -23.04 29.57
N ILE E 801 -5.09 -21.85 29.09
CA ILE E 801 -4.51 -21.34 27.85
C ILE E 801 -2.99 -21.25 27.98
N VAL E 802 -2.51 -20.68 29.09
CA VAL E 802 -1.07 -20.56 29.29
C VAL E 802 -0.41 -21.94 29.26
N LYS E 803 -1.02 -22.93 29.92
CA LYS E 803 -0.41 -24.25 30.01
C LYS E 803 -0.34 -24.93 28.65
N SER E 804 -1.37 -24.77 27.83
CA SER E 804 -1.40 -25.45 26.52
C SER E 804 -0.31 -24.94 25.60
N GLY E 805 0.09 -23.68 25.73
CA GLY E 805 1.09 -23.11 24.85
C GLY E 805 0.53 -22.36 23.66
N ALA E 806 -0.75 -22.01 23.69
CA ALA E 806 -1.35 -21.29 22.58
C ALA E 806 -0.77 -19.88 22.46
N THR E 807 -0.60 -19.20 23.58
CA THR E 807 -0.06 -17.84 23.58
C THR E 807 1.45 -17.85 23.82
N ALA E 867 10.44 -2.73 10.37
CA ALA E 867 10.35 -1.92 9.17
C ALA E 867 11.73 -1.54 8.64
N ASP E 868 12.63 -1.17 9.55
CA ASP E 868 14.00 -0.90 9.14
C ASP E 868 14.67 -2.13 8.55
N SER E 869 14.30 -3.33 9.00
CA SER E 869 14.89 -4.58 8.54
C SER E 869 14.99 -4.64 7.02
N GLY E 870 13.98 -4.12 6.32
CA GLY E 870 14.00 -4.15 4.87
C GLY E 870 15.27 -3.57 4.26
N TYR E 871 15.92 -2.65 4.97
CA TYR E 871 17.18 -2.11 4.49
C TYR E 871 18.24 -3.20 4.43
N LEU E 872 18.44 -3.90 5.56
CA LEU E 872 19.45 -4.96 5.60
C LEU E 872 19.11 -6.08 4.64
N THR E 873 17.83 -6.47 4.56
CA THR E 873 17.44 -7.58 3.71
C THR E 873 17.80 -7.32 2.26
N ARG E 874 17.62 -6.09 1.78
CA ARG E 874 17.91 -5.79 0.38
C ARG E 874 19.40 -5.95 0.08
N ARG E 875 20.26 -5.54 1.02
CA ARG E 875 21.69 -5.76 0.83
C ARG E 875 22.03 -7.25 0.89
N LEU E 876 21.41 -7.97 1.82
CA LEU E 876 21.58 -9.42 1.87
C LEU E 876 21.17 -10.07 0.56
N VAL E 877 20.04 -9.63 -0.01
CA VAL E 877 19.60 -10.16 -1.30
C VAL E 877 20.54 -9.69 -2.40
N ASP E 878 21.04 -8.46 -2.31
CA ASP E 878 21.88 -7.92 -3.36
C ASP E 878 23.18 -8.68 -3.52
N VAL E 879 23.72 -9.22 -2.42
CA VAL E 879 25.00 -9.90 -2.48
C VAL E 879 24.86 -11.39 -2.78
N SER E 880 23.78 -12.04 -2.33
CA SER E 880 23.62 -13.48 -2.43
C SER E 880 22.56 -13.90 -3.44
N GLN E 881 22.01 -12.96 -4.21
CA GLN E 881 20.94 -13.33 -5.14
C GLN E 881 21.41 -14.30 -6.21
N ASP E 882 22.69 -14.27 -6.54
CA ASP E 882 23.25 -15.10 -7.60
C ASP E 882 23.65 -16.49 -7.12
N VAL E 883 23.62 -16.74 -5.82
CA VAL E 883 24.03 -18.02 -5.27
C VAL E 883 22.92 -19.03 -5.54
N ILE E 884 23.20 -20.02 -6.40
CA ILE E 884 22.28 -21.10 -6.68
C ILE E 884 23.05 -22.41 -6.70
N VAL E 885 22.34 -23.50 -6.49
CA VAL E 885 22.91 -24.83 -6.66
C VAL E 885 23.01 -25.11 -8.15
N ARG E 886 24.20 -25.46 -8.60
CA ARG E 886 24.45 -25.68 -10.02
C ARG E 886 24.89 -27.09 -10.36
N GLU E 887 25.31 -27.89 -9.38
CA GLU E 887 25.73 -29.26 -9.64
C GLU E 887 25.38 -30.12 -8.43
N HIS E 888 25.24 -31.43 -8.66
CA HIS E 888 24.87 -32.33 -7.58
C HIS E 888 25.98 -32.45 -6.55
N ASP E 889 27.22 -32.66 -7.01
CA ASP E 889 28.31 -32.90 -6.08
C ASP E 889 29.60 -32.33 -6.67
N CYS E 890 30.36 -31.61 -5.83
CA CYS E 890 31.69 -31.15 -6.20
C CYS E 890 32.79 -32.10 -5.73
N GLU E 891 32.44 -33.11 -4.94
CA GLU E 891 33.35 -34.18 -4.53
C GLU E 891 34.53 -33.68 -3.70
N THR E 892 34.37 -32.55 -3.01
CA THR E 892 35.41 -32.08 -2.11
C THR E 892 35.38 -32.90 -0.82
N GLU E 893 36.56 -33.09 -0.24
CA GLU E 893 36.73 -34.04 0.84
C GLU E 893 36.81 -33.39 2.22
N ARG E 894 36.66 -32.07 2.31
CA ARG E 894 36.90 -31.35 3.55
C ARG E 894 35.71 -30.48 3.91
N GLY E 895 35.20 -30.65 5.13
CA GLY E 895 34.10 -29.85 5.63
C GLY E 895 34.50 -29.11 6.90
N ILE E 896 33.56 -29.08 7.87
CA ILE E 896 33.74 -28.36 9.13
C ILE E 896 33.25 -29.21 10.28
N ASN E 897 33.88 -29.01 11.44
CA ASN E 897 33.60 -29.79 12.63
C ASN E 897 32.39 -29.22 13.38
N VAL E 898 31.53 -30.11 13.85
CA VAL E 898 30.34 -29.74 14.61
C VAL E 898 30.49 -30.26 16.04
N THR E 899 30.05 -29.46 17.01
CA THR E 899 30.24 -29.81 18.41
C THR E 899 29.48 -31.07 18.78
N LEU E 900 28.16 -31.08 18.56
CA LEU E 900 27.41 -32.34 18.64
C LEU E 900 27.44 -33.04 19.99
N ALA E 901 26.64 -32.57 20.92
CA ALA E 901 26.38 -33.37 22.12
C ALA E 901 27.49 -33.53 23.16
N GLU E 902 27.68 -32.48 23.96
CA GLU E 902 28.43 -32.59 25.22
C GLU E 902 27.63 -33.43 26.19
N ARG E 903 28.30 -34.38 26.87
CA ARG E 903 27.64 -35.27 27.82
C ARG E 903 28.62 -35.74 28.89
N GLY E 904 28.06 -36.22 30.00
CA GLY E 904 28.85 -36.77 31.09
C GLY E 904 28.10 -37.81 31.88
N ARG E 911 23.88 -32.08 26.55
CA ARG E 911 23.48 -32.22 25.16
C ARG E 911 23.29 -30.84 24.53
N ASP E 912 24.20 -30.48 23.63
CA ASP E 912 24.19 -29.15 23.03
C ASP E 912 22.84 -28.85 22.39
N ALA E 913 22.25 -27.71 22.77
CA ALA E 913 20.97 -27.29 22.22
C ALA E 913 21.10 -26.65 20.84
N HIS E 914 22.32 -26.34 20.40
CA HIS E 914 22.54 -25.72 19.11
C HIS E 914 22.81 -26.73 18.00
N VAL E 915 22.63 -28.02 18.27
CA VAL E 915 22.86 -29.02 17.24
C VAL E 915 21.75 -29.01 16.20
N GLU E 916 20.53 -28.65 16.61
CA GLU E 916 19.42 -28.61 15.67
C GLU E 916 19.63 -27.55 14.59
N THR E 917 20.39 -26.51 14.89
CA THR E 917 20.67 -25.45 13.92
C THR E 917 21.95 -25.71 13.14
N SER E 918 22.99 -26.21 13.82
CA SER E 918 24.30 -26.40 13.20
C SER E 918 24.48 -27.80 12.63
N ALA E 919 24.09 -28.83 13.39
CA ALA E 919 24.35 -30.21 12.99
C ALA E 919 23.24 -30.82 12.15
N PHE E 920 22.01 -30.34 12.29
CA PHE E 920 20.87 -30.98 11.66
C PHE E 920 20.83 -30.70 10.17
N ALA E 921 20.25 -31.65 9.42
CA ALA E 921 20.05 -31.50 7.98
C ALA E 921 21.36 -31.23 7.25
N ARG E 922 22.43 -31.87 7.71
CA ARG E 922 23.76 -31.74 7.13
C ARG E 922 24.13 -33.00 6.36
N THR E 923 25.31 -32.99 5.76
CA THR E 923 25.86 -34.14 5.05
C THR E 923 27.28 -34.37 5.52
N LEU E 924 27.60 -35.62 5.85
CA LEU E 924 28.92 -35.93 6.41
C LEU E 924 29.98 -35.93 5.33
N ALA E 925 31.09 -35.27 5.61
CA ALA E 925 32.24 -35.31 4.71
C ALA E 925 33.09 -36.57 4.94
N THR E 926 33.12 -37.06 6.19
CA THR E 926 33.84 -38.28 6.52
C THR E 926 32.91 -39.20 7.31
N ASP E 927 33.30 -40.47 7.40
CA ASP E 927 32.52 -41.45 8.14
C ASP E 927 32.62 -41.17 9.64
N ALA E 928 31.53 -41.51 10.34
CA ALA E 928 31.49 -41.39 11.79
C ALA E 928 31.93 -42.72 12.40
N VAL E 929 33.13 -42.75 12.96
CA VAL E 929 33.73 -43.98 13.48
C VAL E 929 33.72 -43.96 14.99
N ASP E 930 33.20 -45.02 15.59
CA ASP E 930 33.24 -45.18 17.03
C ASP E 930 34.59 -45.74 17.46
N ALA E 931 34.95 -45.48 18.72
CA ALA E 931 36.23 -45.96 19.22
C ALA E 931 36.31 -47.48 19.23
N ASN E 932 35.16 -48.16 19.34
CA ASN E 932 35.13 -49.61 19.34
C ASN E 932 35.47 -50.22 17.99
N GLY E 933 35.55 -49.41 16.93
CA GLY E 933 35.89 -49.88 15.61
C GLY E 933 34.71 -49.97 14.65
N ASN E 934 33.50 -50.14 15.16
CA ASN E 934 32.32 -50.25 14.31
C ASN E 934 31.94 -48.89 13.75
N VAL E 935 31.61 -48.86 12.47
CA VAL E 935 31.23 -47.62 11.80
C VAL E 935 29.72 -47.46 11.85
N ILE E 936 29.30 -46.24 12.15
CA ILE E 936 27.90 -45.83 12.13
C ILE E 936 27.88 -44.62 11.21
N ILE E 937 26.78 -43.87 11.18
CA ILE E 937 26.30 -43.23 9.95
C ILE E 937 27.46 -42.85 9.04
N GLU E 938 27.39 -43.30 7.80
CA GLU E 938 28.49 -43.21 6.84
C GLU E 938 28.45 -41.86 6.13
N ARG E 939 29.60 -41.51 5.54
CA ARG E 939 29.74 -40.23 4.88
C ARG E 939 28.73 -40.09 3.74
N GLY E 940 28.35 -38.85 3.45
CA GLY E 940 27.37 -38.60 2.42
C GLY E 940 25.95 -38.93 2.83
N HIS E 941 25.63 -38.83 4.12
CA HIS E 941 24.32 -39.18 4.64
C HIS E 941 23.56 -37.91 5.02
N ASP E 942 22.23 -38.01 4.99
CA ASP E 942 21.38 -36.85 5.23
C ASP E 942 21.51 -36.31 6.65
N LEU E 943 22.07 -37.09 7.58
CA LEU E 943 22.21 -36.66 8.97
C LEU E 943 20.87 -36.25 9.57
N GLY E 944 19.87 -37.11 9.40
CA GLY E 944 18.57 -36.84 9.98
C GLY E 944 18.60 -36.88 11.50
N ASP E 945 17.49 -36.48 12.10
CA ASP E 945 17.39 -36.53 13.56
C ASP E 945 17.51 -37.95 14.09
N PRO E 946 16.90 -38.97 13.47
CA PRO E 946 17.18 -40.35 13.92
C PRO E 946 18.65 -40.70 13.88
N ALA E 947 19.43 -40.09 12.99
CA ALA E 947 20.87 -40.34 12.96
C ALA E 947 21.58 -39.67 14.12
N ILE E 948 21.11 -38.49 14.54
CA ILE E 948 21.72 -37.81 15.68
C ILE E 948 21.55 -38.64 16.95
N ASP E 949 20.32 -39.09 17.20
CA ASP E 949 20.08 -39.95 18.35
C ASP E 949 20.87 -41.24 18.26
N ALA E 950 20.95 -41.82 17.06
CA ALA E 950 21.76 -43.02 16.87
C ALA E 950 23.24 -42.74 17.08
N LEU E 951 23.70 -41.57 16.62
CA LEU E 951 25.09 -41.17 16.89
C LEU E 951 25.28 -40.86 18.37
N LEU E 952 24.27 -40.27 19.02
CA LEU E 952 24.38 -39.96 20.44
C LEU E 952 24.53 -41.23 21.27
N ALA E 953 23.90 -42.32 20.84
CA ALA E 953 24.03 -43.58 21.58
C ALA E 953 25.46 -44.10 21.52
N ALA E 954 26.14 -43.90 20.38
CA ALA E 954 27.52 -44.37 20.25
C ALA E 954 28.48 -43.59 21.13
N GLY E 955 28.12 -42.38 21.55
CA GLY E 955 28.98 -41.61 22.41
C GLY E 955 30.13 -40.92 21.71
N ILE E 956 29.88 -40.32 20.56
CA ILE E 956 30.89 -39.58 19.80
C ILE E 956 30.60 -38.09 19.95
N THR E 957 31.66 -37.31 20.16
CA THR E 957 31.49 -35.88 20.39
C THR E 957 31.34 -35.10 19.08
N THR E 958 32.38 -35.11 18.24
CA THR E 958 32.45 -34.24 17.09
C THR E 958 32.33 -35.01 15.79
N VAL E 959 31.80 -34.34 14.77
CA VAL E 959 31.64 -34.89 13.44
C VAL E 959 32.05 -33.82 12.42
N LYS E 960 32.53 -34.27 11.28
CA LYS E 960 32.92 -33.37 10.19
C LYS E 960 31.84 -33.40 9.12
N VAL E 961 31.43 -32.21 8.66
CA VAL E 961 30.24 -32.06 7.84
C VAL E 961 30.55 -31.14 6.66
N ARG E 962 30.07 -31.53 5.48
CA ARG E 962 30.17 -30.67 4.31
C ARG E 962 29.48 -29.34 4.56
N SER E 963 29.95 -28.29 3.88
CA SER E 963 29.38 -26.96 4.02
C SER E 963 29.66 -26.17 2.75
N VAL E 964 28.81 -25.16 2.51
CA VAL E 964 29.02 -24.27 1.37
C VAL E 964 30.26 -23.41 1.55
N LEU E 965 30.73 -23.26 2.80
CA LEU E 965 31.97 -22.52 3.03
C LEU E 965 33.15 -23.23 2.38
N THR E 966 33.15 -24.56 2.40
CA THR E 966 34.21 -25.37 1.83
C THR E 966 33.89 -25.89 0.44
N CYS E 967 32.72 -25.56 -0.11
CA CYS E 967 32.35 -26.07 -1.41
C CYS E 967 33.28 -25.54 -2.48
N THR E 968 33.78 -26.45 -3.33
CA THR E 968 34.73 -26.12 -4.38
C THR E 968 34.07 -25.87 -5.73
N SER E 969 32.74 -25.78 -5.76
CA SER E 969 32.04 -25.59 -7.03
C SER E 969 32.48 -24.30 -7.71
N ALA E 970 32.74 -24.38 -9.01
CA ALA E 970 33.16 -23.21 -9.76
C ALA E 970 32.03 -22.18 -9.85
N THR E 971 30.79 -22.65 -9.98
CA THR E 971 29.63 -21.78 -10.11
C THR E 971 28.63 -22.12 -8.99
N GLY E 972 28.35 -21.14 -8.14
CA GLY E 972 27.39 -21.36 -7.07
C GLY E 972 27.87 -22.40 -6.08
N VAL E 973 26.93 -23.21 -5.60
CA VAL E 973 27.24 -24.30 -4.68
C VAL E 973 26.73 -25.61 -5.27
N CYS E 974 26.93 -26.71 -4.55
CA CYS E 974 26.44 -28.01 -4.99
C CYS E 974 25.41 -28.52 -4.00
N ALA E 975 24.60 -29.49 -4.45
CA ALA E 975 23.54 -30.02 -3.61
C ALA E 975 24.09 -30.73 -2.39
N MET E 976 25.17 -31.49 -2.55
CA MET E 976 25.70 -32.27 -1.45
C MET E 976 26.25 -31.37 -0.33
N CYS E 977 26.99 -30.33 -0.70
CA CYS E 977 27.53 -29.43 0.31
C CYS E 977 26.43 -28.66 1.03
N TYR E 978 25.41 -28.21 0.28
CA TYR E 978 24.32 -27.47 0.91
C TYR E 978 23.48 -28.37 1.79
N GLY E 979 23.06 -29.53 1.27
CA GLY E 979 22.35 -30.49 2.08
C GLY E 979 20.85 -30.49 1.91
N ARG E 980 20.14 -30.86 2.97
CA ARG E 980 18.69 -30.99 2.90
C ARG E 980 18.02 -29.63 2.80
N SER E 981 17.06 -29.51 1.89
CA SER E 981 16.26 -28.30 1.78
C SER E 981 15.32 -28.21 2.98
N MET E 982 15.36 -27.06 3.67
CA MET E 982 14.56 -26.91 4.88
C MET E 982 13.06 -27.05 4.59
N ALA E 983 12.62 -26.59 3.42
CA ALA E 983 11.19 -26.67 3.11
C ALA E 983 10.78 -28.06 2.65
N THR E 984 11.57 -28.67 1.76
CA THR E 984 11.19 -29.96 1.20
C THR E 984 11.45 -31.11 2.14
N GLY E 985 12.40 -30.96 3.06
CA GLY E 985 12.83 -32.07 3.90
C GLY E 985 13.70 -33.09 3.19
N LYS E 986 13.96 -32.90 1.90
CA LYS E 986 14.78 -33.80 1.10
C LYS E 986 16.03 -33.06 0.61
N LEU E 987 16.84 -33.76 -0.18
CA LEU E 987 18.02 -33.13 -0.74
C LEU E 987 17.62 -31.94 -1.61
N VAL E 988 18.38 -30.85 -1.49
CA VAL E 988 18.06 -29.64 -2.22
C VAL E 988 18.15 -29.90 -3.71
N ASP E 989 17.21 -29.35 -4.47
CA ASP E 989 17.20 -29.53 -5.91
C ASP E 989 18.22 -28.61 -6.57
N ILE E 990 18.53 -28.92 -7.83
CA ILE E 990 19.54 -28.16 -8.57
C ILE E 990 19.07 -26.72 -8.77
N GLY E 991 17.85 -26.54 -9.29
CA GLY E 991 17.38 -25.21 -9.62
C GLY E 991 17.30 -24.26 -8.44
N GLU E 992 17.28 -24.79 -7.21
CA GLU E 992 17.07 -23.96 -6.03
C GLU E 992 18.04 -22.79 -5.99
N ALA E 993 17.52 -21.60 -5.69
CA ALA E 993 18.33 -20.40 -5.48
C ALA E 993 18.40 -20.15 -3.98
N VAL E 994 19.52 -20.53 -3.37
CA VAL E 994 19.62 -20.52 -1.91
C VAL E 994 19.94 -19.13 -1.40
N GLY E 995 20.75 -18.36 -2.14
CA GLY E 995 21.16 -17.05 -1.65
C GLY E 995 19.99 -16.18 -1.25
N ILE E 996 18.93 -16.15 -2.07
CA ILE E 996 17.77 -15.34 -1.75
C ILE E 996 17.01 -15.95 -0.58
N VAL E 997 16.86 -17.28 -0.57
CA VAL E 997 16.21 -17.95 0.55
C VAL E 997 16.99 -17.72 1.84
N ALA E 998 18.32 -17.68 1.75
CA ALA E 998 19.13 -17.41 2.92
C ALA E 998 19.01 -15.95 3.35
N ALA E 999 18.94 -15.03 2.38
CA ALA E 999 18.80 -13.62 2.71
C ALA E 999 17.46 -13.35 3.39
N GLN E 1000 16.37 -13.91 2.86
CA GLN E 1000 15.07 -13.73 3.50
C GLN E 1000 15.03 -14.38 4.87
N SER E 1001 15.67 -15.53 5.02
CA SER E 1001 15.67 -16.22 6.31
C SER E 1001 16.35 -15.39 7.39
N ILE E 1002 17.36 -14.60 7.02
CA ILE E 1002 18.02 -13.74 7.98
C ILE E 1002 17.31 -12.40 8.14
N GLY E 1003 16.64 -11.93 7.09
CA GLY E 1003 16.02 -10.62 7.11
C GLY E 1003 14.70 -10.56 7.87
N GLU E 1004 13.90 -11.62 7.77
CA GLU E 1004 12.59 -11.61 8.42
C GLU E 1004 12.68 -11.41 9.93
N PRO E 1005 13.57 -12.10 10.66
CA PRO E 1005 13.65 -11.90 12.10
C PRO E 1005 14.11 -10.50 12.50
N GLY E 1006 14.47 -9.64 11.55
CA GLY E 1006 14.91 -8.30 11.86
C GLY E 1006 13.86 -7.53 12.63
N THR E 1007 12.61 -7.94 12.49
CA THR E 1007 11.50 -7.30 13.18
C THR E 1007 11.59 -7.59 14.67
N GLY E 1027 23.67 -5.71 21.22
CA GLY E 1027 23.05 -7.00 21.03
C GLY E 1027 21.70 -6.92 20.32
N GLY E 1028 21.74 -6.60 19.04
CA GLY E 1028 20.51 -6.50 18.27
C GLY E 1028 20.81 -6.22 16.81
N LEU E 1029 19.80 -5.67 16.13
CA LEU E 1029 19.92 -5.37 14.70
C LEU E 1029 21.13 -4.53 14.36
N PRO E 1030 21.45 -3.44 15.06
CA PRO E 1030 22.65 -2.66 14.71
C PRO E 1030 23.93 -3.47 14.80
N ARG E 1031 23.98 -4.46 15.69
CA ARG E 1031 25.17 -5.32 15.76
C ARG E 1031 25.23 -6.27 14.57
N VAL E 1032 24.08 -6.77 14.12
CA VAL E 1032 24.06 -7.71 13.01
C VAL E 1032 24.59 -7.05 11.75
N GLN E 1033 24.20 -5.80 11.50
CA GLN E 1033 24.70 -5.09 10.33
C GLN E 1033 26.21 -4.84 10.42
N GLU E 1034 26.72 -4.64 11.63
CA GLU E 1034 28.15 -4.44 11.81
C GLU E 1034 28.94 -5.65 11.31
N LEU E 1035 28.46 -6.86 11.62
CA LEU E 1035 29.18 -8.07 11.22
C LEU E 1035 29.11 -8.29 9.72
N PHE E 1036 27.91 -8.21 9.15
CA PHE E 1036 27.75 -8.48 7.72
C PHE E 1036 28.45 -7.43 6.86
N GLU E 1037 28.61 -6.21 7.37
CA GLU E 1037 29.39 -5.20 6.67
C GLU E 1037 30.88 -5.29 6.97
N ALA E 1038 31.29 -6.16 7.88
CA ALA E 1038 32.69 -6.43 8.16
C ALA E 1038 33.43 -5.16 8.58
N ARG E 1039 32.82 -4.39 9.47
CA ARG E 1039 33.45 -3.19 10.01
C ARG E 1039 34.26 -3.52 11.26
N VAL E 1040 34.98 -2.52 11.74
CA VAL E 1040 35.78 -2.68 12.95
C VAL E 1040 34.86 -2.68 14.16
N PRO E 1041 35.01 -3.62 15.10
CA PRO E 1041 34.11 -3.66 16.26
C PRO E 1041 34.13 -2.34 17.03
N ARG E 1042 32.99 -2.02 17.63
CA ARG E 1042 32.87 -0.80 18.42
C ARG E 1042 33.92 -0.77 19.53
N ASN E 1043 33.99 -1.83 20.32
CA ASN E 1043 35.03 -2.00 21.34
C ASN E 1043 35.91 -3.17 20.91
N LYS E 1044 37.12 -2.86 20.48
CA LYS E 1044 38.02 -3.88 19.94
C LYS E 1044 38.46 -4.83 21.04
N ALA E 1045 38.58 -6.11 20.68
CA ALA E 1045 38.97 -7.14 21.62
C ALA E 1045 40.25 -7.83 21.16
N PRO E 1046 41.17 -8.14 22.08
CA PRO E 1046 42.44 -8.74 21.68
C PRO E 1046 42.31 -10.23 21.42
N ILE E 1047 43.02 -10.70 20.38
CA ILE E 1047 43.11 -12.11 20.07
C ILE E 1047 44.57 -12.53 20.17
N ALA E 1048 44.78 -13.78 20.55
CA ALA E 1048 46.14 -14.29 20.71
C ALA E 1048 46.81 -14.44 19.34
N ASP E 1049 47.97 -13.81 19.19
CA ASP E 1049 48.73 -13.93 17.96
C ASP E 1049 49.59 -15.19 17.93
N VAL E 1050 49.83 -15.81 19.09
CA VAL E 1050 50.60 -17.04 19.20
C VAL E 1050 50.11 -17.81 20.42
N ALA E 1051 50.55 -19.04 20.55
CA ALA E 1051 50.15 -19.91 21.66
C ALA E 1051 51.21 -19.93 22.75
N GLY E 1052 50.76 -20.03 23.99
CA GLY E 1052 51.66 -20.06 25.12
C GLY E 1052 50.93 -19.68 26.39
N ARG E 1053 51.71 -19.21 27.37
CA ARG E 1053 51.17 -18.75 28.64
C ARG E 1053 50.82 -17.26 28.56
N VAL E 1054 50.23 -16.75 29.62
CA VAL E 1054 49.74 -15.37 29.66
C VAL E 1054 50.15 -14.74 30.98
N ARG E 1055 50.60 -13.49 30.92
CA ARG E 1055 50.96 -12.70 32.09
C ARG E 1055 49.96 -11.55 32.22
N LEU E 1056 49.17 -11.57 33.28
CA LEU E 1056 48.15 -10.55 33.51
C LEU E 1056 48.72 -9.43 34.38
N GLU E 1057 48.81 -8.22 33.82
CA GLU E 1057 49.27 -7.05 34.55
C GLU E 1057 48.13 -6.03 34.61
N GLU E 1058 47.80 -5.60 35.82
CA GLU E 1058 46.71 -4.66 36.05
C GLU E 1058 47.29 -3.31 36.46
N SER E 1059 46.99 -2.28 35.67
CA SER E 1059 47.40 -0.92 35.97
C SER E 1059 46.19 0.00 35.88
N ASP E 1060 46.30 1.17 36.50
CA ASP E 1060 45.21 2.13 36.47
C ASP E 1060 44.90 2.57 35.03
N LYS E 1061 45.96 2.90 34.27
CA LYS E 1061 45.76 3.38 32.91
C LYS E 1061 44.98 2.37 32.07
N PHE E 1062 45.41 1.11 32.09
CA PHE E 1062 44.75 0.08 31.31
C PHE E 1062 45.33 -1.27 31.69
N PHE E 1063 44.59 -2.33 31.36
CA PHE E 1063 45.07 -3.68 31.55
C PHE E 1063 46.26 -3.96 30.62
N LYS E 1064 47.03 -5.00 30.97
CA LYS E 1064 48.18 -5.40 30.18
C LYS E 1064 48.21 -6.92 30.13
N ILE E 1065 48.19 -7.47 28.92
CA ILE E 1065 48.22 -8.91 28.69
C ILE E 1065 49.44 -9.23 27.84
N THR E 1066 50.37 -10.00 28.40
CA THR E 1066 51.57 -10.42 27.70
C THR E 1066 51.55 -11.93 27.53
N ILE E 1067 51.73 -12.38 26.29
CA ILE E 1067 51.68 -13.80 25.96
C ILE E 1067 53.11 -14.31 25.79
N VAL E 1068 53.51 -15.23 26.66
CA VAL E 1068 54.82 -15.87 26.59
C VAL E 1068 54.71 -17.05 25.64
N PRO E 1069 55.33 -17.00 24.45
CA PRO E 1069 55.13 -18.07 23.47
C PRO E 1069 55.78 -19.37 23.90
N ASP E 1070 55.17 -20.49 23.50
CA ASP E 1070 55.77 -21.79 23.72
C ASP E 1070 57.02 -21.99 22.86
N ASP E 1071 57.13 -21.27 21.74
CA ASP E 1071 58.30 -21.39 20.89
C ASP E 1071 59.54 -20.81 21.54
N GLY E 1072 59.37 -19.79 22.38
CA GLY E 1072 60.49 -19.09 22.97
C GLY E 1072 60.92 -17.85 22.22
N GLY E 1073 60.16 -17.43 21.20
CA GLY E 1073 60.48 -16.26 20.43
C GLY E 1073 60.12 -14.98 21.17
N GLU E 1074 60.03 -13.89 20.41
CA GLU E 1074 59.71 -12.59 20.99
C GLU E 1074 58.32 -12.62 21.61
N GLU E 1075 58.21 -12.07 22.82
CA GLU E 1075 56.92 -12.01 23.49
C GLU E 1075 55.96 -11.10 22.72
N VAL E 1076 54.67 -11.42 22.83
CA VAL E 1076 53.61 -10.61 22.24
C VAL E 1076 52.83 -9.97 23.38
N VAL E 1077 52.82 -8.65 23.43
CA VAL E 1077 52.13 -7.90 24.48
C VAL E 1077 50.94 -7.18 23.85
N TYR E 1078 49.85 -7.11 24.61
CA TYR E 1078 48.64 -6.39 24.21
C TYR E 1078 48.41 -5.29 25.24
N ASP E 1079 48.70 -4.05 24.87
CA ASP E 1079 48.79 -2.93 25.79
C ASP E 1079 47.62 -1.97 25.62
N LYS E 1080 47.41 -1.15 26.65
CA LYS E 1080 46.43 -0.08 26.63
C LYS E 1080 45.03 -0.62 26.29
N LEU E 1081 44.55 -1.50 27.16
CA LEU E 1081 43.21 -2.08 27.04
C LEU E 1081 42.36 -1.55 28.18
N SER E 1082 41.24 -0.92 27.85
CA SER E 1082 40.36 -0.36 28.87
C SER E 1082 39.98 -1.41 29.90
N LYS E 1083 40.07 -1.05 31.17
CA LYS E 1083 39.82 -2.01 32.25
C LYS E 1083 38.38 -2.50 32.26
N ARG E 1084 37.43 -1.66 31.82
CA ARG E 1084 36.03 -2.07 31.78
C ARG E 1084 35.73 -3.05 30.64
N GLN E 1085 36.72 -3.39 29.83
CA GLN E 1085 36.56 -4.39 28.77
C GLN E 1085 36.89 -5.77 29.32
N ARG E 1086 35.97 -6.29 30.14
CA ARG E 1086 36.22 -7.40 31.05
C ARG E 1086 36.92 -8.60 30.43
N LEU E 1087 37.58 -9.39 31.27
CA LEU E 1087 38.33 -10.54 30.82
C LEU E 1087 37.41 -11.63 30.30
N ARG E 1088 37.95 -12.46 29.40
CA ARG E 1088 37.18 -13.54 28.82
C ARG E 1088 37.02 -14.69 29.80
N VAL E 1089 35.93 -15.43 29.64
CA VAL E 1089 35.61 -16.56 30.50
C VAL E 1089 36.09 -17.85 29.84
N ILE E 1090 36.55 -18.79 30.66
CA ILE E 1090 37.06 -20.06 30.17
C ILE E 1090 35.93 -20.91 29.60
N GLY E 1095 38.36 -29.45 32.16
CA GLY E 1095 37.49 -30.00 33.18
C GLY E 1095 37.14 -29.00 34.27
N THR E 1096 38.15 -28.28 34.74
CA THR E 1096 37.96 -27.25 35.76
C THR E 1096 37.67 -25.92 35.07
N GLU E 1097 36.45 -25.41 35.27
CA GLU E 1097 36.01 -24.18 34.63
C GLU E 1097 36.41 -22.97 35.47
N GLY E 1098 36.04 -21.79 35.00
CA GLY E 1098 36.31 -20.56 35.72
C GLY E 1098 36.51 -19.42 34.74
N VAL E 1099 37.25 -18.41 35.20
CA VAL E 1099 37.56 -17.23 34.42
C VAL E 1099 39.08 -17.12 34.28
N LEU E 1100 39.52 -16.61 33.13
CA LEU E 1100 40.94 -16.53 32.83
C LEU E 1100 41.68 -15.77 33.92
N SER E 1101 42.80 -16.35 34.37
CA SER E 1101 43.64 -15.73 35.39
C SER E 1101 45.09 -15.71 34.94
N ASP E 1102 46.00 -15.33 35.84
CA ASP E 1102 47.40 -15.21 35.50
C ASP E 1102 48.05 -16.58 35.38
N GLY E 1103 48.70 -16.84 34.25
CA GLY E 1103 49.39 -18.09 34.02
C GLY E 1103 48.66 -19.10 33.18
N ASP E 1104 47.44 -18.81 32.73
CA ASP E 1104 46.67 -19.77 31.96
C ASP E 1104 47.30 -19.99 30.59
N HIS E 1105 46.93 -21.10 29.96
CA HIS E 1105 47.37 -21.41 28.62
C HIS E 1105 46.33 -20.91 27.62
N VAL E 1106 46.80 -20.34 26.51
CA VAL E 1106 45.94 -19.75 25.50
C VAL E 1106 46.42 -20.20 24.13
N GLU E 1107 45.51 -20.75 23.33
CA GLU E 1107 45.85 -21.19 21.98
C GLU E 1107 45.79 -20.01 21.01
N VAL E 1108 45.97 -20.33 19.72
CA VAL E 1108 46.14 -19.27 18.73
C VAL E 1108 44.83 -18.52 18.50
N GLY E 1109 43.70 -19.21 18.59
CA GLY E 1109 42.41 -18.63 18.28
C GLY E 1109 41.60 -18.13 19.45
N ASP E 1110 42.13 -18.16 20.67
CA ASP E 1110 41.36 -17.77 21.84
C ASP E 1110 41.19 -16.26 21.90
N GLN E 1111 39.99 -15.82 22.27
CA GLN E 1111 39.71 -14.41 22.50
C GLN E 1111 40.09 -14.05 23.93
N LEU E 1112 40.88 -12.99 24.07
CA LEU E 1112 41.46 -12.67 25.39
C LEU E 1112 40.51 -11.91 26.29
N MET E 1113 39.66 -11.05 25.73
CA MET E 1113 38.73 -10.25 26.53
C MET E 1113 37.32 -10.37 25.98
N GLU E 1114 36.35 -10.10 26.84
CA GLU E 1114 34.95 -10.17 26.46
C GLU E 1114 34.62 -9.02 25.51
N GLY E 1115 34.04 -9.35 24.37
CA GLY E 1115 33.66 -8.34 23.39
C GLY E 1115 33.69 -8.93 21.99
N ALA E 1116 33.92 -8.05 21.02
CA ALA E 1116 33.95 -8.41 19.61
C ALA E 1116 35.37 -8.26 19.09
N ALA E 1117 35.85 -9.29 18.39
CA ALA E 1117 37.19 -9.29 17.81
C ALA E 1117 37.13 -8.76 16.38
N ASP E 1118 38.18 -8.03 15.99
CA ASP E 1118 38.26 -7.50 14.64
C ASP E 1118 38.23 -8.63 13.62
N PRO E 1119 37.24 -8.68 12.73
CA PRO E 1119 37.22 -9.76 11.73
C PRO E 1119 38.40 -9.72 10.78
N HIS E 1120 38.98 -8.55 10.54
CA HIS E 1120 40.19 -8.47 9.72
C HIS E 1120 41.40 -9.00 10.48
N GLU E 1121 41.41 -8.86 11.81
CA GLU E 1121 42.51 -9.38 12.61
C GLU E 1121 42.59 -10.90 12.52
N VAL E 1122 41.47 -11.58 12.79
CA VAL E 1122 41.45 -13.05 12.75
C VAL E 1122 41.69 -13.57 11.35
N LEU E 1123 41.41 -12.76 10.32
CA LEU E 1123 41.64 -13.19 8.95
C LEU E 1123 43.12 -13.51 8.72
N ARG E 1124 44.00 -12.60 9.12
CA ARG E 1124 45.44 -12.81 8.94
C ARG E 1124 46.05 -13.73 10.00
N VAL E 1125 45.31 -14.06 11.05
CA VAL E 1125 45.83 -14.89 12.13
C VAL E 1125 45.47 -16.35 11.89
N GLN E 1126 44.17 -16.65 11.85
CA GLN E 1126 43.72 -18.03 11.77
C GLN E 1126 43.52 -18.52 10.34
N GLY E 1127 43.21 -17.61 9.41
CA GLY E 1127 42.97 -18.00 8.04
C GLY E 1127 41.53 -17.75 7.63
N PRO E 1128 41.28 -17.73 6.32
CA PRO E 1128 39.93 -17.38 5.84
C PRO E 1128 38.87 -18.36 6.31
N ARG E 1129 39.20 -19.65 6.45
CA ARG E 1129 38.15 -20.60 6.79
C ARG E 1129 37.74 -20.49 8.25
N GLU E 1130 38.65 -20.10 9.13
CA GLU E 1130 38.28 -19.88 10.52
C GLU E 1130 37.51 -18.58 10.72
N VAL E 1131 37.65 -17.63 9.78
CA VAL E 1131 36.88 -16.40 9.86
C VAL E 1131 35.39 -16.69 9.66
N GLN E 1132 35.06 -17.47 8.63
CA GLN E 1132 33.68 -17.79 8.35
C GLN E 1132 33.03 -18.55 9.50
N ILE E 1133 33.79 -19.39 10.19
CA ILE E 1133 33.26 -20.06 11.38
C ILE E 1133 33.02 -19.06 12.50
N HIS E 1134 33.92 -18.08 12.64
CA HIS E 1134 33.77 -17.08 13.69
C HIS E 1134 32.62 -16.13 13.39
N LEU E 1135 32.49 -15.70 12.13
CA LEU E 1135 31.41 -14.78 11.77
C LEU E 1135 30.04 -15.42 12.02
N VAL E 1136 29.82 -16.60 11.46
CA VAL E 1136 28.56 -17.30 11.68
C VAL E 1136 28.32 -17.54 13.16
N LYS E 1137 29.39 -17.75 13.93
CA LYS E 1137 29.24 -17.99 15.36
C LYS E 1137 28.64 -16.78 16.06
N GLU E 1138 29.16 -15.59 15.76
CA GLU E 1138 28.67 -14.38 16.42
C GLU E 1138 27.30 -13.97 15.88
N VAL E 1139 27.08 -14.13 14.57
CA VAL E 1139 25.77 -13.80 14.00
C VAL E 1139 24.70 -14.70 14.58
N GLN E 1140 24.97 -16.01 14.62
CA GLN E 1140 24.00 -16.95 15.18
C GLN E 1140 23.72 -16.65 16.65
N GLU E 1141 24.74 -16.18 17.39
CA GLU E 1141 24.55 -15.92 18.81
C GLU E 1141 23.63 -14.74 19.05
N VAL E 1142 23.59 -13.79 18.12
CA VAL E 1142 22.69 -12.64 18.26
C VAL E 1142 21.24 -13.08 18.11
N TYR E 1143 20.93 -13.78 17.02
CA TYR E 1143 19.57 -14.26 16.81
C TYR E 1143 19.15 -15.29 17.85
N ARG E 1144 20.11 -15.98 18.48
CA ARG E 1144 19.76 -16.91 19.54
C ARG E 1144 19.40 -16.19 20.83
N ALA E 1145 19.92 -14.98 21.03
CA ALA E 1145 19.56 -14.20 22.21
C ALA E 1145 18.10 -13.75 22.17
N GLN E 1146 17.50 -13.69 20.99
CA GLN E 1146 16.11 -13.29 20.84
C GLN E 1146 15.16 -14.47 20.68
N GLY E 1147 15.69 -15.69 20.60
CA GLY E 1147 14.86 -16.87 20.44
C GLY E 1147 14.51 -17.21 19.01
N VAL E 1148 15.29 -16.76 18.03
CA VAL E 1148 15.02 -17.02 16.63
C VAL E 1148 15.74 -18.30 16.20
N SER E 1149 15.11 -19.06 15.31
CA SER E 1149 15.66 -20.34 14.84
C SER E 1149 16.01 -20.21 13.37
N ILE E 1150 17.30 -20.10 13.08
CA ILE E 1150 17.81 -20.03 11.72
C ILE E 1150 18.92 -21.07 11.58
N HIS E 1151 18.88 -21.86 10.52
CA HIS E 1151 19.93 -22.84 10.29
C HIS E 1151 21.22 -22.17 9.85
N ASP E 1152 22.35 -22.73 10.30
CA ASP E 1152 23.64 -22.12 10.01
C ASP E 1152 23.91 -22.01 8.52
N LYS E 1153 23.32 -22.89 7.71
CA LYS E 1153 23.60 -22.88 6.28
C LYS E 1153 23.15 -21.59 5.62
N HIS E 1154 22.09 -20.96 6.14
CA HIS E 1154 21.66 -19.68 5.59
C HIS E 1154 22.71 -18.60 5.81
N ILE E 1155 23.20 -18.47 7.05
CA ILE E 1155 24.26 -17.51 7.32
C ILE E 1155 25.51 -17.85 6.51
N GLU E 1156 25.83 -19.14 6.41
CA GLU E 1156 27.04 -19.55 5.71
C GLU E 1156 27.00 -19.16 4.24
N VAL E 1157 25.81 -19.03 3.66
CA VAL E 1157 25.71 -18.61 2.26
C VAL E 1157 26.08 -17.14 2.11
N ILE E 1158 25.70 -16.32 3.10
CA ILE E 1158 26.04 -14.90 3.03
C ILE E 1158 27.53 -14.71 3.31
N VAL E 1159 28.08 -15.41 4.30
CA VAL E 1159 29.49 -15.27 4.62
C VAL E 1159 30.36 -15.80 3.49
N ARG E 1160 29.85 -16.74 2.71
CA ARG E 1160 30.63 -17.29 1.59
C ARG E 1160 30.98 -16.22 0.58
N GLN E 1161 30.11 -15.22 0.40
CA GLN E 1161 30.31 -14.20 -0.62
C GLN E 1161 31.30 -13.11 -0.18
N MET E 1162 31.69 -13.07 1.09
CA MET E 1162 32.58 -12.03 1.56
C MET E 1162 34.03 -12.34 1.21
N LEU E 1163 34.46 -13.59 1.44
CA LEU E 1163 35.84 -13.99 1.24
C LEU E 1163 36.11 -14.47 -0.18
N ARG E 1164 35.15 -14.35 -1.09
CA ARG E 1164 35.36 -14.77 -2.47
C ARG E 1164 36.41 -13.93 -3.18
N ARG E 1165 36.69 -12.72 -2.69
CA ARG E 1165 37.59 -11.80 -3.35
C ARG E 1165 38.98 -11.86 -2.73
N VAL E 1166 40.00 -11.74 -3.58
CA VAL E 1166 41.39 -11.71 -3.15
C VAL E 1166 42.05 -10.46 -3.73
N THR E 1167 42.96 -9.87 -2.96
CA THR E 1167 43.66 -8.66 -3.37
C THR E 1167 45.02 -9.05 -3.97
N ILE E 1168 45.19 -8.80 -5.26
CA ILE E 1168 46.48 -9.00 -5.89
C ILE E 1168 47.45 -7.93 -5.39
N ILE E 1169 48.55 -8.36 -4.77
CA ILE E 1169 49.48 -7.41 -4.16
C ILE E 1169 49.97 -6.39 -5.18
N ASP E 1170 50.68 -6.86 -6.20
CA ASP E 1170 51.21 -5.99 -7.23
C ASP E 1170 51.58 -6.85 -8.44
N SER E 1171 52.27 -6.26 -9.41
CA SER E 1171 52.68 -6.96 -10.61
C SER E 1171 53.53 -8.18 -10.26
N GLU E 1175 52.89 -10.45 -16.19
CA GLU E 1175 51.96 -10.72 -15.10
C GLU E 1175 51.14 -9.46 -14.80
N PHE E 1176 49.97 -9.65 -14.18
CA PHE E 1176 49.05 -8.55 -14.02
C PHE E 1176 49.40 -7.72 -12.77
N LEU E 1177 48.52 -6.77 -12.48
CA LEU E 1177 48.75 -5.50 -11.80
C LEU E 1177 47.78 -5.30 -10.62
N PRO E 1178 47.68 -4.07 -10.07
CA PRO E 1178 47.50 -3.90 -8.63
C PRO E 1178 46.20 -4.43 -8.04
N GLY E 1179 46.00 -4.13 -6.77
CA GLY E 1179 45.14 -4.86 -5.87
C GLY E 1179 43.64 -4.70 -6.01
N SER E 1180 43.16 -4.53 -7.24
CA SER E 1180 41.74 -4.69 -7.50
C SER E 1180 41.22 -5.96 -6.84
N LEU E 1181 40.05 -5.86 -6.20
CA LEU E 1181 39.42 -7.01 -5.58
C LEU E 1181 38.95 -7.96 -6.66
N THR E 1182 39.64 -9.08 -6.83
CA THR E 1182 39.39 -10.03 -7.91
C THR E 1182 38.57 -11.21 -7.41
N GLU E 1183 38.40 -12.21 -8.26
CA GLU E 1183 37.70 -13.43 -7.91
C GLU E 1183 38.71 -14.55 -7.65
N ARG E 1184 38.43 -15.36 -6.63
CA ARG E 1184 39.34 -16.44 -6.27
C ARG E 1184 39.44 -17.47 -7.39
N ALA E 1185 38.31 -18.03 -7.80
CA ALA E 1185 38.33 -19.07 -8.84
C ALA E 1185 38.96 -18.56 -10.13
N GLU E 1186 38.58 -17.34 -10.55
CA GLU E 1186 39.15 -16.78 -11.77
C GLU E 1186 40.66 -16.60 -11.64
N PHE E 1187 41.12 -16.25 -10.43
CA PHE E 1187 42.57 -16.10 -10.20
C PHE E 1187 43.24 -17.45 -9.97
N GLU E 1188 42.59 -18.32 -9.18
CA GLU E 1188 43.23 -19.58 -8.80
C GLU E 1188 43.27 -20.57 -9.97
N ALA E 1189 42.24 -20.57 -10.81
CA ALA E 1189 42.14 -21.55 -11.89
C ALA E 1189 42.94 -21.18 -13.13
N GLU E 1190 43.66 -20.06 -13.12
CA GLU E 1190 44.42 -19.62 -14.28
C GLU E 1190 45.80 -19.17 -13.84
N ASN E 1191 46.80 -19.46 -14.67
CA ASN E 1191 48.18 -19.05 -14.39
C ASN E 1191 49.03 -19.10 -15.66
N ALA E 1203 51.01 -12.63 -6.91
CA ALA E 1203 50.88 -12.73 -5.46
C ALA E 1203 49.60 -12.07 -4.97
N GLY E 1204 48.81 -12.80 -4.17
CA GLY E 1204 47.54 -12.31 -3.70
C GLY E 1204 47.32 -12.63 -2.24
N ARG E 1205 46.28 -12.00 -1.68
CA ARG E 1205 45.90 -12.12 -0.28
C ARG E 1205 44.45 -12.55 -0.17
N PRO E 1206 44.08 -13.19 0.95
CA PRO E 1206 42.66 -13.32 1.28
C PRO E 1206 42.15 -12.01 1.87
N VAL E 1207 40.94 -11.64 1.50
CA VAL E 1207 40.39 -10.34 1.87
C VAL E 1207 38.97 -10.51 2.40
N LEU E 1208 38.69 -9.95 3.56
CA LEU E 1208 37.34 -9.84 4.09
C LEU E 1208 36.79 -8.47 3.75
N MET E 1209 35.54 -8.44 3.28
CA MET E 1209 34.90 -7.19 2.92
C MET E 1209 33.40 -7.28 3.17
N GLY E 1210 32.79 -6.11 3.38
CA GLY E 1210 31.38 -6.06 3.68
C GLY E 1210 30.51 -6.50 2.51
N ILE E 1211 29.24 -6.76 2.82
CA ILE E 1211 28.30 -7.20 1.80
C ILE E 1211 28.03 -6.08 0.80
N THR E 1212 27.99 -4.83 1.27
CA THR E 1212 27.74 -3.72 0.36
C THR E 1212 28.92 -3.53 -0.61
N LYS E 1213 30.15 -3.62 -0.10
CA LYS E 1213 31.30 -3.54 -0.99
C LYS E 1213 31.43 -4.78 -1.86
N ALA E 1214 31.03 -5.93 -1.34
CA ALA E 1214 31.12 -7.16 -2.13
C ALA E 1214 30.09 -7.18 -3.25
N SER E 1215 28.86 -6.74 -2.97
CA SER E 1215 27.82 -6.74 -3.98
C SER E 1215 28.15 -5.80 -5.13
N LEU E 1216 28.84 -4.69 -4.85
CA LEU E 1216 29.24 -3.77 -5.91
C LEU E 1216 30.36 -4.32 -6.76
N ALA E 1217 31.05 -5.36 -6.30
CA ALA E 1217 32.17 -5.95 -7.02
C ALA E 1217 31.73 -7.12 -7.91
N THR E 1218 30.43 -7.37 -8.02
CA THR E 1218 29.96 -8.47 -8.85
C THR E 1218 30.23 -8.19 -10.32
N ASP E 1219 30.04 -9.23 -11.15
CA ASP E 1219 30.46 -9.15 -12.54
C ASP E 1219 29.67 -8.09 -13.31
N SER E 1220 28.34 -8.07 -13.15
CA SER E 1220 27.49 -7.21 -13.96
C SER E 1220 27.48 -5.79 -13.42
N TRP E 1221 27.39 -4.83 -14.34
CA TRP E 1221 27.39 -3.42 -13.95
C TRP E 1221 25.99 -2.86 -13.76
N LEU E 1222 25.02 -3.29 -14.57
CA LEU E 1222 23.66 -2.75 -14.42
C LEU E 1222 22.89 -3.43 -13.30
N SER E 1223 23.44 -4.48 -12.69
CA SER E 1223 22.92 -4.95 -11.41
C SER E 1223 23.53 -4.17 -10.26
N ALA E 1224 24.83 -3.89 -10.32
CA ALA E 1224 25.46 -3.02 -9.34
C ALA E 1224 25.00 -1.58 -9.46
N ALA E 1225 24.53 -1.17 -10.64
CA ALA E 1225 24.00 0.18 -10.79
C ALA E 1225 22.69 0.34 -10.04
N SER E 1226 21.85 -0.70 -10.05
CA SER E 1226 20.60 -0.65 -9.30
C SER E 1226 20.79 -0.82 -7.80
N PHE E 1227 21.99 -1.22 -7.36
CA PHE E 1227 22.23 -1.42 -5.94
C PHE E 1227 22.51 -0.11 -5.22
N GLN E 1228 23.61 0.57 -5.59
CA GLN E 1228 24.02 1.77 -4.88
C GLN E 1228 24.78 2.71 -5.80
N GLU E 1229 24.40 3.99 -5.77
CA GLU E 1229 25.11 5.07 -6.44
C GLU E 1229 25.38 4.74 -7.92
N THR E 1230 24.28 4.70 -8.67
CA THR E 1230 24.35 4.45 -10.11
C THR E 1230 25.41 5.30 -10.80
N THR E 1231 25.66 6.52 -10.32
CA THR E 1231 26.55 7.44 -11.04
C THR E 1231 27.97 6.89 -11.10
N ARG E 1232 28.56 6.59 -9.96
CA ARG E 1232 29.95 6.12 -9.94
C ARG E 1232 30.10 4.83 -10.74
N VAL E 1233 29.14 3.91 -10.61
CA VAL E 1233 29.24 2.63 -11.31
C VAL E 1233 29.24 2.84 -12.82
N LEU E 1234 28.35 3.72 -13.30
CA LEU E 1234 28.19 3.88 -14.75
C LEU E 1234 29.41 4.54 -15.38
N THR E 1235 30.03 5.50 -14.69
CA THR E 1235 31.21 6.16 -15.25
C THR E 1235 32.34 5.17 -15.46
N ASP E 1236 32.66 4.37 -14.43
CA ASP E 1236 33.71 3.37 -14.57
C ASP E 1236 33.34 2.34 -15.63
N ALA E 1237 32.07 1.89 -15.63
CA ALA E 1237 31.64 0.91 -16.62
C ALA E 1237 31.61 1.50 -18.02
N ALA E 1238 31.45 2.82 -18.14
CA ALA E 1238 31.50 3.45 -19.45
C ALA E 1238 32.93 3.55 -19.97
N ILE E 1239 33.87 3.90 -19.10
CA ILE E 1239 35.27 4.05 -19.53
C ILE E 1239 35.82 2.71 -20.00
N ASN E 1240 35.80 1.70 -19.12
CA ASN E 1240 36.36 0.40 -19.45
C ASN E 1240 35.55 -0.33 -20.52
N CYS E 1241 34.39 0.18 -20.92
CA CYS E 1241 33.54 -0.49 -21.90
C CYS E 1241 33.12 -1.87 -21.41
N ARG E 1242 32.84 -1.97 -20.12
CA ARG E 1242 32.49 -3.25 -19.52
C ARG E 1242 31.20 -3.78 -20.14
N SER E 1243 31.27 -5.00 -20.67
CA SER E 1243 30.13 -5.65 -21.30
C SER E 1243 29.46 -6.60 -20.31
N ASP E 1244 28.15 -6.44 -20.15
CA ASP E 1244 27.38 -7.28 -19.22
C ASP E 1244 26.90 -8.52 -19.95
N LYS E 1245 27.30 -9.69 -19.46
CA LYS E 1245 26.92 -10.95 -20.09
C LYS E 1245 25.55 -11.44 -19.67
N LEU E 1246 24.83 -10.67 -18.86
CA LEU E 1246 23.50 -11.07 -18.40
C LEU E 1246 23.55 -12.41 -17.67
N ASN E 1247 24.54 -12.57 -16.79
CA ASN E 1247 24.71 -13.82 -16.06
C ASN E 1247 23.76 -13.91 -14.87
N GLY E 1248 23.66 -12.83 -14.09
CA GLY E 1248 22.82 -12.83 -12.92
C GLY E 1248 21.35 -12.77 -13.26
N LEU E 1249 20.52 -13.02 -12.22
CA LEU E 1249 19.08 -13.01 -12.42
C LEU E 1249 18.49 -11.61 -12.34
N LYS E 1250 19.17 -10.69 -11.64
CA LYS E 1250 18.70 -9.30 -11.62
C LYS E 1250 18.67 -8.72 -13.02
N GLU E 1251 19.73 -8.95 -13.81
CA GLU E 1251 19.78 -8.42 -15.16
C GLU E 1251 18.61 -8.94 -16.00
N ASN E 1252 18.31 -10.24 -15.89
CA ASN E 1252 17.21 -10.81 -16.65
C ASN E 1252 15.87 -10.25 -16.20
N VAL E 1253 15.73 -9.96 -14.89
CA VAL E 1253 14.52 -9.32 -14.41
C VAL E 1253 14.37 -7.92 -15.00
N ILE E 1254 15.48 -7.18 -15.08
CA ILE E 1254 15.43 -5.82 -15.60
C ILE E 1254 14.98 -5.81 -17.06
N ILE E 1255 15.57 -6.69 -17.87
CA ILE E 1255 15.24 -6.74 -19.30
C ILE E 1255 14.10 -7.70 -19.61
N GLY E 1256 13.55 -8.38 -18.61
CA GLY E 1256 12.43 -9.27 -18.82
C GLY E 1256 12.79 -10.66 -19.29
N LYS E 1257 14.04 -11.09 -19.13
CA LYS E 1257 14.45 -12.42 -19.53
C LYS E 1257 14.06 -13.43 -18.47
N LEU E 1258 14.35 -14.70 -18.73
CA LEU E 1258 14.07 -15.77 -17.77
C LEU E 1258 15.25 -15.91 -16.83
N ILE E 1259 15.00 -15.76 -15.53
CA ILE E 1259 16.10 -15.78 -14.56
C ILE E 1259 16.82 -17.12 -14.64
N PRO E 1260 18.16 -17.16 -14.52
CA PRO E 1260 18.91 -18.41 -14.55
C PRO E 1260 18.85 -19.18 -13.22
N ALA E 1261 17.64 -19.41 -12.73
CA ALA E 1261 17.43 -20.14 -11.49
C ALA E 1261 16.08 -20.83 -11.54
N GLY E 1262 16.00 -21.98 -10.90
CA GLY E 1262 14.75 -22.73 -10.93
C GLY E 1262 14.44 -23.20 -12.33
N THR E 1263 13.22 -22.88 -12.79
CA THR E 1263 12.76 -23.34 -14.08
C THR E 1263 13.45 -22.65 -15.25
N GLY E 1264 14.26 -21.62 -15.00
CA GLY E 1264 15.00 -20.95 -16.05
C GLY E 1264 16.36 -21.54 -16.34
N ILE E 1265 16.74 -22.58 -15.59
CA ILE E 1265 18.01 -23.25 -15.82
C ILE E 1265 17.98 -23.99 -17.15
N SER E 1266 19.12 -23.98 -17.86
CA SER E 1266 19.16 -24.53 -19.22
C SER E 1266 18.75 -26.00 -19.24
N ARG E 1267 19.19 -26.76 -18.26
CA ARG E 1267 18.86 -28.19 -18.25
C ARG E 1267 17.36 -28.41 -18.09
N TYR E 1268 16.68 -27.51 -17.39
CA TYR E 1268 15.25 -27.67 -17.10
C TYR E 1268 14.36 -27.10 -18.20
N ARG E 1269 14.70 -25.93 -18.75
CA ARG E 1269 13.85 -25.30 -19.75
C ARG E 1269 14.04 -25.87 -21.15
N ASN E 1270 15.05 -26.70 -21.36
CA ASN E 1270 15.28 -27.33 -22.66
C ASN E 1270 14.70 -28.74 -22.73
N ILE E 1271 13.89 -29.15 -21.75
CA ILE E 1271 13.35 -30.50 -21.75
C ILE E 1271 12.44 -30.70 -22.96
N GLN E 1272 12.54 -31.86 -23.58
CA GLN E 1272 11.69 -32.25 -24.70
C GLN E 1272 10.68 -33.29 -24.22
N VAL E 1273 9.41 -33.04 -24.51
CA VAL E 1273 8.31 -33.89 -24.04
C VAL E 1273 7.69 -34.57 -25.25
N GLN E 1274 7.71 -35.91 -25.26
CA GLN E 1274 7.11 -36.70 -26.31
C GLN E 1274 6.56 -37.97 -25.67
N PRO E 1275 5.39 -38.44 -26.09
CA PRO E 1275 4.83 -39.65 -25.50
C PRO E 1275 5.54 -40.91 -26.00
N THR E 1276 5.54 -41.92 -25.14
CA THR E 1276 6.12 -43.20 -25.51
C THR E 1276 5.32 -43.83 -26.64
N GLU E 1277 6.02 -44.50 -27.57
CA GLU E 1277 5.33 -45.19 -28.64
C GLU E 1277 4.41 -46.28 -28.13
N GLU E 1278 4.67 -46.80 -26.93
CA GLU E 1278 3.78 -47.81 -26.38
C GLU E 1278 2.42 -47.21 -26.01
N ALA E 1279 2.41 -45.96 -25.54
CA ALA E 1279 1.15 -45.32 -25.19
C ALA E 1279 0.51 -44.64 -26.39
N ARG E 1280 1.30 -44.28 -27.39
CA ARG E 1280 0.75 -43.63 -28.58
C ARG E 1280 -0.18 -44.58 -29.34
N ALA E 1281 0.30 -45.80 -29.63
CA ALA E 1281 -0.50 -46.74 -30.39
C ALA E 1281 -1.78 -47.14 -29.66
N ALA E 1282 -1.72 -47.21 -28.33
CA ALA E 1282 -2.88 -47.58 -27.53
C ALA E 1282 -4.00 -46.55 -27.69
N ALA F 25 -3.17 -44.41 2.47
CA ALA F 25 -3.77 -43.35 3.28
C ALA F 25 -4.15 -42.16 2.41
N TYR F 26 -4.12 -40.97 3.00
CA TYR F 26 -4.50 -39.72 2.33
C TYR F 26 -5.78 -39.92 1.52
N ASP F 27 -6.87 -40.19 2.24
CA ASP F 27 -8.01 -40.92 1.68
C ASP F 27 -8.24 -40.68 0.19
N THR F 28 -8.33 -39.42 -0.24
CA THR F 28 -8.43 -39.17 -1.67
C THR F 28 -8.09 -37.73 -2.00
N PRO F 29 -7.15 -37.49 -2.92
CA PRO F 29 -6.79 -36.12 -3.26
C PRO F 29 -7.91 -35.42 -4.02
N LEU F 30 -8.04 -34.11 -3.78
CA LEU F 30 -9.13 -33.32 -4.33
C LEU F 30 -8.57 -32.22 -5.23
N GLY F 31 -8.99 -32.19 -6.48
CA GLY F 31 -8.66 -31.12 -7.39
C GLY F 31 -7.18 -30.94 -7.69
N ILE F 32 -6.64 -29.78 -7.31
CA ILE F 32 -5.26 -29.44 -7.66
C ILE F 32 -4.29 -30.44 -7.04
N THR F 33 -4.55 -30.88 -5.81
CA THR F 33 -3.60 -31.76 -5.12
C THR F 33 -3.52 -33.15 -5.75
N ASN F 34 -4.37 -33.45 -6.73
CA ASN F 34 -4.29 -34.72 -7.43
C ASN F 34 -3.69 -34.54 -8.81
N PRO F 35 -2.64 -35.29 -9.18
CA PRO F 35 -2.02 -36.32 -8.34
C PRO F 35 -1.06 -35.74 -7.30
N PRO F 36 -0.68 -36.54 -6.30
CA PRO F 36 0.28 -36.07 -5.31
C PRO F 36 1.63 -35.79 -5.94
N ILE F 37 2.32 -34.77 -5.42
CA ILE F 37 3.62 -34.40 -5.96
C ILE F 37 4.69 -35.44 -5.62
N ASP F 38 4.48 -36.24 -4.57
CA ASP F 38 5.44 -37.28 -4.24
C ASP F 38 5.47 -38.37 -5.31
N GLU F 39 4.29 -38.82 -5.74
CA GLU F 39 4.23 -39.81 -6.81
C GLU F 39 4.62 -39.22 -8.17
N LEU F 40 4.63 -37.89 -8.29
CA LEU F 40 5.05 -37.25 -9.53
C LEU F 40 6.57 -37.10 -9.59
N LEU F 41 7.20 -36.74 -8.48
CA LEU F 41 8.62 -36.48 -8.47
C LEU F 41 9.45 -37.70 -8.83
N SER F 42 8.86 -38.90 -8.78
CA SER F 42 9.59 -40.10 -9.20
C SER F 42 9.74 -40.18 -10.71
N ARG F 43 8.92 -39.44 -11.46
CA ARG F 43 8.97 -39.50 -12.92
C ARG F 43 10.01 -38.56 -13.51
N ALA F 44 10.50 -37.59 -12.73
CA ALA F 44 11.47 -36.63 -13.21
C ALA F 44 12.55 -36.46 -12.15
N SER F 45 13.52 -35.58 -12.45
CA SER F 45 14.65 -35.38 -11.55
C SER F 45 14.29 -34.44 -10.40
N SER F 46 13.86 -33.23 -10.71
CA SER F 46 13.57 -32.21 -9.71
C SER F 46 12.13 -31.73 -9.87
N LYS F 47 11.69 -30.94 -8.88
CA LYS F 47 10.39 -30.30 -8.98
C LYS F 47 10.36 -29.29 -10.12
N TYR F 48 11.50 -28.68 -10.44
CA TYR F 48 11.55 -27.75 -11.56
C TYR F 48 11.44 -28.49 -12.89
N ALA F 49 12.09 -29.65 -13.00
CA ALA F 49 11.94 -30.46 -14.21
C ALA F 49 10.50 -30.94 -14.36
N LEU F 50 9.79 -31.12 -13.25
CA LEU F 50 8.38 -31.51 -13.32
C LEU F 50 7.55 -30.40 -13.95
N VAL F 51 7.89 -29.14 -13.66
CA VAL F 51 7.13 -28.02 -14.20
C VAL F 51 7.22 -27.99 -15.72
N ILE F 52 8.45 -27.96 -16.25
CA ILE F 52 8.64 -27.97 -17.69
C ILE F 52 8.07 -29.24 -18.30
N TYR F 53 8.11 -30.35 -17.56
CA TYR F 53 7.54 -31.60 -18.04
C TYR F 53 6.08 -31.44 -18.41
N ALA F 54 5.24 -31.08 -17.43
CA ALA F 54 3.81 -31.02 -17.67
C ALA F 54 3.43 -29.77 -18.46
N ALA F 55 4.22 -28.70 -18.36
CA ALA F 55 3.86 -27.45 -19.03
C ALA F 55 3.91 -27.60 -20.54
N LYS F 56 5.03 -28.13 -21.06
CA LYS F 56 5.13 -28.30 -22.51
C LYS F 56 4.14 -29.32 -23.05
N ARG F 57 3.78 -30.32 -22.25
CA ARG F 57 2.77 -31.27 -22.69
C ARG F 57 1.39 -30.61 -22.73
N ALA F 58 1.11 -29.72 -21.77
CA ALA F 58 -0.14 -28.96 -21.80
C ALA F 58 -0.21 -28.13 -23.08
N ARG F 59 0.92 -27.58 -23.52
CA ARG F 59 0.94 -26.86 -24.79
C ARG F 59 0.58 -27.78 -25.95
N GLN F 60 1.03 -29.04 -25.88
CA GLN F 60 0.71 -29.99 -26.95
C GLN F 60 -0.76 -30.38 -26.93
N ILE F 61 -1.31 -30.64 -25.75
CA ILE F 61 -2.71 -31.06 -25.67
C ILE F 61 -3.63 -29.93 -26.10
N ASN F 62 -3.43 -28.74 -25.55
CA ASN F 62 -4.28 -27.61 -25.91
C ASN F 62 -4.19 -27.30 -27.41
N ASP F 63 -3.01 -27.51 -28.00
CA ASP F 63 -2.89 -27.41 -29.45
C ASP F 63 -3.81 -28.42 -30.13
N TYR F 64 -3.59 -29.71 -29.87
CA TYR F 64 -4.39 -30.76 -30.48
C TYR F 64 -5.88 -30.46 -30.36
N TYR F 65 -6.31 -29.98 -29.19
CA TYR F 65 -7.74 -29.77 -28.98
C TYR F 65 -8.26 -28.62 -29.85
N ASN F 66 -7.54 -27.51 -29.91
CA ASN F 66 -7.92 -26.45 -30.85
C ASN F 66 -7.81 -26.99 -32.26
N GLN F 67 -6.60 -27.32 -32.70
CA GLN F 67 -6.37 -27.98 -33.97
C GLN F 67 -4.87 -28.19 -34.17
N LEU F 68 -4.49 -28.79 -35.30
CA LEU F 68 -3.08 -29.04 -35.57
C LEU F 68 -2.25 -27.77 -35.42
N GLY F 69 -1.12 -27.90 -34.73
CA GLY F 69 -0.23 -26.82 -34.37
C GLY F 69 0.87 -26.68 -35.43
N ASP F 70 1.98 -26.04 -35.06
CA ASP F 70 2.89 -25.32 -35.95
C ASP F 70 3.40 -26.10 -37.15
N GLY F 71 4.07 -25.40 -38.05
CA GLY F 71 4.40 -25.84 -39.40
C GLY F 71 4.91 -27.28 -39.43
N ILE F 72 4.21 -28.12 -40.19
CA ILE F 72 4.65 -29.49 -40.47
C ILE F 72 4.85 -30.29 -39.19
N LEU F 73 3.96 -30.10 -38.22
CA LEU F 73 4.04 -30.82 -36.94
C LEU F 73 2.66 -31.32 -36.56
N GLU F 74 2.54 -32.63 -36.41
CA GLU F 74 1.30 -33.26 -35.95
C GLU F 74 1.42 -33.53 -34.46
N TYR F 75 0.49 -32.99 -33.68
CA TYR F 75 0.52 -33.10 -32.23
C TYR F 75 -0.48 -34.15 -31.75
N VAL F 76 -0.08 -34.91 -30.74
CA VAL F 76 -0.83 -36.06 -30.28
C VAL F 76 -1.41 -35.79 -28.90
N GLY F 77 -2.21 -36.73 -28.38
CA GLY F 77 -2.85 -36.57 -27.10
C GLY F 77 -4.31 -36.21 -27.26
N PRO F 78 -5.09 -36.33 -26.16
CA PRO F 78 -4.62 -36.81 -24.87
C PRO F 78 -4.51 -38.34 -24.80
N LEU F 79 -3.58 -38.83 -23.99
CA LEU F 79 -3.36 -40.27 -23.89
C LEU F 79 -4.30 -40.91 -22.87
N VAL F 80 -4.48 -40.27 -21.72
CA VAL F 80 -5.34 -40.82 -20.68
C VAL F 80 -6.79 -40.44 -20.96
N GLU F 81 -7.70 -41.17 -20.33
CA GLU F 81 -9.13 -40.87 -20.42
C GLU F 81 -9.38 -39.44 -19.98
N PRO F 82 -9.85 -38.57 -20.87
CA PRO F 82 -10.07 -37.17 -20.48
C PRO F 82 -11.24 -37.03 -19.51
N GLY F 83 -11.13 -36.02 -18.65
CA GLY F 83 -12.21 -35.68 -17.76
C GLY F 83 -13.35 -35.01 -18.51
N LEU F 84 -14.38 -34.62 -17.76
CA LEU F 84 -15.52 -33.94 -18.37
C LEU F 84 -15.10 -32.64 -19.02
N GLN F 85 -14.62 -31.69 -18.21
CA GLN F 85 -14.10 -30.42 -18.68
C GLN F 85 -12.64 -30.24 -18.32
N GLU F 86 -11.93 -31.35 -18.04
CA GLU F 86 -10.59 -31.28 -17.48
C GLU F 86 -9.68 -30.39 -18.30
N LYS F 87 -8.90 -29.57 -17.60
CA LYS F 87 -7.99 -28.65 -18.27
C LYS F 87 -6.81 -29.42 -18.86
N PRO F 88 -6.20 -28.90 -19.93
CA PRO F 88 -5.04 -29.59 -20.52
C PRO F 88 -3.84 -29.69 -19.59
N LEU F 89 -3.71 -28.79 -18.60
CA LEU F 89 -2.63 -28.91 -17.64
C LEU F 89 -2.91 -30.00 -16.62
N SER F 90 -4.19 -30.22 -16.29
CA SER F 90 -4.53 -31.31 -15.36
C SER F 90 -4.40 -32.68 -16.02
N ILE F 91 -4.64 -32.76 -17.33
CA ILE F 91 -4.46 -34.02 -18.04
C ILE F 91 -3.00 -34.43 -18.06
N ALA F 92 -2.12 -33.49 -18.43
CA ALA F 92 -0.69 -33.80 -18.54
C ALA F 92 -0.12 -34.28 -17.21
N LEU F 93 -0.69 -33.84 -16.09
CA LEU F 93 -0.23 -34.34 -14.80
C LEU F 93 -0.64 -35.79 -14.59
N ARG F 94 -1.85 -36.15 -14.99
CA ARG F 94 -2.26 -37.55 -14.93
C ARG F 94 -1.47 -38.41 -15.91
N GLU F 95 -1.05 -37.83 -17.04
CA GLU F 95 -0.25 -38.59 -17.99
C GLU F 95 1.11 -38.92 -17.41
N ILE F 96 1.77 -37.94 -16.78
CA ILE F 96 3.08 -38.19 -16.18
C ILE F 96 2.95 -39.17 -15.03
N HIS F 97 1.85 -39.11 -14.27
CA HIS F 97 1.68 -40.00 -13.13
C HIS F 97 1.68 -41.46 -13.57
N GLY F 98 1.16 -41.75 -14.76
CA GLY F 98 1.09 -43.10 -15.27
C GLY F 98 2.25 -43.52 -16.15
N ASP F 99 3.32 -42.73 -16.20
CA ASP F 99 4.49 -43.06 -17.03
C ASP F 99 4.12 -43.21 -18.50
N LEU F 100 3.05 -42.54 -18.93
CA LEU F 100 2.62 -42.63 -20.32
C LEU F 100 3.54 -41.87 -21.27
N LEU F 101 4.55 -41.17 -20.77
CA LEU F 101 5.48 -40.45 -21.62
C LEU F 101 6.80 -40.28 -20.87
N GLU F 102 7.89 -40.31 -21.63
CA GLU F 102 9.22 -40.07 -21.10
C GLU F 102 9.80 -38.80 -21.72
N HIS F 103 10.65 -38.12 -20.96
CA HIS F 103 11.35 -36.94 -21.45
C HIS F 103 12.85 -37.14 -21.30
N THR F 104 13.61 -36.35 -22.06
CA THR F 104 15.06 -36.38 -21.99
C THR F 104 15.51 -35.32 -20.99
N GLU F 105 15.87 -35.75 -19.78
CA GLU F 105 16.26 -34.82 -18.73
C GLU F 105 17.59 -34.16 -19.11
N GLY F 106 17.57 -32.84 -19.24
CA GLY F 106 18.76 -32.10 -19.62
C GLY F 106 19.10 -32.19 -21.09
N ASP G 164 30.08 29.53 -6.05
CA ASP G 164 28.99 30.34 -6.58
C ASP G 164 29.40 31.01 -7.89
N SER G 165 28.47 31.05 -8.84
CA SER G 165 28.75 31.56 -10.18
C SER G 165 28.57 33.07 -10.27
N VAL G 166 27.48 33.61 -9.73
CA VAL G 166 27.20 35.03 -9.88
C VAL G 166 28.23 35.88 -9.15
N ARG G 167 28.80 35.35 -8.06
CA ARG G 167 29.82 36.11 -7.34
C ARG G 167 31.05 36.34 -8.20
N ALA G 168 31.40 35.38 -9.06
CA ALA G 168 32.58 35.52 -9.91
C ALA G 168 32.39 36.63 -10.94
N TYR G 169 31.18 36.78 -11.46
CA TYR G 169 30.94 37.82 -12.46
C TYR G 169 31.02 39.21 -11.84
N LEU G 170 30.48 39.38 -10.62
CA LEU G 170 30.51 40.68 -9.98
C LEU G 170 31.93 41.08 -9.59
N LYS G 171 32.75 40.12 -9.15
CA LYS G 171 34.13 40.44 -8.81
C LYS G 171 34.90 40.92 -10.03
N GLN G 172 34.61 40.35 -11.20
CA GLN G 172 35.39 40.68 -12.39
C GLN G 172 34.98 42.03 -12.99
N ILE G 173 33.68 42.34 -12.95
CA ILE G 173 33.23 43.61 -13.53
C ILE G 173 33.55 44.78 -12.60
N GLY G 174 33.63 44.54 -11.29
CA GLY G 174 33.97 45.59 -10.36
C GLY G 174 35.38 46.13 -10.51
N LYS G 175 36.21 45.48 -11.32
CA LYS G 175 37.57 45.95 -11.52
C LYS G 175 37.61 47.19 -12.41
N VAL G 176 36.74 47.24 -13.42
CA VAL G 176 36.75 48.36 -14.36
C VAL G 176 36.33 49.62 -13.64
N ALA G 177 37.13 50.68 -13.79
CA ALA G 177 36.83 51.95 -13.16
C ALA G 177 35.72 52.68 -13.91
N LEU G 178 34.81 53.28 -13.17
CA LEU G 178 33.75 54.07 -13.76
C LEU G 178 34.32 55.31 -14.44
N LEU G 179 33.61 55.81 -15.45
CA LEU G 179 34.08 56.90 -16.27
C LEU G 179 33.31 58.18 -15.95
N ASN G 180 33.99 59.32 -16.12
CA ASN G 180 33.36 60.62 -16.00
C ASN G 180 32.73 61.01 -17.34
N ALA G 181 32.20 62.23 -17.40
CA ALA G 181 31.53 62.67 -18.61
C ALA G 181 32.51 62.85 -19.77
N GLU G 182 33.75 63.28 -19.47
CA GLU G 182 34.71 63.53 -20.54
C GLU G 182 35.24 62.25 -21.15
N GLU G 183 35.36 61.19 -20.36
CA GLU G 183 35.82 59.91 -20.91
C GLU G 183 34.75 59.29 -21.81
N GLU G 184 33.48 59.46 -21.48
CA GLU G 184 32.41 58.89 -22.29
C GLU G 184 32.39 59.49 -23.69
N VAL G 185 32.60 60.80 -23.80
CA VAL G 185 32.52 61.46 -25.10
C VAL G 185 33.73 61.08 -25.96
N GLU G 186 34.92 61.01 -25.36
CA GLU G 186 36.12 60.68 -26.13
C GLU G 186 36.00 59.28 -26.74
N LEU G 187 35.60 58.30 -25.92
CA LEU G 187 35.41 56.95 -26.47
C LEU G 187 34.34 56.94 -27.53
N ALA G 188 33.26 57.71 -27.34
CA ALA G 188 32.23 57.79 -28.36
C ALA G 188 32.78 58.33 -29.67
N LYS G 189 33.71 59.28 -29.60
CA LYS G 189 34.34 59.78 -30.81
C LYS G 189 35.17 58.71 -31.50
N ARG G 190 36.01 58.01 -30.72
CA ARG G 190 36.87 56.99 -31.31
C ARG G 190 36.06 55.89 -31.97
N ILE G 191 34.89 55.56 -31.43
CA ILE G 191 34.06 54.52 -32.03
C ILE G 191 33.50 55.00 -33.37
N GLU G 192 32.91 56.19 -33.39
CA GLU G 192 32.38 56.73 -34.64
C GLU G 192 33.49 56.98 -35.65
N ALA G 193 34.68 57.36 -35.19
CA ALA G 193 35.80 57.50 -36.10
C ALA G 193 36.25 56.13 -36.63
N GLY G 194 36.23 55.11 -35.77
CA GLY G 194 36.62 53.79 -36.22
C GLY G 194 35.62 53.19 -37.20
N LEU G 195 34.33 53.42 -36.97
CA LEU G 195 33.31 52.91 -37.89
C LEU G 195 33.46 53.55 -39.27
N TYR G 196 33.51 54.87 -39.32
CA TYR G 196 33.60 55.54 -40.61
C TYR G 196 34.90 55.20 -41.33
N ALA G 197 36.00 55.12 -40.58
CA ALA G 197 37.27 54.72 -41.18
C ALA G 197 37.17 53.32 -41.77
N THR G 198 36.51 52.39 -41.05
CA THR G 198 36.35 51.05 -41.57
C THR G 198 35.47 51.04 -42.82
N GLN G 199 34.42 51.86 -42.84
CA GLN G 199 33.54 51.91 -44.00
C GLN G 199 34.21 52.64 -45.16
N LYS G 200 35.01 53.67 -44.86
CA LYS G 200 35.69 54.40 -45.92
C LYS G 200 36.67 53.51 -46.67
N LEU G 201 37.50 52.77 -45.93
CA LEU G 201 38.48 51.88 -46.58
C LEU G 201 37.79 50.83 -47.45
N ALA G 202 36.59 50.41 -47.06
CA ALA G 202 35.88 49.38 -47.82
C ALA G 202 35.16 49.94 -49.03
N GLU G 203 34.74 51.21 -48.98
CA GLU G 203 33.99 51.79 -50.09
C GLU G 203 34.91 52.24 -51.22
N LEU G 204 36.16 52.60 -50.92
CA LEU G 204 37.05 53.11 -51.96
C LEU G 204 37.47 52.02 -52.93
N ALA G 205 37.68 50.80 -52.43
CA ALA G 205 37.98 49.69 -53.32
C ALA G 205 36.80 49.38 -54.24
N GLU G 206 35.58 49.61 -53.76
CA GLU G 206 34.40 49.45 -54.61
C GLU G 206 34.34 50.51 -55.69
N LYS G 207 34.81 51.72 -55.40
CA LYS G 207 34.77 52.84 -56.34
C LYS G 207 36.09 53.03 -57.08
N GLY G 208 37.09 52.19 -56.81
CA GLY G 208 38.37 52.30 -57.50
C GLY G 208 39.12 53.56 -57.16
N GLU G 209 39.44 53.75 -55.89
CA GLU G 209 40.19 54.91 -55.42
C GLU G 209 41.40 54.45 -54.63
N LYS G 210 42.38 55.34 -54.53
CA LYS G 210 43.58 55.11 -53.75
C LYS G 210 43.86 56.33 -52.89
N LEU G 211 44.61 56.13 -51.81
CA LEU G 211 44.91 57.16 -50.83
C LEU G 211 46.40 57.23 -50.56
N PRO G 212 46.85 58.24 -49.82
CA PRO G 212 48.24 58.26 -49.38
C PRO G 212 48.55 57.03 -48.55
N VAL G 213 49.70 56.40 -48.86
CA VAL G 213 50.07 55.17 -48.18
C VAL G 213 50.14 55.38 -46.68
N GLN G 214 50.87 56.41 -46.26
CA GLN G 214 51.01 56.65 -44.82
C GLN G 214 49.65 56.94 -44.18
N GLN G 215 48.85 57.80 -44.81
CA GLN G 215 47.57 58.17 -44.22
C GLN G 215 46.60 56.99 -44.19
N ARG G 216 46.60 56.16 -45.24
CA ARG G 216 45.75 54.97 -45.22
C ARG G 216 46.11 54.08 -44.05
N ARG G 217 47.41 53.88 -43.81
CA ARG G 217 47.85 53.16 -42.62
C ARG G 217 47.20 53.74 -41.37
N ASP G 218 47.20 55.06 -41.25
CA ASP G 218 46.62 55.71 -40.07
C ASP G 218 45.14 55.37 -39.91
N MET G 219 44.40 55.34 -41.02
CA MET G 219 42.99 54.95 -40.94
C MET G 219 42.80 53.54 -40.41
N GLN G 220 43.67 52.62 -40.82
CA GLN G 220 43.55 51.24 -40.34
C GLN G 220 43.87 51.14 -38.84
N TRP G 221 44.62 52.10 -38.31
CA TRP G 221 44.84 52.15 -36.87
C TRP G 221 43.61 52.73 -36.17
N ILE G 222 42.86 53.60 -36.86
CA ILE G 222 41.62 54.09 -36.29
C ILE G 222 40.63 52.95 -36.14
N CYS G 223 40.68 51.96 -37.03
CA CYS G 223 39.81 50.80 -36.91
C CYS G 223 40.16 49.98 -35.69
N ARG G 224 41.45 49.69 -35.49
CA ARG G 224 41.88 48.96 -34.30
C ARG G 224 41.49 49.73 -33.04
N ASP G 225 41.76 51.03 -33.00
CA ASP G 225 41.52 51.80 -31.78
C ASP G 225 40.03 51.99 -31.54
N GLY G 226 39.22 52.03 -32.59
CA GLY G 226 37.78 52.17 -32.39
C GLY G 226 37.20 51.02 -31.57
N ASP G 227 37.68 49.80 -31.83
CA ASP G 227 37.14 48.64 -31.12
C ASP G 227 37.56 48.65 -29.65
N ARG G 228 38.79 49.07 -29.36
CA ARG G 228 39.20 49.19 -27.96
C ARG G 228 38.28 50.13 -27.21
N ALA G 229 37.91 51.25 -27.84
CA ALA G 229 36.98 52.18 -27.20
C ALA G 229 35.62 51.53 -27.00
N LYS G 230 35.19 50.69 -27.96
CA LYS G 230 33.90 50.02 -27.83
C LYS G 230 33.89 49.06 -26.64
N ASN G 231 34.90 48.20 -26.53
CA ASN G 231 34.95 47.25 -25.43
C ASN G 231 35.17 47.96 -24.10
N HIS G 232 35.99 49.03 -24.09
CA HIS G 232 36.23 49.76 -22.85
C HIS G 232 34.96 50.44 -22.35
N LEU G 233 34.13 50.93 -23.27
CA LEU G 233 32.89 51.58 -22.87
C LEU G 233 31.88 50.58 -22.31
N LEU G 234 31.87 49.36 -22.87
CA LEU G 234 30.95 48.35 -22.37
C LEU G 234 31.36 47.87 -20.98
N GLU G 235 32.65 47.65 -20.76
CA GLU G 235 33.11 47.12 -19.49
C GLU G 235 32.95 48.13 -18.36
N ALA G 236 32.90 49.42 -18.67
CA ALA G 236 32.75 50.42 -17.63
C ALA G 236 31.33 50.45 -17.08
N ASN G 237 30.33 50.27 -17.95
CA ASN G 237 28.94 50.35 -17.56
C ASN G 237 28.32 49.00 -17.22
N LEU G 238 29.13 47.95 -17.10
CA LEU G 238 28.59 46.65 -16.71
C LEU G 238 27.99 46.68 -15.32
N ARG G 239 28.34 47.68 -14.50
CA ARG G 239 27.69 47.84 -13.21
C ARG G 239 26.26 48.33 -13.37
N LEU G 240 26.02 49.19 -14.37
CA LEU G 240 24.68 49.71 -14.61
C LEU G 240 23.70 48.61 -14.98
N VAL G 241 24.16 47.61 -15.73
CA VAL G 241 23.27 46.52 -16.14
C VAL G 241 22.81 45.73 -14.93
N VAL G 242 23.72 45.42 -14.01
CA VAL G 242 23.35 44.64 -12.82
C VAL G 242 22.40 45.43 -11.95
N SER G 243 22.64 46.75 -11.81
CA SER G 243 21.78 47.56 -10.95
C SER G 243 20.35 47.55 -11.44
N LEU G 244 20.15 47.51 -12.77
CA LEU G 244 18.80 47.43 -13.32
C LEU G 244 18.24 46.01 -13.24
N ALA G 245 19.10 45.00 -13.29
CA ALA G 245 18.65 43.62 -13.31
C ALA G 245 18.32 43.08 -11.92
N LYS G 246 18.62 43.82 -10.85
CA LYS G 246 18.30 43.34 -9.52
C LYS G 246 16.82 43.43 -9.20
N ARG G 247 16.11 44.38 -9.83
CA ARG G 247 14.70 44.58 -9.53
C ARG G 247 13.80 43.53 -10.19
N TYR G 248 14.25 42.89 -11.26
CA TYR G 248 13.44 41.95 -12.01
C TYR G 248 13.69 40.50 -11.60
N THR G 249 14.36 40.26 -10.48
CA THR G 249 14.61 38.90 -10.03
C THR G 249 13.34 38.26 -9.48
N GLY G 250 13.29 36.94 -9.55
CA GLY G 250 12.18 36.18 -9.00
C GLY G 250 10.94 36.14 -9.86
N ARG G 251 10.96 36.72 -11.05
CA ARG G 251 9.79 36.77 -11.92
C ARG G 251 9.80 35.67 -12.99
N GLY G 252 10.63 34.64 -12.82
CA GLY G 252 10.66 33.51 -13.73
C GLY G 252 11.92 33.39 -14.57
N MET G 253 12.89 34.29 -14.40
CA MET G 253 14.15 34.19 -15.12
C MET G 253 15.30 34.27 -14.12
N ALA G 254 16.35 33.49 -14.38
CA ALA G 254 17.52 33.52 -13.53
C ALA G 254 18.19 34.90 -13.58
N PHE G 255 18.87 35.24 -12.49
CA PHE G 255 19.52 36.54 -12.41
C PHE G 255 20.53 36.72 -13.53
N LEU G 256 21.37 35.70 -13.76
CA LEU G 256 22.40 35.82 -14.79
C LEU G 256 21.78 36.05 -16.16
N ASP G 257 20.67 35.36 -16.47
CA ASP G 257 20.02 35.56 -17.75
C ASP G 257 19.54 36.99 -17.91
N LEU G 258 19.03 37.59 -16.82
CA LEU G 258 18.64 38.99 -16.86
C LEU G 258 19.84 39.89 -17.10
N ILE G 259 20.99 39.52 -16.53
CA ILE G 259 22.20 40.32 -16.70
C ILE G 259 22.71 40.21 -18.14
N GLN G 260 22.74 39.00 -18.68
CA GLN G 260 23.21 38.81 -20.05
C GLN G 260 22.28 39.46 -21.05
N GLU G 261 20.96 39.33 -20.85
CA GLU G 261 20.01 40.04 -21.72
C GLU G 261 20.12 41.54 -21.53
N GLY G 262 20.47 41.99 -20.33
CA GLY G 262 20.73 43.41 -20.14
C GLY G 262 21.99 43.86 -20.85
N ASN G 263 23.05 43.04 -20.80
CA ASN G 263 24.26 43.36 -21.55
C ASN G 263 23.98 43.48 -23.04
N LEU G 264 23.03 42.69 -23.55
CA LEU G 264 22.65 42.82 -24.96
C LEU G 264 22.05 44.20 -25.23
N GLY G 265 21.19 44.69 -24.34
CA GLY G 265 20.67 46.03 -24.51
C GLY G 265 21.76 47.08 -24.36
N LEU G 266 22.70 46.86 -23.43
CA LEU G 266 23.83 47.78 -23.29
C LEU G 266 24.63 47.86 -24.58
N ILE G 267 24.87 46.72 -25.24
CA ILE G 267 25.61 46.73 -26.49
C ILE G 267 24.96 47.63 -27.52
N ARG G 268 23.62 47.61 -27.58
CA ARG G 268 22.91 48.45 -28.53
C ARG G 268 22.91 49.91 -28.08
N ALA G 269 22.90 50.16 -26.77
CA ALA G 269 23.00 51.53 -26.29
C ALA G 269 24.29 52.19 -26.74
N VAL G 270 25.40 51.44 -26.71
CA VAL G 270 26.68 51.98 -27.16
C VAL G 270 26.66 52.22 -28.66
N GLU G 271 25.99 51.33 -29.41
CA GLU G 271 25.95 51.48 -30.86
C GLU G 271 25.11 52.69 -31.29
N LYS G 272 24.08 53.03 -30.51
CA LYS G 272 23.17 54.10 -30.86
C LYS G 272 23.40 55.37 -30.05
N PHE G 273 24.37 55.38 -29.14
CA PHE G 273 24.62 56.55 -28.31
C PHE G 273 25.04 57.73 -29.18
N ASP G 274 24.73 58.93 -28.69
CA ASP G 274 25.05 60.18 -29.38
C ASP G 274 25.73 61.11 -28.39
N TYR G 275 27.03 61.37 -28.60
CA TYR G 275 27.78 62.22 -27.68
C TYR G 275 27.52 63.70 -27.90
N THR G 276 27.01 64.09 -29.07
CA THR G 276 26.75 65.50 -29.33
C THR G 276 25.58 66.04 -28.51
N LYS G 277 24.68 65.17 -28.06
CA LYS G 277 23.52 65.62 -27.28
C LYS G 277 23.89 66.05 -25.86
N GLY G 278 25.09 65.72 -25.40
CA GLY G 278 25.58 66.17 -24.11
C GLY G 278 24.92 65.55 -22.91
N TYR G 279 24.07 64.54 -23.08
CA TYR G 279 23.45 63.87 -21.94
C TYR G 279 24.37 62.78 -21.41
N LYS G 280 24.33 62.59 -20.10
CA LYS G 280 25.11 61.52 -19.48
C LYS G 280 24.73 60.17 -20.09
N PHE G 281 25.71 59.26 -20.13
CA PHE G 281 25.48 57.99 -20.79
C PHE G 281 24.47 57.13 -20.03
N SER G 282 24.49 57.19 -18.70
CA SER G 282 23.57 56.38 -17.91
C SER G 282 22.11 56.77 -18.15
N THR G 283 21.85 57.97 -18.68
CA THR G 283 20.49 58.37 -18.98
C THR G 283 19.93 57.56 -20.15
N TYR G 284 20.65 57.52 -21.26
CA TYR G 284 20.17 56.83 -22.45
C TYR G 284 20.36 55.32 -22.38
N ALA G 285 21.38 54.85 -21.63
CA ALA G 285 21.63 53.42 -21.54
C ALA G 285 20.55 52.70 -20.76
N THR G 286 19.98 53.35 -19.74
CA THR G 286 18.96 52.69 -18.92
C THR G 286 17.75 52.28 -19.76
N TRP G 287 17.41 53.06 -20.78
CA TRP G 287 16.27 52.73 -21.62
C TRP G 287 16.48 51.38 -22.32
N TRP G 288 17.60 51.23 -23.02
CA TRP G 288 17.85 50.00 -23.76
C TRP G 288 18.06 48.81 -22.82
N ILE G 289 18.82 49.01 -21.75
CA ILE G 289 19.10 47.91 -20.82
C ILE G 289 17.81 47.44 -20.17
N ARG G 290 16.94 48.37 -19.77
CA ARG G 290 15.70 47.99 -19.10
C ARG G 290 14.72 47.33 -20.08
N GLN G 291 14.67 47.82 -21.32
CA GLN G 291 13.77 47.21 -22.30
C GLN G 291 14.28 45.84 -22.74
N ALA G 292 15.59 45.65 -22.80
CA ALA G 292 16.14 44.37 -23.22
C ALA G 292 15.81 43.27 -22.21
N ILE G 293 15.76 43.61 -20.93
CA ILE G 293 15.40 42.62 -19.92
C ILE G 293 13.93 42.26 -20.03
N THR G 294 13.06 43.27 -20.06
CA THR G 294 11.62 43.01 -20.14
C THR G 294 11.26 42.27 -21.41
N ARG G 295 11.78 42.74 -22.56
CA ARG G 295 11.53 42.05 -23.82
C ARG G 295 11.99 40.61 -23.78
N ALA G 296 13.06 40.32 -23.04
CA ALA G 296 13.54 38.96 -22.93
C ALA G 296 12.56 38.09 -22.13
N MET G 297 12.00 38.63 -21.06
CA MET G 297 11.09 37.85 -20.22
C MET G 297 9.85 37.46 -20.99
N ALA G 298 9.35 38.34 -21.85
CA ALA G 298 8.19 38.02 -22.69
C ALA G 298 8.50 36.91 -23.69
N ASP G 299 9.76 36.72 -24.05
CA ASP G 299 10.14 35.70 -25.03
C ASP G 299 10.64 34.41 -24.41
N GLN G 300 11.05 34.42 -23.13
CA GLN G 300 11.73 33.27 -22.55
C GLN G 300 11.02 32.70 -21.32
N ALA G 301 10.58 33.55 -20.39
CA ALA G 301 10.18 33.08 -19.07
C ALA G 301 9.17 31.94 -19.14
N ARG G 302 8.17 32.05 -20.01
CA ARG G 302 7.09 31.07 -20.05
C ARG G 302 7.53 29.81 -20.78
N THR G 303 7.11 28.65 -20.25
CA THR G 303 7.40 27.39 -20.92
C THR G 303 6.75 27.33 -22.30
N ILE G 304 5.51 27.77 -22.40
CA ILE G 304 4.81 27.92 -23.68
C ILE G 304 4.91 29.40 -24.06
N ARG G 305 5.74 29.70 -25.06
CA ARG G 305 6.03 31.09 -25.37
C ARG G 305 4.78 31.82 -25.85
N ILE G 306 4.65 33.08 -25.45
CA ILE G 306 3.55 33.94 -25.86
C ILE G 306 4.13 35.17 -26.52
N PRO G 307 3.60 35.62 -27.66
CA PRO G 307 4.12 36.83 -28.30
C PRO G 307 4.12 38.00 -27.33
N VAL G 308 5.07 38.92 -27.52
CA VAL G 308 5.22 40.03 -26.59
C VAL G 308 3.99 40.93 -26.63
N HIS G 309 3.33 41.04 -27.79
CA HIS G 309 2.15 41.88 -27.86
C HIS G 309 1.02 41.33 -26.99
N MET G 310 0.93 39.99 -26.90
CA MET G 310 -0.05 39.40 -26.00
C MET G 310 0.40 39.50 -24.54
N VAL G 311 1.70 39.51 -24.30
CA VAL G 311 2.19 39.70 -22.93
C VAL G 311 1.86 41.11 -22.44
N GLU G 312 1.77 42.07 -23.36
CA GLU G 312 1.39 43.43 -22.98
C GLU G 312 -0.04 43.47 -22.46
N VAL G 313 -0.99 42.98 -23.27
CA VAL G 313 -2.40 43.00 -22.88
C VAL G 313 -2.64 42.12 -21.66
N ILE G 314 -1.93 40.98 -21.57
CA ILE G 314 -2.03 40.16 -20.37
C ILE G 314 -1.61 40.95 -19.15
N ASN G 315 -0.46 41.62 -19.22
CA ASN G 315 -0.01 42.46 -18.12
C ASN G 315 -0.89 43.70 -17.98
N LYS G 316 -1.41 44.23 -19.08
CA LYS G 316 -2.30 45.39 -19.00
C LYS G 316 -3.62 45.01 -18.36
N LEU G 317 -4.21 43.89 -18.78
CA LEU G 317 -5.46 43.44 -18.17
C LEU G 317 -5.28 43.14 -16.70
N GLY G 318 -4.11 42.62 -16.32
CA GLY G 318 -3.82 42.42 -14.92
C GLY G 318 -3.77 43.71 -14.13
N ARG G 319 -3.30 44.80 -14.77
CA ARG G 319 -3.29 46.09 -14.11
C ARG G 319 -4.70 46.67 -14.00
N ILE G 320 -5.49 46.56 -15.08
CA ILE G 320 -6.89 46.99 -15.02
C ILE G 320 -7.65 46.17 -13.99
N GLN G 321 -7.42 44.86 -13.97
CA GLN G 321 -8.06 44.00 -12.98
C GLN G 321 -7.66 44.42 -11.56
N ARG G 322 -6.38 44.74 -11.37
CA ARG G 322 -5.90 45.12 -10.05
C ARG G 322 -6.40 46.50 -9.65
N GLU G 323 -6.57 47.40 -10.62
CA GLU G 323 -7.07 48.74 -10.30
C GLU G 323 -8.55 48.72 -9.97
N LEU G 324 -9.34 47.92 -10.70
CA LEU G 324 -10.76 47.83 -10.42
C LEU G 324 -11.04 47.05 -9.14
N LEU G 325 -10.22 46.03 -8.85
CA LEU G 325 -10.36 45.32 -7.59
C LEU G 325 -10.29 46.29 -6.41
N GLN G 326 -9.38 47.27 -6.48
CA GLN G 326 -9.30 48.30 -5.45
C GLN G 326 -10.45 49.28 -5.56
N ASP G 327 -10.89 49.58 -6.79
CA ASP G 327 -11.92 50.60 -7.00
C ASP G 327 -13.29 50.11 -6.52
N LEU G 328 -13.68 48.90 -6.90
CA LEU G 328 -15.01 48.40 -6.59
C LEU G 328 -15.10 47.81 -5.19
N GLY G 329 -14.01 47.26 -4.67
CA GLY G 329 -14.07 46.45 -3.47
C GLY G 329 -14.36 44.98 -3.73
N ARG G 330 -14.61 44.62 -4.98
CA ARG G 330 -14.77 43.23 -5.40
C ARG G 330 -14.03 43.03 -6.70
N GLU G 331 -13.73 41.79 -7.02
CA GLU G 331 -13.05 41.50 -8.27
C GLU G 331 -14.00 41.71 -9.44
N PRO G 332 -13.62 42.48 -10.45
CA PRO G 332 -14.55 42.82 -11.52
C PRO G 332 -14.92 41.61 -12.37
N THR G 333 -16.14 41.65 -12.92
CA THR G 333 -16.64 40.59 -13.76
C THR G 333 -16.12 40.75 -15.18
N PRO G 334 -16.24 39.71 -16.01
CA PRO G 334 -15.76 39.83 -17.40
C PRO G 334 -16.36 41.01 -18.16
N GLU G 335 -17.63 41.35 -17.90
CA GLU G 335 -18.24 42.46 -18.61
C GLU G 335 -17.60 43.80 -18.20
N GLU G 336 -17.47 44.03 -16.90
CA GLU G 336 -16.89 45.28 -16.42
C GLU G 336 -15.42 45.36 -16.78
N LEU G 337 -14.69 44.25 -16.67
CA LEU G 337 -13.28 44.25 -17.06
C LEU G 337 -13.12 44.52 -18.54
N ALA G 338 -14.09 44.08 -19.36
CA ALA G 338 -14.03 44.34 -20.79
C ALA G 338 -14.47 45.76 -21.12
N LYS G 339 -15.54 46.23 -20.47
CA LYS G 339 -15.98 47.61 -20.68
C LYS G 339 -14.88 48.61 -20.33
N GLU G 340 -14.16 48.36 -19.24
CA GLU G 340 -13.06 49.24 -18.86
C GLU G 340 -11.89 49.11 -19.84
N MET G 341 -11.68 47.93 -20.41
CA MET G 341 -10.58 47.71 -21.34
C MET G 341 -11.00 47.88 -22.79
N ASP G 342 -12.27 48.12 -23.06
CA ASP G 342 -12.76 48.39 -24.41
C ASP G 342 -12.54 47.19 -25.34
N ILE G 343 -12.97 46.01 -24.88
CA ILE G 343 -12.94 44.79 -25.67
C ILE G 343 -14.17 43.97 -25.32
N THR G 344 -14.35 42.87 -26.06
CA THR G 344 -15.53 42.04 -25.86
C THR G 344 -15.43 41.26 -24.55
N PRO G 345 -16.56 40.99 -23.89
CA PRO G 345 -16.50 40.26 -22.61
C PRO G 345 -15.96 38.84 -22.76
N GLU G 346 -16.32 38.15 -23.84
CA GLU G 346 -15.78 36.81 -24.07
C GLU G 346 -14.34 36.83 -24.53
N LYS G 347 -13.85 37.99 -24.98
CA LYS G 347 -12.44 38.11 -25.36
C LYS G 347 -11.53 38.00 -24.16
N VAL G 348 -11.90 38.63 -23.04
CA VAL G 348 -11.07 38.58 -21.85
C VAL G 348 -11.02 37.16 -21.29
N LEU G 349 -12.07 36.36 -21.51
CA LEU G 349 -12.05 34.97 -21.10
C LEU G 349 -10.95 34.22 -21.83
N GLU G 350 -10.85 34.41 -23.15
CA GLU G 350 -9.80 33.76 -23.92
C GLU G 350 -8.42 34.23 -23.46
N ILE G 351 -8.29 35.51 -23.12
CA ILE G 351 -7.01 36.02 -22.64
C ILE G 351 -6.62 35.35 -21.34
N GLN G 352 -7.59 35.17 -20.43
CA GLN G 352 -7.30 34.53 -19.16
C GLN G 352 -6.93 33.06 -19.32
N GLN G 353 -7.34 32.42 -20.42
CA GLN G 353 -6.88 31.06 -20.69
C GLN G 353 -5.42 31.05 -21.13
N TYR G 354 -5.01 32.04 -21.92
CA TYR G 354 -3.63 32.10 -22.40
C TYR G 354 -2.66 32.37 -21.25
N ALA G 355 -3.07 33.21 -20.30
CA ALA G 355 -2.19 33.56 -19.19
C ALA G 355 -1.94 32.39 -18.23
N ARG G 356 -2.68 31.30 -18.37
CA ARG G 356 -2.46 30.15 -17.51
C ARG G 356 -1.09 29.54 -17.77
N GLU G 357 -0.40 29.14 -16.70
CA GLU G 357 0.90 28.52 -16.84
C GLU G 357 0.85 27.05 -16.44
N PRO G 358 1.67 26.21 -17.05
CA PRO G 358 1.58 24.77 -16.82
C PRO G 358 2.06 24.37 -15.44
N ILE G 359 1.76 23.12 -15.08
CA ILE G 359 2.19 22.52 -13.83
C ILE G 359 3.16 21.39 -14.12
N SER G 360 3.99 21.08 -13.13
CA SER G 360 5.03 20.08 -13.31
C SER G 360 4.49 18.67 -13.15
N LEU G 361 4.77 17.81 -14.13
CA LEU G 361 4.37 16.41 -14.05
C LEU G 361 5.17 15.63 -13.01
N ASP G 362 6.33 16.14 -12.61
CA ASP G 362 7.23 15.43 -11.71
C ASP G 362 7.01 15.78 -10.25
N GLN G 363 6.08 16.69 -9.94
CA GLN G 363 5.82 17.05 -8.56
C GLN G 363 5.06 15.93 -7.85
N THR G 364 5.15 15.92 -6.52
CA THR G 364 4.48 14.92 -5.71
C THR G 364 2.97 15.15 -5.68
N ASP G 370 3.51 10.86 -2.53
CA ASP G 370 3.88 9.46 -2.62
C ASP G 370 4.28 9.08 -4.04
N SER G 371 3.38 9.30 -4.99
CA SER G 371 3.62 9.01 -6.39
C SER G 371 3.59 10.30 -7.21
N GLN G 372 4.39 10.34 -8.26
CA GLN G 372 4.43 11.51 -9.12
C GLN G 372 3.13 11.65 -9.90
N LEU G 373 2.91 12.87 -10.42
CA LEU G 373 1.67 13.18 -11.11
C LEU G 373 1.58 12.42 -12.44
N GLY G 374 2.68 12.32 -13.18
CA GLY G 374 2.67 11.68 -14.47
C GLY G 374 2.20 10.24 -14.46
N ASP G 375 2.25 9.58 -13.30
CA ASP G 375 1.85 8.17 -13.23
C ASP G 375 0.35 7.99 -13.39
N PHE G 376 -0.43 9.05 -13.22
CA PHE G 376 -1.89 8.97 -13.31
C PHE G 376 -2.42 9.40 -14.66
N ILE G 377 -1.56 9.76 -15.61
CA ILE G 377 -1.98 10.23 -16.91
C ILE G 377 -2.33 9.03 -17.78
N GLU G 378 -3.59 8.97 -18.22
CA GLU G 378 -4.03 7.90 -19.10
C GLU G 378 -3.46 8.08 -20.50
N ASP G 379 -3.34 6.97 -21.22
CA ASP G 379 -3.00 6.98 -22.63
C ASP G 379 -4.31 6.76 -23.40
N SER G 380 -4.84 7.84 -23.98
CA SER G 380 -6.14 7.76 -24.63
C SER G 380 -6.03 7.21 -26.05
N GLU G 381 -4.88 7.39 -26.70
CA GLU G 381 -4.76 6.98 -28.09
C GLU G 381 -4.70 5.46 -28.22
N ALA G 382 -4.04 4.79 -27.27
CA ALA G 382 -3.92 3.34 -27.32
C ALA G 382 -5.30 2.70 -27.25
N VAL G 383 -5.63 1.90 -28.27
CA VAL G 383 -6.95 1.27 -28.33
C VAL G 383 -7.00 0.06 -27.40
N VAL G 384 -8.22 -0.32 -27.03
CA VAL G 384 -8.40 -1.43 -26.10
C VAL G 384 -7.99 -2.74 -26.77
N ALA G 385 -7.62 -3.72 -25.93
CA ALA G 385 -7.17 -5.00 -26.45
C ALA G 385 -8.31 -5.80 -27.08
N VAL G 386 -9.53 -5.63 -26.57
CA VAL G 386 -10.66 -6.38 -27.10
C VAL G 386 -10.99 -5.91 -28.52
N ASP G 387 -10.86 -4.60 -28.78
CA ASP G 387 -11.25 -4.07 -30.08
C ASP G 387 -10.29 -4.51 -31.17
N ALA G 388 -8.98 -4.57 -30.87
CA ALA G 388 -8.03 -5.07 -31.84
C ALA G 388 -8.37 -6.50 -32.25
N VAL G 389 -9.04 -7.25 -31.38
CA VAL G 389 -9.53 -8.57 -31.75
C VAL G 389 -10.85 -8.47 -32.50
N SER G 390 -11.76 -7.62 -32.04
CA SER G 390 -13.06 -7.48 -32.70
C SER G 390 -12.90 -6.83 -34.07
N PHE G 391 -11.99 -5.86 -34.20
CA PHE G 391 -11.76 -5.25 -35.50
C PHE G 391 -11.24 -6.27 -36.51
N THR G 392 -10.35 -7.16 -36.06
CA THR G 392 -9.89 -8.24 -36.93
C THR G 392 -11.01 -9.24 -37.21
N LEU G 393 -11.88 -9.47 -36.23
CA LEU G 393 -13.06 -10.31 -36.49
C LEU G 393 -14.03 -9.60 -37.43
N LEU G 394 -14.19 -8.29 -37.28
CA LEU G 394 -15.00 -7.52 -38.22
C LEU G 394 -14.34 -7.48 -39.59
N GLN G 395 -13.00 -7.42 -39.64
CA GLN G 395 -12.30 -7.46 -40.92
C GLN G 395 -12.50 -8.81 -41.60
N ASP G 396 -12.27 -9.91 -40.87
CA ASP G 396 -12.50 -11.23 -41.46
C ASP G 396 -13.97 -11.43 -41.81
N GLN G 397 -14.87 -10.84 -41.03
CA GLN G 397 -16.30 -11.02 -41.32
C GLN G 397 -16.69 -10.30 -42.60
N LEU G 398 -16.21 -9.06 -42.79
CA LEU G 398 -16.49 -8.35 -44.04
C LEU G 398 -15.84 -9.02 -45.23
N GLN G 399 -14.69 -9.69 -45.02
CA GLN G 399 -14.07 -10.45 -46.10
C GLN G 399 -15.02 -11.50 -46.67
N SER G 400 -15.74 -12.19 -45.79
CA SER G 400 -16.68 -13.22 -46.25
C SER G 400 -17.89 -12.59 -46.94
N VAL G 401 -18.36 -11.45 -46.42
CA VAL G 401 -19.51 -10.79 -47.04
C VAL G 401 -19.17 -10.22 -48.40
N LEU G 402 -17.88 -10.03 -48.69
CA LEU G 402 -17.46 -9.59 -50.02
C LEU G 402 -17.38 -10.73 -51.01
N GLU G 403 -17.36 -11.98 -50.54
CA GLU G 403 -17.28 -13.13 -51.44
C GLU G 403 -18.57 -13.31 -52.23
N THR G 404 -19.71 -13.04 -51.60
CA THR G 404 -20.99 -13.15 -52.29
C THR G 404 -21.19 -12.06 -53.34
N LEU G 405 -20.36 -11.01 -53.33
CA LEU G 405 -20.42 -9.99 -54.35
C LEU G 405 -19.67 -10.43 -55.61
N SER G 406 -19.95 -9.75 -56.71
CA SER G 406 -19.23 -9.99 -57.95
C SER G 406 -17.76 -9.59 -57.78
N GLU G 407 -16.92 -10.11 -58.67
CA GLU G 407 -15.49 -9.81 -58.59
C GLU G 407 -15.24 -8.32 -58.73
N ARG G 408 -15.85 -7.69 -59.74
CA ARG G 408 -15.72 -6.24 -59.87
C ARG G 408 -16.47 -5.52 -58.78
N GLU G 409 -17.64 -6.04 -58.37
CA GLU G 409 -18.39 -5.44 -57.28
C GLU G 409 -17.54 -5.35 -56.03
N ALA G 410 -16.85 -6.43 -55.67
CA ALA G 410 -15.93 -6.39 -54.54
C ALA G 410 -14.84 -5.35 -54.77
N GLY G 411 -14.25 -5.34 -55.95
CA GLY G 411 -13.21 -4.36 -56.23
C GLY G 411 -13.70 -2.92 -56.11
N VAL G 412 -14.95 -2.67 -56.54
CA VAL G 412 -15.49 -1.32 -56.46
C VAL G 412 -15.68 -0.90 -55.01
N VAL G 413 -16.32 -1.76 -54.21
CA VAL G 413 -16.55 -1.42 -52.80
C VAL G 413 -15.23 -1.27 -52.06
N ARG G 414 -14.27 -2.13 -52.36
CA ARG G 414 -12.94 -1.98 -51.77
C ARG G 414 -12.35 -0.61 -52.11
N LEU G 415 -12.19 -0.34 -53.41
CA LEU G 415 -11.59 0.92 -53.84
C LEU G 415 -12.39 2.12 -53.37
N ARG G 416 -13.71 2.00 -53.30
CA ARG G 416 -14.54 3.13 -52.90
C ARG G 416 -14.28 3.50 -51.45
N PHE G 417 -14.26 2.52 -50.56
CA PHE G 417 -13.99 2.75 -49.14
C PHE G 417 -12.51 2.63 -48.79
N GLY G 418 -11.66 2.32 -49.76
CA GLY G 418 -10.24 2.22 -49.49
C GLY G 418 -9.87 1.14 -48.50
N LEU G 419 -10.57 0.00 -48.54
CA LEU G 419 -10.25 -1.10 -47.64
C LEU G 419 -8.91 -1.71 -47.99
N THR G 420 -8.56 -1.76 -49.27
CA THR G 420 -7.33 -2.41 -49.69
C THR G 420 -6.10 -1.52 -49.45
N ASP G 421 -6.13 -0.31 -50.02
CA ASP G 421 -4.98 0.59 -49.96
C ASP G 421 -5.08 1.65 -48.88
N GLY G 422 -6.20 1.72 -48.15
CA GLY G 422 -6.32 2.61 -47.02
C GLY G 422 -6.90 3.97 -47.33
N GLN G 423 -6.97 4.37 -48.60
CA GLN G 423 -7.46 5.69 -48.97
C GLN G 423 -8.70 5.57 -49.84
N PRO G 424 -9.76 6.32 -49.55
CA PRO G 424 -10.92 6.32 -50.44
C PRO G 424 -10.56 6.94 -51.79
N ARG G 425 -11.22 6.44 -52.83
CA ARG G 425 -11.04 6.95 -54.18
C ARG G 425 -12.33 7.59 -54.66
N THR G 426 -12.21 8.58 -55.53
CA THR G 426 -13.40 9.16 -56.14
C THR G 426 -13.92 8.25 -57.24
N LEU G 427 -15.19 8.45 -57.59
CA LEU G 427 -15.80 7.67 -58.65
C LEU G 427 -14.95 7.70 -59.92
N ASP G 428 -14.46 8.89 -60.30
CA ASP G 428 -13.63 9.00 -61.49
C ASP G 428 -12.40 8.11 -61.39
N GLU G 429 -11.65 8.23 -60.30
CA GLU G 429 -10.47 7.37 -60.12
C GLU G 429 -10.83 5.90 -60.28
N ILE G 430 -11.92 5.47 -59.61
CA ILE G 430 -12.28 4.05 -59.61
C ILE G 430 -12.58 3.58 -61.03
N GLY G 431 -13.41 4.32 -61.76
CA GLY G 431 -13.74 3.92 -63.12
C GLY G 431 -12.52 3.84 -64.03
N GLN G 432 -11.53 4.69 -63.79
CA GLN G 432 -10.37 4.75 -64.68
C GLN G 432 -9.68 3.40 -64.80
N VAL G 433 -9.53 2.68 -63.69
CA VAL G 433 -8.91 1.36 -63.74
C VAL G 433 -9.78 0.38 -64.49
N TYR G 434 -11.09 0.39 -64.24
CA TYR G 434 -12.01 -0.51 -64.92
C TYR G 434 -12.39 -0.02 -66.31
N GLY G 435 -12.10 1.24 -66.64
CA GLY G 435 -12.38 1.74 -67.97
C GLY G 435 -13.84 2.03 -68.25
N VAL G 436 -14.56 2.62 -67.30
CA VAL G 436 -15.95 2.99 -67.48
C VAL G 436 -16.14 4.42 -66.99
N THR G 437 -17.31 4.98 -67.32
CA THR G 437 -17.64 6.32 -66.90
C THR G 437 -17.73 6.41 -65.38
N ARG G 438 -17.46 7.59 -64.84
CA ARG G 438 -17.61 7.79 -63.40
C ARG G 438 -19.06 7.62 -62.97
N GLU G 439 -20.01 7.91 -63.86
CA GLU G 439 -21.40 7.63 -63.56
C GLU G 439 -21.66 6.13 -63.44
N ARG G 440 -21.06 5.34 -64.34
CA ARG G 440 -21.26 3.90 -64.27
C ARG G 440 -20.84 3.34 -62.92
N ILE G 441 -19.79 3.92 -62.32
CA ILE G 441 -19.37 3.48 -60.99
C ILE G 441 -20.41 3.87 -59.95
N ARG G 442 -20.99 5.06 -60.08
CA ARG G 442 -22.07 5.44 -59.18
C ARG G 442 -23.25 4.49 -59.30
N GLN G 443 -23.48 3.94 -60.50
CA GLN G 443 -24.56 2.99 -60.68
C GLN G 443 -24.21 1.63 -60.08
N ILE G 444 -22.97 1.18 -60.27
CA ILE G 444 -22.56 -0.10 -59.72
C ILE G 444 -22.56 -0.06 -58.19
N GLU G 445 -22.21 1.10 -57.62
CA GLU G 445 -22.21 1.24 -56.17
C GLU G 445 -23.62 1.07 -55.61
N SER G 446 -24.60 1.75 -56.22
CA SER G 446 -25.97 1.67 -55.74
C SER G 446 -26.46 0.24 -55.71
N LYS G 447 -26.07 -0.57 -56.70
CA LYS G 447 -26.51 -1.96 -56.73
C LYS G 447 -25.80 -2.80 -55.66
N THR G 448 -24.49 -2.60 -55.51
CA THR G 448 -23.76 -3.33 -54.49
C THR G 448 -24.20 -2.92 -53.09
N MET G 449 -24.50 -1.63 -52.90
CA MET G 449 -24.95 -1.17 -51.59
C MET G 449 -26.32 -1.74 -51.25
N SER G 450 -27.24 -1.75 -52.21
CA SER G 450 -28.54 -2.37 -51.99
C SER G 450 -28.40 -3.89 -51.83
N LYS G 451 -27.53 -4.50 -52.63
CA LYS G 451 -27.30 -5.93 -52.50
C LYS G 451 -26.66 -6.26 -51.16
N LEU G 452 -25.76 -5.39 -50.68
CA LEU G 452 -25.19 -5.57 -49.35
C LEU G 452 -26.24 -5.40 -48.26
N ARG G 453 -27.25 -4.57 -48.51
CA ARG G 453 -28.33 -4.38 -47.55
C ARG G 453 -29.36 -5.51 -47.56
N HIS G 454 -29.21 -6.49 -48.45
CA HIS G 454 -30.11 -7.62 -48.44
C HIS G 454 -30.02 -8.35 -47.11
N PRO G 455 -31.14 -8.86 -46.58
CA PRO G 455 -31.10 -9.48 -45.25
C PRO G 455 -30.19 -10.70 -45.19
N SER G 456 -30.24 -11.57 -46.19
CA SER G 456 -29.37 -12.74 -46.18
C SER G 456 -27.90 -12.35 -46.18
N ARG G 457 -27.56 -11.21 -46.79
CA ARG G 457 -26.18 -10.77 -46.90
C ARG G 457 -25.72 -9.98 -45.68
N SER G 458 -26.60 -9.16 -45.11
CA SER G 458 -26.26 -8.26 -44.01
C SER G 458 -26.75 -8.76 -42.66
N GLN G 459 -27.28 -9.99 -42.59
CA GLN G 459 -27.81 -10.48 -41.32
C GLN G 459 -26.75 -10.49 -40.23
N VAL G 460 -25.52 -10.90 -40.58
CA VAL G 460 -24.49 -11.08 -39.57
C VAL G 460 -23.93 -9.74 -39.10
N LEU G 461 -23.91 -8.72 -39.96
CA LEU G 461 -23.23 -7.46 -39.64
C LEU G 461 -23.98 -6.60 -38.63
N ARG G 462 -25.15 -7.03 -38.16
CA ARG G 462 -25.92 -6.19 -37.24
C ARG G 462 -25.28 -6.12 -35.86
N ASP G 463 -24.75 -7.24 -35.38
CA ASP G 463 -24.23 -7.28 -34.01
C ASP G 463 -22.95 -6.46 -33.87
N TYR G 464 -22.14 -6.39 -34.93
CA TYR G 464 -20.84 -5.72 -34.81
C TYR G 464 -21.00 -4.23 -34.54
N LEU G 465 -22.03 -3.59 -35.10
CA LEU G 465 -22.29 -2.18 -34.85
C LEU G 465 -21.05 -1.32 -35.12
C01 KNG J . -1.67 15.40 11.69
C02 KNG J . -2.04 14.05 11.57
C03 KNG J . -1.49 13.26 10.58
C04 KNG J . -0.56 13.72 9.69
C05 KNG J . 0.86 15.56 8.83
C06 KNG J . 1.26 16.92 8.95
C07 KNG J . 0.72 17.80 9.96
C08 KNG J . -0.26 17.32 10.88
C09 KNG J . -0.71 15.89 10.80
C10 KNG J . -0.15 15.02 9.77
C11 KNG J . 1.69 15.14 7.68
C12 KNG J . 2.33 16.16 6.99
C13 KNG J . 3.77 15.77 6.68
C14 KNG J . 1.18 19.26 10.04
C15 KNG J . -3.96 12.47 12.09
C16 KNG J . -5.02 12.00 13.08
C17 KNG J . -6.49 12.08 12.66
C18 KNG J . -6.62 12.64 11.24
C19 KNG J . -7.93 12.28 10.56
C20 KNG J . -8.06 12.80 9.13
C21 KNG J . -7.19 14.03 8.91
C22 KNG J . -7.21 14.41 7.41
C23 KNG J . -6.53 15.76 7.16
C24 KNG J . -5.01 15.64 7.25
C25 KNG J . -4.35 16.50 6.18
C26 KNG J . -2.83 16.57 6.44
C27 KNG J . -2.09 17.16 5.24
C28 KNG J . -0.68 16.59 5.13
C29 KNG J . 0.30 17.01 5.90
C30 KNG J . -4.63 11.49 14.46
C31 KNG J . -7.62 11.69 8.19
C32 KNG J . -8.67 14.48 6.94
C33 KNG J . -4.61 14.18 7.04
C34 KNG J . -2.57 17.41 7.68
C35 KNG J . -5.14 16.84 3.99
C36 KNG J . -5.63 16.30 2.64
C37 KNG J . -2.21 19.27 4.23
C38 KNG J . -8.75 10.68 8.02
C39 KNG J . -5.75 10.25 7.90
C40 KNG J . -5.19 8.92 8.40
C41 KNG J . -3.66 9.03 8.50
C42 KNG J . -5.54 7.80 7.43
C43 KNG J . -5.76 8.66 9.80
C44 KNG J . -6.23 7.22 9.96
C45 KNG J . -2.66 20.68 4.55
C46 KNG J . -2.80 21.51 3.26
C47 KNG J . -1.66 21.37 2.34
C48 KNG J . -1.18 19.91 2.22
C49 KNG J . 0.12 19.87 1.44
C50 KNG J . -3.52 21.30 1.15
N01 KNG J . -3.05 13.54 12.49
O01 KNG J . -2.21 16.21 12.68
O02 KNG J . -0.79 18.16 11.86
O03 KNG J . 2.30 17.22 7.85
O04 KNG J . 1.83 13.79 7.31
O05 KNG J . 1.58 16.46 5.75
O06 KNG J . -2.01 18.56 5.39
O07 KNG J . -4.57 15.95 4.91
O08 KNG J . -5.24 17.98 4.25
O09 KNG J . -7.69 15.09 9.67
O10 KNG J . -3.90 11.98 11.03
O11 KNG J . -0.02 12.87 8.71
O12 KNG J . -6.51 11.05 8.76
O13 KNG J . -5.55 10.60 6.78
O14 KNG J . -5.59 6.43 10.70
O15 KNG J . -7.28 6.81 9.37
O16 KNG J . -0.98 19.34 3.48
O17 KNG J . -2.13 21.78 1.09
O18 KNG J . -3.96 21.12 2.54
O19 KNG J . -6.99 16.70 8.09
S SO4 K . -19.68 -23.82 8.56
O1 SO4 K . -18.86 -24.18 9.71
O2 SO4 K . -21.00 -23.41 9.01
O3 SO4 K . -19.04 -22.71 7.84
O4 SO4 K . -19.80 -24.97 7.67
S SO4 L . -2.31 -6.77 20.55
O1 SO4 L . -3.04 -7.80 21.29
O2 SO4 L . -1.32 -6.18 21.45
O3 SO4 L . -3.23 -5.73 20.10
O4 SO4 L . -1.68 -7.36 19.38
S SO4 M . -12.43 -1.39 -8.60
O1 SO4 M . -11.39 -2.21 -7.97
O2 SO4 M . -13.66 -2.16 -8.66
O3 SO4 M . -12.00 -1.01 -9.94
O4 SO4 M . -12.64 -0.18 -7.82
ZN ZN N . 30.29 -28.52 -2.69
ZN ZN O . 2.42 17.96 -44.43
MG MG P . -3.28 -6.54 10.94
S SO4 Q . 25.07 -32.78 -12.19
O1 SO4 Q . 25.96 -33.19 -11.10
O2 SO4 Q . 23.77 -32.41 -11.65
O3 SO4 Q . 25.64 -31.65 -12.90
O4 SO4 Q . 24.92 -33.90 -13.11
S SO4 R . -1.03 1.00 -3.89
O1 SO4 R . -0.30 0.69 -2.66
O2 SO4 R . -2.43 1.25 -3.56
O3 SO4 R . -0.45 2.18 -4.52
O4 SO4 R . -0.94 -0.13 -4.81
S SO4 S . 28.85 -17.91 -7.53
O1 SO4 S . 29.48 -18.26 -6.26
O2 SO4 S . 27.43 -17.65 -7.34
O3 SO4 S . 29.49 -16.71 -8.08
O4 SO4 S . 29.01 -19.02 -8.47
S SO4 T . 39.64 -29.07 5.83
O1 SO4 T . 39.02 -30.21 6.50
O2 SO4 T . 40.40 -28.29 6.80
O3 SO4 T . 38.56 -28.34 5.16
O4 SO4 T . 40.71 -29.39 4.88
N GLU U . 22.57 -21.49 -18.66
CA GLU U . 21.71 -22.43 -17.94
C GLU U . 20.96 -21.71 -16.83
O GLU U . 21.41 -20.66 -16.34
CB GLU U . 22.52 -23.61 -17.38
CG GLU U . 21.70 -24.67 -16.61
CD GLU U . 22.45 -25.97 -16.34
OE1 GLU U . 22.82 -26.21 -15.17
OE2 GLU U . 22.68 -26.77 -17.28
S SO4 V . 18.38 32.77 -9.84
O1 SO4 V . 19.06 32.42 -8.61
O2 SO4 V . 17.13 33.48 -9.52
O3 SO4 V . 19.23 33.65 -10.65
O4 SO4 V . 18.07 31.57 -10.60
S SO4 W . 48.38 52.33 -53.37
O1 SO4 W . 47.78 51.03 -53.09
O2 SO4 W . 47.48 53.38 -52.91
O3 SO4 W . 48.60 52.47 -54.80
O4 SO4 W . 49.66 52.42 -52.67
C1 EDO X . 18.72 44.39 -28.45
O1 EDO X . 19.32 43.15 -28.88
C2 EDO X . 18.33 44.28 -26.97
O2 EDO X . 17.36 45.28 -26.66
H11 EDO X . 19.42 45.20 -28.59
H12 EDO X . 17.83 44.60 -29.06
HO1 EDO X . 19.55 43.21 -29.80
H21 EDO X . 17.90 43.29 -26.78
H22 EDO X . 19.21 44.40 -26.35
HO2 EDO X . 17.08 45.18 -25.74
C1 EDO Y . 43.99 48.96 -30.10
O1 EDO Y . 45.00 49.15 -31.10
C2 EDO Y . 44.29 49.89 -28.92
O2 EDO Y . 44.38 51.24 -29.40
H11 EDO Y . 43.01 49.18 -30.50
H12 EDO Y . 44.01 47.92 -29.75
HO1 EDO Y . 44.72 48.72 -31.92
H21 EDO Y . 43.49 49.81 -28.18
H22 EDO Y . 45.22 49.60 -28.44
HO2 EDO Y . 44.51 51.84 -28.65
#